data_5Z79
#
_entry.id   5Z79
#
_cell.length_a   136.049
_cell.length_b   113.892
_cell.length_c   172.387
_cell.angle_alpha   90.00
_cell.angle_beta   94.24
_cell.angle_gamma   90.00
#
_symmetry.space_group_name_H-M   'P 1 21 1'
#
loop_
_entity.id
_entity.type
_entity.pdbx_description
1 polymer 'Hydroxymethyldihydropterin pyrophosphokinase-dihydropteroate synthase, putative'
2 non-polymer 6-HYDROXYMETHYLPTERIN-DIPHOSPHATE
3 non-polymer 'DIPHOSPHOMETHYLPHOSPHONIC ACID ADENOSYL ESTER'
4 non-polymer '4-AMINOBENZOIC ACID'
5 non-polymer 'MAGNESIUM ION'
6 non-polymer PTERINE
7 non-polymer "5'-DEOXYADENOSINE"
8 water water
#
_entity_poly.entity_id   1
_entity_poly.type   'polypeptide(L)'
_entity_poly.pdbx_seq_one_letter_code
;MEDSNTGGTTPRNIAVLNFGTNDKKNCVTILETALYLTEKYLGKIINSSYIYETVPEYIVLDEENKIGEVTEGEPPRDIS
WIGDLIPTVENSRYEESEDLIYECKELEVFLKNEKINESIIREVSVEDYENEARRIIKRNDEIMKKNLEQSKDKYYTSYF
FNLTVVVRTFVEDPLAMLVILKYIEQIMKRRESKKGQGEIFQNRMIDIDILFFNNYTIFEKSISLKGEDIYKIITKYIHI
NHTSDQNRLDIIQNLGDKIEFLCIPHVYTKYRYSILLCLNDIIPEYKHSTFEEAIRSTYNSYVESFEEKYHINIRKNNKR
LYVLKDKVSYLKERTHIVGILNVNYDSFSDGGLFVDPVKAVERMFEMASDGASVIDIGGESSAPYVVPNPSVTERDLVMP
VLKLFKEEWHKLECEVGGGAVCCAAASDARKNAQSSLQGKLQKVRDAKPIISIDTVNYDLFKECVEGELVDILNDISACT
HNPEIIKLLRRKNKFYSVVLMHKRGNPHTMDKLTNYDDLISDIKRYLEDRLHFLVLNGVPRYRVLFDVGLGFAKKHDQSI
KLLQHIHVYDEYPLFLGYSRKRFIVHCMGKGGAAIGECRLMSGEAKLTNGEGKLTNGEAKLTNGEGKLTNGDAKLTNGDS
KLTNGEAKLTNGDPSQLWRFKMSHMRQDKDQLLYQKNICGGLAIASYSFYKKVDLIRVHDVLETKAVLDVLTRIHQP
;
_entity_poly.pdbx_strand_id   A,B,C,D,E,F
#
loop_
_chem_comp.id
_chem_comp.type
_chem_comp.name
_chem_comp.formula
5AD non-polymer 5'-DEOXYADENOSINE 'C10 H13 N5 O3'
APC non-polymer 'DIPHOSPHOMETHYLPHOSPHONIC ACID ADENOSYL ESTER' 'C11 H18 N5 O12 P3'
HH2 non-polymer 6-HYDROXYMETHYLPTERIN-DIPHOSPHATE 'C7 H9 N5 O8 P2'
MG non-polymer 'MAGNESIUM ION' 'Mg 2'
PAB non-polymer '4-AMINOBENZOIC ACID' 'C7 H7 N O2'
PE0 non-polymer PTERINE 'C6 H5 N5 O'
#
# COMPACT_ATOMS: atom_id res chain seq x y z
N THR A 10 -56.74 25.83 24.68
CA THR A 10 -55.65 26.49 23.87
C THR A 10 -54.22 26.19 24.34
N PRO A 11 -53.64 25.08 23.82
CA PRO A 11 -52.19 24.87 23.98
C PRO A 11 -51.35 25.75 23.05
N ARG A 12 -50.11 25.95 23.44
CA ARG A 12 -49.23 26.77 22.71
C ARG A 12 -48.59 26.15 21.55
N ASN A 13 -48.14 26.96 20.64
CA ASN A 13 -47.50 26.39 19.46
C ASN A 13 -45.99 26.41 19.63
N ILE A 14 -45.34 25.50 18.89
CA ILE A 14 -43.90 25.26 18.90
C ILE A 14 -43.37 25.73 17.57
N ALA A 15 -42.45 26.67 17.54
CA ALA A 15 -41.88 27.09 16.29
C ALA A 15 -40.40 26.97 16.44
N VAL A 16 -39.72 26.85 15.30
CA VAL A 16 -38.28 26.72 15.25
C VAL A 16 -37.75 27.81 14.33
N LEU A 17 -36.82 28.58 14.83
CA LEU A 17 -36.44 29.76 14.13
C LEU A 17 -34.98 29.67 13.88
N ASN A 18 -34.53 30.41 12.88
CA ASN A 18 -33.13 30.41 12.50
C ASN A 18 -32.63 31.81 12.40
N PHE A 19 -31.62 32.11 13.19
CA PHE A 19 -31.02 33.47 13.23
C PHE A 19 -29.72 33.48 12.46
N GLY A 20 -29.48 34.52 11.68
CA GLY A 20 -28.27 34.59 10.90
C GLY A 20 -27.75 35.98 10.74
N THR A 21 -26.46 36.15 11.01
CA THR A 21 -25.75 37.42 10.81
C THR A 21 -24.38 37.22 10.11
N ASN A 22 -23.91 38.30 9.47
CA ASN A 22 -22.56 38.39 8.85
C ASN A 22 -21.52 39.14 9.67
N ASP A 23 -21.94 39.87 10.72
CA ASP A 23 -21.05 40.78 11.43
C ASP A 23 -20.37 40.07 12.60
N LYS A 24 -19.15 39.58 12.38
CA LYS A 24 -18.40 38.86 13.42
C LYS A 24 -18.04 39.69 14.69
N LYS A 25 -17.69 40.95 14.53
CA LYS A 25 -17.23 41.69 15.69
C LYS A 25 -18.36 41.84 16.69
N ASN A 26 -19.52 42.27 16.19
CA ASN A 26 -20.72 42.57 16.95
C ASN A 26 -21.76 41.44 16.90
N CYS A 27 -21.31 40.29 16.46
CA CYS A 27 -22.09 39.08 16.41
C CYS A 27 -22.96 38.77 17.66
N VAL A 28 -22.35 38.68 18.84
CA VAL A 28 -23.07 38.25 20.03
C VAL A 28 -24.24 39.21 20.34
N THR A 29 -23.94 40.50 20.40
CA THR A 29 -24.91 41.54 20.69
C THR A 29 -26.07 41.56 19.71
N ILE A 30 -25.77 41.32 18.44
CA ILE A 30 -26.79 41.33 17.42
C ILE A 30 -27.73 40.13 17.60
N LEU A 31 -27.20 38.96 17.87
CA LEU A 31 -28.07 37.77 18.01
C LEU A 31 -28.80 37.85 19.34
N GLU A 32 -28.13 38.31 20.38
CA GLU A 32 -28.75 38.32 21.69
C GLU A 32 -29.73 39.44 21.77
N THR A 33 -29.48 40.54 21.07
CA THR A 33 -30.59 41.48 20.89
C THR A 33 -31.82 40.80 20.18
N ALA A 34 -31.58 40.00 19.14
CA ALA A 34 -32.66 39.38 18.36
C ALA A 34 -33.38 38.29 19.11
N LEU A 35 -32.70 37.64 20.05
CA LEU A 35 -33.30 36.61 20.90
C LEU A 35 -34.19 37.23 21.94
N TYR A 36 -33.85 38.45 22.37
CA TYR A 36 -34.60 39.17 23.39
C TYR A 36 -35.90 39.61 22.83
N LEU A 37 -35.87 40.32 21.72
CA LEU A 37 -37.11 40.76 21.09
C LEU A 37 -38.01 39.59 20.73
N THR A 38 -37.42 38.53 20.24
CA THR A 38 -38.11 37.32 19.82
C THR A 38 -38.80 36.69 21.01
N GLU A 39 -38.13 36.53 22.16
CA GLU A 39 -38.78 35.95 23.36
C GLU A 39 -39.92 36.88 23.82
N LYS A 40 -39.63 38.16 23.86
CA LYS A 40 -40.56 39.16 24.28
C LYS A 40 -41.85 39.12 23.46
N TYR A 41 -41.76 38.98 22.16
CA TYR A 41 -42.95 39.10 21.32
C TYR A 41 -43.55 37.78 20.91
N LEU A 42 -42.87 36.66 21.11
CA LEU A 42 -43.35 35.39 20.56
C LEU A 42 -43.57 34.30 21.58
N GLY A 43 -42.75 34.20 22.61
CA GLY A 43 -42.92 33.13 23.55
C GLY A 43 -41.75 32.99 24.47
N LYS A 44 -41.57 31.79 25.00
CA LYS A 44 -40.46 31.42 25.87
C LYS A 44 -39.49 30.67 24.97
N ILE A 45 -38.20 31.03 25.01
CA ILE A 45 -37.16 30.22 24.38
C ILE A 45 -36.84 29.07 25.31
N ILE A 46 -37.05 27.87 24.79
CA ILE A 46 -36.89 26.66 25.57
C ILE A 46 -35.82 25.76 24.97
N ASN A 47 -35.15 26.18 23.91
CA ASN A 47 -33.99 25.44 23.46
C ASN A 47 -33.16 26.21 22.47
N SER A 48 -31.86 25.96 22.48
CA SER A 48 -30.99 26.70 21.60
C SER A 48 -29.82 25.84 21.16
N SER A 49 -29.30 26.12 19.97
CA SER A 49 -28.06 25.47 19.51
C SER A 49 -26.81 26.24 19.91
N TYR A 50 -25.68 25.77 19.40
CA TYR A 50 -24.45 26.53 19.49
C TYR A 50 -24.56 27.61 18.44
N ILE A 51 -23.68 28.60 18.48
CA ILE A 51 -23.49 29.46 17.33
C ILE A 51 -22.51 28.76 16.44
N TYR A 52 -22.59 28.94 15.13
CA TYR A 52 -21.63 28.28 14.25
C TYR A 52 -21.14 29.27 13.22
N GLU A 53 -19.85 29.20 12.93
CA GLU A 53 -19.27 29.97 11.87
C GLU A 53 -19.32 29.12 10.65
N THR A 54 -20.14 29.48 9.66
CA THR A 54 -20.30 28.64 8.49
C THR A 54 -19.91 29.32 7.21
N VAL A 55 -19.52 28.51 6.23
CA VAL A 55 -19.20 29.01 4.90
C VAL A 55 -20.44 29.15 4.08
N PRO A 56 -20.64 30.35 3.51
CA PRO A 56 -21.88 30.62 2.79
C PRO A 56 -22.28 29.55 1.79
N GLU A 57 -23.58 29.29 1.80
CA GLU A 57 -24.26 28.35 0.90
C GLU A 57 -25.21 29.16 0.04
N TYR A 58 -24.80 29.33 -1.20
CA TYR A 58 -25.57 30.04 -2.17
C TYR A 58 -26.25 29.05 -3.12
N ILE A 59 -25.49 28.01 -3.54
CA ILE A 59 -25.93 27.02 -4.55
C ILE A 59 -26.24 25.59 -3.99
N VAL A 60 -27.48 25.15 -4.25
CA VAL A 60 -28.00 23.81 -3.96
C VAL A 60 -28.45 23.13 -5.28
N ARG A 77 -18.79 48.49 10.92
CA ARG A 77 -19.53 47.74 11.92
C ARG A 77 -20.07 48.62 13.05
N ASP A 78 -21.25 49.20 12.89
CA ASP A 78 -21.78 50.09 13.94
C ASP A 78 -23.03 49.61 14.64
N ILE A 79 -22.97 49.57 15.96
CA ILE A 79 -24.12 49.14 16.76
C ILE A 79 -24.24 50.03 18.00
N SER A 80 -23.75 51.27 17.92
CA SER A 80 -23.70 52.17 19.09
C SER A 80 -25.10 52.74 19.46
N TRP A 81 -26.11 52.32 18.70
CA TRP A 81 -27.52 52.67 18.87
C TRP A 81 -28.32 51.53 19.51
N ILE A 82 -27.77 50.33 19.63
CA ILE A 82 -28.59 49.18 20.04
C ILE A 82 -29.08 49.22 21.48
N GLY A 83 -28.23 49.71 22.35
CA GLY A 83 -28.55 49.69 23.76
C GLY A 83 -29.76 50.55 23.97
N ASP A 84 -29.74 51.75 23.39
CA ASP A 84 -30.85 52.70 23.58
C ASP A 84 -32.16 52.33 22.83
N LEU A 85 -32.18 51.14 22.32
CA LEU A 85 -33.37 50.66 21.72
C LEU A 85 -34.15 49.82 22.72
N ILE A 86 -33.50 49.14 23.61
CA ILE A 86 -34.15 48.22 24.54
C ILE A 86 -35.29 48.80 25.37
N PRO A 87 -35.02 49.88 26.15
CA PRO A 87 -36.06 50.44 27.01
C PRO A 87 -37.18 51.18 26.29
N THR A 88 -36.98 51.50 25.02
CA THR A 88 -37.96 52.19 24.16
C THR A 88 -38.90 51.24 23.35
N VAL A 89 -38.65 49.94 23.40
CA VAL A 89 -39.50 49.03 22.67
C VAL A 89 -40.81 48.78 23.42
N GLU A 90 -41.88 48.92 22.67
CA GLU A 90 -43.21 48.74 23.11
C GLU A 90 -43.40 47.34 23.72
N ASN A 91 -44.25 47.17 24.74
CA ASN A 91 -44.57 45.87 25.42
C ASN A 91 -45.40 44.84 24.65
N SER A 92 -45.26 43.58 25.03
CA SER A 92 -46.07 42.49 24.52
C SER A 92 -47.40 42.53 25.21
N ARG A 93 -48.47 42.24 24.50
CA ARG A 93 -49.77 42.11 25.12
C ARG A 93 -49.87 40.87 25.91
N TYR A 94 -49.00 39.94 25.65
CA TYR A 94 -49.00 38.71 26.40
C TYR A 94 -47.84 38.78 27.38
N GLU A 95 -47.87 37.91 28.37
CA GLU A 95 -46.75 37.78 29.28
C GLU A 95 -46.62 36.35 29.84
N GLU A 96 -45.42 35.80 29.69
CA GLU A 96 -45.06 34.48 30.28
C GLU A 96 -44.60 34.68 31.74
N SER A 97 -44.84 33.66 32.57
CA SER A 97 -44.30 33.64 33.92
C SER A 97 -42.85 33.28 33.78
N GLU A 98 -42.02 33.93 34.57
CA GLU A 98 -40.61 33.65 34.52
C GLU A 98 -40.18 32.53 35.49
N ASP A 99 -41.15 31.83 36.09
CA ASP A 99 -40.89 30.63 36.87
C ASP A 99 -40.02 29.58 36.12
N LEU A 100 -39.17 28.86 36.86
CA LEU A 100 -38.42 27.71 36.34
C LEU A 100 -39.39 26.62 35.96
N ILE A 101 -39.10 25.94 34.85
CA ILE A 101 -39.91 24.86 34.28
C ILE A 101 -39.06 23.62 34.18
N TYR A 102 -39.68 22.45 34.14
CA TYR A 102 -38.94 21.18 34.12
C TYR A 102 -39.31 20.27 32.95
N GLU A 103 -40.16 20.75 32.06
CA GLU A 103 -40.75 19.94 30.98
C GLU A 103 -41.54 20.86 30.05
N CYS A 104 -41.78 20.45 28.81
CA CYS A 104 -42.71 21.22 27.98
C CYS A 104 -43.51 20.33 27.05
N LYS A 105 -44.68 19.89 27.49
CA LYS A 105 -45.47 18.90 26.73
C LYS A 105 -45.70 19.27 25.27
N GLU A 106 -45.94 20.55 25.00
CA GLU A 106 -46.10 20.98 23.62
C GLU A 106 -44.91 20.48 22.79
N LEU A 107 -43.74 20.61 23.36
CA LEU A 107 -42.52 20.18 22.70
C LEU A 107 -42.53 18.65 22.49
N GLU A 108 -42.74 17.90 23.54
CA GLU A 108 -42.74 16.45 23.40
C GLU A 108 -43.54 16.08 22.18
N VAL A 109 -44.72 16.67 22.13
CA VAL A 109 -45.72 16.41 21.11
C VAL A 109 -45.18 16.80 19.75
N PHE A 110 -44.67 18.02 19.66
CA PHE A 110 -44.09 18.51 18.41
C PHE A 110 -43.08 17.53 17.87
N LEU A 111 -42.23 16.99 18.75
CA LEU A 111 -41.13 16.10 18.35
C LEU A 111 -41.60 14.76 17.75
N LYS A 112 -42.82 14.35 18.04
CA LYS A 112 -43.41 13.18 17.40
C LYS A 112 -44.21 13.56 16.13
N ASN A 113 -44.02 14.78 15.63
CA ASN A 113 -44.74 15.26 14.43
C ASN A 113 -46.31 15.12 14.52
N GLU A 114 -46.80 14.94 15.74
CA GLU A 114 -48.24 14.93 15.99
C GLU A 114 -48.76 16.36 16.07
N LYS A 115 -50.08 16.46 15.99
CA LYS A 115 -50.78 17.72 15.88
C LYS A 115 -50.79 18.43 17.21
N ILE A 116 -50.70 19.75 17.18
CA ILE A 116 -50.91 20.53 18.38
C ILE A 116 -52.25 21.27 18.29
N ASN A 117 -52.37 22.13 17.28
CA ASN A 117 -53.57 22.86 16.89
C ASN A 117 -53.75 22.73 15.39
N GLU A 118 -54.99 22.87 14.91
CA GLU A 118 -55.29 22.78 13.46
C GLU A 118 -54.72 24.01 12.78
N SER A 119 -54.23 23.87 11.55
CA SER A 119 -53.68 25.03 10.89
C SER A 119 -54.78 25.98 10.48
N ILE A 120 -54.79 27.18 11.03
CA ILE A 120 -55.65 28.22 10.47
C ILE A 120 -55.33 28.36 9.01
N ILE A 121 -54.07 28.65 8.68
CA ILE A 121 -53.66 28.79 7.28
C ILE A 121 -53.74 27.47 6.48
N ARG A 122 -54.07 27.59 5.19
CA ARG A 122 -54.19 26.45 4.27
C ARG A 122 -52.90 25.59 4.19
N GLU A 123 -53.02 24.31 4.55
CA GLU A 123 -51.97 23.32 4.34
C GLU A 123 -51.94 22.78 2.90
N VAL A 124 -50.89 22.05 2.56
CA VAL A 124 -50.62 21.62 1.20
C VAL A 124 -50.04 20.19 1.27
N SER A 125 -50.25 19.38 0.22
CA SER A 125 -49.70 18.02 0.21
C SER A 125 -48.20 18.03 0.06
N VAL A 126 -47.58 16.95 0.51
CA VAL A 126 -46.13 16.87 0.51
C VAL A 126 -45.61 16.95 -0.91
N GLU A 127 -46.29 16.33 -1.86
CA GLU A 127 -45.80 16.41 -3.22
C GLU A 127 -45.94 17.84 -3.81
N ASP A 128 -46.99 18.59 -3.47
CA ASP A 128 -47.13 19.95 -4.02
C ASP A 128 -46.13 20.84 -3.37
N TYR A 129 -45.88 20.64 -2.09
CA TYR A 129 -44.85 21.39 -1.41
C TYR A 129 -43.46 21.28 -2.08
N GLU A 130 -43.05 20.05 -2.39
CA GLU A 130 -41.71 19.76 -2.91
C GLU A 130 -41.56 20.41 -4.26
N ASN A 131 -42.56 20.22 -5.12
CA ASN A 131 -42.55 20.82 -6.44
C ASN A 131 -42.27 22.30 -6.41
N GLU A 132 -42.98 23.04 -5.54
CA GLU A 132 -42.89 24.51 -5.51
C GLU A 132 -41.60 24.97 -4.90
N ALA A 133 -41.07 24.18 -4.00
CA ALA A 133 -39.81 24.49 -3.37
C ALA A 133 -38.70 24.35 -4.38
N ARG A 134 -38.69 23.23 -5.09
CA ARG A 134 -37.62 22.97 -6.06
C ARG A 134 -37.61 24.04 -7.17
N ARG A 135 -38.76 24.59 -7.54
CA ARG A 135 -38.75 25.77 -8.42
C ARG A 135 -38.04 26.96 -7.80
N ILE A 136 -38.31 27.24 -6.53
CA ILE A 136 -37.71 28.39 -5.85
C ILE A 136 -36.21 28.22 -5.70
N ILE A 137 -35.78 26.98 -5.45
CA ILE A 137 -34.36 26.70 -5.28
C ILE A 137 -33.65 26.78 -6.61
N LYS A 138 -34.22 26.15 -7.64
CA LYS A 138 -33.67 26.14 -9.02
C LYS A 138 -33.47 27.56 -9.49
N ARG A 139 -34.44 28.42 -9.16
CA ARG A 139 -34.43 29.80 -9.61
C ARG A 139 -33.42 30.63 -8.83
N ASN A 140 -33.22 30.30 -7.56
CA ASN A 140 -32.19 30.97 -6.77
C ASN A 140 -30.82 30.60 -7.24
N ASP A 141 -30.62 29.33 -7.56
CA ASP A 141 -29.33 28.87 -8.13
C ASP A 141 -28.96 29.68 -9.38
N GLU A 142 -29.88 29.75 -10.34
CA GLU A 142 -29.75 30.59 -11.53
C GLU A 142 -29.33 32.02 -11.19
N ILE A 143 -30.01 32.63 -10.24
CA ILE A 143 -29.66 33.96 -9.79
C ILE A 143 -28.22 33.93 -9.38
N MET A 144 -27.88 33.06 -8.44
CA MET A 144 -26.53 33.10 -7.88
C MET A 144 -25.45 32.63 -8.84
N LYS A 145 -25.76 31.68 -9.74
CA LYS A 145 -24.84 31.30 -10.82
C LYS A 145 -24.44 32.53 -11.59
N LYS A 146 -25.38 33.39 -11.94
CA LYS A 146 -25.05 34.58 -12.68
C LYS A 146 -24.20 35.45 -11.84
N ASN A 147 -24.55 35.55 -10.58
CA ASN A 147 -23.72 36.30 -9.67
C ASN A 147 -22.43 35.46 -9.52
N LEU A 148 -21.30 36.13 -9.35
CA LEU A 148 -20.01 35.45 -9.29
C LEU A 148 -19.84 34.56 -10.51
N THR A 157 -16.60 37.09 0.71
CA THR A 157 -16.64 38.40 1.40
C THR A 157 -16.81 38.25 2.95
N SER A 158 -17.56 37.23 3.36
CA SER A 158 -17.74 36.99 4.80
C SER A 158 -18.14 35.54 5.20
N TYR A 159 -18.14 35.29 6.49
CA TYR A 159 -18.63 34.04 7.03
C TYR A 159 -20.03 34.32 7.52
N PHE A 160 -20.78 33.27 7.83
CA PHE A 160 -22.10 33.42 8.42
C PHE A 160 -22.13 32.85 9.81
N PHE A 161 -22.69 33.63 10.73
CA PHE A 161 -22.82 33.18 12.09
C PHE A 161 -24.26 32.85 12.36
N ASN A 162 -24.46 31.61 12.78
CA ASN A 162 -25.74 31.01 12.70
C ASN A 162 -26.16 30.37 13.98
N LEU A 163 -27.41 30.64 14.38
CA LEU A 163 -28.03 30.11 15.58
C LEU A 163 -29.46 29.65 15.31
N THR A 164 -29.89 28.57 15.94
CA THR A 164 -31.26 28.15 15.81
C THR A 164 -31.86 28.07 17.18
N VAL A 165 -33.14 28.24 17.26
CA VAL A 165 -33.84 28.35 18.58
C VAL A 165 -35.24 27.75 18.56
N VAL A 166 -35.62 27.03 19.61
CA VAL A 166 -37.01 26.53 19.78
C VAL A 166 -37.82 27.43 20.69
N VAL A 167 -38.97 27.90 20.20
CA VAL A 167 -39.91 28.75 20.94
C VAL A 167 -41.30 28.13 21.17
N ARG A 168 -41.71 28.02 22.44
CA ARG A 168 -43.12 27.74 22.81
C ARG A 168 -43.90 29.05 22.67
N THR A 169 -44.80 29.14 21.71
CA THR A 169 -45.24 30.45 21.27
C THR A 169 -46.73 30.62 21.43
N PHE A 170 -47.13 31.86 21.68
CA PHE A 170 -48.51 32.24 21.81
C PHE A 170 -49.00 32.93 20.55
N VAL A 171 -48.23 32.84 19.47
CA VAL A 171 -48.70 33.32 18.17
C VAL A 171 -49.49 32.23 17.54
N GLU A 172 -50.63 32.57 16.95
CA GLU A 172 -51.58 31.57 16.55
C GLU A 172 -51.36 31.02 15.15
N ASP A 173 -50.56 31.68 14.33
CA ASP A 173 -50.23 31.13 13.02
C ASP A 173 -48.90 31.63 12.47
N PRO A 174 -48.30 30.88 11.53
CA PRO A 174 -47.01 31.22 11.03
C PRO A 174 -46.93 32.52 10.30
N LEU A 175 -47.99 32.94 9.65
CA LEU A 175 -47.94 34.21 8.95
C LEU A 175 -47.76 35.34 9.98
N ALA A 176 -48.63 35.41 10.95
CA ALA A 176 -48.53 36.47 11.95
C ALA A 176 -47.15 36.52 12.63
N MET A 177 -46.58 35.36 12.92
CA MET A 177 -45.21 35.29 13.42
C MET A 177 -44.22 35.90 12.41
N LEU A 178 -44.37 35.59 11.13
CA LEU A 178 -43.47 36.12 10.14
C LEU A 178 -43.55 37.61 10.14
N VAL A 179 -44.74 38.15 10.32
CA VAL A 179 -44.92 39.60 10.31
C VAL A 179 -44.23 40.23 11.51
N ILE A 180 -44.27 39.54 12.65
CA ILE A 180 -43.56 39.98 13.86
C ILE A 180 -42.03 39.87 13.76
N LEU A 181 -41.56 38.86 13.03
CA LEU A 181 -40.15 38.71 12.68
C LEU A 181 -39.70 39.79 11.70
N LYS A 182 -40.44 40.05 10.65
CA LYS A 182 -40.08 41.17 9.81
C LYS A 182 -40.00 42.51 10.58
N TYR A 183 -40.98 42.74 11.44
CA TYR A 183 -41.02 43.92 12.34
C TYR A 183 -39.73 44.03 13.15
N ILE A 184 -39.34 42.95 13.82
CA ILE A 184 -38.12 42.87 14.64
C ILE A 184 -36.86 43.24 13.82
N GLU A 185 -36.59 42.53 12.74
CA GLU A 185 -35.50 42.88 11.82
C GLU A 185 -35.52 44.38 11.53
N GLN A 186 -36.63 44.91 11.09
CA GLN A 186 -36.64 46.33 10.72
C GLN A 186 -36.27 47.20 11.91
N ILE A 187 -36.70 46.80 13.09
CA ILE A 187 -36.41 47.58 14.30
C ILE A 187 -34.93 47.75 14.54
N MET A 188 -34.13 46.99 13.83
CA MET A 188 -32.71 47.01 13.98
C MET A 188 -32.06 47.70 12.77
N LYS A 189 -32.56 47.39 11.55
CA LYS A 189 -31.96 47.85 10.27
C LYS A 189 -32.37 49.26 9.90
N ASN A 203 -22.86 42.14 3.53
CA ASN A 203 -23.45 41.83 4.83
C ASN A 203 -24.98 41.88 4.86
N ARG A 204 -25.53 41.13 5.80
CA ARG A 204 -26.95 41.12 6.09
C ARG A 204 -26.98 41.18 7.62
N MET A 205 -27.44 42.29 8.16
CA MET A 205 -27.21 42.53 9.58
C MET A 205 -27.78 41.48 10.54
N ILE A 206 -29.08 41.19 10.35
CA ILE A 206 -29.75 40.12 11.06
C ILE A 206 -30.78 39.56 10.08
N ASP A 207 -31.04 38.26 10.18
CA ASP A 207 -32.10 37.62 9.43
C ASP A 207 -32.71 36.44 10.15
N ILE A 208 -34.03 36.51 10.38
CA ILE A 208 -34.74 35.55 11.22
C ILE A 208 -35.87 34.85 10.47
N ASP A 209 -35.69 33.55 10.22
CA ASP A 209 -36.63 32.78 9.44
C ASP A 209 -37.29 31.66 10.27
N ILE A 210 -38.52 31.32 9.92
CA ILE A 210 -39.26 30.23 10.53
C ILE A 210 -38.99 28.99 9.75
N LEU A 211 -38.40 28.04 10.43
CA LEU A 211 -37.95 26.81 9.86
C LEU A 211 -39.06 25.81 10.00
N PHE A 212 -39.65 25.72 11.19
CA PHE A 212 -40.79 24.84 11.44
C PHE A 212 -41.79 25.60 12.26
N PHE A 213 -43.06 25.30 12.02
CA PHE A 213 -44.16 25.80 12.86
C PHE A 213 -45.09 24.63 12.98
N ASN A 214 -44.95 23.96 14.08
CA ASN A 214 -45.74 22.78 14.32
C ASN A 214 -45.45 21.75 13.26
N ASN A 215 -46.34 20.78 13.14
CA ASN A 215 -46.20 19.81 12.06
C ASN A 215 -46.63 20.33 10.67
N TYR A 216 -46.97 21.62 10.56
CA TYR A 216 -47.66 22.13 9.38
C TYR A 216 -46.77 22.05 8.14
N THR A 217 -47.43 21.81 7.00
CA THR A 217 -46.81 21.83 5.67
C THR A 217 -47.56 22.85 4.86
N ILE A 218 -46.93 23.96 4.55
CA ILE A 218 -47.63 25.13 3.98
C ILE A 218 -46.85 25.73 2.80
N PHE A 219 -47.56 26.08 1.72
CA PHE A 219 -46.98 26.93 0.68
C PHE A 219 -48.00 27.91 0.08
N GLU A 220 -47.89 29.17 0.48
CA GLU A 220 -48.71 30.24 -0.05
C GLU A 220 -47.82 31.09 -0.92
N LYS A 221 -48.13 31.09 -2.22
CA LYS A 221 -47.17 31.47 -3.26
C LYS A 221 -47.03 32.95 -3.43
N SER A 222 -48.13 33.68 -3.22
CA SER A 222 -48.10 35.12 -3.46
C SER A 222 -48.99 35.84 -2.47
N ILE A 223 -48.39 36.21 -1.34
CA ILE A 223 -49.07 36.91 -0.25
C ILE A 223 -48.97 38.42 -0.44
N SER A 224 -50.06 39.15 -0.23
CA SER A 224 -50.00 40.61 -0.40
C SER A 224 -50.70 41.39 0.71
N LEU A 225 -49.90 41.84 1.68
CA LEU A 225 -50.37 42.48 2.89
C LEU A 225 -50.12 43.99 2.91
N LYS A 226 -51.19 44.78 2.98
CA LYS A 226 -51.07 46.23 3.02
C LYS A 226 -50.82 46.64 4.44
N GLY A 227 -50.52 47.92 4.66
CA GLY A 227 -50.28 48.43 6.01
C GLY A 227 -51.40 48.14 6.99
N GLU A 228 -52.64 48.24 6.53
CA GLU A 228 -53.83 47.92 7.32
C GLU A 228 -53.75 46.49 7.83
N ASP A 229 -53.47 45.57 6.91
CA ASP A 229 -53.31 44.15 7.25
C ASP A 229 -52.21 43.92 8.28
N ILE A 230 -51.10 44.63 8.15
CA ILE A 230 -49.96 44.48 9.01
C ILE A 230 -50.29 44.96 10.39
N TYR A 231 -50.94 46.13 10.45
CA TYR A 231 -51.37 46.76 11.70
C TYR A 231 -52.31 45.84 12.45
N LYS A 232 -53.32 45.33 11.79
CA LYS A 232 -54.17 44.37 12.45
C LYS A 232 -53.36 43.23 13.04
N ILE A 233 -52.38 42.74 12.34
CA ILE A 233 -51.68 41.60 12.86
C ILE A 233 -50.71 41.91 14.03
N ILE A 234 -50.01 43.03 13.96
CA ILE A 234 -49.06 43.40 15.02
C ILE A 234 -49.76 43.83 16.25
N THR A 235 -50.86 44.55 16.11
CA THR A 235 -51.54 45.16 17.26
C THR A 235 -52.38 44.17 18.01
N LYS A 236 -52.58 43.00 17.43
CA LYS A 236 -53.17 41.90 18.16
C LYS A 236 -52.19 41.34 19.20
N TYR A 237 -50.89 41.65 19.02
CA TYR A 237 -49.83 41.10 19.85
C TYR A 237 -48.87 42.12 20.50
N ILE A 238 -49.01 43.40 20.18
CA ILE A 238 -48.09 44.44 20.65
C ILE A 238 -48.77 45.77 20.92
N HIS A 239 -48.56 46.38 22.09
CA HIS A 239 -49.03 47.75 22.37
C HIS A 239 -48.23 48.79 21.60
N ILE A 240 -48.50 48.93 20.32
CA ILE A 240 -47.73 49.86 19.51
C ILE A 240 -47.93 51.31 19.94
N ASN A 241 -46.85 52.07 20.08
CA ASN A 241 -46.96 53.49 20.32
C ASN A 241 -47.64 54.24 19.16
N HIS A 242 -48.51 55.17 19.52
CA HIS A 242 -49.34 55.92 18.58
C HIS A 242 -48.99 57.41 18.47
N THR A 243 -47.97 57.86 19.18
CA THR A 243 -47.67 59.28 19.21
C THR A 243 -46.82 59.91 18.15
N SER A 244 -47.17 61.11 17.77
CA SER A 244 -46.36 61.88 16.83
C SER A 244 -44.86 61.87 17.16
N ASP A 245 -44.50 61.98 18.43
CA ASP A 245 -43.08 62.06 18.81
C ASP A 245 -42.46 60.68 19.14
N GLN A 246 -43.25 59.62 19.02
CA GLN A 246 -42.78 58.25 19.23
C GLN A 246 -43.58 57.10 18.59
N ASN A 247 -43.30 56.68 17.35
CA ASN A 247 -44.00 55.58 16.71
C ASN A 247 -43.17 54.98 15.61
N ARG A 248 -43.54 53.77 15.18
CA ARG A 248 -42.93 53.12 14.03
C ARG A 248 -43.95 52.89 12.93
N LEU A 249 -44.86 53.82 12.75
CA LEU A 249 -45.84 53.69 11.70
C LEU A 249 -45.26 53.77 10.28
N ASP A 250 -44.02 54.23 10.10
CA ASP A 250 -43.42 54.27 8.76
C ASP A 250 -42.96 52.88 8.35
N ILE A 251 -42.47 52.13 9.33
CA ILE A 251 -42.21 50.71 9.22
C ILE A 251 -43.53 49.98 9.00
N ILE A 252 -44.39 49.92 10.01
CA ILE A 252 -45.57 49.08 9.97
C ILE A 252 -46.33 49.14 8.65
N GLN A 253 -46.42 50.33 8.10
CA GLN A 253 -47.09 50.57 6.84
C GLN A 253 -46.52 49.82 5.64
N ASN A 254 -45.22 49.63 5.62
CA ASN A 254 -44.55 49.09 4.46
C ASN A 254 -44.04 47.68 4.66
N LEU A 255 -44.33 47.09 5.81
CA LEU A 255 -43.71 45.83 6.15
C LEU A 255 -44.07 44.73 5.17
N GLY A 256 -45.18 44.92 4.44
CA GLY A 256 -45.68 43.97 3.45
C GLY A 256 -44.70 43.72 2.32
N ASP A 257 -44.01 44.79 1.91
CA ASP A 257 -43.00 44.70 0.85
C ASP A 257 -42.00 43.60 1.15
N LYS A 258 -41.75 43.37 2.44
CA LYS A 258 -40.80 42.33 2.88
C LYS A 258 -41.37 40.89 2.98
N ILE A 259 -42.58 40.66 2.45
CA ILE A 259 -43.22 39.33 2.59
C ILE A 259 -43.91 38.98 1.31
N GLU A 260 -43.24 38.14 0.53
CA GLU A 260 -43.71 37.72 -0.77
C GLU A 260 -44.31 36.34 -0.79
N PHE A 261 -43.89 35.46 0.08
CA PHE A 261 -44.55 34.16 0.15
C PHE A 261 -44.39 33.55 1.52
N LEU A 262 -45.04 32.41 1.74
CA LEU A 262 -44.92 31.73 3.00
C LEU A 262 -44.87 30.24 2.75
N CYS A 263 -44.02 29.58 3.53
CA CYS A 263 -43.37 28.33 3.16
C CYS A 263 -42.86 27.64 4.41
N ILE A 264 -43.67 26.75 4.97
CA ILE A 264 -43.29 25.96 6.14
C ILE A 264 -43.29 24.50 5.65
N PRO A 265 -42.20 23.75 5.92
CA PRO A 265 -40.93 24.24 6.44
C PRO A 265 -40.24 25.22 5.49
N HIS A 266 -39.21 25.88 5.98
CA HIS A 266 -38.43 26.81 5.20
C HIS A 266 -37.94 26.04 4.00
N VAL A 267 -37.76 26.74 2.89
CA VAL A 267 -37.39 26.13 1.63
C VAL A 267 -36.08 25.36 1.72
N TYR A 268 -35.11 25.98 2.37
CA TYR A 268 -33.74 25.43 2.50
C TYR A 268 -33.46 24.56 3.71
N THR A 269 -34.46 24.28 4.53
CA THR A 269 -34.20 23.61 5.79
C THR A 269 -33.35 22.35 5.63
N LYS A 270 -33.69 21.50 4.67
CA LYS A 270 -32.98 20.22 4.56
C LYS A 270 -31.83 20.29 3.57
N TYR A 271 -31.60 21.46 2.98
CA TYR A 271 -30.56 21.60 1.95
C TYR A 271 -29.33 22.45 2.35
N ARG A 272 -29.35 23.13 3.50
CA ARG A 272 -28.17 23.84 4.01
C ARG A 272 -27.51 23.14 5.18
N TYR A 273 -26.22 22.96 5.08
CA TYR A 273 -25.50 22.38 6.17
C TYR A 273 -25.78 23.28 7.37
N SER A 274 -25.61 24.59 7.22
CA SER A 274 -25.65 25.49 8.35
C SER A 274 -26.93 25.34 9.17
N ILE A 275 -28.04 25.15 8.50
CA ILE A 275 -29.29 24.87 9.20
C ILE A 275 -29.29 23.46 9.76
N LEU A 276 -28.95 22.44 8.97
CA LEU A 276 -28.93 21.11 9.52
C LEU A 276 -28.02 21.06 10.73
N LEU A 277 -26.91 21.80 10.66
CA LEU A 277 -25.85 21.72 11.63
C LEU A 277 -26.32 22.15 12.98
N CYS A 278 -26.88 23.35 13.02
CA CYS A 278 -27.64 23.83 14.16
C CYS A 278 -28.74 22.88 14.69
N LEU A 279 -29.74 22.52 13.86
CA LEU A 279 -30.93 21.74 14.32
C LEU A 279 -30.51 20.40 14.85
N ASN A 280 -29.29 20.02 14.56
CA ASN A 280 -28.83 18.76 15.03
C ASN A 280 -28.54 18.82 16.54
N ASP A 281 -28.34 20.02 17.01
CA ASP A 281 -28.19 20.28 18.42
C ASP A 281 -29.45 20.18 19.25
N ILE A 282 -30.54 20.61 18.64
CA ILE A 282 -31.78 20.88 19.36
C ILE A 282 -32.99 20.00 19.06
N ILE A 283 -33.16 19.53 17.83
CA ILE A 283 -34.27 18.60 17.44
C ILE A 283 -33.83 17.43 16.53
N PRO A 284 -32.71 16.79 16.89
CA PRO A 284 -32.11 15.70 16.10
C PRO A 284 -33.05 14.55 15.72
N GLU A 285 -33.96 14.21 16.62
CA GLU A 285 -34.78 13.03 16.40
C GLU A 285 -36.08 13.37 15.64
N TYR A 286 -36.30 14.64 15.32
CA TYR A 286 -37.49 15.06 14.61
C TYR A 286 -37.46 14.73 13.13
N LYS A 287 -38.63 14.36 12.63
CA LYS A 287 -38.84 14.04 11.24
C LYS A 287 -40.14 14.60 10.75
N HIS A 288 -40.08 15.70 10.06
CA HIS A 288 -41.25 16.26 9.44
C HIS A 288 -41.77 15.27 8.39
N SER A 289 -42.90 15.59 7.77
CA SER A 289 -43.43 14.78 6.65
C SER A 289 -42.67 15.00 5.34
N THR A 290 -41.95 16.10 5.26
CA THR A 290 -41.27 16.52 4.04
C THR A 290 -39.93 15.84 3.94
N PHE A 291 -39.49 15.35 5.08
CA PHE A 291 -38.17 14.80 5.26
C PHE A 291 -38.21 13.29 5.13
N GLU A 292 -37.33 12.76 4.29
CA GLU A 292 -37.25 11.30 4.11
C GLU A 292 -36.73 10.62 5.39
N GLU A 293 -35.96 11.34 6.20
CA GLU A 293 -35.50 10.81 7.49
C GLU A 293 -35.34 11.96 8.48
N ALA A 294 -35.12 11.63 9.75
CA ALA A 294 -34.95 12.63 10.80
C ALA A 294 -33.77 13.61 10.60
N ILE A 295 -33.67 14.59 11.50
CA ILE A 295 -32.65 15.64 11.37
C ILE A 295 -31.24 15.05 11.45
N ARG A 296 -30.98 14.33 12.53
CA ARG A 296 -29.69 13.72 12.64
C ARG A 296 -29.39 12.79 11.45
N SER A 297 -30.31 11.93 11.04
CA SER A 297 -30.00 11.04 9.89
C SER A 297 -29.59 11.90 8.70
N THR A 298 -30.33 12.99 8.50
CA THR A 298 -30.15 13.89 7.34
C THR A 298 -28.84 14.67 7.37
N TYR A 299 -28.38 15.01 8.58
CA TYR A 299 -27.11 15.69 8.80
C TYR A 299 -25.94 14.77 8.43
N ASN A 300 -25.93 13.57 8.98
CA ASN A 300 -24.92 12.59 8.61
C ASN A 300 -24.95 12.19 7.11
N SER A 301 -26.14 12.12 6.50
CA SER A 301 -26.26 11.90 5.05
C SER A 301 -25.53 13.00 4.31
N TYR A 302 -25.75 14.23 4.77
CA TYR A 302 -25.16 15.38 4.13
C TYR A 302 -23.64 15.35 4.26
N VAL A 303 -23.18 15.09 5.48
CA VAL A 303 -21.74 15.02 5.78
C VAL A 303 -21.01 13.98 4.96
N GLU A 304 -21.51 12.74 4.91
CA GLU A 304 -20.87 11.66 4.09
C GLU A 304 -20.82 11.97 2.62
N SER A 305 -21.92 12.48 2.11
CA SER A 305 -22.05 12.86 0.72
C SER A 305 -20.99 13.94 0.38
N PHE A 306 -20.85 14.92 1.25
CA PHE A 306 -19.88 15.98 1.04
C PHE A 306 -18.44 15.44 0.98
N GLU A 307 -18.05 14.68 2.01
CA GLU A 307 -16.68 14.13 2.16
C GLU A 307 -16.42 13.05 1.13
N GLU A 308 -17.43 12.26 0.84
CA GLU A 308 -17.27 11.31 -0.26
C GLU A 308 -17.37 11.96 -1.66
N LYS A 309 -17.22 13.27 -1.78
CA LYS A 309 -17.22 13.92 -3.10
C LYS A 309 -16.07 14.91 -3.20
N TYR A 310 -16.13 15.96 -2.42
CA TYR A 310 -15.16 17.04 -2.49
C TYR A 310 -13.93 16.65 -1.64
N HIS A 311 -14.09 15.60 -0.84
CA HIS A 311 -12.98 14.92 -0.16
C HIS A 311 -12.25 15.83 0.81
N ILE A 312 -13.00 16.76 1.37
CA ILE A 312 -12.51 17.63 2.41
C ILE A 312 -13.38 17.50 3.64
N ASN A 313 -12.85 17.85 4.78
CA ASN A 313 -13.66 17.73 5.98
C ASN A 313 -14.57 18.97 6.14
N ILE A 314 -15.87 18.69 6.14
CA ILE A 314 -16.91 19.69 6.29
C ILE A 314 -16.74 20.48 7.61
N ARG A 315 -16.26 19.80 8.66
CA ARG A 315 -16.11 20.42 9.98
C ARG A 315 -14.95 21.43 10.11
N LYS A 316 -13.94 21.24 9.26
CA LYS A 316 -12.74 22.08 9.22
C LYS A 316 -13.11 23.54 9.00
N ASN A 317 -14.05 23.79 8.09
CA ASN A 317 -14.53 25.15 7.74
C ASN A 317 -15.91 25.60 8.19
N ASN A 318 -16.54 24.80 9.02
CA ASN A 318 -17.70 25.25 9.76
C ASN A 318 -17.44 24.89 11.22
N LYS A 319 -17.33 25.93 12.06
CA LYS A 319 -16.88 25.79 13.46
C LYS A 319 -17.87 26.15 14.61
N ARG A 320 -17.83 25.37 15.66
CA ARG A 320 -18.64 25.65 16.82
C ARG A 320 -18.08 26.81 17.68
N LEU A 321 -18.91 27.78 18.06
CA LEU A 321 -18.44 28.89 18.85
C LEU A 321 -19.03 28.84 20.27
N TYR A 322 -18.40 29.52 21.20
CA TYR A 322 -18.96 29.60 22.52
C TYR A 322 -18.68 30.96 22.96
N VAL A 323 -19.39 31.43 23.96
CA VAL A 323 -19.25 32.79 24.44
C VAL A 323 -19.05 32.96 25.93
N LEU A 324 -18.03 33.76 26.27
CA LEU A 324 -17.69 34.11 27.59
C LEU A 324 -18.19 35.49 28.00
N LYS A 325 -18.08 36.49 27.16
CA LYS A 325 -18.61 37.80 27.50
C LYS A 325 -19.40 38.49 26.38
N ASP A 326 -18.68 39.16 25.46
CA ASP A 326 -19.26 39.85 24.31
C ASP A 326 -18.83 39.36 22.92
N LYS A 327 -17.90 38.44 22.85
CA LYS A 327 -17.44 37.92 21.58
C LYS A 327 -17.42 36.39 21.45
N VAL A 328 -17.42 35.93 20.20
CA VAL A 328 -17.34 34.51 19.87
C VAL A 328 -15.95 33.99 20.11
N SER A 329 -15.88 32.78 20.64
CA SER A 329 -14.60 32.07 20.75
C SER A 329 -14.72 30.75 20.01
N TYR A 330 -13.71 30.39 19.23
CA TYR A 330 -13.75 29.16 18.45
C TYR A 330 -13.43 27.97 19.32
N LEU A 331 -14.34 27.02 19.42
CA LEU A 331 -14.22 25.91 20.36
C LEU A 331 -13.01 25.11 19.99
N LYS A 332 -12.18 24.84 21.00
CA LYS A 332 -10.94 24.06 20.92
C LYS A 332 -9.75 24.76 20.27
N GLU A 333 -9.90 26.02 19.89
CA GLU A 333 -8.83 26.69 19.18
C GLU A 333 -7.85 27.41 20.08
N ARG A 334 -8.03 27.32 21.39
CA ARG A 334 -7.21 28.09 22.33
C ARG A 334 -7.42 27.67 23.79
N THR A 335 -6.39 27.85 24.59
CA THR A 335 -6.50 27.68 26.01
C THR A 335 -6.33 29.02 26.66
N HIS A 336 -7.39 29.50 27.30
CA HIS A 336 -7.36 30.76 27.99
C HIS A 336 -7.03 30.54 29.43
N ILE A 337 -6.36 31.51 30.04
CA ILE A 337 -6.02 31.44 31.46
C ILE A 337 -6.97 32.24 32.32
N VAL A 338 -7.60 31.54 33.26
CA VAL A 338 -8.44 32.12 34.32
C VAL A 338 -7.56 32.36 35.57
N GLY A 339 -7.43 33.61 35.96
CA GLY A 339 -6.67 34.00 37.18
C GLY A 339 -7.47 34.02 38.50
N ILE A 340 -7.04 33.23 39.47
CA ILE A 340 -7.73 33.10 40.71
C ILE A 340 -7.51 34.29 41.61
N LEU A 341 -8.60 34.86 42.14
CA LEU A 341 -8.49 35.88 43.17
C LEU A 341 -9.32 35.48 44.37
N ASN A 342 -8.69 35.00 45.41
CA ASN A 342 -9.38 34.71 46.64
C ASN A 342 -9.32 35.88 47.58
N VAL A 343 -10.52 36.44 47.80
CA VAL A 343 -10.72 37.56 48.67
C VAL A 343 -11.38 37.00 49.94
N ASN A 344 -10.57 36.40 50.80
CA ASN A 344 -11.08 35.88 52.05
C ASN A 344 -9.90 35.45 52.91
N TYR A 345 -10.14 35.29 54.20
CA TYR A 345 -9.09 34.96 55.16
C TYR A 345 -8.69 33.49 55.20
N ASP A 346 -9.44 32.65 54.52
CA ASP A 346 -9.23 31.25 54.66
C ASP A 346 -9.13 30.43 53.40
N SER A 347 -8.15 30.69 52.58
CA SER A 347 -8.06 29.96 51.32
C SER A 347 -6.76 29.23 51.40
N PHE A 348 -6.70 28.03 50.81
CA PHE A 348 -5.68 27.07 51.26
C PHE A 348 -4.23 27.50 50.95
N SER A 349 -4.06 28.36 49.93
CA SER A 349 -2.74 28.90 49.54
C SER A 349 -2.62 30.43 49.48
N ASP A 350 -3.75 31.12 49.35
CA ASP A 350 -3.86 32.59 49.20
C ASP A 350 -4.35 33.33 50.45
N GLY A 351 -4.96 32.59 51.36
CA GLY A 351 -5.64 33.14 52.53
C GLY A 351 -4.95 34.30 53.18
N GLY A 352 -5.61 35.45 53.17
CA GLY A 352 -5.16 36.62 53.91
C GLY A 352 -4.31 37.59 53.12
N LEU A 353 -4.07 37.26 51.85
CA LEU A 353 -3.22 38.09 50.97
C LEU A 353 -4.01 39.19 50.22
N PHE A 354 -5.28 38.94 49.98
CA PHE A 354 -6.03 39.81 49.11
C PHE A 354 -7.31 40.28 49.74
N VAL A 355 -7.37 40.26 51.07
CA VAL A 355 -8.52 40.82 51.77
C VAL A 355 -8.61 42.34 51.57
N ASP A 356 -7.54 43.10 51.86
CA ASP A 356 -7.54 44.55 51.58
C ASP A 356 -7.93 44.81 50.12
N PRO A 357 -8.99 45.61 49.89
CA PRO A 357 -9.42 45.87 48.51
C PRO A 357 -8.33 46.41 47.58
N VAL A 358 -7.47 47.30 48.08
CA VAL A 358 -6.48 47.96 47.23
C VAL A 358 -5.45 46.96 46.67
N LYS A 359 -4.95 46.10 47.54
CA LYS A 359 -4.07 45.05 47.14
C LYS A 359 -4.80 44.13 46.17
N ALA A 360 -6.00 43.71 46.55
CA ALA A 360 -6.72 42.79 45.69
C ALA A 360 -7.00 43.38 44.31
N VAL A 361 -7.24 44.68 44.24
CA VAL A 361 -7.43 45.32 42.95
C VAL A 361 -6.15 45.52 42.16
N GLU A 362 -5.04 45.82 42.84
CA GLU A 362 -3.71 45.80 42.18
C GLU A 362 -3.47 44.41 41.56
N ARG A 363 -3.75 43.36 42.32
CA ARG A 363 -3.55 41.99 41.90
C ARG A 363 -4.29 41.60 40.62
N MET A 364 -5.48 42.19 40.47
CA MET A 364 -6.29 42.06 39.27
C MET A 364 -5.70 42.80 38.10
N PHE A 365 -4.90 43.81 38.34
CA PHE A 365 -4.26 44.52 37.27
C PHE A 365 -2.99 43.80 36.84
N GLU A 366 -2.25 43.34 37.83
CA GLU A 366 -1.13 42.45 37.64
C GLU A 366 -1.54 41.21 36.81
N MET A 367 -2.66 40.60 37.16
CA MET A 367 -3.05 39.36 36.50
C MET A 367 -3.42 39.51 35.04
N ALA A 368 -4.12 40.58 34.72
CA ALA A 368 -4.55 40.85 33.36
C ALA A 368 -3.30 41.15 32.53
N SER A 369 -2.44 41.95 33.12
CA SER A 369 -1.17 42.26 32.52
C SER A 369 -0.40 41.00 32.25
N ASP A 370 -0.39 40.07 33.21
CA ASP A 370 0.41 38.85 33.10
C ASP A 370 -0.13 37.78 32.15
N GLY A 371 -1.31 38.01 31.58
CA GLY A 371 -1.91 37.15 30.55
C GLY A 371 -3.29 36.58 30.79
N ALA A 372 -3.87 36.76 31.98
CA ALA A 372 -5.21 36.15 32.29
C ALA A 372 -6.32 36.80 31.51
N SER A 373 -7.06 35.98 30.76
CA SER A 373 -8.23 36.46 29.97
C SER A 373 -9.41 36.66 30.85
N VAL A 374 -9.59 35.79 31.84
CA VAL A 374 -10.61 35.95 32.84
C VAL A 374 -9.99 35.94 34.24
N ILE A 375 -10.61 36.70 35.15
CA ILE A 375 -10.30 36.73 36.57
C ILE A 375 -11.48 36.14 37.37
N ASP A 376 -11.20 35.25 38.31
CA ASP A 376 -12.23 34.56 39.13
C ASP A 376 -12.12 34.93 40.60
N ILE A 377 -13.02 35.83 41.03
CA ILE A 377 -13.06 36.31 42.40
C ILE A 377 -13.84 35.36 43.24
N GLY A 378 -13.30 34.98 44.39
CA GLY A 378 -13.99 34.05 45.27
C GLY A 378 -14.03 34.51 46.70
N GLY A 379 -15.25 34.67 47.25
CA GLY A 379 -15.46 35.16 48.65
C GLY A 379 -15.37 34.12 49.76
N GLU A 380 -15.67 32.88 49.46
CA GLU A 380 -15.65 31.82 50.45
C GLU A 380 -14.83 30.67 49.90
N SER A 381 -14.18 29.93 50.76
CA SER A 381 -13.30 28.85 50.36
C SER A 381 -14.08 27.53 50.32
N SER A 382 -13.78 26.66 49.35
CA SER A 382 -14.37 25.32 49.33
C SER A 382 -13.38 24.20 49.60
N ALA A 383 -12.22 24.56 50.14
CA ALA A 383 -11.12 23.61 50.32
C ALA A 383 -11.36 22.60 51.45
N PRO A 384 -10.73 21.41 51.36
CA PRO A 384 -11.05 20.31 52.26
C PRO A 384 -11.00 20.69 53.72
N TYR A 385 -12.04 20.37 54.48
CA TYR A 385 -12.09 20.63 55.92
C TYR A 385 -12.03 22.11 56.34
N VAL A 386 -12.16 23.05 55.39
CA VAL A 386 -12.11 24.49 55.72
C VAL A 386 -13.35 25.00 56.48
N VAL A 387 -13.14 25.91 57.45
CA VAL A 387 -14.23 26.56 58.19
C VAL A 387 -14.20 28.07 57.89
N PRO A 388 -15.22 28.56 57.18
CA PRO A 388 -15.05 29.90 56.68
C PRO A 388 -15.15 30.90 57.80
N ASN A 389 -14.28 31.91 57.80
CA ASN A 389 -14.21 32.84 58.92
C ASN A 389 -15.57 33.43 59.22
N PRO A 390 -16.14 33.10 60.40
CA PRO A 390 -17.50 33.50 60.65
C PRO A 390 -17.63 34.99 61.02
N SER A 391 -16.51 35.74 61.11
CA SER A 391 -16.55 37.19 61.45
C SER A 391 -16.87 38.19 60.28
N VAL A 392 -16.66 37.81 59.02
CA VAL A 392 -17.03 38.70 57.90
C VAL A 392 -17.67 37.91 56.73
N THR A 393 -18.70 38.48 56.10
CA THR A 393 -19.51 37.71 55.13
C THR A 393 -18.93 37.71 53.72
N GLU A 394 -19.10 36.60 53.01
CA GLU A 394 -18.71 36.45 51.59
C GLU A 394 -18.97 37.76 50.85
N ARG A 395 -20.16 38.29 51.02
CA ARG A 395 -20.57 39.50 50.32
C ARG A 395 -19.80 40.69 50.69
N ASP A 396 -19.53 40.85 51.99
CA ASP A 396 -18.80 42.00 52.49
C ASP A 396 -17.40 42.04 51.89
N LEU A 397 -16.78 40.86 51.84
CA LEU A 397 -15.48 40.72 51.24
C LEU A 397 -15.40 41.04 49.79
N VAL A 398 -16.37 40.62 49.00
CA VAL A 398 -16.27 40.72 47.56
C VAL A 398 -16.73 42.06 46.98
N MET A 399 -17.68 42.71 47.64
CA MET A 399 -18.26 43.89 47.03
C MET A 399 -17.31 45.07 46.92
N PRO A 400 -16.62 45.43 48.01
CA PRO A 400 -15.76 46.62 47.89
C PRO A 400 -14.70 46.47 46.76
N VAL A 401 -14.29 45.23 46.50
CA VAL A 401 -13.32 44.90 45.46
C VAL A 401 -13.91 45.09 44.10
N LEU A 402 -15.01 44.42 43.84
CA LEU A 402 -15.59 44.42 42.51
C LEU A 402 -15.93 45.83 42.08
N LYS A 403 -16.34 46.65 43.05
CA LYS A 403 -16.73 48.04 42.83
C LYS A 403 -15.55 48.96 42.71
N LEU A 404 -14.54 48.74 43.54
CA LEU A 404 -13.28 49.47 43.36
C LEU A 404 -12.71 49.24 41.97
N PHE A 405 -12.65 47.99 41.54
CA PHE A 405 -12.06 47.68 40.26
C PHE A 405 -12.76 48.37 39.13
N LYS A 406 -14.08 48.47 39.23
CA LYS A 406 -14.84 49.14 38.20
C LYS A 406 -14.56 50.65 38.21
N GLU A 407 -14.52 51.19 39.43
CA GLU A 407 -14.16 52.56 39.65
C GLU A 407 -12.78 52.75 39.02
N GLU A 408 -11.82 51.90 39.34
CA GLU A 408 -10.49 52.09 38.76
C GLU A 408 -10.44 51.96 37.21
N TRP A 409 -11.02 50.92 36.65
CA TRP A 409 -11.00 50.75 35.20
C TRP A 409 -11.59 51.92 34.48
N HIS A 410 -12.55 52.58 35.09
CA HIS A 410 -13.21 53.69 34.44
C HIS A 410 -12.31 54.93 34.43
N LYS A 411 -11.45 55.06 35.45
CA LYS A 411 -10.42 56.11 35.47
C LYS A 411 -9.38 55.92 34.36
N LEU A 412 -9.02 54.67 34.09
CA LEU A 412 -8.20 54.32 32.96
C LEU A 412 -8.81 54.86 31.66
N GLU A 413 -10.02 54.41 31.32
CA GLU A 413 -10.71 54.92 30.13
C GLU A 413 -10.74 56.49 30.04
N CYS A 414 -10.88 57.16 31.16
CA CYS A 414 -10.97 58.62 31.15
C CYS A 414 -9.62 59.29 30.96
N GLU A 415 -8.54 58.63 31.36
CA GLU A 415 -7.19 59.13 31.05
C GLU A 415 -6.91 58.92 29.57
N VAL A 416 -7.20 57.75 29.07
CA VAL A 416 -7.03 57.46 27.69
C VAL A 416 -7.83 58.39 26.84
N GLY A 417 -9.07 58.59 27.20
CA GLY A 417 -9.94 59.44 26.41
C GLY A 417 -9.50 60.85 26.41
N GLY A 418 -9.07 61.29 27.56
CA GLY A 418 -8.62 62.64 27.77
C GLY A 418 -7.42 63.12 26.99
N GLY A 419 -6.47 62.24 26.75
CA GLY A 419 -5.26 62.65 26.09
C GLY A 419 -4.05 62.21 26.87
N ALA A 420 -4.08 60.98 27.31
CA ALA A 420 -2.98 60.37 28.03
C ALA A 420 -2.97 58.89 27.71
N VAL A 421 -2.38 58.14 28.62
CA VAL A 421 -2.30 56.69 28.60
C VAL A 421 -2.51 55.89 27.30
N SER A 435 -6.35 54.33 14.43
CA SER A 435 -6.90 54.61 15.76
C SER A 435 -7.16 56.13 16.03
N SER A 436 -8.41 56.42 16.40
CA SER A 436 -8.84 57.74 16.87
C SER A 436 -9.17 57.75 18.36
N LEU A 437 -10.06 58.68 18.77
CA LEU A 437 -10.77 58.51 20.04
C LEU A 437 -11.48 57.17 20.06
N GLN A 438 -12.26 56.88 19.02
CA GLN A 438 -13.03 55.62 18.96
C GLN A 438 -12.08 54.44 18.98
N GLY A 439 -10.95 54.58 18.29
CA GLY A 439 -9.96 53.52 18.27
C GLY A 439 -9.36 53.28 19.63
N LYS A 440 -8.74 54.32 20.16
CA LYS A 440 -8.16 54.24 21.46
C LYS A 440 -9.14 53.59 22.41
N LEU A 441 -10.37 54.12 22.48
CA LEU A 441 -11.36 53.63 23.48
C LEU A 441 -11.86 52.24 23.23
N GLN A 442 -11.89 51.79 21.99
CA GLN A 442 -12.25 50.43 21.76
C GLN A 442 -11.19 49.51 22.29
N LYS A 443 -9.93 49.83 22.02
CA LYS A 443 -8.83 49.00 22.49
C LYS A 443 -8.91 48.78 24.00
N VAL A 444 -9.11 49.85 24.76
CA VAL A 444 -9.22 49.69 26.20
C VAL A 444 -10.29 48.66 26.56
N ARG A 445 -11.45 48.72 25.95
CA ARG A 445 -12.49 47.83 26.40
C ARG A 445 -12.21 46.39 26.01
N ASP A 446 -11.64 46.20 24.83
CA ASP A 446 -11.16 44.86 24.46
C ASP A 446 -10.06 44.37 25.43
N ALA A 447 -9.28 45.30 26.00
CA ALA A 447 -8.23 44.92 26.96
C ALA A 447 -8.76 44.45 28.29
N LYS A 448 -9.87 45.05 28.73
CA LYS A 448 -10.44 44.77 30.06
C LYS A 448 -10.69 43.31 30.24
N PRO A 449 -10.21 42.73 31.35
CA PRO A 449 -10.45 41.34 31.65
C PRO A 449 -11.91 40.98 31.92
N ILE A 450 -12.33 39.81 31.48
CA ILE A 450 -13.64 39.26 31.83
C ILE A 450 -13.62 38.99 33.35
N ILE A 451 -14.77 39.15 34.03
CA ILE A 451 -14.82 38.89 35.47
C ILE A 451 -15.76 37.75 35.79
N SER A 452 -15.26 36.69 36.40
CA SER A 452 -16.11 35.58 36.80
C SER A 452 -16.21 35.61 38.31
N ILE A 453 -17.39 35.30 38.85
CA ILE A 453 -17.58 35.32 40.29
C ILE A 453 -17.97 33.93 40.76
N ASP A 454 -17.18 33.46 41.72
CA ASP A 454 -17.25 32.09 42.20
C ASP A 454 -18.11 32.02 43.48
N THR A 455 -19.38 31.68 43.33
CA THR A 455 -20.35 31.70 44.43
C THR A 455 -21.55 30.90 44.05
N VAL A 456 -22.28 30.41 45.05
CA VAL A 456 -23.58 29.78 44.84
C VAL A 456 -24.72 30.55 45.48
N ASN A 457 -24.54 31.86 45.68
CA ASN A 457 -25.47 32.69 46.48
C ASN A 457 -26.36 33.60 45.61
N TYR A 458 -27.63 33.27 45.54
CA TYR A 458 -28.54 34.13 44.81
C TYR A 458 -28.38 35.61 45.16
N ASP A 459 -28.44 35.97 46.44
CA ASP A 459 -28.38 37.36 46.83
C ASP A 459 -27.08 38.05 46.34
N LEU A 460 -25.95 37.38 46.46
CA LEU A 460 -24.71 37.97 45.93
C LEU A 460 -24.71 38.13 44.40
N PHE A 461 -25.09 37.11 43.66
CA PHE A 461 -25.09 37.25 42.21
C PHE A 461 -26.11 38.30 41.76
N LYS A 462 -27.21 38.40 42.47
CA LYS A 462 -28.21 39.41 42.19
C LYS A 462 -27.55 40.76 42.26
N GLU A 463 -26.81 40.99 43.34
CA GLU A 463 -26.22 42.28 43.55
C GLU A 463 -25.18 42.55 42.47
N CYS A 464 -24.32 41.56 42.21
CA CYS A 464 -23.26 41.68 41.22
C CYS A 464 -23.79 42.09 39.88
N VAL A 465 -24.72 41.29 39.36
CA VAL A 465 -25.33 41.55 38.08
C VAL A 465 -26.02 42.90 38.07
N GLU A 466 -26.77 43.22 39.12
CA GLU A 466 -27.50 44.48 39.17
C GLU A 466 -26.61 45.71 38.94
N GLY A 467 -25.40 45.69 39.50
CA GLY A 467 -24.39 46.76 39.35
C GLY A 467 -23.41 46.62 38.19
N GLU A 468 -23.65 45.63 37.33
CA GLU A 468 -22.78 45.40 36.17
C GLU A 468 -21.35 45.23 36.65
N LEU A 469 -21.15 44.27 37.53
CA LEU A 469 -19.90 44.10 38.22
C LEU A 469 -19.24 42.85 37.77
N VAL A 470 -20.01 41.93 37.18
CA VAL A 470 -19.45 40.68 36.71
C VAL A 470 -19.96 40.29 35.33
N ASP A 471 -19.29 39.30 34.75
CA ASP A 471 -19.61 38.72 33.47
C ASP A 471 -19.86 37.20 33.50
N ILE A 472 -19.49 36.48 34.55
CA ILE A 472 -19.64 35.01 34.54
C ILE A 472 -19.93 34.44 35.91
N LEU A 473 -20.89 33.54 36.01
CA LEU A 473 -21.14 32.86 37.26
C LEU A 473 -20.37 31.58 37.22
N ASN A 474 -19.55 31.38 38.23
CA ASN A 474 -18.83 30.14 38.38
C ASN A 474 -19.38 29.41 39.59
N ASP A 475 -20.35 28.54 39.32
CA ASP A 475 -21.18 27.89 40.32
C ASP A 475 -20.70 26.49 40.51
N ILE A 476 -20.08 26.25 41.63
CA ILE A 476 -19.45 24.96 41.83
C ILE A 476 -20.46 23.85 42.12
N SER A 477 -21.73 24.21 42.30
CA SER A 477 -22.78 23.22 42.57
C SER A 477 -23.62 22.91 41.32
N ALA A 478 -23.13 23.31 40.16
CA ALA A 478 -23.90 23.22 38.91
C ALA A 478 -25.31 23.85 38.99
N CYS A 479 -25.40 24.94 39.76
CA CYS A 479 -26.64 25.66 39.99
C CYS A 479 -27.69 24.78 40.70
N THR A 480 -27.25 24.00 41.70
CA THR A 480 -28.17 23.13 42.42
C THR A 480 -28.34 23.57 43.85
N HIS A 481 -27.38 24.28 44.39
CA HIS A 481 -27.56 24.87 45.69
C HIS A 481 -28.79 25.76 45.74
N ASN A 482 -29.06 26.49 44.66
CA ASN A 482 -30.21 27.37 44.54
C ASN A 482 -30.57 27.58 43.07
N PRO A 483 -31.40 26.69 42.49
CA PRO A 483 -31.70 26.75 41.06
C PRO A 483 -32.22 28.06 40.59
N GLU A 484 -32.71 28.88 41.53
CA GLU A 484 -33.26 30.20 41.22
C GLU A 484 -32.28 31.11 40.57
N ILE A 485 -30.99 30.88 40.81
CA ILE A 485 -29.92 31.73 40.32
C ILE A 485 -29.84 31.75 38.79
N ILE A 486 -30.33 30.70 38.17
CA ILE A 486 -30.48 30.63 36.72
C ILE A 486 -31.27 31.80 36.10
N LYS A 487 -32.29 32.32 36.78
CA LYS A 487 -33.14 33.40 36.22
C LYS A 487 -32.37 34.71 36.11
N LEU A 488 -31.26 34.75 36.85
CA LEU A 488 -30.33 35.88 36.88
C LEU A 488 -29.28 35.85 35.78
N LEU A 489 -29.20 34.72 35.07
CA LEU A 489 -28.33 34.60 33.91
C LEU A 489 -28.87 35.30 32.67
N ARG A 490 -30.10 35.77 32.73
CA ARG A 490 -30.69 36.36 31.56
C ARG A 490 -31.55 37.52 32.02
N ARG A 491 -31.09 38.75 31.87
CA ARG A 491 -31.79 39.94 32.36
C ARG A 491 -32.02 40.97 31.29
N LYS A 492 -33.21 40.99 30.76
CA LYS A 492 -33.53 41.75 29.56
C LYS A 492 -32.50 41.45 28.39
N ASN A 493 -31.94 42.55 27.89
CA ASN A 493 -31.03 42.48 26.81
C ASN A 493 -29.83 41.60 27.19
N LYS A 494 -29.42 41.69 28.48
CA LYS A 494 -28.11 41.18 28.99
C LYS A 494 -28.11 39.70 29.42
N PHE A 495 -27.24 38.92 28.78
CA PHE A 495 -27.06 37.48 29.07
C PHE A 495 -25.74 37.23 29.78
N TYR A 496 -25.62 36.08 30.44
CA TYR A 496 -24.47 35.82 31.29
C TYR A 496 -24.02 34.41 31.11
N SER A 497 -22.72 34.18 31.08
CA SER A 497 -22.22 32.83 30.89
C SER A 497 -22.04 32.20 32.24
N VAL A 498 -22.06 30.88 32.26
CA VAL A 498 -22.07 30.16 33.50
C VAL A 498 -21.26 28.89 33.35
N VAL A 499 -20.60 28.50 34.46
CA VAL A 499 -19.64 27.39 34.55
C VAL A 499 -20.23 26.36 35.51
N LEU A 500 -20.63 25.22 34.97
CA LEU A 500 -21.22 24.16 35.78
C LEU A 500 -20.20 23.11 36.21
N MET A 501 -19.86 23.08 37.49
CA MET A 501 -18.86 22.17 37.97
C MET A 501 -19.44 21.00 38.75
N HIS A 502 -18.85 19.82 38.60
CA HIS A 502 -19.25 18.68 39.38
C HIS A 502 -18.61 18.58 40.75
N LYS A 503 -19.40 18.66 41.81
CA LYS A 503 -18.97 18.18 43.13
C LYS A 503 -20.04 17.32 43.81
N ARG A 504 -19.68 16.67 44.91
CA ARG A 504 -20.63 16.00 45.81
C ARG A 504 -20.26 16.43 47.20
N GLY A 505 -21.25 16.79 48.00
CA GLY A 505 -21.01 17.02 49.39
C GLY A 505 -20.55 18.42 49.61
N ASN A 506 -19.82 18.61 50.69
CA ASN A 506 -19.33 19.92 51.05
C ASN A 506 -17.85 19.79 51.51
N PRO A 507 -17.19 20.89 51.86
CA PRO A 507 -15.76 20.75 52.18
C PRO A 507 -15.40 19.67 53.20
N HIS A 508 -16.34 19.30 54.07
CA HIS A 508 -16.05 18.38 55.17
C HIS A 508 -16.42 16.94 54.93
N THR A 509 -17.17 16.69 53.85
CA THR A 509 -17.67 15.37 53.52
C THR A 509 -17.34 14.96 52.10
N MET A 510 -16.88 15.90 51.26
CA MET A 510 -16.62 15.58 49.84
C MET A 510 -15.69 14.37 49.79
N ASP A 511 -14.59 14.42 50.55
CA ASP A 511 -13.59 13.36 50.51
C ASP A 511 -14.13 11.97 50.79
N LYS A 512 -15.30 11.89 51.41
CA LYS A 512 -15.91 10.61 51.81
C LYS A 512 -16.87 10.04 50.77
N LEU A 513 -17.06 10.76 49.66
CA LEU A 513 -18.15 10.46 48.72
C LEU A 513 -17.64 10.06 47.33
N THR A 514 -16.81 9.03 47.32
CA THR A 514 -15.97 8.71 46.15
C THR A 514 -16.27 7.33 45.57
N ASN A 515 -17.53 6.89 45.71
CA ASN A 515 -17.97 5.69 45.05
C ASN A 515 -18.73 6.11 43.84
N TYR A 516 -18.15 5.81 42.67
CA TYR A 516 -18.85 5.94 41.40
C TYR A 516 -18.99 4.53 40.77
N ASP A 517 -20.14 4.32 40.13
CA ASP A 517 -20.35 3.14 39.28
C ASP A 517 -19.44 3.21 38.08
N ASP A 518 -19.32 4.42 37.53
CA ASP A 518 -18.54 4.68 36.33
C ASP A 518 -18.10 6.15 36.29
N LEU A 519 -16.95 6.39 36.89
CA LEU A 519 -16.49 7.74 37.13
C LEU A 519 -16.58 8.63 35.91
N ILE A 520 -15.93 8.23 34.82
CA ILE A 520 -15.83 9.14 33.69
C ILE A 520 -17.18 9.45 33.11
N SER A 521 -17.96 8.42 32.87
CA SER A 521 -19.29 8.57 32.24
C SER A 521 -20.39 9.18 33.18
N ASP A 522 -20.31 8.93 34.49
CA ASP A 522 -21.30 9.48 35.44
C ASP A 522 -21.20 11.00 35.57
N ILE A 523 -19.98 11.50 35.78
CA ILE A 523 -19.71 12.94 35.77
C ILE A 523 -20.15 13.60 34.45
N LYS A 524 -19.91 12.96 33.30
CA LYS A 524 -20.34 13.57 32.04
C LYS A 524 -21.85 13.59 31.89
N ARG A 525 -22.54 12.54 32.34
CA ARG A 525 -24.02 12.55 32.38
C ARG A 525 -24.60 13.68 33.19
N TYR A 526 -24.01 13.84 34.38
CA TYR A 526 -24.43 14.84 35.32
C TYR A 526 -24.35 16.18 34.64
N LEU A 527 -23.25 16.46 33.95
CA LEU A 527 -23.06 17.77 33.46
C LEU A 527 -24.04 17.99 32.34
N GLU A 528 -24.25 16.96 31.53
CA GLU A 528 -25.20 17.07 30.40
C GLU A 528 -26.70 17.29 30.84
N ASP A 529 -27.06 16.71 31.99
CA ASP A 529 -28.40 16.87 32.56
C ASP A 529 -28.52 18.30 33.05
N ARG A 530 -27.46 18.83 33.63
CA ARG A 530 -27.48 20.20 34.12
C ARG A 530 -27.55 21.19 32.96
N LEU A 531 -26.86 20.89 31.87
CA LEU A 531 -27.01 21.65 30.62
C LEU A 531 -28.45 21.60 30.06
N HIS A 532 -29.08 20.44 30.04
CA HIS A 532 -30.43 20.38 29.50
C HIS A 532 -31.38 21.20 30.37
N PHE A 533 -31.19 21.19 31.68
CA PHE A 533 -32.05 21.97 32.53
C PHE A 533 -31.92 23.47 32.29
N LEU A 534 -30.72 23.98 32.02
CA LEU A 534 -30.53 25.44 31.86
C LEU A 534 -31.01 25.91 30.51
N VAL A 535 -30.79 25.09 29.50
CA VAL A 535 -31.21 25.44 28.16
C VAL A 535 -32.75 25.42 28.08
N LEU A 536 -33.39 24.52 28.83
CA LEU A 536 -34.83 24.45 28.89
C LEU A 536 -35.36 25.74 29.51
N ASN A 537 -34.63 26.27 30.49
CA ASN A 537 -35.01 27.48 31.16
C ASN A 537 -34.39 28.74 30.55
N GLY A 538 -33.93 28.59 29.30
CA GLY A 538 -33.74 29.73 28.37
C GLY A 538 -32.38 30.37 28.34
N VAL A 539 -31.45 29.75 29.05
CA VAL A 539 -30.02 30.05 28.93
C VAL A 539 -29.43 29.51 27.60
N PRO A 540 -28.66 30.33 26.89
CA PRO A 540 -28.10 29.88 25.62
C PRO A 540 -27.01 28.82 25.80
N ARG A 541 -27.09 27.73 25.03
CA ARG A 541 -26.16 26.63 25.14
C ARG A 541 -24.70 27.03 24.82
N TYR A 542 -24.52 28.04 23.98
CA TYR A 542 -23.18 28.51 23.68
C TYR A 542 -22.56 29.25 24.83
N ARG A 543 -23.31 29.49 25.90
CA ARG A 543 -22.76 30.13 27.06
C ARG A 543 -22.60 29.20 28.24
N VAL A 544 -22.82 27.92 28.07
CA VAL A 544 -22.74 27.03 29.22
C VAL A 544 -21.50 26.24 29.14
N LEU A 545 -20.64 26.32 30.17
CA LEU A 545 -19.34 25.67 30.17
C LEU A 545 -19.24 24.57 31.17
N PHE A 546 -18.58 23.49 30.78
CA PHE A 546 -18.33 22.36 31.68
C PHE A 546 -17.01 22.39 32.50
N ASP A 547 -17.09 21.79 33.68
CA ASP A 547 -15.95 21.59 34.54
C ASP A 547 -16.12 20.33 35.31
N VAL A 548 -15.19 19.43 35.29
CA VAL A 548 -15.32 18.17 36.00
C VAL A 548 -14.99 18.24 37.48
N GLY A 549 -14.54 19.36 37.96
CA GLY A 549 -14.22 19.52 39.35
C GLY A 549 -13.17 18.65 39.96
N LEU A 550 -11.93 18.92 39.62
CA LEU A 550 -10.86 18.13 40.12
C LEU A 550 -10.65 18.32 41.60
N GLY A 551 -10.48 17.22 42.31
CA GLY A 551 -10.28 17.22 43.75
C GLY A 551 -11.55 17.31 44.58
N PHE A 552 -12.70 17.59 43.96
CA PHE A 552 -13.98 17.72 44.70
C PHE A 552 -14.75 16.41 44.67
N ALA A 553 -14.64 15.64 45.72
CA ALA A 553 -15.33 14.35 45.80
C ALA A 553 -14.77 13.35 44.78
N LYS A 554 -13.44 13.42 44.63
CA LYS A 554 -12.63 12.43 43.93
C LYS A 554 -11.38 12.10 44.73
N LYS A 555 -11.05 10.80 44.83
CA LYS A 555 -9.71 10.40 45.28
C LYS A 555 -8.74 10.89 44.26
N HIS A 556 -7.49 10.93 44.64
CA HIS A 556 -6.44 11.34 43.74
C HIS A 556 -6.27 10.53 42.41
N ASP A 557 -6.29 9.19 42.48
CA ASP A 557 -6.35 8.37 41.25
C ASP A 557 -7.51 8.79 40.34
N GLN A 558 -8.66 9.16 40.91
CA GLN A 558 -9.88 9.56 40.16
C GLN A 558 -9.78 10.93 39.48
N SER A 559 -9.06 11.84 40.11
CA SER A 559 -8.80 13.14 39.49
C SER A 559 -7.93 12.91 38.27
N ILE A 560 -6.92 12.06 38.41
CA ILE A 560 -5.97 11.76 37.32
C ILE A 560 -6.73 11.15 36.18
N LYS A 561 -7.50 10.12 36.50
CA LYS A 561 -8.32 9.43 35.52
C LYS A 561 -9.21 10.37 34.74
N LEU A 562 -9.84 11.31 35.42
CA LEU A 562 -10.65 12.32 34.74
C LEU A 562 -9.87 13.09 33.72
N LEU A 563 -8.61 13.37 34.04
CA LEU A 563 -7.69 14.03 33.11
C LEU A 563 -7.35 13.14 31.91
N GLN A 564 -7.10 11.87 32.21
CA GLN A 564 -6.81 10.85 31.22
C GLN A 564 -7.94 10.74 30.21
N HIS A 565 -9.19 10.78 30.65
CA HIS A 565 -10.26 10.64 29.68
C HIS A 565 -10.97 11.95 29.36
N ILE A 566 -10.22 13.05 29.43
CA ILE A 566 -10.80 14.34 29.14
C ILE A 566 -11.26 14.50 27.68
N HIS A 567 -10.98 13.54 26.84
CA HIS A 567 -11.37 13.66 25.43
C HIS A 567 -12.89 13.54 25.26
N VAL A 568 -13.57 12.89 26.18
CA VAL A 568 -15.03 12.86 26.12
C VAL A 568 -15.65 14.28 26.14
N TYR A 569 -14.91 15.31 26.54
CA TYR A 569 -15.43 16.66 26.47
C TYR A 569 -15.00 17.34 25.19
N ASP A 570 -14.53 16.54 24.22
CA ASP A 570 -14.10 17.04 22.88
C ASP A 570 -15.15 17.81 22.10
N GLU A 571 -16.44 17.64 22.41
CA GLU A 571 -17.51 18.38 21.75
C GLU A 571 -17.95 19.64 22.54
N TYR A 572 -17.55 19.76 23.80
CA TYR A 572 -18.10 20.85 24.62
C TYR A 572 -17.07 21.86 25.08
N PRO A 573 -17.49 23.08 25.37
CA PRO A 573 -16.58 24.00 26.06
C PRO A 573 -16.22 23.53 27.47
N LEU A 574 -14.93 23.56 27.78
CA LEU A 574 -14.37 22.91 28.94
C LEU A 574 -13.52 23.85 29.76
N PHE A 575 -13.76 23.84 31.07
CA PHE A 575 -13.09 24.69 32.05
C PHE A 575 -12.45 23.75 33.11
N LEU A 576 -11.13 23.83 33.32
CA LEU A 576 -10.48 23.07 34.42
C LEU A 576 -9.80 23.94 35.43
N GLY A 577 -9.74 23.42 36.67
CA GLY A 577 -8.96 24.01 37.74
C GLY A 577 -8.15 22.97 38.51
N TYR A 578 -6.92 22.76 38.11
CA TYR A 578 -6.05 21.86 38.84
C TYR A 578 -5.21 22.58 39.90
N SER A 579 -5.07 23.88 39.72
CA SER A 579 -4.01 24.64 40.36
C SER A 579 -3.86 24.48 41.87
N ARG A 580 -2.62 24.15 42.23
CA ARG A 580 -2.18 23.85 43.60
C ARG A 580 -2.92 22.74 44.35
N LYS A 581 -3.82 22.00 43.69
CA LYS A 581 -4.56 20.92 44.37
C LYS A 581 -3.66 19.78 44.81
N ARG A 582 -4.19 18.93 45.69
CA ARG A 582 -3.40 17.87 46.37
C ARG A 582 -2.87 16.77 45.42
N PHE A 583 -3.70 16.45 44.43
CA PHE A 583 -3.53 15.28 43.58
C PHE A 583 -2.31 15.44 42.73
N ILE A 584 -1.89 16.67 42.51
CA ILE A 584 -0.67 16.95 41.75
C ILE A 584 0.55 16.31 42.39
N VAL A 585 0.77 16.64 43.65
CA VAL A 585 1.91 16.14 44.40
C VAL A 585 1.83 14.62 44.68
N HIS A 586 0.64 14.04 44.58
CA HIS A 586 0.42 12.58 44.74
C HIS A 586 1.06 11.74 43.61
N CYS A 587 1.30 12.40 42.47
CA CYS A 587 1.92 11.80 41.27
C CYS A 587 3.40 11.44 41.50
N MET A 588 4.03 12.07 42.48
CA MET A 588 5.44 11.94 42.72
C MET A 588 5.64 11.07 43.97
N TRP A 658 18.83 34.40 38.57
CA TRP A 658 18.18 33.19 38.06
C TRP A 658 17.87 32.14 39.17
N ARG A 659 16.66 32.22 39.74
CA ARG A 659 16.13 31.22 40.70
C ARG A 659 14.67 31.07 40.43
N PHE A 660 14.00 30.07 41.03
CA PHE A 660 12.51 29.96 40.93
C PHE A 660 11.98 30.53 42.21
N LYS A 661 11.07 31.48 42.02
CA LYS A 661 10.32 32.05 43.10
C LYS A 661 8.84 31.74 42.83
N MET A 662 8.15 31.24 43.85
CA MET A 662 6.70 31.29 43.84
C MET A 662 6.35 32.75 44.16
N SER A 663 5.12 33.12 43.81
CA SER A 663 4.56 34.39 44.24
C SER A 663 3.15 34.13 44.70
N HIS A 664 2.64 35.03 45.55
CA HIS A 664 1.24 34.97 45.99
C HIS A 664 0.89 33.56 46.58
N MET A 665 1.77 33.17 47.52
CA MET A 665 1.81 31.86 48.17
C MET A 665 1.97 32.15 49.68
N ARG A 666 0.99 31.74 50.48
CA ARG A 666 1.03 31.90 51.96
C ARG A 666 2.39 31.48 52.51
N GLN A 667 2.98 32.29 53.40
CA GLN A 667 4.25 31.89 54.07
C GLN A 667 4.08 30.74 55.08
N ASP A 668 2.83 30.30 55.25
CA ASP A 668 2.41 29.37 56.31
C ASP A 668 2.71 27.89 55.96
N LYS A 669 2.38 27.51 54.70
CA LYS A 669 2.46 26.12 54.16
C LYS A 669 3.89 25.72 53.67
N ASP A 670 4.01 24.48 53.16
CA ASP A 670 5.31 23.93 52.78
C ASP A 670 5.88 24.59 51.47
N GLN A 671 7.01 25.29 51.63
CA GLN A 671 7.59 26.14 50.57
C GLN A 671 8.26 25.29 49.48
N LEU A 672 9.08 24.34 49.92
CA LEU A 672 9.66 23.34 49.04
C LEU A 672 8.62 22.48 48.27
N LEU A 673 7.60 21.97 48.97
CA LEU A 673 6.57 21.11 48.34
C LEU A 673 5.71 21.88 47.33
N TYR A 674 5.42 23.15 47.60
CA TYR A 674 4.57 23.92 46.70
C TYR A 674 5.36 24.41 45.49
N GLN A 675 6.69 24.47 45.60
CA GLN A 675 7.51 24.55 44.40
C GLN A 675 7.21 23.40 43.45
N LYS A 676 7.15 22.20 44.01
CA LYS A 676 6.81 21.05 43.23
C LYS A 676 5.35 21.02 42.82
N ASN A 677 4.47 21.57 43.62
CA ASN A 677 3.05 21.52 43.24
C ASN A 677 2.74 22.50 42.13
N ILE A 678 3.34 23.68 42.22
CA ILE A 678 3.20 24.67 41.17
C ILE A 678 3.77 24.19 39.82
N CYS A 679 4.97 23.62 39.81
CA CYS A 679 5.60 23.11 38.56
C CYS A 679 4.91 21.88 37.96
N GLY A 680 4.31 21.03 38.81
CA GLY A 680 3.39 20.02 38.30
C GLY A 680 2.14 20.66 37.68
N GLY A 681 1.67 21.73 38.30
CA GLY A 681 0.67 22.57 37.68
C GLY A 681 1.00 22.82 36.23
N LEU A 682 2.22 23.26 35.97
CA LEU A 682 2.65 23.64 34.63
C LEU A 682 2.64 22.44 33.66
N ALA A 683 2.77 21.25 34.19
CA ALA A 683 2.68 20.03 33.40
C ALA A 683 1.25 19.77 32.92
N ILE A 684 0.29 19.97 33.79
CA ILE A 684 -1.09 19.87 33.38
C ILE A 684 -1.41 21.00 32.40
N ALA A 685 -0.81 22.15 32.61
CA ALA A 685 -1.03 23.25 31.72
C ALA A 685 -0.62 22.91 30.30
N SER A 686 0.54 22.24 30.18
CA SER A 686 1.03 21.67 28.92
C SER A 686 0.11 20.62 28.36
N TYR A 687 -0.16 19.60 29.17
CA TYR A 687 -1.19 18.60 28.85
C TYR A 687 -2.54 19.17 28.35
N SER A 688 -3.01 20.19 29.06
CA SER A 688 -4.20 20.92 28.69
C SER A 688 -4.06 21.56 27.33
N PHE A 689 -2.97 22.28 27.09
CA PHE A 689 -2.69 22.81 25.74
C PHE A 689 -2.82 21.73 24.65
N TYR A 690 -2.30 20.54 24.90
CA TYR A 690 -2.34 19.49 23.89
C TYR A 690 -3.72 18.88 23.68
N LYS A 691 -4.48 18.72 24.77
CA LYS A 691 -5.84 18.19 24.71
C LYS A 691 -6.91 19.19 24.27
N LYS A 692 -6.54 20.47 24.24
CA LYS A 692 -7.33 21.58 23.69
C LYS A 692 -8.38 22.18 24.62
N VAL A 693 -8.20 21.97 25.92
CA VAL A 693 -8.99 22.62 26.98
C VAL A 693 -9.17 24.11 26.71
N ASP A 694 -10.35 24.62 27.01
CA ASP A 694 -10.69 25.98 26.64
C ASP A 694 -10.22 27.00 27.66
N LEU A 695 -10.46 26.67 28.93
CA LEU A 695 -9.99 27.48 30.05
C LEU A 695 -9.35 26.64 31.13
N ILE A 696 -8.20 27.12 31.59
CA ILE A 696 -7.58 26.66 32.82
C ILE A 696 -7.52 27.78 33.87
N ARG A 697 -7.71 27.38 35.13
CA ARG A 697 -7.91 28.29 36.23
C ARG A 697 -6.75 28.09 37.15
N VAL A 698 -5.97 29.14 37.35
CA VAL A 698 -4.65 29.01 37.98
C VAL A 698 -4.32 30.18 38.87
N HIS A 699 -3.45 29.93 39.84
CA HIS A 699 -2.87 30.98 40.68
C HIS A 699 -1.69 31.63 39.99
N ASP A 700 -0.92 30.82 39.32
CA ASP A 700 0.31 31.23 38.71
C ASP A 700 0.09 31.58 37.29
N VAL A 701 -0.32 32.82 37.08
CA VAL A 701 -0.69 33.30 35.74
C VAL A 701 0.58 33.53 34.89
N LEU A 702 1.58 34.23 35.45
CA LEU A 702 2.81 34.54 34.75
C LEU A 702 3.51 33.33 34.18
N GLU A 703 3.47 32.29 34.96
CA GLU A 703 4.19 31.11 34.68
C GLU A 703 3.38 30.35 33.70
N THR A 704 2.15 29.98 34.04
CA THR A 704 1.29 29.28 33.11
C THR A 704 1.30 29.96 31.76
N LYS A 705 1.19 31.28 31.72
CA LYS A 705 1.31 32.02 30.46
C LYS A 705 2.62 31.76 29.69
N ALA A 706 3.72 31.74 30.42
CA ALA A 706 5.03 31.45 29.84
C ALA A 706 5.02 30.10 29.11
N VAL A 707 4.48 29.08 29.76
CA VAL A 707 4.40 27.78 29.17
C VAL A 707 3.51 27.84 27.96
N LEU A 708 2.37 28.49 28.05
CA LEU A 708 1.50 28.48 26.92
C LEU A 708 2.07 29.20 25.72
N ASP A 709 2.89 30.23 25.95
CA ASP A 709 3.46 31.04 24.84
C ASP A 709 4.40 30.20 23.98
N VAL A 710 5.32 29.53 24.67
CA VAL A 710 6.35 28.71 24.08
C VAL A 710 5.75 27.56 23.30
N LEU A 711 4.81 26.84 23.91
CA LEU A 711 4.10 25.76 23.23
C LEU A 711 3.40 26.27 22.01
N THR A 712 2.82 27.46 22.12
CA THR A 712 2.12 28.09 21.00
C THR A 712 3.09 28.36 19.86
N ARG A 713 4.21 28.97 20.22
CA ARG A 713 5.27 29.25 19.28
C ARG A 713 5.71 27.97 18.62
N ILE A 714 6.01 26.92 19.39
CA ILE A 714 6.52 25.67 18.77
C ILE A 714 5.53 25.07 17.76
N HIS A 715 4.24 25.36 17.90
CA HIS A 715 3.24 24.71 17.05
C HIS A 715 2.66 25.56 15.92
N GLN A 716 3.36 26.60 15.48
CA GLN A 716 2.95 27.35 14.28
C GLN A 716 3.66 26.75 13.07
N PRO B 11 47.16 -7.56 1.91
CA PRO B 11 45.84 -6.98 2.22
C PRO B 11 45.07 -7.65 3.35
N ARG B 12 44.47 -6.82 4.21
CA ARG B 12 43.65 -7.31 5.33
C ARG B 12 42.28 -7.81 4.85
N ASN B 13 41.77 -8.81 5.56
CA ASN B 13 40.41 -9.32 5.33
C ASN B 13 39.35 -8.56 6.11
N ILE B 14 38.09 -8.87 5.84
CA ILE B 14 36.96 -8.25 6.51
C ILE B 14 36.09 -9.39 7.03
N ALA B 15 35.85 -9.42 8.33
CA ALA B 15 34.91 -10.37 8.89
C ALA B 15 33.79 -9.58 9.53
N VAL B 16 32.59 -10.15 9.51
CA VAL B 16 31.47 -9.55 10.21
C VAL B 16 30.99 -10.53 11.24
N LEU B 17 30.96 -10.09 12.49
CA LEU B 17 30.67 -10.98 13.59
C LEU B 17 29.42 -10.61 14.29
N ASN B 18 28.91 -11.55 15.07
CA ASN B 18 27.67 -11.38 15.79
C ASN B 18 27.90 -11.71 17.25
N PHE B 19 27.49 -10.85 18.17
CA PHE B 19 27.71 -11.12 19.60
C PHE B 19 26.43 -11.30 20.39
N GLY B 20 26.36 -12.35 21.21
CA GLY B 20 25.12 -12.67 21.92
C GLY B 20 25.24 -12.97 23.41
N THR B 21 24.31 -12.44 24.20
CA THR B 21 24.24 -12.78 25.63
C THR B 21 22.76 -12.93 26.06
N ASN B 22 22.55 -13.52 27.23
CA ASN B 22 21.21 -13.55 27.84
C ASN B 22 21.11 -12.73 29.10
N ASP B 23 22.23 -12.28 29.63
CA ASP B 23 22.30 -11.56 30.90
C ASP B 23 22.05 -10.07 30.71
N LYS B 24 20.88 -9.57 31.16
CA LYS B 24 20.54 -8.15 31.05
C LYS B 24 21.30 -7.27 32.05
N LYS B 25 21.28 -7.71 33.31
CA LYS B 25 22.00 -6.99 34.35
C LYS B 25 23.41 -6.59 33.89
N ASN B 26 24.16 -7.59 33.42
CA ASN B 26 25.59 -7.46 33.11
C ASN B 26 25.86 -7.35 31.60
N CYS B 27 24.81 -7.34 30.81
CA CYS B 27 24.86 -7.23 29.34
C CYS B 27 25.97 -6.40 28.69
N VAL B 28 26.29 -5.24 29.24
CA VAL B 28 27.25 -4.34 28.63
C VAL B 28 28.67 -4.84 28.92
N THR B 29 29.00 -4.98 30.19
CA THR B 29 30.31 -5.49 30.58
C THR B 29 30.71 -6.79 29.86
N ILE B 30 29.77 -7.70 29.62
CA ILE B 30 30.02 -8.96 28.90
C ILE B 30 30.31 -8.74 27.43
N LEU B 31 29.48 -7.92 26.78
CA LEU B 31 29.65 -7.67 25.36
C LEU B 31 30.92 -6.87 25.10
N GLU B 32 31.12 -5.81 25.88
CA GLU B 32 32.27 -4.96 25.65
C GLU B 32 33.56 -5.67 26.01
N THR B 33 33.54 -6.56 27.00
CA THR B 33 34.71 -7.36 27.29
C THR B 33 34.98 -8.29 26.11
N ALA B 34 33.94 -8.91 25.58
CA ALA B 34 34.09 -9.74 24.38
C ALA B 34 34.56 -8.93 23.16
N LEU B 35 34.29 -7.64 23.10
CA LEU B 35 34.72 -6.80 21.98
C LEU B 35 36.18 -6.49 22.11
N TYR B 36 36.59 -6.09 23.30
CA TYR B 36 38.00 -5.79 23.63
C TYR B 36 38.88 -6.88 23.16
N LEU B 37 38.54 -8.11 23.55
CA LEU B 37 39.31 -9.30 23.21
C LEU B 37 39.26 -9.68 21.73
N THR B 38 38.16 -9.40 21.06
CA THR B 38 38.08 -9.66 19.63
C THR B 38 39.09 -8.76 18.88
N GLU B 39 38.96 -7.45 19.09
CA GLU B 39 39.87 -6.46 18.51
C GLU B 39 41.35 -6.78 18.78
N LYS B 40 41.60 -7.28 19.99
CA LYS B 40 42.92 -7.64 20.42
C LYS B 40 43.44 -8.74 19.52
N TYR B 41 42.81 -9.89 19.56
CA TYR B 41 43.30 -11.06 18.86
C TYR B 41 42.93 -11.20 17.39
N LEU B 42 42.25 -10.21 16.81
CA LEU B 42 41.72 -10.34 15.43
C LEU B 42 41.85 -9.15 14.51
N GLY B 43 41.97 -7.94 15.01
CA GLY B 43 42.12 -6.78 14.13
C GLY B 43 41.25 -5.67 14.60
N LYS B 44 41.26 -4.56 13.89
CA LYS B 44 40.55 -3.38 14.33
C LYS B 44 39.05 -3.53 14.06
N ILE B 45 38.25 -2.97 14.98
CA ILE B 45 36.81 -2.92 14.87
C ILE B 45 36.46 -1.61 14.21
N ILE B 46 35.93 -1.68 12.99
CA ILE B 46 35.74 -0.49 12.12
C ILE B 46 34.28 -0.12 11.82
N ASN B 47 33.36 -0.86 12.43
CA ASN B 47 31.93 -0.53 12.44
C ASN B 47 31.17 -1.34 13.49
N SER B 48 30.05 -0.82 13.93
CA SER B 48 29.21 -1.55 14.89
C SER B 48 27.77 -1.12 14.80
N SER B 49 26.90 -2.01 15.25
CA SER B 49 25.48 -1.74 15.35
C SER B 49 25.21 -1.20 16.73
N TYR B 50 23.93 -0.91 16.99
CA TYR B 50 23.42 -0.67 18.34
C TYR B 50 23.27 -2.02 18.96
N ILE B 51 23.03 -2.06 20.27
CA ILE B 51 22.57 -3.31 20.91
C ILE B 51 21.04 -3.44 20.70
N TYR B 52 20.55 -4.68 20.57
CA TYR B 52 19.11 -4.91 20.44
C TYR B 52 18.56 -6.01 21.35
N GLU B 53 17.52 -5.65 22.12
CA GLU B 53 16.76 -6.57 22.95
C GLU B 53 15.78 -7.27 21.98
N THR B 54 15.91 -8.59 21.86
CA THR B 54 15.13 -9.35 20.88
C THR B 54 14.65 -10.66 21.47
N VAL B 55 13.47 -11.05 21.00
CA VAL B 55 12.78 -12.29 21.38
C VAL B 55 13.32 -13.42 20.48
N PRO B 56 13.71 -14.58 21.06
CA PRO B 56 14.36 -15.72 20.32
C PRO B 56 13.70 -16.15 18.99
N ILE B 79 30.12 -11.46 37.87
CA ILE B 79 31.14 -10.84 37.00
C ILE B 79 32.28 -10.16 37.78
N SER B 80 32.37 -10.46 39.09
CA SER B 80 33.38 -9.87 40.02
C SER B 80 34.82 -10.32 39.73
N TRP B 81 34.98 -11.17 38.73
CA TRP B 81 36.28 -11.64 38.26
C TRP B 81 36.67 -10.98 36.88
N ILE B 82 35.70 -10.48 36.13
CA ILE B 82 35.89 -9.95 34.78
C ILE B 82 36.89 -8.86 34.66
N GLY B 83 37.09 -8.10 35.70
CA GLY B 83 38.14 -7.09 35.74
C GLY B 83 39.52 -7.77 35.81
N ASP B 84 39.61 -8.80 36.66
CA ASP B 84 40.84 -9.59 36.85
C ASP B 84 41.31 -10.29 35.56
N LEU B 85 40.41 -10.46 34.62
CA LEU B 85 40.76 -11.06 33.37
C LEU B 85 41.71 -10.24 32.53
N ILE B 86 41.58 -8.93 32.58
CA ILE B 86 42.30 -8.03 31.67
C ILE B 86 43.85 -7.98 31.80
N PRO B 87 44.41 -7.74 33.02
CA PRO B 87 45.89 -7.77 33.12
C PRO B 87 46.54 -9.19 33.16
N THR B 88 45.75 -10.22 32.84
CA THR B 88 46.23 -11.60 32.72
C THR B 88 46.16 -12.14 31.30
N VAL B 89 45.55 -11.41 30.39
CA VAL B 89 45.40 -11.92 29.05
C VAL B 89 46.71 -11.83 28.30
N GLU B 90 46.86 -12.75 27.36
CA GLU B 90 48.08 -12.96 26.64
C GLU B 90 48.07 -12.01 25.45
N ASN B 91 49.23 -11.48 25.09
CA ASN B 91 49.31 -10.45 24.04
C ASN B 91 49.24 -11.05 22.67
N SER B 92 48.99 -10.22 21.66
CA SER B 92 48.89 -10.68 20.26
C SER B 92 50.23 -10.57 19.53
N ARG B 93 50.43 -11.45 18.56
CA ARG B 93 51.60 -11.42 17.71
C ARG B 93 51.45 -10.38 16.60
N TYR B 94 50.30 -9.74 16.54
CA TYR B 94 50.07 -8.66 15.61
C TYR B 94 49.67 -7.38 16.35
N GLU B 95 50.38 -6.29 16.12
CA GLU B 95 49.99 -5.01 16.66
C GLU B 95 49.60 -4.12 15.49
N GLU B 96 48.38 -3.59 15.57
CA GLU B 96 47.86 -2.62 14.64
C GLU B 96 48.04 -1.24 15.25
N SER B 97 48.09 -0.21 14.45
CA SER B 97 48.39 1.10 14.98
C SER B 97 47.16 1.73 15.65
N GLU B 98 47.44 2.56 16.64
CA GLU B 98 46.40 3.29 17.36
C GLU B 98 45.89 4.51 16.57
N ASP B 99 46.56 4.84 15.48
CA ASP B 99 46.21 6.00 14.68
C ASP B 99 44.74 6.02 14.23
N LEU B 100 44.15 7.21 14.30
CA LEU B 100 42.88 7.47 13.66
C LEU B 100 43.00 7.12 12.19
N ILE B 101 41.92 6.58 11.63
CA ILE B 101 41.79 6.33 10.21
C ILE B 101 40.54 7.02 9.66
N TYR B 102 40.54 7.31 8.36
CA TYR B 102 39.48 8.07 7.71
C TYR B 102 38.85 7.32 6.58
N GLU B 103 39.10 6.02 6.47
CA GLU B 103 38.80 5.25 5.25
C GLU B 103 39.08 3.76 5.53
N CYS B 104 38.72 2.89 4.59
CA CYS B 104 39.16 1.49 4.64
C CYS B 104 38.88 0.79 3.32
N LYS B 105 39.87 0.79 2.46
CA LYS B 105 39.66 0.32 1.10
C LYS B 105 39.15 -1.13 1.02
N GLU B 106 39.52 -1.97 1.97
CA GLU B 106 39.05 -3.33 2.01
C GLU B 106 37.58 -3.36 2.34
N LEU B 107 37.14 -2.50 3.24
CA LEU B 107 35.74 -2.46 3.53
C LEU B 107 35.00 -2.10 2.26
N GLU B 108 35.42 -1.04 1.56
CA GLU B 108 34.73 -0.65 0.33
C GLU B 108 34.65 -1.80 -0.67
N VAL B 109 35.58 -2.75 -0.61
CA VAL B 109 35.60 -3.83 -1.58
C VAL B 109 34.73 -4.98 -1.12
N PHE B 110 34.76 -5.27 0.17
CA PHE B 110 33.85 -6.28 0.75
C PHE B 110 32.45 -5.98 0.34
N LEU B 111 32.07 -4.72 0.52
CA LEU B 111 30.73 -4.23 0.34
C LEU B 111 30.19 -4.39 -1.06
N LYS B 112 31.10 -4.39 -2.04
CA LYS B 112 30.71 -4.71 -3.40
C LYS B 112 30.79 -6.21 -3.71
N ASN B 113 30.88 -7.06 -2.68
CA ASN B 113 30.95 -8.52 -2.87
C ASN B 113 32.03 -8.92 -3.88
N GLU B 114 33.09 -8.11 -3.94
CA GLU B 114 34.22 -8.34 -4.84
C GLU B 114 35.36 -9.02 -4.09
N LYS B 115 36.35 -9.52 -4.86
CA LYS B 115 37.41 -10.36 -4.33
C LYS B 115 38.48 -9.51 -3.67
N ILE B 116 38.84 -9.88 -2.45
CA ILE B 116 39.93 -9.25 -1.71
C ILE B 116 41.18 -10.17 -1.73
N ASN B 117 41.01 -11.44 -1.37
CA ASN B 117 42.06 -12.45 -1.27
C ASN B 117 41.56 -13.84 -1.67
N GLU B 118 42.37 -14.63 -2.36
CA GLU B 118 42.00 -16.04 -2.61
C GLU B 118 41.63 -16.71 -1.30
N SER B 119 40.54 -17.47 -1.31
CA SER B 119 40.13 -18.24 -0.14
C SER B 119 41.16 -19.34 0.06
N ILE B 120 41.66 -19.47 1.28
CA ILE B 120 42.54 -20.57 1.63
C ILE B 120 41.72 -21.85 1.62
N ILE B 121 40.65 -21.81 2.38
CA ILE B 121 39.72 -22.93 2.52
C ILE B 121 38.86 -23.08 1.26
N ARG B 122 38.62 -24.33 0.87
CA ARG B 122 37.79 -24.66 -0.28
C ARG B 122 36.43 -23.96 -0.29
N GLU B 123 36.12 -23.23 -1.35
CA GLU B 123 34.77 -22.68 -1.50
C GLU B 123 33.80 -23.76 -2.03
N VAL B 124 32.50 -23.48 -2.00
CA VAL B 124 31.46 -24.35 -2.59
C VAL B 124 30.54 -23.51 -3.48
N SER B 125 29.69 -24.13 -4.30
CA SER B 125 28.75 -23.36 -5.12
C SER B 125 27.55 -22.92 -4.26
N VAL B 126 26.86 -21.87 -4.71
CA VAL B 126 25.64 -21.42 -4.03
C VAL B 126 24.60 -22.53 -3.93
N GLU B 127 24.47 -23.34 -4.98
CA GLU B 127 23.47 -24.41 -4.99
C GLU B 127 23.77 -25.51 -3.99
N ASP B 128 25.05 -25.81 -3.76
CA ASP B 128 25.44 -26.82 -2.75
C ASP B 128 25.38 -26.26 -1.31
N TYR B 129 25.75 -24.99 -1.17
CA TYR B 129 25.64 -24.30 0.11
C TYR B 129 24.20 -24.26 0.63
N GLU B 130 23.24 -23.89 -0.23
CA GLU B 130 21.82 -23.76 0.19
C GLU B 130 21.15 -25.11 0.46
N ASN B 131 21.60 -26.15 -0.24
CA ASN B 131 21.13 -27.52 0.02
C ASN B 131 21.48 -27.86 1.46
N GLU B 132 22.80 -27.90 1.72
CA GLU B 132 23.38 -28.28 3.02
C GLU B 132 23.13 -27.28 4.18
N ALA B 133 22.79 -26.03 3.85
CA ALA B 133 22.29 -25.05 4.83
C ALA B 133 20.90 -25.44 5.29
N ARG B 134 20.01 -25.52 4.30
CA ARG B 134 18.56 -25.72 4.53
C ARG B 134 18.26 -27.04 5.28
N ARG B 135 19.08 -28.07 5.01
CA ARG B 135 19.07 -29.32 5.78
C ARG B 135 19.39 -29.09 7.27
N ILE B 136 20.39 -28.28 7.58
CA ILE B 136 20.72 -28.10 9.00
C ILE B 136 19.64 -27.28 9.74
N ILE B 137 18.97 -26.37 9.00
CA ILE B 137 17.89 -25.51 9.52
C ILE B 137 16.59 -26.26 9.81
N LYS B 138 16.25 -27.26 8.98
CA LYS B 138 15.06 -28.09 9.20
C LYS B 138 15.29 -29.09 10.33
N ARG B 139 16.55 -29.56 10.47
CA ARG B 139 16.93 -30.48 11.54
C ARG B 139 16.96 -29.76 12.89
N ASN B 140 17.62 -28.61 12.94
CA ASN B 140 17.54 -27.67 14.08
C ASN B 140 16.10 -27.28 14.43
N ASP B 141 15.24 -27.19 13.41
CA ASP B 141 13.82 -26.82 13.62
C ASP B 141 13.16 -27.95 14.36
N GLU B 142 13.47 -29.18 13.94
CA GLU B 142 12.88 -30.39 14.53
C GLU B 142 13.25 -30.54 16.04
N ILE B 143 14.55 -30.53 16.35
CA ILE B 143 15.01 -30.68 17.77
C ILE B 143 14.38 -29.67 18.75
N MET B 144 14.41 -28.41 18.32
CA MET B 144 13.87 -27.31 19.07
C MET B 144 12.37 -27.41 19.17
N LYS B 145 11.74 -28.15 18.25
CA LYS B 145 10.31 -28.29 18.28
C LYS B 145 9.96 -29.36 19.28
N LYS B 146 10.00 -28.97 20.54
CA LYS B 146 9.68 -29.88 21.61
C LYS B 146 9.05 -29.09 22.75
N TYR B 159 15.11 -13.02 27.12
CA TYR B 159 15.47 -12.22 25.95
C TYR B 159 16.93 -12.36 25.54
N PHE B 160 17.23 -11.90 24.33
CA PHE B 160 18.58 -11.91 23.80
C PHE B 160 19.05 -10.52 23.60
N PHE B 161 20.31 -10.26 23.96
CA PHE B 161 20.95 -8.97 23.65
C PHE B 161 22.02 -9.18 22.59
N ASN B 162 21.93 -8.35 21.54
CA ASN B 162 22.63 -8.55 20.24
C ASN B 162 23.42 -7.38 19.68
N LEU B 163 24.34 -7.69 18.80
CA LEU B 163 25.32 -6.71 18.32
C LEU B 163 26.03 -7.31 17.12
N THR B 164 26.05 -6.56 16.03
CA THR B 164 26.99 -6.90 14.96
C THR B 164 28.18 -5.96 14.95
N VAL B 165 29.28 -6.46 14.43
CA VAL B 165 30.52 -5.69 14.34
C VAL B 165 31.24 -6.07 13.06
N VAL B 166 31.98 -5.11 12.52
CA VAL B 166 32.89 -5.38 11.40
C VAL B 166 34.35 -5.25 11.84
N VAL B 167 35.13 -6.28 11.51
CA VAL B 167 36.52 -6.39 11.94
C VAL B 167 37.44 -6.33 10.74
N ARG B 168 38.48 -5.52 10.79
CA ARG B 168 39.49 -5.53 9.75
C ARG B 168 40.61 -6.49 10.13
N THR B 169 40.40 -7.76 9.84
CA THR B 169 41.15 -8.83 10.44
C THR B 169 42.48 -9.19 9.74
N PHE B 170 43.47 -9.50 10.57
CA PHE B 170 44.73 -9.96 10.09
C PHE B 170 44.78 -11.48 10.05
N VAL B 171 43.63 -12.14 10.21
CA VAL B 171 43.65 -13.58 10.18
C VAL B 171 43.30 -13.96 8.76
N GLU B 172 43.98 -14.99 8.29
CA GLU B 172 44.04 -15.34 6.87
C GLU B 172 42.90 -16.24 6.43
N ASP B 173 42.33 -17.01 7.35
CA ASP B 173 41.13 -17.78 7.04
C ASP B 173 40.01 -17.75 8.13
N PRO B 174 38.78 -18.07 7.71
CA PRO B 174 37.64 -18.31 8.56
C PRO B 174 37.88 -19.28 9.68
N LEU B 175 38.47 -20.43 9.37
CA LEU B 175 38.55 -21.49 10.36
C LEU B 175 39.33 -21.02 11.55
N ALA B 176 40.43 -20.31 11.28
CA ALA B 176 41.30 -19.80 12.35
C ALA B 176 40.54 -18.78 13.19
N MET B 177 39.84 -17.87 12.53
CA MET B 177 39.06 -16.90 13.25
C MET B 177 38.12 -17.62 14.22
N LEU B 178 37.42 -18.64 13.72
CA LEU B 178 36.48 -19.43 14.51
C LEU B 178 37.08 -20.04 15.78
N VAL B 179 38.28 -20.59 15.63
CA VAL B 179 39.03 -21.20 16.73
C VAL B 179 39.38 -20.14 17.74
N ILE B 180 39.62 -18.92 17.28
CA ILE B 180 39.99 -17.81 18.16
C ILE B 180 38.78 -17.32 18.97
N LEU B 181 37.61 -17.38 18.33
CA LEU B 181 36.38 -16.95 18.94
C LEU B 181 35.93 -17.91 19.99
N LYS B 182 36.16 -19.19 19.76
CA LYS B 182 35.87 -20.18 20.77
C LYS B 182 36.76 -20.02 21.98
N TYR B 183 38.03 -19.77 21.75
CA TYR B 183 38.97 -19.47 22.85
C TYR B 183 38.48 -18.34 23.80
N ILE B 184 38.12 -17.20 23.21
CA ILE B 184 37.67 -16.02 23.96
C ILE B 184 36.43 -16.36 24.75
N GLU B 185 35.54 -17.12 24.15
CA GLU B 185 34.36 -17.58 24.87
C GLU B 185 34.80 -18.35 26.10
N GLN B 186 35.56 -19.42 25.95
CA GLN B 186 35.91 -20.28 27.09
C GLN B 186 36.69 -19.54 28.17
N ILE B 187 37.54 -18.61 27.73
CA ILE B 187 38.26 -17.71 28.62
C ILE B 187 37.30 -16.98 29.56
N MET B 188 36.08 -16.79 29.10
CA MET B 188 35.04 -16.20 29.94
C MET B 188 34.24 -17.28 30.73
N LYS B 189 33.82 -18.34 30.05
CA LYS B 189 32.90 -19.32 30.65
C LYS B 189 33.49 -20.18 31.77
N ASN B 203 22.51 -20.97 24.93
CA ASN B 203 23.41 -19.86 24.75
C ASN B 203 23.17 -18.79 25.78
N ARG B 204 23.63 -19.06 26.98
CA ARG B 204 23.50 -18.10 28.06
C ARG B 204 24.62 -17.00 27.99
N MET B 205 25.87 -17.34 28.33
CA MET B 205 26.90 -16.34 28.73
C MET B 205 27.38 -15.34 27.65
N ILE B 206 27.91 -15.87 26.55
CA ILE B 206 28.39 -15.05 25.43
C ILE B 206 28.52 -15.96 24.19
N ASP B 207 28.08 -15.48 23.04
CA ASP B 207 28.16 -16.25 21.81
C ASP B 207 28.55 -15.44 20.63
N ILE B 208 29.67 -15.79 20.05
CA ILE B 208 30.26 -15.05 18.93
C ILE B 208 30.28 -15.95 17.70
N ASP B 209 29.63 -15.48 16.63
CA ASP B 209 29.50 -16.27 15.41
C ASP B 209 30.03 -15.44 14.23
N ILE B 210 30.60 -16.10 13.23
CA ILE B 210 31.04 -15.40 12.02
C ILE B 210 29.94 -15.46 11.04
N LEU B 211 29.51 -14.28 10.58
CA LEU B 211 28.40 -14.15 9.61
C LEU B 211 28.86 -14.06 8.18
N PHE B 212 29.91 -13.29 7.97
CA PHE B 212 30.54 -13.13 6.68
C PHE B 212 32.04 -12.96 6.88
N PHE B 213 32.80 -13.76 6.15
CA PHE B 213 34.24 -13.61 6.11
C PHE B 213 34.46 -13.35 4.66
N ASN B 214 34.84 -12.13 4.34
CA ASN B 214 35.05 -11.70 2.98
C ASN B 214 33.85 -11.98 2.12
N ASN B 215 34.04 -12.51 0.94
CA ASN B 215 32.92 -12.86 0.08
C ASN B 215 32.75 -14.32 -0.15
N TYR B 216 33.45 -15.11 0.63
CA TYR B 216 33.48 -16.53 0.51
C TYR B 216 32.21 -17.24 0.83
N THR B 217 31.95 -18.30 0.08
CA THR B 217 30.83 -19.15 0.31
C THR B 217 31.44 -20.42 0.78
N ILE B 218 31.41 -20.72 2.06
CA ILE B 218 32.09 -21.92 2.55
C ILE B 218 31.14 -22.88 3.28
N PHE B 219 31.35 -24.17 3.07
CA PHE B 219 30.70 -25.18 3.88
C PHE B 219 31.53 -26.43 4.15
N GLU B 220 32.00 -26.55 5.37
CA GLU B 220 32.80 -27.69 5.79
C GLU B 220 32.12 -28.44 6.93
N LYS B 221 31.57 -29.61 6.59
CA LYS B 221 31.10 -30.55 7.60
C LYS B 221 32.27 -31.20 8.33
N SER B 222 31.98 -31.89 9.43
CA SER B 222 32.90 -32.89 9.99
C SER B 222 34.35 -32.36 10.11
N ILE B 223 34.52 -31.29 10.89
CA ILE B 223 35.85 -30.79 11.23
C ILE B 223 36.26 -31.32 12.61
N SER B 224 37.30 -32.11 12.69
CA SER B 224 37.73 -32.55 13.99
C SER B 224 39.08 -31.99 14.17
N LEU B 225 39.28 -31.33 15.30
CA LEU B 225 40.53 -30.70 15.70
C LEU B 225 40.97 -31.21 17.06
N LYS B 226 42.21 -31.70 17.13
CA LYS B 226 42.80 -32.18 18.36
C LYS B 226 43.61 -31.06 19.05
N GLY B 227 44.10 -31.35 20.26
CA GLY B 227 44.88 -30.41 21.07
C GLY B 227 46.19 -29.93 20.46
N GLU B 228 46.71 -30.70 19.50
CA GLU B 228 47.84 -30.30 18.65
C GLU B 228 47.40 -29.28 17.59
N ASP B 229 46.38 -29.62 16.80
CA ASP B 229 45.87 -28.71 15.76
C ASP B 229 45.56 -27.36 16.31
N ILE B 230 44.92 -27.36 17.49
CA ILE B 230 44.39 -26.16 18.09
C ILE B 230 45.54 -25.27 18.52
N TYR B 231 46.55 -25.90 19.10
CA TYR B 231 47.74 -25.20 19.54
C TYR B 231 48.43 -24.54 18.37
N LYS B 232 48.58 -25.27 17.28
CA LYS B 232 49.23 -24.75 16.08
C LYS B 232 48.56 -23.49 15.54
N ILE B 233 47.25 -23.37 15.77
CA ILE B 233 46.46 -22.26 15.20
C ILE B 233 46.43 -21.04 16.12
N ILE B 234 46.22 -21.27 17.41
CA ILE B 234 46.27 -20.19 18.38
C ILE B 234 47.63 -19.48 18.33
N THR B 235 48.71 -20.23 18.52
CA THR B 235 50.08 -19.68 18.62
C THR B 235 50.68 -19.13 17.32
N LYS B 236 49.98 -19.26 16.21
CA LYS B 236 50.29 -18.49 15.02
C LYS B 236 49.81 -17.04 15.23
N TYR B 237 48.93 -16.83 16.21
CA TYR B 237 48.26 -15.53 16.45
C TYR B 237 48.33 -14.99 17.89
N ILE B 238 48.66 -15.81 18.87
CA ILE B 238 48.72 -15.36 20.25
C ILE B 238 50.03 -15.77 20.91
N HIS B 239 50.64 -14.87 21.71
CA HIS B 239 51.75 -15.23 22.63
C HIS B 239 51.18 -15.98 23.87
N ILE B 240 50.99 -17.26 23.74
CA ILE B 240 50.45 -18.01 24.84
C ILE B 240 51.42 -18.27 25.92
N ASN B 241 51.02 -18.01 27.15
CA ASN B 241 51.85 -18.38 28.32
C ASN B 241 51.96 -19.90 28.55
N HIS B 242 53.20 -20.38 28.58
CA HIS B 242 53.50 -21.80 28.79
C HIS B 242 53.67 -22.17 30.28
N THR B 243 53.75 -21.17 31.17
CA THR B 243 54.18 -21.38 32.59
C THR B 243 53.16 -22.13 33.51
N SER B 244 53.67 -22.87 34.50
CA SER B 244 52.85 -23.67 35.47
C SER B 244 51.86 -22.86 36.33
N ASP B 245 52.31 -21.68 36.76
CA ASP B 245 51.54 -20.76 37.59
C ASP B 245 50.59 -19.85 36.78
N GLN B 246 50.60 -20.00 35.45
CA GLN B 246 49.57 -19.42 34.57
C GLN B 246 49.58 -19.93 33.13
N ASN B 247 48.46 -20.53 32.74
CA ASN B 247 48.25 -21.08 31.40
C ASN B 247 46.79 -21.50 31.27
N ARG B 248 46.38 -21.73 30.02
CA ARG B 248 45.00 -22.09 29.68
C ARG B 248 45.05 -23.33 28.79
N LEU B 249 46.01 -24.19 29.09
CA LEU B 249 46.35 -25.33 28.25
C LEU B 249 45.38 -26.49 28.45
N ASP B 250 44.57 -26.41 29.50
CA ASP B 250 43.42 -27.29 29.65
C ASP B 250 42.39 -26.91 28.56
N ILE B 251 42.09 -25.61 28.51
CA ILE B 251 41.15 -25.08 27.53
C ILE B 251 41.60 -25.44 26.11
N ILE B 252 42.82 -25.06 25.77
CA ILE B 252 43.28 -25.24 24.43
C ILE B 252 43.16 -26.71 24.01
N GLN B 253 43.28 -27.64 24.97
CA GLN B 253 43.28 -29.07 24.65
C GLN B 253 41.92 -29.57 24.21
N ASN B 254 40.84 -29.05 24.82
CA ASN B 254 39.47 -29.51 24.55
C ASN B 254 38.66 -28.62 23.59
N LEU B 255 39.31 -27.65 22.97
CA LEU B 255 38.61 -26.67 22.14
C LEU B 255 38.12 -27.23 20.80
N GLY B 256 38.53 -28.44 20.48
CA GLY B 256 38.04 -29.10 19.28
C GLY B 256 36.68 -29.72 19.48
N ASP B 257 36.31 -29.97 20.73
CA ASP B 257 35.01 -30.56 21.04
C ASP B 257 33.89 -29.55 20.72
N LYS B 258 34.20 -28.26 20.79
CA LYS B 258 33.25 -27.16 20.51
C LYS B 258 33.12 -26.76 19.03
N ILE B 259 33.85 -27.44 18.14
CA ILE B 259 33.81 -27.16 16.71
C ILE B 259 33.53 -28.46 15.99
N GLU B 260 32.41 -28.53 15.27
CA GLU B 260 32.13 -29.71 14.46
C GLU B 260 32.06 -29.35 12.99
N PHE B 261 31.75 -28.09 12.68
CA PHE B 261 31.60 -27.71 11.29
C PHE B 261 31.72 -26.19 11.13
N LEU B 262 32.07 -25.78 9.89
CA LEU B 262 32.18 -24.37 9.50
C LEU B 262 31.32 -24.06 8.27
N CYS B 263 30.80 -22.85 8.24
CA CYS B 263 29.76 -22.46 7.30
C CYS B 263 29.56 -20.94 7.18
N ILE B 264 30.13 -20.37 6.10
CA ILE B 264 30.00 -18.94 5.75
C ILE B 264 29.18 -18.83 4.46
N PRO B 265 28.22 -17.92 4.44
CA PRO B 265 27.70 -17.18 5.57
C PRO B 265 27.14 -18.10 6.67
N HIS B 266 27.26 -17.72 7.93
CA HIS B 266 26.48 -18.38 9.00
C HIS B 266 25.10 -18.50 8.42
N VAL B 267 24.50 -19.68 8.45
CA VAL B 267 23.32 -19.78 7.58
C VAL B 267 21.97 -19.43 8.17
N TYR B 268 21.94 -18.99 9.42
CA TYR B 268 20.78 -18.30 9.96
C TYR B 268 20.77 -16.81 9.59
N THR B 269 21.77 -16.34 8.88
CA THR B 269 21.91 -14.91 8.62
C THR B 269 20.69 -14.21 7.95
N LYS B 270 20.04 -14.86 6.99
CA LYS B 270 18.90 -14.23 6.28
C LYS B 270 17.55 -14.70 6.86
N TYR B 271 17.65 -15.61 7.83
CA TYR B 271 16.50 -16.23 8.45
C TYR B 271 16.23 -15.79 9.89
N ARG B 272 17.10 -14.95 10.45
CA ARG B 272 16.90 -14.43 11.82
C ARG B 272 16.76 -12.90 11.91
N TYR B 273 15.56 -12.45 12.25
CA TYR B 273 15.33 -11.01 12.36
C TYR B 273 16.47 -10.32 13.13
N SER B 274 16.85 -10.88 14.28
CA SER B 274 17.83 -10.24 15.15
C SER B 274 19.12 -9.93 14.39
N ILE B 275 19.59 -10.87 13.58
CA ILE B 275 20.77 -10.65 12.79
C ILE B 275 20.54 -9.55 11.78
N LEU B 276 19.55 -9.73 10.91
CA LEU B 276 19.21 -8.71 9.93
C LEU B 276 19.05 -7.32 10.55
N LEU B 277 18.43 -7.30 11.73
CA LEU B 277 18.18 -6.06 12.43
C LEU B 277 19.50 -5.32 12.71
N CYS B 278 20.50 -6.05 13.21
CA CYS B 278 21.84 -5.47 13.49
C CYS B 278 22.61 -5.14 12.20
N LEU B 279 22.68 -6.08 11.26
CA LEU B 279 23.30 -5.87 9.93
C LEU B 279 22.68 -4.72 9.15
N ASN B 280 21.43 -4.44 9.46
CA ASN B 280 20.82 -3.33 8.84
C ASN B 280 21.44 -2.02 9.27
N ASP B 281 22.10 -1.96 10.41
CA ASP B 281 22.73 -0.69 10.85
C ASP B 281 24.06 -0.42 10.15
N ILE B 282 24.74 -1.47 9.69
CA ILE B 282 26.15 -1.39 9.30
C ILE B 282 26.47 -1.78 7.85
N ILE B 283 25.70 -2.70 7.25
CA ILE B 283 25.98 -3.11 5.86
C ILE B 283 24.70 -3.29 5.07
N PRO B 284 23.82 -2.26 5.09
CA PRO B 284 22.52 -2.31 4.44
C PRO B 284 22.57 -2.60 2.97
N GLU B 285 23.61 -2.14 2.30
CA GLU B 285 23.76 -2.30 0.84
C GLU B 285 24.45 -3.59 0.40
N TYR B 286 24.87 -4.43 1.34
CA TYR B 286 25.62 -5.65 1.01
C TYR B 286 24.78 -6.77 0.45
N LYS B 287 25.30 -7.43 -0.58
CA LYS B 287 24.60 -8.56 -1.17
C LYS B 287 25.55 -9.71 -1.48
N HIS B 288 25.76 -10.56 -0.48
CA HIS B 288 26.50 -11.79 -0.64
C HIS B 288 25.80 -12.54 -1.76
N SER B 289 26.47 -13.50 -2.37
CA SER B 289 25.91 -14.15 -3.57
C SER B 289 24.83 -15.16 -3.21
N THR B 290 24.94 -15.69 -1.99
CA THR B 290 23.89 -16.48 -1.36
C THR B 290 22.55 -15.74 -1.26
N PHE B 291 22.59 -14.41 -1.13
CA PHE B 291 21.39 -13.60 -0.99
C PHE B 291 20.78 -13.24 -2.35
N GLU B 292 19.44 -13.21 -2.40
CA GLU B 292 18.65 -12.74 -3.56
C GLU B 292 18.42 -11.22 -3.61
N GLU B 293 18.63 -10.52 -2.50
CA GLU B 293 18.50 -9.06 -2.44
C GLU B 293 19.42 -8.53 -1.32
N ALA B 294 19.66 -7.22 -1.26
CA ALA B 294 20.59 -6.70 -0.23
C ALA B 294 20.01 -6.65 1.21
N ILE B 295 20.89 -6.51 2.20
CA ILE B 295 20.51 -6.65 3.61
C ILE B 295 19.30 -5.77 3.94
N ARG B 296 19.36 -4.48 3.62
CA ARG B 296 18.20 -3.61 3.83
C ARG B 296 16.92 -4.04 3.09
N SER B 297 17.03 -4.51 1.86
CA SER B 297 15.87 -5.06 1.16
C SER B 297 15.37 -6.34 1.80
N THR B 298 16.30 -7.11 2.35
CA THR B 298 15.97 -8.40 2.97
C THR B 298 15.27 -8.17 4.30
N TYR B 299 15.85 -7.28 5.11
CA TYR B 299 15.19 -6.71 6.29
C TYR B 299 13.75 -6.34 5.92
N ASN B 300 13.62 -5.43 4.97
CA ASN B 300 12.30 -4.90 4.61
C ASN B 300 11.31 -5.97 4.17
N SER B 301 11.79 -7.02 3.53
CA SER B 301 10.93 -8.15 3.14
C SER B 301 10.65 -9.09 4.31
N TYR B 302 11.30 -8.89 5.46
CA TYR B 302 11.04 -9.70 6.65
C TYR B 302 9.97 -9.02 7.51
N VAL B 303 10.18 -7.74 7.79
CA VAL B 303 9.26 -6.92 8.55
C VAL B 303 7.91 -6.97 7.89
N GLU B 304 7.91 -6.71 6.58
CA GLU B 304 6.66 -6.67 5.81
C GLU B 304 5.85 -7.98 5.83
N SER B 305 6.53 -9.06 5.46
CA SER B 305 5.96 -10.39 5.51
C SER B 305 5.38 -10.69 6.88
N PHE B 306 6.16 -10.41 7.93
CA PHE B 306 5.75 -10.72 9.32
C PHE B 306 4.52 -9.92 9.73
N GLU B 307 4.54 -8.61 9.49
CA GLU B 307 3.40 -7.76 9.81
C GLU B 307 2.21 -8.05 8.90
N GLU B 308 2.45 -8.60 7.71
CA GLU B 308 1.36 -9.07 6.86
C GLU B 308 0.76 -10.36 7.42
N LYS B 309 1.61 -11.35 7.66
CA LYS B 309 1.19 -12.69 8.04
C LYS B 309 0.54 -12.80 9.43
N TYR B 310 1.06 -12.07 10.42
CA TYR B 310 0.61 -12.13 11.83
C TYR B 310 0.01 -10.83 12.33
N HIS B 311 0.04 -9.79 11.49
CA HIS B 311 -0.45 -8.45 11.85
C HIS B 311 -0.11 -7.96 13.25
N ILE B 312 1.12 -8.21 13.68
CA ILE B 312 1.66 -7.58 14.89
C ILE B 312 2.93 -6.87 14.46
N ASN B 313 3.26 -5.79 15.17
CA ASN B 313 4.47 -5.04 14.87
C ASN B 313 5.76 -5.70 15.36
N ILE B 314 6.59 -6.09 14.41
CA ILE B 314 7.85 -6.73 14.68
C ILE B 314 8.75 -5.82 15.50
N ARG B 315 8.58 -4.50 15.37
CA ARG B 315 9.29 -3.52 16.21
C ARG B 315 8.91 -3.53 17.70
N LYS B 316 7.67 -3.95 18.00
CA LYS B 316 7.12 -3.85 19.35
C LYS B 316 8.00 -4.54 20.42
N ASN B 317 8.32 -5.82 20.20
CA ASN B 317 9.16 -6.62 21.13
C ASN B 317 10.68 -6.50 20.91
N ASN B 318 11.06 -6.00 19.72
CA ASN B 318 12.46 -5.90 19.28
C ASN B 318 12.92 -4.42 19.33
N LYS B 319 13.73 -4.09 20.36
CA LYS B 319 14.01 -2.70 20.73
C LYS B 319 15.49 -2.25 20.65
N ARG B 320 15.69 -1.03 20.19
CA ARG B 320 17.00 -0.47 20.12
C ARG B 320 17.47 0.03 21.47
N LEU B 321 18.73 -0.19 21.82
CA LEU B 321 19.29 0.17 23.12
C LEU B 321 20.48 1.05 22.97
N TYR B 322 20.66 1.98 23.89
CA TYR B 322 21.87 2.76 23.95
C TYR B 322 22.41 2.59 25.35
N VAL B 323 23.64 3.00 25.57
CA VAL B 323 24.32 2.88 26.83
C VAL B 323 24.98 4.18 27.15
N LEU B 324 24.95 4.56 28.43
CA LEU B 324 25.50 5.79 28.99
C LEU B 324 26.66 5.58 29.78
N LYS B 325 26.58 4.53 30.59
CA LYS B 325 27.64 4.12 31.49
C LYS B 325 27.90 2.65 31.66
N ASP B 326 27.00 1.90 32.24
CA ASP B 326 27.24 0.47 32.43
C ASP B 326 26.10 -0.42 32.13
N LYS B 327 24.97 0.21 31.90
CA LYS B 327 23.72 -0.52 31.71
C LYS B 327 23.05 -0.05 30.44
N VAL B 328 22.21 -0.92 29.90
CA VAL B 328 21.47 -0.62 28.69
C VAL B 328 20.24 0.20 29.00
N SER B 329 19.90 1.07 28.09
CA SER B 329 18.71 1.87 28.13
C SER B 329 17.87 1.54 26.92
N TYR B 330 16.56 1.64 27.02
CA TYR B 330 15.73 1.36 25.88
C TYR B 330 15.56 2.66 25.18
N LEU B 331 15.93 2.68 23.93
CA LEU B 331 15.88 3.90 23.18
C LEU B 331 14.46 4.34 23.02
N LYS B 332 14.28 5.61 23.35
CA LYS B 332 13.07 6.41 23.33
C LYS B 332 12.08 6.16 24.46
N GLU B 333 12.39 5.29 25.37
CA GLU B 333 11.50 4.90 26.43
C GLU B 333 11.62 5.65 27.73
N ARG B 334 12.21 6.82 27.72
CA ARG B 334 12.35 7.62 28.95
C ARG B 334 13.07 8.90 28.63
N THR B 335 12.85 9.94 29.39
CA THR B 335 13.56 11.18 29.25
C THR B 335 14.31 11.47 30.54
N HIS B 336 15.63 11.27 30.52
CA HIS B 336 16.45 11.43 31.71
C HIS B 336 16.80 12.86 31.90
N ILE B 337 17.21 13.20 33.12
CA ILE B 337 17.67 14.54 33.40
C ILE B 337 19.19 14.59 33.54
N VAL B 338 19.74 15.65 32.96
CA VAL B 338 21.15 15.96 33.07
C VAL B 338 21.27 17.28 33.83
N GLY B 339 21.71 17.20 35.07
CA GLY B 339 21.92 18.39 35.88
C GLY B 339 23.16 19.10 35.44
N ILE B 340 23.10 20.42 35.30
CA ILE B 340 24.24 21.21 34.89
C ILE B 340 25.01 21.71 36.08
N LEU B 341 26.30 21.92 35.91
CA LEU B 341 27.16 22.40 36.97
C LEU B 341 28.30 23.19 36.37
N ASN B 342 28.09 24.50 36.20
CA ASN B 342 29.15 25.38 35.73
C ASN B 342 30.08 25.71 36.90
N VAL B 343 31.32 25.28 36.77
CA VAL B 343 32.33 25.48 37.79
C VAL B 343 33.24 26.46 37.11
N ASN B 344 32.83 27.72 37.07
CA ASN B 344 33.68 28.78 36.56
C ASN B 344 33.12 30.15 36.88
N TYR B 345 33.96 31.18 36.76
CA TYR B 345 33.60 32.55 37.12
C TYR B 345 32.67 33.30 36.14
N ASP B 346 32.46 32.78 34.94
CA ASP B 346 31.73 33.51 33.90
C ASP B 346 30.88 32.63 32.98
N SER B 347 29.83 32.02 33.53
CA SER B 347 28.74 31.43 32.75
C SER B 347 27.59 32.41 32.92
N PHE B 348 26.73 32.58 31.91
CA PHE B 348 25.44 33.29 32.10
C PHE B 348 24.66 32.44 33.12
N SER B 349 24.02 33.09 34.10
CA SER B 349 23.08 32.36 35.00
C SER B 349 23.67 31.51 36.12
N ASP B 350 24.99 31.48 36.23
CA ASP B 350 25.62 30.55 37.14
C ASP B 350 26.90 31.06 37.72
N GLY B 351 27.65 31.83 36.91
CA GLY B 351 29.04 32.17 37.18
C GLY B 351 29.34 32.34 38.65
N GLY B 352 30.33 31.59 39.12
CA GLY B 352 30.92 31.84 40.44
C GLY B 352 30.17 31.19 41.58
N LEU B 353 28.96 30.70 41.30
CA LEU B 353 28.16 30.05 42.33
C LEU B 353 28.82 28.78 42.83
N PHE B 354 29.54 28.07 41.96
CA PHE B 354 30.05 26.73 42.29
C PHE B 354 31.57 26.57 41.98
N VAL B 355 32.34 27.63 42.20
CA VAL B 355 33.79 27.61 41.97
C VAL B 355 34.54 26.88 43.11
N ASP B 356 34.26 27.29 44.34
CA ASP B 356 34.70 26.57 45.54
C ASP B 356 34.33 25.09 45.38
N PRO B 357 35.31 24.19 45.45
CA PRO B 357 34.96 22.78 45.30
C PRO B 357 33.91 22.22 46.28
N VAL B 358 33.86 22.71 47.51
CA VAL B 358 32.89 22.19 48.49
C VAL B 358 31.45 22.61 48.19
N LYS B 359 31.24 23.81 47.64
CA LYS B 359 29.87 24.22 47.19
C LYS B 359 29.47 23.47 45.91
N ALA B 360 30.44 23.20 45.06
CA ALA B 360 30.23 22.49 43.80
C ALA B 360 29.88 21.03 44.07
N VAL B 361 30.42 20.46 45.14
CA VAL B 361 30.13 19.07 45.46
C VAL B 361 28.80 18.95 46.23
N GLU B 362 28.55 19.83 47.19
CA GLU B 362 27.22 19.91 47.81
C GLU B 362 26.08 19.98 46.76
N ARG B 363 26.35 20.71 45.68
CA ARG B 363 25.39 20.90 44.63
C ARG B 363 25.21 19.64 43.79
N MET B 364 26.27 18.90 43.51
CA MET B 364 26.10 17.67 42.73
C MET B 364 25.17 16.76 43.52
N PHE B 365 25.52 16.55 44.78
CA PHE B 365 24.72 15.75 45.66
C PHE B 365 23.28 16.19 45.74
N GLU B 366 23.04 17.48 45.60
CA GLU B 366 21.68 18.03 45.59
C GLU B 366 20.89 17.59 44.32
N MET B 367 21.38 17.96 43.14
CA MET B 367 20.73 17.58 41.89
C MET B 367 20.52 16.08 41.80
N ALA B 368 21.41 15.31 42.40
CA ALA B 368 21.30 13.87 42.29
C ALA B 368 20.03 13.47 43.02
N SER B 369 19.98 13.89 44.27
CA SER B 369 18.76 13.75 45.06
C SER B 369 17.52 14.33 44.34
N ASP B 370 17.65 15.55 43.84
CA ASP B 370 16.53 16.22 43.17
C ASP B 370 15.98 15.52 41.89
N GLY B 371 16.66 14.50 41.36
CA GLY B 371 16.16 13.73 40.21
C GLY B 371 17.13 13.47 39.04
N ALA B 372 18.26 14.16 38.99
CA ALA B 372 19.13 14.08 37.80
C ALA B 372 19.83 12.74 37.69
N SER B 373 19.70 12.11 36.53
CA SER B 373 20.46 10.91 36.22
C SER B 373 21.91 11.23 35.96
N VAL B 374 22.18 12.33 35.27
CA VAL B 374 23.52 12.67 34.86
C VAL B 374 23.95 14.03 35.37
N ILE B 375 25.23 14.17 35.67
CA ILE B 375 25.83 15.46 36.00
C ILE B 375 26.94 15.87 35.03
N ASP B 376 26.85 17.11 34.55
CA ASP B 376 27.64 17.62 33.43
C ASP B 376 28.46 18.85 33.84
N ILE B 377 29.71 18.61 34.26
CA ILE B 377 30.70 19.63 34.72
C ILE B 377 31.29 20.43 33.57
N GLY B 378 31.32 21.75 33.70
CA GLY B 378 31.96 22.60 32.68
C GLY B 378 32.96 23.52 33.35
N GLY B 379 34.18 23.59 32.83
CA GLY B 379 35.16 24.51 33.36
C GLY B 379 35.25 25.80 32.57
N GLU B 380 34.53 25.93 31.48
CA GLU B 380 34.72 27.10 30.63
C GLU B 380 33.50 27.36 29.81
N SER B 381 33.03 28.61 29.85
CA SER B 381 31.80 29.01 29.17
C SER B 381 31.92 28.88 27.65
N SER B 382 30.78 28.72 27.00
CA SER B 382 30.67 28.73 25.55
C SER B 382 29.58 29.73 25.10
N ALA B 383 29.09 30.53 26.04
CA ALA B 383 28.00 31.46 25.83
C ALA B 383 28.42 32.69 24.99
N PRO B 384 27.44 33.35 24.34
CA PRO B 384 27.72 34.45 23.38
C PRO B 384 28.59 35.63 23.91
N TYR B 385 29.68 35.90 23.19
CA TYR B 385 30.64 36.99 23.48
C TYR B 385 31.25 36.89 24.85
N VAL B 386 31.32 35.67 25.40
CA VAL B 386 32.03 35.45 26.66
C VAL B 386 33.55 35.55 26.49
N VAL B 387 34.23 35.91 27.56
CA VAL B 387 35.68 35.96 27.59
C VAL B 387 36.22 35.17 28.78
N PRO B 388 36.45 33.85 28.60
CA PRO B 388 36.74 33.06 29.78
C PRO B 388 37.66 33.78 30.78
N ASN B 389 37.41 33.54 32.06
CA ASN B 389 38.28 34.06 33.12
C ASN B 389 39.76 33.66 32.91
N PRO B 390 40.63 34.65 32.64
CA PRO B 390 42.02 34.32 32.33
C PRO B 390 42.87 34.01 33.56
N SER B 391 42.37 34.23 34.77
CA SER B 391 43.18 34.04 35.99
C SER B 391 43.29 32.56 36.47
N VAL B 392 42.40 31.68 36.04
CA VAL B 392 42.53 30.26 36.37
C VAL B 392 41.95 29.43 35.22
N THR B 393 42.65 28.37 34.83
CA THR B 393 42.29 27.62 33.64
C THR B 393 41.17 26.60 33.89
N GLU B 394 40.49 26.27 32.80
CA GLU B 394 39.56 25.15 32.72
C GLU B 394 39.93 24.02 33.69
N ARG B 395 41.18 23.56 33.59
CA ARG B 395 41.62 22.33 34.25
C ARG B 395 41.71 22.52 35.75
N ASP B 396 42.29 23.64 36.15
CA ASP B 396 42.45 23.92 37.57
C ASP B 396 41.11 24.03 38.27
N LEU B 397 40.11 24.54 37.58
CA LEU B 397 38.76 24.69 38.15
C LEU B 397 38.11 23.35 38.40
N VAL B 398 38.20 22.48 37.39
CA VAL B 398 37.45 21.23 37.31
C VAL B 398 38.09 20.12 38.13
N MET B 399 39.40 19.97 38.06
CA MET B 399 40.03 18.81 38.67
C MET B 399 39.70 18.66 40.15
N PRO B 400 39.89 19.73 40.97
CA PRO B 400 39.64 19.58 42.42
C PRO B 400 38.24 19.10 42.70
N VAL B 401 37.28 19.58 41.91
CA VAL B 401 35.86 19.33 42.14
C VAL B 401 35.46 17.90 41.79
N LEU B 402 36.00 17.36 40.70
CA LEU B 402 35.87 15.96 40.37
C LEU B 402 36.52 15.15 41.46
N LYS B 403 37.79 15.45 41.71
CA LYS B 403 38.59 14.76 42.71
C LYS B 403 37.93 14.82 44.09
N LEU B 404 37.34 15.96 44.45
CA LEU B 404 36.61 16.02 45.71
C LEU B 404 35.36 15.12 45.69
N PHE B 405 34.63 15.09 44.57
CA PHE B 405 33.41 14.28 44.47
C PHE B 405 33.71 12.81 44.75
N LYS B 406 34.72 12.29 44.04
CA LYS B 406 35.11 10.89 44.22
C LYS B 406 35.47 10.55 45.66
N GLU B 407 36.30 11.39 46.30
CA GLU B 407 36.69 11.21 47.69
C GLU B 407 35.46 11.23 48.63
N GLU B 408 34.48 12.06 48.30
CA GLU B 408 33.24 12.14 49.08
C GLU B 408 32.37 10.92 48.86
N TRP B 409 32.39 10.37 47.64
CA TRP B 409 31.67 9.14 47.38
C TRP B 409 32.41 7.94 47.93
N HIS B 410 33.71 8.07 48.16
CA HIS B 410 34.47 6.95 48.66
C HIS B 410 34.34 6.89 50.18
N LYS B 411 34.09 8.04 50.82
CA LYS B 411 33.73 8.10 52.29
C LYS B 411 32.32 7.50 52.53
N LEU B 412 31.44 7.76 51.55
CA LEU B 412 30.07 7.26 51.56
C LEU B 412 30.14 5.75 51.57
N GLU B 413 30.94 5.21 50.66
CA GLU B 413 31.08 3.78 50.45
C GLU B 413 31.75 3.09 51.64
N CYS B 414 32.58 3.81 52.40
CA CYS B 414 33.29 3.24 53.57
C CYS B 414 32.44 3.35 54.79
N GLU B 415 31.65 4.42 54.86
CA GLU B 415 30.69 4.56 55.95
C GLU B 415 29.58 3.52 55.83
N VAL B 416 29.18 3.18 54.61
CA VAL B 416 28.23 2.07 54.37
C VAL B 416 28.91 0.72 54.63
N GLY B 417 30.18 0.62 54.31
CA GLY B 417 30.90 -0.63 54.51
C GLY B 417 31.10 -0.95 55.97
N GLY B 418 30.91 0.04 56.85
CA GLY B 418 31.02 -0.15 58.30
C GLY B 418 30.23 0.87 59.09
N GLN B 434 19.44 -8.70 49.42
CA GLN B 434 20.10 -7.52 49.92
C GLN B 434 20.31 -7.62 51.42
N SER B 435 20.70 -6.50 52.03
CA SER B 435 20.94 -6.30 53.48
C SER B 435 22.27 -6.80 54.02
N SER B 436 23.02 -7.40 53.12
CA SER B 436 24.34 -7.90 53.35
C SER B 436 25.32 -6.83 52.94
N LEU B 437 26.57 -7.18 53.05
CA LEU B 437 27.61 -6.17 52.75
C LEU B 437 27.72 -5.82 51.26
N GLN B 438 27.61 -6.81 50.38
CA GLN B 438 27.55 -6.56 48.91
C GLN B 438 26.20 -5.98 48.50
N GLY B 439 25.13 -6.47 49.15
CA GLY B 439 23.78 -5.95 48.94
C GLY B 439 23.67 -4.47 49.21
N LYS B 440 24.31 -4.02 50.31
CA LYS B 440 24.40 -2.59 50.64
C LYS B 440 25.33 -1.82 49.69
N LEU B 441 26.54 -2.34 49.45
CA LEU B 441 27.48 -1.63 48.55
C LEU B 441 27.04 -1.59 47.08
N GLN B 442 26.17 -2.50 46.65
CA GLN B 442 25.60 -2.49 45.27
C GLN B 442 24.42 -1.48 45.10
N LYS B 443 23.82 -1.11 46.21
CA LYS B 443 22.79 -0.12 46.18
C LYS B 443 23.37 1.28 46.14
N VAL B 444 24.62 1.43 46.58
CA VAL B 444 25.30 2.71 46.58
C VAL B 444 25.85 3.09 45.23
N ARG B 445 26.51 2.17 44.56
CA ARG B 445 27.06 2.48 43.24
C ARG B 445 26.08 2.37 42.10
N ASP B 446 24.88 1.95 42.50
CA ASP B 446 23.76 1.69 41.67
C ASP B 446 22.85 2.91 41.59
N ALA B 447 23.26 3.95 42.28
CA ALA B 447 22.64 5.24 42.21
C ALA B 447 23.69 6.31 42.05
N LYS B 448 24.94 5.97 41.79
CA LYS B 448 25.95 6.96 41.64
C LYS B 448 25.55 7.70 40.41
N PRO B 449 25.53 8.99 40.51
CA PRO B 449 25.16 9.81 39.39
C PRO B 449 26.20 9.68 38.33
N ILE B 450 25.78 9.63 37.09
CA ILE B 450 26.69 9.53 36.01
C ILE B 450 27.41 10.85 35.84
N ILE B 451 28.71 10.84 35.57
CA ILE B 451 29.41 12.13 35.40
C ILE B 451 29.87 12.36 33.98
N SER B 452 29.55 13.54 33.47
CA SER B 452 29.72 13.91 32.07
C SER B 452 30.53 15.19 32.07
N ILE B 453 31.58 15.27 31.29
CA ILE B 453 32.45 16.41 31.32
C ILE B 453 32.26 17.21 30.07
N ASP B 454 32.22 18.51 30.21
CA ASP B 454 31.91 19.37 29.10
C ASP B 454 33.17 20.07 28.62
N THR B 455 33.92 19.40 27.75
CA THR B 455 35.20 19.90 27.30
C THR B 455 35.57 19.40 25.94
N VAL B 456 36.54 20.11 25.36
CA VAL B 456 37.09 19.81 24.04
C VAL B 456 38.58 19.58 24.14
N ASN B 457 39.10 19.40 25.35
CA ASN B 457 40.56 19.48 25.60
C ASN B 457 41.15 18.08 25.85
N TYR B 458 42.09 17.68 24.99
CA TYR B 458 42.69 16.34 25.06
C TYR B 458 43.24 16.07 26.45
N ASP B 459 44.05 16.99 26.94
CA ASP B 459 44.88 16.78 28.13
C ASP B 459 44.06 16.73 29.39
N LEU B 460 42.98 17.50 29.44
CA LEU B 460 42.11 17.46 30.60
C LEU B 460 41.28 16.16 30.58
N PHE B 461 40.70 15.82 29.41
CA PHE B 461 39.92 14.59 29.33
C PHE B 461 40.73 13.37 29.63
N LYS B 462 42.02 13.41 29.28
CA LYS B 462 42.92 12.28 29.47
C LYS B 462 43.01 12.04 30.95
N GLU B 463 43.21 13.14 31.68
CA GLU B 463 43.45 13.12 33.14
C GLU B 463 42.23 12.64 33.90
N CYS B 464 41.05 12.83 33.31
CA CYS B 464 39.79 12.38 33.88
C CYS B 464 39.58 10.85 33.74
N VAL B 465 39.84 10.31 32.55
CA VAL B 465 39.68 8.87 32.35
C VAL B 465 40.83 8.05 32.94
N GLU B 466 41.99 8.69 33.14
CA GLU B 466 43.12 8.03 33.79
C GLU B 466 42.89 7.93 35.29
N GLY B 467 42.30 8.97 35.89
CA GLY B 467 41.90 8.93 37.31
C GLY B 467 40.50 8.36 37.64
N GLU B 468 39.75 7.87 36.65
CA GLU B 468 38.41 7.33 36.91
C GLU B 468 37.44 8.35 37.52
N LEU B 469 37.40 9.51 36.84
CA LEU B 469 36.73 10.69 37.35
C LEU B 469 35.47 11.08 36.57
N VAL B 470 35.25 10.45 35.42
CA VAL B 470 34.12 10.77 34.57
C VAL B 470 33.66 9.55 33.81
N ASP B 471 32.51 9.66 33.15
CA ASP B 471 31.95 8.59 32.33
C ASP B 471 31.57 9.01 30.91
N ILE B 472 31.43 10.31 30.64
CA ILE B 472 30.83 10.73 29.37
C ILE B 472 31.49 12.00 28.90
N LEU B 473 31.88 12.00 27.65
CA LEU B 473 32.53 13.14 27.06
C LEU B 473 31.44 13.91 26.34
N ASN B 474 31.29 15.15 26.75
CA ASN B 474 30.39 16.06 26.13
C ASN B 474 31.25 17.04 25.32
N ASP B 475 31.54 16.69 24.06
CA ASP B 475 32.38 17.57 23.23
C ASP B 475 31.48 18.41 22.35
N ILE B 476 31.33 19.69 22.68
CA ILE B 476 30.52 20.60 21.88
C ILE B 476 31.39 20.84 20.68
N SER B 477 30.85 20.83 19.47
CA SER B 477 31.71 20.72 18.26
C SER B 477 32.26 19.33 17.96
N ALA B 478 31.57 18.29 18.42
CA ALA B 478 31.62 16.92 17.88
C ALA B 478 33.01 16.29 17.66
N CYS B 479 33.97 16.64 18.52
CA CYS B 479 35.32 16.12 18.42
C CYS B 479 35.96 16.55 17.09
N THR B 480 35.75 17.82 16.72
CA THR B 480 36.42 18.37 15.52
C THR B 480 37.60 19.29 15.88
N HIS B 481 37.55 19.83 17.11
CA HIS B 481 38.61 20.65 17.71
C HIS B 481 39.94 19.93 17.82
N ASN B 482 39.87 18.69 18.29
CA ASN B 482 41.03 17.84 18.34
C ASN B 482 40.61 16.38 18.21
N PRO B 483 40.54 15.87 16.97
CA PRO B 483 39.97 14.55 16.82
C PRO B 483 40.67 13.47 17.64
N GLU B 484 41.88 13.75 18.14
CA GLU B 484 42.67 12.74 18.85
C GLU B 484 42.00 12.34 20.17
N ILE B 485 41.09 13.18 20.66
CA ILE B 485 40.33 12.87 21.87
C ILE B 485 39.45 11.62 21.75
N ILE B 486 39.15 11.24 20.51
CA ILE B 486 38.35 10.03 20.28
C ILE B 486 39.05 8.79 20.82
N LYS B 487 40.39 8.75 20.76
CA LYS B 487 41.11 7.52 21.11
C LYS B 487 41.09 7.24 22.59
N LEU B 488 40.80 8.26 23.39
CA LEU B 488 40.66 8.07 24.84
C LEU B 488 39.33 7.44 25.28
N LEU B 489 38.38 7.31 24.35
CA LEU B 489 37.00 6.75 24.62
C LEU B 489 37.02 5.25 24.75
N ARG B 490 38.03 4.66 24.18
CA ARG B 490 38.18 3.27 24.36
C ARG B 490 39.51 3.18 25.08
N ARG B 491 39.51 2.62 26.26
CA ARG B 491 40.72 2.36 27.03
C ARG B 491 40.66 0.94 27.52
N LYS B 492 41.30 0.06 26.78
CA LYS B 492 41.34 -1.34 27.10
C LYS B 492 39.93 -1.82 27.20
N ASN B 493 39.65 -2.46 28.30
CA ASN B 493 38.32 -2.94 28.64
C ASN B 493 37.26 -1.81 28.68
N LYS B 494 37.70 -0.61 29.03
CA LYS B 494 36.83 0.51 29.41
C LYS B 494 36.36 1.35 28.25
N PHE B 495 35.06 1.38 28.04
CA PHE B 495 34.53 2.32 27.08
C PHE B 495 33.86 3.50 27.79
N TYR B 496 33.56 4.50 26.98
CA TYR B 496 33.08 5.78 27.44
C TYR B 496 32.19 6.29 26.34
N SER B 497 31.09 6.92 26.75
CA SER B 497 30.10 7.41 25.81
C SER B 497 30.31 8.90 25.51
N VAL B 498 29.80 9.35 24.39
CA VAL B 498 30.09 10.69 23.93
C VAL B 498 28.88 11.44 23.33
N VAL B 499 28.79 12.72 23.64
CA VAL B 499 27.77 13.56 23.10
C VAL B 499 28.37 14.45 22.02
N LEU B 500 27.98 14.22 20.79
CA LEU B 500 28.43 15.06 19.68
C LEU B 500 27.40 16.19 19.42
N MET B 501 27.73 17.43 19.74
CA MET B 501 26.83 18.54 19.47
C MET B 501 27.16 19.21 18.15
N HIS B 502 26.16 19.83 17.50
CA HIS B 502 26.44 20.69 16.38
C HIS B 502 26.68 22.14 16.78
N LYS B 503 27.69 22.76 16.16
CA LYS B 503 27.98 24.18 16.34
C LYS B 503 28.97 24.66 15.31
N ARG B 504 28.99 25.97 15.08
CA ARG B 504 29.94 26.54 14.16
C ARG B 504 30.67 27.63 14.89
N GLY B 505 31.95 27.81 14.57
CA GLY B 505 32.69 28.92 15.11
C GLY B 505 32.94 28.78 16.59
N ASN B 506 32.98 29.93 17.23
CA ASN B 506 33.33 30.06 18.62
C ASN B 506 32.36 31.07 19.24
N PRO B 507 32.57 31.45 20.50
CA PRO B 507 31.56 32.27 21.14
C PRO B 507 31.32 33.68 20.56
N HIS B 508 32.33 34.28 19.94
CA HIS B 508 32.19 35.66 19.42
C HIS B 508 31.60 35.73 18.02
N THR B 509 31.74 34.62 17.30
CA THR B 509 31.43 34.56 15.89
C THR B 509 30.17 33.70 15.60
N MET B 510 29.90 32.73 16.46
CA MET B 510 28.77 31.81 16.22
C MET B 510 27.46 32.51 15.82
N ASP B 511 27.10 33.62 16.47
CA ASP B 511 25.88 34.35 16.09
C ASP B 511 25.94 34.62 14.59
N LYS B 512 27.08 35.12 14.11
CA LYS B 512 27.18 35.56 12.72
C LYS B 512 27.17 34.46 11.62
N LEU B 513 27.15 33.18 12.01
CA LEU B 513 27.34 32.02 11.07
C LEU B 513 26.08 31.19 10.81
N THR B 514 24.96 31.86 10.49
CA THR B 514 23.61 31.26 10.47
C THR B 514 22.97 30.96 9.10
N ASN B 515 23.76 30.97 8.02
CA ASN B 515 23.24 30.58 6.71
C ASN B 515 23.34 29.10 6.56
N TYR B 516 22.20 28.50 6.30
CA TYR B 516 22.14 27.09 6.01
C TYR B 516 21.29 26.99 4.76
N ASP B 517 21.70 26.14 3.82
CA ASP B 517 20.88 25.86 2.65
C ASP B 517 19.61 25.12 3.06
N ASP B 518 19.73 24.17 4.00
CA ASP B 518 18.59 23.39 4.50
C ASP B 518 18.81 23.05 6.01
N LEU B 519 18.59 24.04 6.86
CA LEU B 519 18.87 23.95 8.30
C LEU B 519 18.75 22.54 8.82
N ILE B 520 17.57 21.91 8.68
CA ILE B 520 17.29 20.68 9.42
C ILE B 520 18.07 19.51 8.88
N SER B 521 18.00 19.36 7.57
CA SER B 521 18.70 18.29 6.85
C SER B 521 20.24 18.37 7.02
N ASP B 522 20.79 19.55 6.71
CA ASP B 522 22.22 19.87 6.89
C ASP B 522 22.78 19.46 8.25
N ILE B 523 22.05 19.70 9.33
CA ILE B 523 22.56 19.49 10.70
C ILE B 523 22.55 18.03 11.09
N LYS B 524 21.51 17.37 10.62
CA LYS B 524 21.39 15.93 10.77
C LYS B 524 22.53 15.30 9.99
N ARG B 525 22.76 15.83 8.79
CA ARG B 525 23.80 15.33 7.90
C ARG B 525 25.17 15.54 8.53
N TYR B 526 25.41 16.69 9.15
CA TYR B 526 26.64 16.92 9.91
C TYR B 526 26.86 15.89 11.01
N LEU B 527 25.90 15.75 11.93
CA LEU B 527 26.03 14.75 13.00
C LEU B 527 26.24 13.32 12.46
N GLU B 528 25.47 12.91 11.46
CA GLU B 528 25.63 11.56 10.89
C GLU B 528 27.05 11.25 10.37
N ASP B 529 27.67 12.22 9.70
CA ASP B 529 29.06 12.05 9.24
C ASP B 529 30.01 11.94 10.45
N ARG B 530 29.81 12.75 11.48
CA ARG B 530 30.68 12.64 12.65
C ARG B 530 30.53 11.26 13.26
N LEU B 531 29.35 10.66 13.19
CA LEU B 531 29.13 9.34 13.78
C LEU B 531 29.89 8.28 13.03
N HIS B 532 29.85 8.36 11.70
CA HIS B 532 30.54 7.41 10.82
C HIS B 532 32.05 7.46 11.10
N PHE B 533 32.54 8.65 11.39
CA PHE B 533 33.92 8.82 11.71
C PHE B 533 34.21 8.06 13.00
N LEU B 534 33.38 8.23 14.02
CA LEU B 534 33.68 7.62 15.31
C LEU B 534 33.50 6.12 15.35
N VAL B 535 32.56 5.58 14.58
CA VAL B 535 32.38 4.13 14.60
C VAL B 535 33.46 3.43 13.81
N LEU B 536 33.96 4.11 12.77
CA LEU B 536 35.03 3.60 11.92
C LEU B 536 36.32 3.53 12.73
N ASN B 537 36.48 4.46 13.66
CA ASN B 537 37.65 4.51 14.52
C ASN B 537 37.45 3.76 15.84
N GLY B 538 36.32 3.05 15.91
CA GLY B 538 36.10 1.98 16.89
C GLY B 538 35.24 2.31 18.07
N VAL B 539 34.58 3.45 18.02
CA VAL B 539 33.63 3.76 19.06
C VAL B 539 32.31 3.01 18.76
N PRO B 540 31.75 2.34 19.78
CA PRO B 540 30.48 1.64 19.56
C PRO B 540 29.33 2.58 19.21
N ARG B 541 28.54 2.22 18.21
CA ARG B 541 27.40 3.03 17.75
C ARG B 541 26.37 3.37 18.88
N TYR B 542 26.36 2.53 19.90
CA TYR B 542 25.40 2.62 20.95
C TYR B 542 25.83 3.51 22.09
N ARG B 543 27.03 4.05 21.98
CA ARG B 543 27.56 5.06 22.91
C ARG B 543 27.55 6.47 22.36
N VAL B 544 27.11 6.65 21.13
CA VAL B 544 27.17 7.95 20.47
C VAL B 544 25.79 8.59 20.53
N LEU B 545 25.73 9.79 21.16
CA LEU B 545 24.49 10.60 21.29
C LEU B 545 24.59 11.89 20.51
N PHE B 546 23.45 12.31 19.98
CA PHE B 546 23.40 13.45 19.10
C PHE B 546 22.95 14.69 19.87
N ASP B 547 23.23 15.87 19.35
CA ASP B 547 22.68 17.09 19.92
C ASP B 547 22.70 18.10 18.82
N VAL B 548 21.61 18.80 18.60
CA VAL B 548 21.54 19.80 17.54
C VAL B 548 22.16 21.17 17.93
N GLY B 549 22.49 21.34 19.19
CA GLY B 549 23.10 22.58 19.67
C GLY B 549 22.22 23.81 19.60
N LEU B 550 21.16 23.82 20.38
CA LEU B 550 20.25 24.94 20.37
C LEU B 550 21.01 26.14 20.81
N GLY B 551 20.77 27.27 20.17
CA GLY B 551 21.54 28.48 20.43
C GLY B 551 22.97 28.57 19.87
N PHE B 552 23.55 27.47 19.35
CA PHE B 552 24.95 27.49 18.78
C PHE B 552 25.02 27.70 17.26
N ALA B 553 25.09 28.94 16.83
CA ALA B 553 25.04 29.28 15.40
C ALA B 553 23.68 29.00 14.81
N LYS B 554 22.66 29.38 15.59
CA LYS B 554 21.29 29.43 15.14
C LYS B 554 20.67 30.76 15.56
N LYS B 555 19.85 31.31 14.70
CA LYS B 555 19.00 32.36 15.15
C LYS B 555 17.87 31.73 15.99
N HIS B 556 17.21 32.57 16.77
CA HIS B 556 16.13 32.08 17.62
C HIS B 556 15.00 31.40 16.81
N ASP B 557 14.64 31.95 15.65
CA ASP B 557 13.67 31.24 14.78
C ASP B 557 14.20 29.89 14.28
N GLN B 558 15.53 29.75 14.14
CA GLN B 558 16.16 28.49 13.71
C GLN B 558 16.21 27.50 14.82
N SER B 559 16.50 27.99 16.00
CA SER B 559 16.56 27.11 17.14
C SER B 559 15.19 26.46 17.41
N ILE B 560 14.13 27.27 17.24
CA ILE B 560 12.74 26.83 17.39
C ILE B 560 12.38 25.85 16.28
N LYS B 561 12.87 26.09 15.07
CA LYS B 561 12.60 25.18 13.95
C LYS B 561 13.21 23.79 14.18
N LEU B 562 14.39 23.74 14.80
CA LEU B 562 15.05 22.47 15.08
C LEU B 562 14.22 21.62 16.04
N LEU B 563 13.51 22.29 16.95
CA LEU B 563 12.59 21.62 17.88
C LEU B 563 11.37 21.16 17.12
N GLN B 564 10.92 21.95 16.16
CA GLN B 564 9.75 21.59 15.37
C GLN B 564 10.00 20.33 14.59
N HIS B 565 11.21 20.16 14.07
CA HIS B 565 11.51 18.99 13.26
C HIS B 565 12.34 17.95 14.00
N ILE B 566 12.30 17.98 15.32
CA ILE B 566 13.04 17.00 16.14
C ILE B 566 12.68 15.50 15.86
N HIS B 567 11.58 15.22 15.16
CA HIS B 567 11.23 13.84 14.74
C HIS B 567 12.23 13.21 13.77
N VAL B 568 13.12 13.99 13.14
CA VAL B 568 14.13 13.40 12.24
C VAL B 568 15.27 12.64 12.97
N TYR B 569 15.41 12.83 14.30
CA TYR B 569 16.34 12.03 15.13
C TYR B 569 15.64 10.88 15.82
N ASP B 570 14.40 10.58 15.42
CA ASP B 570 13.59 9.51 16.04
C ASP B 570 14.24 8.14 15.98
N GLU B 571 15.22 7.93 15.09
CA GLU B 571 16.03 6.71 15.09
C GLU B 571 17.35 6.82 15.92
N TYR B 572 17.63 7.97 16.56
CA TYR B 572 18.92 8.16 17.26
C TYR B 572 18.79 8.59 18.68
N PRO B 573 19.74 8.21 19.56
CA PRO B 573 19.79 8.76 20.91
C PRO B 573 20.09 10.24 20.86
N LEU B 574 19.34 10.99 21.65
CA LEU B 574 19.22 12.42 21.49
C LEU B 574 19.29 13.15 22.82
N PHE B 575 20.08 14.22 22.84
CA PHE B 575 20.42 14.97 24.00
C PHE B 575 20.14 16.43 23.60
N LEU B 576 19.47 17.21 24.44
CA LEU B 576 19.16 18.62 24.11
C LEU B 576 19.43 19.49 25.30
N GLY B 577 19.85 20.72 25.01
CA GLY B 577 20.16 21.70 26.04
C GLY B 577 19.49 22.98 25.64
N TYR B 578 18.31 23.22 26.20
CA TYR B 578 17.62 24.49 26.04
C TYR B 578 17.85 25.42 27.24
N SER B 579 18.24 24.86 28.37
CA SER B 579 18.06 25.55 29.62
C SER B 579 18.63 26.95 29.65
N ARG B 580 17.72 27.90 29.80
CA ARG B 580 18.00 29.29 30.09
C ARG B 580 18.48 30.07 28.88
N LYS B 581 18.46 29.44 27.71
CA LYS B 581 18.96 30.09 26.51
C LYS B 581 17.99 31.17 26.04
N ARG B 582 18.45 32.06 25.17
CA ARG B 582 17.75 33.31 24.81
C ARG B 582 16.55 33.08 23.92
N PHE B 583 16.57 31.98 23.17
CA PHE B 583 15.54 31.73 22.19
C PHE B 583 14.23 31.46 22.91
N ILE B 584 14.29 30.92 24.13
CA ILE B 584 13.09 30.64 24.94
C ILE B 584 12.17 31.86 25.08
N VAL B 585 12.74 32.96 25.55
CA VAL B 585 12.00 34.19 25.79
C VAL B 585 11.62 34.90 24.49
N HIS B 586 12.31 34.56 23.42
CA HIS B 586 12.01 35.11 22.12
C HIS B 586 10.64 34.62 21.64
N CYS B 587 10.11 33.56 22.26
CA CYS B 587 8.76 33.08 21.94
C CYS B 587 7.65 33.98 22.52
N MET B 588 8.03 34.95 23.34
CA MET B 588 7.07 35.76 24.10
C MET B 588 7.22 37.25 23.78
N LEU B 672 14.79 39.13 36.64
CA LEU B 672 13.43 39.53 36.99
C LEU B 672 12.35 38.86 36.05
N LEU B 673 12.73 38.62 34.78
CA LEU B 673 12.02 37.70 33.83
C LEU B 673 12.93 36.48 33.52
N TYR B 674 13.77 36.16 34.50
CA TYR B 674 14.41 34.89 34.55
C TYR B 674 13.34 33.88 34.83
N GLN B 675 12.39 34.25 35.68
CA GLN B 675 11.17 33.47 36.01
C GLN B 675 10.48 32.97 34.75
N LYS B 676 10.33 33.88 33.79
CA LYS B 676 9.65 33.58 32.53
C LYS B 676 10.42 32.59 31.67
N ASN B 677 11.74 32.70 31.71
CA ASN B 677 12.62 31.90 30.88
C ASN B 677 12.71 30.47 31.38
N ILE B 678 12.75 30.30 32.71
CA ILE B 678 12.78 28.98 33.35
C ILE B 678 11.48 28.23 33.10
N CYS B 679 10.38 28.97 33.03
CA CYS B 679 9.07 28.35 32.90
C CYS B 679 8.90 27.95 31.46
N GLY B 680 9.31 28.86 30.57
CA GLY B 680 9.38 28.54 29.15
C GLY B 680 10.12 27.25 28.94
N GLY B 681 11.10 27.02 29.81
CA GLY B 681 11.95 25.86 29.72
C GLY B 681 11.15 24.63 30.03
N LEU B 682 10.32 24.73 31.05
CA LEU B 682 9.55 23.60 31.55
C LEU B 682 8.56 23.14 30.51
N ALA B 683 8.11 24.07 29.68
CA ALA B 683 7.28 23.75 28.53
C ALA B 683 8.00 22.88 27.54
N ILE B 684 9.19 23.33 27.16
CA ILE B 684 10.07 22.58 26.30
C ILE B 684 10.32 21.19 26.89
N ALA B 685 10.40 21.09 28.20
CA ALA B 685 10.53 19.77 28.85
C ALA B 685 9.32 18.89 28.61
N SER B 686 8.12 19.47 28.61
CA SER B 686 6.91 18.71 28.28
C SER B 686 6.96 18.26 26.83
N TYR B 687 7.20 19.21 25.94
CA TYR B 687 7.44 18.91 24.53
C TYR B 687 8.45 17.77 24.38
N SER B 688 9.57 17.90 25.08
CA SER B 688 10.58 16.88 25.05
C SER B 688 10.09 15.55 25.57
N PHE B 689 9.35 15.56 26.66
CA PHE B 689 8.69 14.35 27.12
C PHE B 689 7.87 13.65 26.01
N TYR B 690 7.05 14.42 25.30
CA TYR B 690 6.12 13.87 24.32
C TYR B 690 6.80 13.48 23.05
N LYS B 691 7.88 14.17 22.71
CA LYS B 691 8.74 13.80 21.58
C LYS B 691 9.73 12.65 21.86
N LYS B 692 9.77 12.18 23.11
CA LYS B 692 10.57 11.06 23.57
C LYS B 692 12.05 11.34 23.45
N VAL B 693 12.43 12.58 23.74
CA VAL B 693 13.84 12.95 23.80
C VAL B 693 14.47 12.10 24.88
N ASP B 694 15.73 11.74 24.72
CA ASP B 694 16.33 10.72 25.58
C ASP B 694 16.95 11.40 26.77
N LEU B 695 17.70 12.48 26.53
CA LEU B 695 18.28 13.29 27.61
C LEU B 695 18.08 14.77 27.44
N ILE B 696 17.64 15.41 28.50
CA ILE B 696 17.54 16.87 28.52
C ILE B 696 18.46 17.42 29.56
N ARG B 697 19.10 18.55 29.24
CA ARG B 697 20.19 19.10 30.05
C ARG B 697 19.71 20.43 30.52
N VAL B 698 19.54 20.54 31.84
CA VAL B 698 18.83 21.64 32.47
C VAL B 698 19.53 22.08 33.75
N HIS B 699 19.31 23.32 34.18
CA HIS B 699 19.79 23.81 35.49
C HIS B 699 18.78 23.61 36.64
N ASP B 700 17.48 23.58 36.35
CA ASP B 700 16.49 23.58 37.40
C ASP B 700 15.92 22.19 37.50
N VAL B 701 16.73 21.32 38.09
CA VAL B 701 16.46 19.90 38.13
C VAL B 701 15.16 19.55 38.87
N LEU B 702 15.00 20.13 40.06
CA LEU B 702 13.85 19.91 40.93
C LEU B 702 12.51 20.15 40.22
N GLU B 703 12.47 21.24 39.48
CA GLU B 703 11.30 21.67 38.76
C GLU B 703 11.12 20.86 37.49
N THR B 704 12.14 20.69 36.67
CA THR B 704 12.02 19.76 35.55
C THR B 704 11.47 18.38 36.02
N LYS B 705 11.92 17.93 37.17
CA LYS B 705 11.52 16.63 37.72
C LYS B 705 10.02 16.53 37.92
N ALA B 706 9.48 17.57 38.55
CA ALA B 706 8.06 17.76 38.81
C ALA B 706 7.25 17.63 37.55
N VAL B 707 7.68 18.30 36.48
CA VAL B 707 7.00 18.22 35.20
C VAL B 707 6.93 16.78 34.79
N LEU B 708 8.07 16.17 34.57
CA LEU B 708 8.11 14.81 34.07
C LEU B 708 7.40 13.78 34.97
N ASP B 709 7.45 13.91 36.29
CA ASP B 709 6.67 13.03 37.20
C ASP B 709 5.18 13.07 36.88
N VAL B 710 4.68 14.30 36.74
CA VAL B 710 3.29 14.51 36.44
C VAL B 710 2.99 13.95 35.08
N LEU B 711 3.84 14.22 34.10
CA LEU B 711 3.58 13.77 32.74
C LEU B 711 3.61 12.27 32.64
N THR B 712 4.44 11.66 33.42
CA THR B 712 4.61 10.22 33.43
C THR B 712 3.44 9.48 34.03
N ARG B 713 2.87 10.11 35.05
CA ARG B 713 1.78 9.55 35.82
C ARG B 713 0.51 9.62 35.01
N ILE B 714 0.30 10.75 34.39
CA ILE B 714 -0.86 10.91 33.56
C ILE B 714 -0.86 9.80 32.55
N HIS B 715 0.33 9.47 32.01
CA HIS B 715 0.40 8.53 30.89
C HIS B 715 0.68 7.09 31.24
N GLN B 716 0.37 6.72 32.48
CA GLN B 716 0.43 5.32 32.93
C GLN B 716 -0.92 4.66 32.69
N PRO B 717 -0.92 3.47 32.07
CA PRO B 717 -2.14 2.68 31.86
C PRO B 717 -3.02 2.62 33.12
N THR C 10 -53.43 7.64 33.15
CA THR C 10 -52.57 7.80 31.94
C THR C 10 -52.04 6.46 31.43
N PRO C 11 -51.37 5.65 32.29
CA PRO C 11 -50.43 4.60 31.79
C PRO C 11 -51.13 3.52 30.99
N ARG C 12 -50.46 2.94 30.02
CA ARG C 12 -51.06 1.93 29.19
C ARG C 12 -51.33 0.67 29.94
N ASN C 13 -52.19 -0.16 29.42
CA ASN C 13 -52.49 -1.41 30.11
C ASN C 13 -51.89 -2.58 29.40
N ILE C 14 -51.81 -3.72 30.06
CA ILE C 14 -51.05 -4.83 29.50
C ILE C 14 -51.96 -5.96 29.23
N ALA C 15 -51.83 -6.51 28.04
CA ALA C 15 -52.73 -7.54 27.59
C ALA C 15 -51.93 -8.66 27.00
N VAL C 16 -52.38 -9.89 27.21
CA VAL C 16 -51.68 -11.06 26.78
C VAL C 16 -52.68 -11.90 26.02
N LEU C 17 -52.49 -12.01 24.72
CA LEU C 17 -53.43 -12.65 23.81
C LEU C 17 -52.98 -14.01 23.28
N ASN C 18 -53.93 -14.80 22.77
CA ASN C 18 -53.64 -16.14 22.22
C ASN C 18 -54.28 -16.36 20.83
N PHE C 19 -53.43 -16.28 19.80
CA PHE C 19 -53.81 -16.56 18.42
C PHE C 19 -53.82 -18.07 18.11
N GLY C 20 -54.73 -18.48 17.23
CA GLY C 20 -54.95 -19.88 16.86
C GLY C 20 -55.56 -19.99 15.45
N THR C 21 -55.11 -20.98 14.70
CA THR C 21 -55.63 -21.33 13.37
C THR C 21 -55.45 -22.79 13.08
N ASN C 22 -56.13 -23.26 12.06
CA ASN C 22 -56.05 -24.67 11.68
C ASN C 22 -55.56 -24.87 10.27
N ASP C 23 -55.26 -23.76 9.60
CA ASP C 23 -54.81 -23.77 8.22
C ASP C 23 -53.31 -23.82 8.19
N LYS C 24 -52.74 -24.97 7.89
CA LYS C 24 -51.28 -25.08 7.82
C LYS C 24 -50.63 -24.37 6.63
N LYS C 25 -51.18 -24.48 5.44
CA LYS C 25 -50.56 -23.84 4.30
C LYS C 25 -50.61 -22.32 4.36
N ASN C 26 -51.69 -21.76 4.88
CA ASN C 26 -51.88 -20.29 4.96
C ASN C 26 -51.61 -19.66 6.34
N CYS C 27 -51.02 -20.49 7.20
CA CYS C 27 -50.92 -20.29 8.62
C CYS C 27 -50.26 -18.98 9.00
N VAL C 28 -49.30 -18.54 8.20
CA VAL C 28 -48.46 -17.42 8.56
C VAL C 28 -49.05 -16.12 8.03
N THR C 29 -49.70 -16.20 6.89
CA THR C 29 -50.36 -15.02 6.35
C THR C 29 -51.60 -14.72 7.17
N ILE C 30 -52.27 -15.75 7.68
CA ILE C 30 -53.39 -15.53 8.61
C ILE C 30 -52.92 -14.91 9.96
N LEU C 31 -52.09 -15.62 10.74
CA LEU C 31 -51.59 -15.03 11.99
C LEU C 31 -51.06 -13.62 11.79
N GLU C 32 -50.24 -13.41 10.78
CA GLU C 32 -49.56 -12.11 10.69
C GLU C 32 -50.49 -10.95 10.29
N THR C 33 -51.57 -11.28 9.58
CA THR C 33 -52.57 -10.30 9.29
C THR C 33 -53.41 -10.01 10.56
N ALA C 34 -53.70 -11.07 11.31
CA ALA C 34 -54.27 -10.92 12.64
C ALA C 34 -53.35 -10.16 13.58
N LEU C 35 -52.02 -10.28 13.48
CA LEU C 35 -51.14 -9.50 14.37
C LEU C 35 -51.07 -8.04 13.98
N TYR C 36 -51.11 -7.78 12.68
CA TYR C 36 -51.04 -6.44 12.13
C TYR C 36 -52.25 -5.66 12.57
N LEU C 37 -53.42 -6.27 12.42
CA LEU C 37 -54.67 -5.62 12.78
C LEU C 37 -54.83 -5.44 14.27
N THR C 38 -54.49 -6.47 15.03
CA THR C 38 -54.43 -6.38 16.49
C THR C 38 -53.55 -5.22 17.02
N GLU C 39 -52.34 -5.11 16.50
CA GLU C 39 -51.48 -4.01 16.87
C GLU C 39 -52.05 -2.68 16.43
N LYS C 40 -52.62 -2.65 15.24
CA LYS C 40 -53.20 -1.42 14.69
C LYS C 40 -54.27 -0.83 15.58
N TYR C 41 -55.07 -1.70 16.16
CA TYR C 41 -56.29 -1.31 16.80
C TYR C 41 -56.23 -1.39 18.34
N LEU C 42 -55.25 -2.09 18.91
CA LEU C 42 -55.05 -2.14 20.37
C LEU C 42 -53.76 -1.50 20.94
N GLY C 43 -52.68 -1.39 20.17
CA GLY C 43 -51.41 -0.84 20.69
C GLY C 43 -50.17 -1.62 20.24
N LYS C 44 -49.06 -1.43 20.91
CA LYS C 44 -47.80 -2.08 20.51
C LYS C 44 -47.64 -3.55 20.96
N ILE C 45 -47.26 -4.42 20.03
CA ILE C 45 -46.82 -5.76 20.40
C ILE C 45 -45.37 -5.71 20.79
N ILE C 46 -45.13 -6.02 22.07
CA ILE C 46 -43.83 -5.85 22.71
C ILE C 46 -43.32 -7.18 23.22
N ASN C 47 -43.89 -8.29 22.76
CA ASN C 47 -43.30 -9.63 22.92
C ASN C 47 -44.12 -10.72 22.22
N SER C 48 -43.47 -11.80 21.83
CA SER C 48 -44.12 -12.83 21.02
C SER C 48 -43.50 -14.16 21.26
N SER C 49 -44.29 -15.22 21.15
CA SER C 49 -43.78 -16.55 21.39
C SER C 49 -43.33 -17.12 20.07
N TYR C 50 -42.96 -18.40 20.06
CA TYR C 50 -42.75 -19.09 18.81
C TYR C 50 -44.13 -19.56 18.40
N ILE C 51 -44.32 -19.91 17.13
CA ILE C 51 -45.52 -20.59 16.68
C ILE C 51 -45.38 -22.09 16.95
N TYR C 52 -46.44 -22.74 17.42
CA TYR C 52 -46.33 -24.13 17.79
C TYR C 52 -47.37 -24.97 17.03
N GLU C 53 -46.95 -26.13 16.55
CA GLU C 53 -47.91 -27.03 15.98
C GLU C 53 -48.31 -27.92 17.13
N THR C 54 -49.57 -27.80 17.52
CA THR C 54 -50.12 -28.48 18.67
C THR C 54 -51.31 -29.37 18.31
N VAL C 55 -51.35 -30.51 18.99
CA VAL C 55 -52.45 -31.45 18.96
C VAL C 55 -53.64 -30.94 19.76
N PRO C 56 -54.84 -30.99 19.14
CA PRO C 56 -56.09 -30.60 19.80
C PRO C 56 -56.30 -31.15 21.21
N GLU C 57 -56.62 -30.20 22.08
CA GLU C 57 -57.08 -30.45 23.43
C GLU C 57 -58.52 -30.01 23.50
N TYR C 58 -59.37 -30.96 23.86
CA TYR C 58 -60.80 -30.72 24.02
C TYR C 58 -61.31 -31.02 25.44
N ILE C 59 -60.65 -31.97 26.11
CA ILE C 59 -61.00 -32.41 27.46
C ILE C 59 -59.76 -32.27 28.40
N ILE C 67 -54.32 -38.63 23.87
CA ILE C 67 -55.74 -38.26 23.92
C ILE C 67 -56.43 -38.71 22.60
N GLY C 68 -56.52 -37.83 21.58
CA GLY C 68 -56.88 -38.23 20.21
C GLY C 68 -55.71 -37.96 19.26
N GLU C 69 -55.84 -38.41 18.02
CA GLU C 69 -54.74 -38.37 17.06
C GLU C 69 -55.13 -37.76 15.72
N VAL C 70 -54.34 -36.84 15.21
CA VAL C 70 -54.63 -36.11 13.97
C VAL C 70 -54.51 -36.76 12.59
N THR C 71 -55.48 -36.50 11.72
CA THR C 71 -55.46 -36.93 10.32
C THR C 71 -55.87 -35.70 9.55
N GLU C 72 -55.15 -35.33 8.51
CA GLU C 72 -55.45 -34.08 7.83
C GLU C 72 -56.59 -34.15 6.86
N GLY C 73 -57.75 -33.72 7.35
CA GLY C 73 -58.98 -33.67 6.59
C GLY C 73 -59.49 -32.36 6.04
N GLU C 74 -58.83 -31.25 6.31
CA GLU C 74 -59.29 -29.99 5.78
C GLU C 74 -58.54 -29.81 4.51
N ARG C 77 -57.46 -23.98 1.74
CA ARG C 77 -58.14 -22.74 2.00
C ARG C 77 -57.68 -21.70 1.00
N ASP C 78 -58.54 -20.76 0.67
CA ASP C 78 -58.15 -19.72 -0.25
C ASP C 78 -58.19 -18.40 0.46
N ILE C 79 -57.07 -17.72 0.43
CA ILE C 79 -56.91 -16.42 1.05
C ILE C 79 -56.60 -15.33 0.03
N SER C 80 -56.91 -15.57 -1.26
CA SER C 80 -56.63 -14.60 -2.36
C SER C 80 -57.20 -13.17 -2.15
N TRP C 81 -58.01 -12.99 -1.12
CA TRP C 81 -58.70 -11.71 -0.87
C TRP C 81 -58.04 -10.92 0.28
N ILE C 82 -57.22 -11.58 1.08
CA ILE C 82 -56.68 -10.96 2.26
C ILE C 82 -55.89 -9.70 1.97
N GLY C 83 -55.14 -9.72 0.88
CA GLY C 83 -54.26 -8.60 0.55
C GLY C 83 -55.00 -7.31 0.25
N ASP C 84 -56.17 -7.45 -0.42
CA ASP C 84 -57.17 -6.37 -0.55
C ASP C 84 -57.66 -5.78 0.77
N LEU C 85 -57.57 -6.54 1.85
CA LEU C 85 -58.07 -6.05 3.13
C LEU C 85 -57.20 -4.90 3.64
N ILE C 86 -55.90 -5.05 3.49
CA ILE C 86 -54.98 -4.14 4.19
C ILE C 86 -55.11 -2.67 3.85
N PRO C 87 -55.13 -2.31 2.55
CA PRO C 87 -55.31 -0.88 2.21
C PRO C 87 -56.64 -0.22 2.57
N THR C 88 -57.62 -0.99 3.03
CA THR C 88 -58.95 -0.44 3.25
C THR C 88 -59.37 -0.41 4.74
N VAL C 89 -58.57 -1.03 5.60
CA VAL C 89 -58.92 -1.13 7.02
C VAL C 89 -58.94 0.28 7.55
N GLU C 90 -59.94 0.62 8.37
CA GLU C 90 -60.08 1.97 8.91
C GLU C 90 -59.02 2.32 9.91
N ASN C 91 -58.81 3.60 10.17
CA ASN C 91 -57.74 4.02 11.10
C ASN C 91 -58.06 3.85 12.56
N SER C 92 -57.04 3.71 13.39
CA SER C 92 -57.23 3.71 14.83
C SER C 92 -57.37 5.15 15.16
N ARG C 93 -58.08 5.42 16.26
CA ARG C 93 -58.24 6.77 16.77
C ARG C 93 -57.03 7.19 17.59
N TYR C 94 -56.27 6.20 18.06
CA TYR C 94 -55.03 6.40 18.82
C TYR C 94 -53.88 5.97 17.93
N GLU C 95 -52.73 6.64 18.02
CA GLU C 95 -51.58 6.22 17.18
C GLU C 95 -50.34 6.18 18.01
N GLU C 96 -49.54 5.13 17.83
CA GLU C 96 -48.22 5.12 18.45
C GLU C 96 -47.15 5.45 17.42
N SER C 97 -46.10 6.11 17.92
CA SER C 97 -44.95 6.33 17.09
C SER C 97 -44.33 4.95 16.84
N GLU C 98 -43.40 4.92 15.90
CA GLU C 98 -42.71 3.67 15.55
C GLU C 98 -41.24 3.71 16.04
N ASP C 99 -40.95 4.63 16.95
CA ASP C 99 -39.65 4.72 17.62
C ASP C 99 -39.23 3.41 18.28
N LEU C 100 -37.92 3.24 18.38
CA LEU C 100 -37.38 2.12 19.07
C LEU C 100 -37.58 2.38 20.53
N ILE C 101 -38.02 1.39 21.28
CA ILE C 101 -38.09 1.45 22.75
C ILE C 101 -37.00 0.55 23.40
N TYR C 102 -36.58 0.87 24.63
CA TYR C 102 -35.61 0.03 25.33
C TYR C 102 -36.15 -0.53 26.65
N GLU C 103 -37.39 -0.20 26.97
CA GLU C 103 -38.04 -0.72 28.17
C GLU C 103 -39.55 -0.53 28.06
N CYS C 104 -40.26 -1.23 28.93
CA CYS C 104 -41.66 -0.96 29.21
C CYS C 104 -41.83 -1.22 30.68
N LYS C 105 -41.97 -0.12 31.41
CA LYS C 105 -42.20 -0.11 32.84
C LYS C 105 -43.53 -0.74 33.17
N GLU C 106 -44.57 -0.53 32.34
CA GLU C 106 -45.89 -1.16 32.55
C GLU C 106 -45.80 -2.67 32.62
N LEU C 107 -45.05 -3.21 31.66
CA LEU C 107 -44.75 -4.65 31.61
C LEU C 107 -43.98 -5.13 32.84
N GLU C 108 -43.06 -4.32 33.30
CA GLU C 108 -42.33 -4.68 34.50
C GLU C 108 -43.28 -4.90 35.65
N VAL C 109 -44.22 -3.98 35.80
CA VAL C 109 -45.29 -4.10 36.78
C VAL C 109 -46.18 -5.33 36.57
N PHE C 110 -46.66 -5.50 35.34
CA PHE C 110 -47.50 -6.67 35.04
C PHE C 110 -46.87 -7.98 35.54
N LEU C 111 -45.55 -8.11 35.34
CA LEU C 111 -44.83 -9.32 35.75
C LEU C 111 -44.78 -9.53 37.27
N LYS C 112 -44.92 -8.45 38.01
CA LYS C 112 -44.87 -8.55 39.43
C LYS C 112 -46.26 -8.71 39.98
N ASN C 113 -47.23 -8.91 39.08
CA ASN C 113 -48.62 -9.04 39.48
C ASN C 113 -49.11 -7.81 40.25
N GLU C 114 -48.59 -6.63 39.91
CA GLU C 114 -48.92 -5.42 40.65
C GLU C 114 -49.90 -4.57 39.83
N LYS C 115 -50.44 -3.55 40.43
CA LYS C 115 -51.46 -2.75 39.82
C LYS C 115 -51.01 -1.69 38.87
N ILE C 116 -51.60 -1.70 37.70
CA ILE C 116 -51.32 -0.69 36.68
C ILE C 116 -52.46 0.32 36.75
N ASN C 117 -53.69 -0.15 36.50
CA ASN C 117 -54.87 0.71 36.67
C ASN C 117 -56.00 -0.09 37.29
N GLU C 118 -56.88 0.60 38.00
CA GLU C 118 -58.01 0.02 38.67
C GLU C 118 -58.99 -0.47 37.62
N SER C 119 -59.44 -1.68 37.77
CA SER C 119 -60.34 -2.25 36.76
C SER C 119 -61.65 -1.50 36.80
N ILE C 120 -62.03 -1.03 35.62
CA ILE C 120 -63.31 -0.41 35.34
C ILE C 120 -64.46 -1.42 35.37
N ILE C 121 -64.17 -2.68 35.08
CA ILE C 121 -65.15 -3.77 35.16
C ILE C 121 -64.94 -4.47 36.49
N ARG C 122 -66.04 -4.86 37.11
CA ARG C 122 -66.03 -5.43 38.43
C ARG C 122 -65.25 -6.75 38.48
N GLU C 123 -64.31 -6.79 39.43
CA GLU C 123 -63.50 -7.95 39.69
C GLU C 123 -64.29 -8.86 40.60
N VAL C 124 -63.81 -10.08 40.75
CA VAL C 124 -64.37 -11.05 41.67
C VAL C 124 -63.20 -11.72 42.43
N SER C 125 -63.49 -12.46 43.49
CA SER C 125 -62.44 -13.11 44.29
C SER C 125 -61.84 -14.29 43.53
N VAL C 126 -60.79 -14.88 44.10
CA VAL C 126 -60.12 -16.06 43.49
C VAL C 126 -61.03 -17.29 43.62
N GLU C 127 -61.69 -17.41 44.75
CA GLU C 127 -62.63 -18.50 45.00
C GLU C 127 -63.85 -18.50 44.10
N ASP C 128 -64.40 -17.32 43.88
CA ASP C 128 -65.54 -17.18 42.98
C ASP C 128 -65.13 -17.67 41.61
N TYR C 129 -64.13 -17.01 41.06
CA TYR C 129 -63.58 -17.36 39.76
C TYR C 129 -63.43 -18.88 39.59
N GLU C 130 -62.54 -19.48 40.39
CA GLU C 130 -62.32 -20.93 40.35
C GLU C 130 -63.64 -21.68 40.20
N ASN C 131 -64.62 -21.36 41.03
CA ASN C 131 -65.95 -21.93 40.88
C ASN C 131 -66.50 -21.81 39.46
N GLU C 132 -66.83 -20.60 39.00
CA GLU C 132 -67.50 -20.46 37.69
C GLU C 132 -66.59 -20.97 36.56
N ALA C 133 -65.27 -20.93 36.74
CA ALA C 133 -64.36 -21.51 35.74
C ALA C 133 -64.48 -23.02 35.63
N ARG C 134 -64.79 -23.65 36.78
CA ARG C 134 -64.90 -25.09 36.85
C ARG C 134 -66.18 -25.53 36.18
N ARG C 135 -67.28 -24.81 36.39
CA ARG C 135 -68.55 -25.17 35.75
C ARG C 135 -68.33 -25.23 34.23
N ILE C 136 -67.83 -24.15 33.67
CA ILE C 136 -67.67 -24.09 32.23
C ILE C 136 -66.79 -25.22 31.71
N ILE C 137 -65.81 -25.66 32.49
CA ILE C 137 -64.92 -26.71 32.04
C ILE C 137 -65.58 -28.07 32.09
N LYS C 138 -66.28 -28.38 33.17
CA LYS C 138 -67.08 -29.62 33.22
C LYS C 138 -68.14 -29.63 32.11
N ARG C 139 -68.83 -28.52 31.92
CA ARG C 139 -69.83 -28.40 30.86
C ARG C 139 -69.26 -28.83 29.50
N ASN C 140 -68.20 -28.15 29.10
CA ASN C 140 -67.61 -28.34 27.79
C ASN C 140 -67.09 -29.75 27.67
N ASP C 141 -66.55 -30.29 28.77
CA ASP C 141 -66.09 -31.66 28.75
C ASP C 141 -67.23 -32.65 28.42
N GLU C 142 -68.43 -32.41 28.94
CA GLU C 142 -69.57 -33.28 28.64
C GLU C 142 -70.06 -33.17 27.20
N ILE C 143 -70.21 -31.93 26.74
CA ILE C 143 -70.59 -31.70 25.35
C ILE C 143 -69.62 -32.44 24.40
N MET C 144 -68.34 -32.08 24.49
CA MET C 144 -67.28 -32.64 23.67
C MET C 144 -67.21 -34.15 23.69
N LYS C 145 -67.41 -34.75 24.87
CA LYS C 145 -67.34 -36.20 25.00
C LYS C 145 -68.28 -36.86 23.99
N LYS C 146 -69.56 -36.49 24.06
CA LYS C 146 -70.57 -37.07 23.14
C LYS C 146 -70.23 -36.71 21.70
N ASN C 147 -69.62 -35.55 21.46
CA ASN C 147 -69.29 -35.16 20.09
C ASN C 147 -68.28 -36.16 19.41
N LEU C 148 -67.30 -36.63 20.19
CA LEU C 148 -66.40 -37.69 19.74
C LEU C 148 -67.16 -39.01 19.40
N GLU C 149 -68.08 -39.47 20.26
CA GLU C 149 -68.94 -40.61 19.87
C GLU C 149 -69.61 -40.26 18.52
N GLN C 150 -70.22 -39.06 18.51
CA GLN C 150 -71.08 -38.52 17.44
C GLN C 150 -70.28 -37.62 16.47
N ASP C 153 -66.70 -37.74 12.47
CA ASP C 153 -65.27 -37.44 12.38
C ASP C 153 -65.05 -36.05 11.79
N LYS C 154 -65.25 -35.05 12.65
CA LYS C 154 -65.26 -33.64 12.28
C LYS C 154 -64.30 -32.73 13.14
N TYR C 155 -63.46 -33.32 13.99
CA TYR C 155 -62.90 -32.59 15.14
C TYR C 155 -61.41 -32.69 15.27
N TYR C 156 -60.87 -33.92 15.30
CA TYR C 156 -59.40 -34.15 15.46
C TYR C 156 -58.67 -34.11 14.11
N THR C 157 -59.46 -33.90 13.08
CA THR C 157 -58.97 -33.69 11.74
C THR C 157 -58.38 -32.30 11.84
N SER C 158 -57.14 -32.16 11.38
CA SER C 158 -56.28 -30.96 11.41
C SER C 158 -55.58 -30.75 12.75
N TYR C 159 -54.60 -29.87 12.75
CA TYR C 159 -53.75 -29.52 13.88
C TYR C 159 -53.98 -28.08 14.26
N PHE C 160 -53.48 -27.67 15.39
CA PHE C 160 -53.69 -26.24 15.68
C PHE C 160 -52.37 -25.53 15.62
N PHE C 161 -52.39 -24.28 15.17
CA PHE C 161 -51.21 -23.44 15.17
C PHE C 161 -51.44 -22.28 16.16
N ASN C 162 -50.60 -22.21 17.19
CA ASN C 162 -50.73 -21.29 18.30
C ASN C 162 -49.58 -20.29 18.52
N LEU C 163 -49.92 -19.12 19.03
CA LEU C 163 -48.99 -18.04 19.16
C LEU C 163 -49.54 -17.06 20.19
N THR C 164 -48.75 -16.71 21.18
CA THR C 164 -49.17 -15.78 22.21
C THR C 164 -48.42 -14.48 22.08
N VAL C 165 -49.02 -13.41 22.48
CA VAL C 165 -48.44 -12.10 22.26
C VAL C 165 -48.67 -11.20 23.47
N VAL C 166 -47.78 -10.22 23.67
CA VAL C 166 -47.94 -9.27 24.77
C VAL C 166 -48.17 -7.90 24.18
N VAL C 167 -49.32 -7.32 24.52
CA VAL C 167 -49.73 -6.05 23.98
C VAL C 167 -49.67 -5.00 25.08
N ARG C 168 -49.05 -3.88 24.75
CA ARG C 168 -49.17 -2.65 25.51
C ARG C 168 -50.31 -1.87 24.85
N THR C 169 -51.44 -1.78 25.55
CA THR C 169 -52.67 -1.34 24.97
C THR C 169 -53.14 0.00 25.48
N PHE C 170 -53.79 0.75 24.61
CA PHE C 170 -54.57 1.93 25.00
C PHE C 170 -56.03 1.61 25.36
N VAL C 171 -56.55 0.44 25.02
CA VAL C 171 -57.94 0.20 25.41
C VAL C 171 -58.05 0.14 26.91
N GLU C 172 -59.17 0.59 27.40
CA GLU C 172 -59.29 0.88 28.80
C GLU C 172 -59.73 -0.29 29.64
N ASP C 173 -60.19 -1.38 29.03
CA ASP C 173 -60.80 -2.53 29.75
C ASP C 173 -60.96 -3.80 28.86
N PRO C 174 -61.02 -4.99 29.49
CA PRO C 174 -61.13 -6.27 28.74
C PRO C 174 -62.37 -6.41 27.84
N LEU C 175 -63.51 -5.84 28.24
CA LEU C 175 -64.68 -5.94 27.40
C LEU C 175 -64.51 -5.23 26.09
N ALA C 176 -63.98 -4.02 26.13
CA ALA C 176 -63.67 -3.30 24.88
C ALA C 176 -62.63 -4.03 24.06
N MET C 177 -61.72 -4.71 24.71
CA MET C 177 -60.73 -5.45 23.95
C MET C 177 -61.46 -6.59 23.26
N LEU C 178 -62.17 -7.38 24.06
CA LEU C 178 -62.87 -8.56 23.54
C LEU C 178 -63.71 -8.29 22.31
N VAL C 179 -64.39 -7.15 22.32
CA VAL C 179 -65.24 -6.72 21.24
C VAL C 179 -64.44 -6.46 19.97
N ILE C 180 -63.34 -5.72 20.08
CA ILE C 180 -62.48 -5.41 18.94
C ILE C 180 -61.84 -6.67 18.32
N LEU C 181 -61.43 -7.59 19.17
CA LEU C 181 -60.92 -8.88 18.74
C LEU C 181 -61.94 -9.70 17.97
N LYS C 182 -63.22 -9.63 18.33
CA LYS C 182 -64.22 -10.32 17.54
C LYS C 182 -64.51 -9.54 16.28
N TYR C 183 -64.41 -8.22 16.35
CA TYR C 183 -64.54 -7.36 15.17
C TYR C 183 -63.47 -7.74 14.18
N ILE C 184 -62.24 -7.94 14.67
CA ILE C 184 -61.11 -8.36 13.82
C ILE C 184 -61.36 -9.79 13.26
N GLU C 185 -61.67 -10.74 14.13
CA GLU C 185 -62.11 -12.07 13.66
C GLU C 185 -63.11 -12.03 12.47
N GLN C 186 -64.19 -11.25 12.58
CA GLN C 186 -65.24 -11.19 11.53
C GLN C 186 -64.71 -10.61 10.22
N ILE C 187 -63.91 -9.56 10.35
CA ILE C 187 -63.25 -8.93 9.21
C ILE C 187 -62.49 -9.92 8.29
N MET C 188 -62.02 -11.03 8.84
CA MET C 188 -61.40 -12.13 8.08
C MET C 188 -62.46 -13.19 7.61
N LYS C 189 -63.34 -13.62 8.52
CA LYS C 189 -64.26 -14.72 8.26
C LYS C 189 -65.50 -14.23 7.55
N ASN C 203 -62.42 -26.85 13.71
CA ASN C 203 -61.82 -26.27 12.51
C ASN C 203 -62.18 -24.75 12.39
N ARG C 204 -61.16 -23.90 12.24
CA ARG C 204 -61.43 -22.48 12.28
C ARG C 204 -60.29 -21.71 11.62
N MET C 205 -60.63 -20.59 10.98
CA MET C 205 -59.65 -19.77 10.27
C MET C 205 -58.78 -18.96 11.19
N ILE C 206 -59.39 -18.18 12.10
CA ILE C 206 -58.67 -17.43 13.12
C ILE C 206 -59.48 -17.33 14.41
N ASP C 207 -58.81 -17.45 15.56
CA ASP C 207 -59.39 -17.33 16.90
C ASP C 207 -58.46 -16.44 17.69
N ILE C 208 -58.99 -15.44 18.38
CA ILE C 208 -58.15 -14.61 19.27
C ILE C 208 -58.82 -14.43 20.62
N ASP C 209 -58.14 -14.90 21.65
CA ASP C 209 -58.63 -14.89 23.00
C ASP C 209 -57.70 -13.99 23.86
N ILE C 210 -58.27 -13.43 24.92
CA ILE C 210 -57.53 -12.68 25.92
C ILE C 210 -57.18 -13.59 27.08
N LEU C 211 -55.90 -13.79 27.31
CA LEU C 211 -55.43 -14.65 28.40
C LEU C 211 -55.27 -13.90 29.71
N PHE C 212 -54.56 -12.77 29.67
CA PHE C 212 -54.47 -11.86 30.79
C PHE C 212 -54.67 -10.41 30.36
N PHE C 213 -55.24 -9.64 31.28
CA PHE C 213 -55.31 -8.20 31.17
C PHE C 213 -54.91 -7.70 32.53
N ASN C 214 -53.73 -7.11 32.65
CA ASN C 214 -53.23 -6.66 33.94
C ASN C 214 -53.39 -7.80 34.98
N ASN C 215 -53.66 -7.43 36.24
CA ASN C 215 -53.79 -8.41 37.36
C ASN C 215 -55.21 -8.85 37.64
N TYR C 216 -56.13 -8.45 36.76
CA TYR C 216 -57.55 -8.55 37.00
C TYR C 216 -58.00 -9.99 37.16
N THR C 217 -59.09 -10.21 37.90
CA THR C 217 -59.78 -11.51 37.94
C THR C 217 -61.20 -11.22 37.64
N ILE C 218 -61.69 -11.58 36.46
CA ILE C 218 -63.01 -11.12 36.03
C ILE C 218 -63.88 -12.27 35.57
N PHE C 219 -65.07 -12.37 36.16
CA PHE C 219 -66.08 -13.28 35.64
C PHE C 219 -67.40 -12.54 35.37
N GLU C 220 -67.91 -12.77 34.15
CA GLU C 220 -69.11 -12.14 33.62
C GLU C 220 -69.78 -13.11 32.67
N LYS C 221 -70.78 -13.87 33.15
CA LYS C 221 -71.60 -14.70 32.24
C LYS C 221 -72.57 -13.74 31.60
N SER C 222 -73.41 -14.22 30.71
CA SER C 222 -74.58 -13.41 30.25
C SER C 222 -74.30 -11.90 29.95
N ILE C 223 -73.22 -11.65 29.21
CA ILE C 223 -72.99 -10.34 28.61
C ILE C 223 -73.90 -10.22 27.43
N SER C 224 -74.84 -9.27 27.48
CA SER C 224 -75.72 -9.11 26.34
C SER C 224 -75.61 -7.74 25.62
N LEU C 225 -74.72 -7.66 24.63
CA LEU C 225 -74.51 -6.44 23.84
C LEU C 225 -75.31 -6.43 22.53
N LYS C 226 -76.18 -5.45 22.38
CA LYS C 226 -76.86 -5.18 21.10
C LYS C 226 -76.04 -4.18 20.31
N GLY C 227 -76.22 -4.16 19.00
CA GLY C 227 -75.34 -3.41 18.10
C GLY C 227 -75.02 -2.00 18.55
N GLU C 228 -76.05 -1.33 19.09
CA GLU C 228 -75.92 0.04 19.56
C GLU C 228 -74.87 0.10 20.65
N ASP C 229 -74.79 -0.94 21.48
CA ASP C 229 -73.71 -1.05 22.48
C ASP C 229 -72.36 -1.32 21.83
N ILE C 230 -72.38 -2.16 20.79
CA ILE C 230 -71.18 -2.55 20.05
C ILE C 230 -70.58 -1.37 19.31
N TYR C 231 -71.44 -0.62 18.65
CA TYR C 231 -71.04 0.59 17.98
C TYR C 231 -70.49 1.62 18.93
N LYS C 232 -71.10 1.82 20.08
CA LYS C 232 -70.48 2.73 21.04
C LYS C 232 -69.00 2.41 21.32
N ILE C 233 -68.67 1.12 21.35
CA ILE C 233 -67.35 0.65 21.75
C ILE C 233 -66.32 0.77 20.62
N ILE C 234 -66.64 0.21 19.46
CA ILE C 234 -65.76 0.30 18.32
C ILE C 234 -65.42 1.76 17.99
N THR C 235 -66.44 2.60 17.91
CA THR C 235 -66.26 4.01 17.53
C THR C 235 -65.43 4.83 18.51
N LYS C 236 -65.24 4.33 19.72
CA LYS C 236 -64.29 4.96 20.64
C LYS C 236 -62.88 4.84 20.16
N TYR C 237 -62.60 3.72 19.50
CA TYR C 237 -61.24 3.31 19.20
C TYR C 237 -60.89 3.25 17.71
N ILE C 238 -61.92 3.23 16.84
CA ILE C 238 -61.73 3.11 15.38
C ILE C 238 -62.57 4.13 14.64
N HIS C 239 -61.97 4.82 13.67
CA HIS C 239 -62.69 5.73 12.78
C HIS C 239 -63.50 4.92 11.78
N ILE C 240 -64.61 4.34 12.17
CA ILE C 240 -65.34 3.47 11.23
C ILE C 240 -65.92 4.21 10.02
N ASN C 241 -66.06 3.50 8.91
CA ASN C 241 -66.70 4.08 7.75
C ASN C 241 -68.23 4.03 7.80
N HIS C 242 -68.83 5.11 7.31
CA HIS C 242 -70.26 5.33 7.38
C HIS C 242 -70.85 5.43 5.98
N THR C 243 -70.13 5.05 4.98
CA THR C 243 -70.69 5.20 3.69
C THR C 243 -71.59 4.09 3.35
N SER C 244 -72.54 4.39 2.49
CA SER C 244 -73.41 3.33 1.95
C SER C 244 -72.71 2.35 1.05
N ASP C 245 -71.59 2.78 0.45
CA ASP C 245 -70.78 1.94 -0.44
C ASP C 245 -69.52 1.35 0.25
N GLN C 246 -69.11 1.90 1.40
CA GLN C 246 -68.21 1.18 2.31
C GLN C 246 -68.44 1.38 3.81
N ASN C 247 -68.75 0.27 4.46
CA ASN C 247 -69.02 0.21 5.88
C ASN C 247 -69.09 -1.28 6.24
N ARG C 248 -69.18 -1.54 7.53
CA ARG C 248 -69.33 -2.92 7.99
C ARG C 248 -70.31 -2.94 9.13
N LEU C 249 -71.26 -2.02 9.07
CA LEU C 249 -72.30 -1.90 10.11
C LEU C 249 -73.00 -3.25 10.29
N ASP C 250 -73.08 -4.02 9.21
CA ASP C 250 -73.69 -5.31 9.23
C ASP C 250 -72.97 -6.29 10.18
N ILE C 251 -71.65 -6.29 10.14
CA ILE C 251 -70.86 -7.04 11.12
C ILE C 251 -71.14 -6.54 12.52
N ILE C 252 -71.09 -5.22 12.67
CA ILE C 252 -71.13 -4.53 13.95
C ILE C 252 -72.43 -4.80 14.68
N GLN C 253 -73.49 -4.89 13.92
CA GLN C 253 -74.82 -5.10 14.47
C GLN C 253 -74.97 -6.45 15.11
N ASN C 254 -74.25 -7.44 14.61
CA ASN C 254 -74.37 -8.80 15.10
C ASN C 254 -73.22 -9.26 15.93
N LEU C 255 -72.24 -8.42 16.14
CA LEU C 255 -71.10 -8.82 16.92
C LEU C 255 -71.58 -9.23 18.31
N GLY C 256 -72.58 -8.52 18.80
CA GLY C 256 -73.32 -8.96 19.97
C GLY C 256 -73.41 -10.47 20.16
N ASP C 257 -73.84 -11.20 19.14
CA ASP C 257 -74.21 -12.59 19.36
C ASP C 257 -73.03 -13.55 19.27
N LYS C 258 -71.83 -13.00 19.16
CA LYS C 258 -70.65 -13.83 19.18
C LYS C 258 -70.00 -13.73 20.59
N ILE C 259 -70.70 -13.06 21.52
CA ILE C 259 -70.18 -12.81 22.88
C ILE C 259 -71.13 -13.26 23.98
N GLU C 260 -70.88 -14.42 24.57
CA GLU C 260 -71.68 -14.90 25.67
C GLU C 260 -71.12 -14.44 26.96
N PHE C 261 -69.83 -14.57 27.19
CA PHE C 261 -69.28 -14.10 28.45
C PHE C 261 -67.87 -13.51 28.38
N LEU C 262 -67.37 -13.07 29.53
CA LEU C 262 -66.03 -12.51 29.69
C LEU C 262 -65.36 -13.03 30.94
N CYS C 263 -64.15 -13.53 30.78
CA CYS C 263 -63.58 -14.31 31.81
C CYS C 263 -62.02 -14.25 31.73
N ILE C 264 -61.42 -13.41 32.60
CA ILE C 264 -60.00 -13.20 32.71
C ILE C 264 -59.53 -13.71 34.07
N PRO C 265 -58.48 -14.56 34.11
CA PRO C 265 -57.80 -15.13 32.95
C PRO C 265 -58.74 -16.04 32.20
N HIS C 266 -58.41 -16.30 30.94
CA HIS C 266 -59.18 -17.22 30.09
C HIS C 266 -59.33 -18.57 30.79
N VAL C 267 -60.55 -19.11 30.70
CA VAL C 267 -60.92 -20.34 31.39
C VAL C 267 -59.92 -21.50 31.32
N TYR C 268 -59.27 -21.65 30.16
CA TYR C 268 -58.35 -22.79 29.86
C TYR C 268 -56.90 -22.50 30.06
N THR C 269 -56.57 -21.28 30.48
CA THR C 269 -55.18 -20.83 30.52
C THR C 269 -54.26 -21.83 31.20
N LYS C 270 -54.58 -22.24 32.42
CA LYS C 270 -53.70 -23.15 33.10
C LYS C 270 -53.95 -24.62 32.75
N TYR C 271 -55.02 -24.89 32.02
CA TYR C 271 -55.40 -26.26 31.76
C TYR C 271 -54.94 -26.76 30.40
N ARG C 272 -54.67 -25.85 29.45
CA ARG C 272 -54.18 -26.23 28.11
C ARG C 272 -52.67 -26.17 27.93
N TYR C 273 -52.11 -27.31 27.52
CA TYR C 273 -50.70 -27.40 27.16
C TYR C 273 -50.31 -26.45 26.01
N SER C 274 -51.13 -26.33 24.98
CA SER C 274 -50.89 -25.38 23.90
C SER C 274 -50.70 -23.95 24.35
N ILE C 275 -51.28 -23.59 25.49
CA ILE C 275 -51.22 -22.23 25.99
C ILE C 275 -50.09 -22.06 26.96
N LEU C 276 -49.89 -23.06 27.79
CA LEU C 276 -48.77 -22.98 28.69
C LEU C 276 -47.49 -22.93 27.86
N LEU C 277 -47.46 -23.77 26.82
CA LEU C 277 -46.30 -23.92 25.93
C LEU C 277 -45.92 -22.60 25.34
N CYS C 278 -46.89 -21.86 24.79
CA CYS C 278 -46.56 -20.52 24.33
C CYS C 278 -46.12 -19.60 25.45
N LEU C 279 -46.79 -19.65 26.59
CA LEU C 279 -46.57 -18.64 27.64
C LEU C 279 -45.18 -18.77 28.27
N ASN C 280 -44.71 -20.00 28.36
CA ASN C 280 -43.37 -20.27 28.84
C ASN C 280 -42.34 -19.48 28.03
N ASP C 281 -42.58 -19.18 26.76
CA ASP C 281 -41.67 -18.31 26.03
C ASP C 281 -41.67 -16.81 26.48
N ILE C 282 -42.80 -16.28 26.93
CA ILE C 282 -42.89 -14.78 27.08
C ILE C 282 -43.06 -14.20 28.51
N ILE C 283 -43.75 -14.94 29.38
CA ILE C 283 -44.05 -14.50 30.74
C ILE C 283 -43.91 -15.65 31.77
N PRO C 284 -42.77 -16.36 31.74
CA PRO C 284 -42.55 -17.62 32.47
C PRO C 284 -42.59 -17.49 33.98
N GLU C 285 -42.12 -16.35 34.45
CA GLU C 285 -41.99 -16.07 35.88
C GLU C 285 -43.25 -15.39 36.42
N TYR C 286 -44.20 -15.07 35.55
CA TYR C 286 -45.48 -14.42 35.96
C TYR C 286 -46.35 -15.37 36.76
N LYS C 287 -46.90 -14.85 37.87
CA LYS C 287 -47.85 -15.58 38.70
C LYS C 287 -49.09 -14.72 39.03
N HIS C 288 -50.20 -15.07 38.38
CA HIS C 288 -51.51 -14.44 38.64
C HIS C 288 -52.11 -14.96 39.94
N SER C 289 -53.02 -14.20 40.54
CA SER C 289 -53.62 -14.64 41.81
C SER C 289 -54.40 -15.95 41.74
N THR C 290 -54.79 -16.36 40.55
CA THR C 290 -55.60 -17.55 40.28
C THR C 290 -54.76 -18.83 40.18
N PHE C 291 -53.46 -18.64 39.95
CA PHE C 291 -52.50 -19.72 39.68
C PHE C 291 -51.84 -20.15 40.98
N GLU C 292 -51.79 -21.46 41.23
CA GLU C 292 -51.08 -21.96 42.40
C GLU C 292 -49.59 -21.65 42.26
N GLU C 293 -48.96 -21.91 41.10
CA GLU C 293 -47.55 -21.53 40.86
C GLU C 293 -47.39 -20.68 39.59
N ALA C 294 -46.17 -20.20 39.34
CA ALA C 294 -45.89 -19.34 38.18
C ALA C 294 -45.97 -20.14 36.87
N ILE C 295 -45.97 -19.48 35.73
CA ILE C 295 -46.17 -20.18 34.45
C ILE C 295 -45.22 -21.38 34.24
N ARG C 296 -43.92 -21.11 34.26
CA ARG C 296 -42.91 -22.12 34.04
C ARG C 296 -43.05 -23.25 35.05
N SER C 297 -43.17 -22.90 36.31
CA SER C 297 -43.49 -23.90 37.32
C SER C 297 -44.69 -24.77 36.87
N THR C 298 -45.77 -24.13 36.40
CA THR C 298 -46.98 -24.84 35.96
C THR C 298 -46.79 -25.67 34.70
N TYR C 299 -46.09 -25.10 33.71
CA TYR C 299 -45.77 -25.79 32.47
C TYR C 299 -45.05 -27.10 32.73
N ASN C 300 -44.12 -27.07 33.66
CA ASN C 300 -43.32 -28.26 33.95
C ASN C 300 -44.08 -29.29 34.72
N SER C 301 -44.98 -28.84 35.57
CA SER C 301 -45.77 -29.77 36.30
C SER C 301 -46.67 -30.51 35.31
N TYR C 302 -47.09 -29.82 34.25
CA TYR C 302 -48.00 -30.43 33.28
C TYR C 302 -47.27 -31.54 32.50
N VAL C 303 -46.13 -31.20 31.92
CA VAL C 303 -45.27 -32.18 31.27
C VAL C 303 -45.03 -33.42 32.15
N GLU C 304 -44.60 -33.21 33.39
CA GLU C 304 -44.24 -34.33 34.30
C GLU C 304 -45.42 -35.19 34.70
N SER C 305 -46.62 -34.61 34.67
CA SER C 305 -47.86 -35.32 34.97
C SER C 305 -48.37 -36.14 33.75
N PHE C 306 -48.28 -35.51 32.59
CA PHE C 306 -48.67 -36.15 31.35
C PHE C 306 -47.75 -37.32 31.02
N GLU C 307 -46.44 -37.05 30.98
CA GLU C 307 -45.43 -38.10 30.79
C GLU C 307 -45.56 -39.23 31.82
N GLU C 308 -45.93 -38.90 33.06
CA GLU C 308 -46.12 -39.91 34.11
C GLU C 308 -47.36 -40.80 33.88
N LYS C 309 -48.47 -40.20 33.46
CA LYS C 309 -49.73 -40.95 33.31
C LYS C 309 -49.91 -41.66 31.97
N TYR C 310 -49.24 -41.19 30.91
CA TYR C 310 -49.41 -41.75 29.55
C TYR C 310 -48.09 -42.14 28.87
N HIS C 311 -46.98 -41.92 29.57
CA HIS C 311 -45.74 -42.49 29.09
C HIS C 311 -45.42 -42.09 27.64
N ILE C 312 -45.82 -40.89 27.21
CA ILE C 312 -45.25 -40.34 25.94
C ILE C 312 -44.68 -38.93 26.08
N ASN C 313 -43.63 -38.64 25.33
CA ASN C 313 -43.00 -37.33 25.34
C ASN C 313 -43.97 -36.31 24.74
N ILE C 314 -44.35 -35.33 25.55
CA ILE C 314 -45.34 -34.33 25.11
C ILE C 314 -44.76 -33.56 23.96
N ARG C 315 -43.45 -33.43 23.98
CA ARG C 315 -42.73 -32.62 23.01
C ARG C 315 -42.66 -33.34 21.67
N LYS C 316 -43.10 -34.60 21.64
CA LYS C 316 -43.01 -35.39 20.41
C LYS C 316 -44.01 -34.88 19.40
N ASN C 317 -45.22 -34.57 19.86
CA ASN C 317 -46.28 -34.19 18.94
C ASN C 317 -46.61 -32.70 18.90
N ASN C 318 -45.86 -31.92 19.70
CA ASN C 318 -46.15 -30.49 19.88
C ASN C 318 -44.90 -29.75 19.62
N LYS C 319 -44.85 -28.96 18.56
CA LYS C 319 -43.59 -28.67 17.93
C LYS C 319 -43.38 -27.21 17.64
N ARG C 320 -42.19 -26.72 17.97
CA ARG C 320 -41.83 -25.33 17.77
C ARG C 320 -41.49 -25.06 16.35
N LEU C 321 -41.92 -23.90 15.85
CA LEU C 321 -41.81 -23.52 14.44
C LEU C 321 -41.18 -22.16 14.25
N TYR C 322 -40.42 -22.04 13.19
CA TYR C 322 -39.82 -20.78 12.81
C TYR C 322 -40.23 -20.57 11.36
N VAL C 323 -40.00 -19.35 10.91
CA VAL C 323 -40.42 -18.91 9.60
C VAL C 323 -39.30 -18.11 8.94
N LEU C 324 -39.00 -18.50 7.70
CA LEU C 324 -38.02 -17.81 6.86
C LEU C 324 -38.68 -16.84 5.91
N LYS C 325 -39.75 -17.26 5.24
CA LYS C 325 -40.47 -16.33 4.34
C LYS C 325 -41.94 -16.24 4.65
N ASP C 326 -42.73 -17.20 4.14
CA ASP C 326 -44.17 -17.25 4.37
C ASP C 326 -44.75 -18.65 4.69
N LYS C 327 -43.94 -19.53 5.29
CA LYS C 327 -44.38 -20.89 5.56
C LYS C 327 -43.78 -21.37 6.81
N VAL C 328 -44.27 -22.42 7.37
CA VAL C 328 -43.77 -22.88 8.63
C VAL C 328 -42.72 -23.95 8.52
N SER C 329 -41.61 -23.78 9.26
CA SER C 329 -40.59 -24.80 9.23
C SER C 329 -40.52 -25.34 10.62
N TYR C 330 -40.39 -26.67 10.72
CA TYR C 330 -40.25 -27.37 11.99
C TYR C 330 -38.86 -27.28 12.62
N LEU C 331 -38.75 -26.73 13.81
CA LEU C 331 -37.43 -26.44 14.37
C LEU C 331 -36.65 -27.74 14.61
N LYS C 332 -35.40 -27.78 14.12
CA LYS C 332 -34.50 -28.93 14.30
C LYS C 332 -34.91 -30.21 13.53
N GLU C 333 -35.84 -30.08 12.59
CA GLU C 333 -36.28 -31.24 11.76
C GLU C 333 -35.57 -31.42 10.40
N ARG C 334 -34.71 -30.48 10.05
CA ARG C 334 -34.12 -30.43 8.74
C ARG C 334 -33.00 -29.36 8.65
N THR C 335 -31.94 -29.67 7.91
CA THR C 335 -30.87 -28.72 7.74
C THR C 335 -30.89 -28.09 6.34
N HIS C 336 -31.18 -26.80 6.25
CA HIS C 336 -31.35 -26.11 4.98
C HIS C 336 -30.09 -25.47 4.52
N ILE C 337 -29.99 -25.36 3.20
CA ILE C 337 -28.78 -24.88 2.58
C ILE C 337 -28.96 -23.45 2.19
N VAL C 338 -28.09 -22.60 2.71
CA VAL C 338 -28.05 -21.23 2.25
C VAL C 338 -26.89 -21.12 1.26
N GLY C 339 -27.18 -20.69 0.04
CA GLY C 339 -26.17 -20.56 -0.98
C GLY C 339 -25.72 -19.12 -0.94
N ILE C 340 -24.40 -18.92 -1.01
CA ILE C 340 -23.75 -17.62 -0.91
C ILE C 340 -23.53 -17.05 -2.30
N LEU C 341 -23.99 -15.83 -2.52
CA LEU C 341 -23.76 -15.16 -3.80
C LEU C 341 -23.06 -13.84 -3.50
N ASN C 342 -21.79 -13.71 -3.90
CA ASN C 342 -21.06 -12.49 -3.63
C ASN C 342 -21.04 -11.69 -4.89
N VAL C 343 -21.64 -10.52 -4.87
CA VAL C 343 -21.66 -9.70 -6.04
C VAL C 343 -20.81 -8.50 -5.77
N ASN C 344 -19.50 -8.74 -5.71
CA ASN C 344 -18.52 -7.68 -5.46
C ASN C 344 -17.17 -8.12 -6.01
N TYR C 345 -16.20 -7.20 -6.03
CA TYR C 345 -14.89 -7.51 -6.59
C TYR C 345 -13.95 -8.12 -5.62
N ASP C 346 -14.15 -7.94 -4.32
CA ASP C 346 -13.16 -8.38 -3.35
C ASP C 346 -13.61 -9.28 -2.25
N SER C 347 -13.98 -10.52 -2.54
CA SER C 347 -14.43 -11.41 -1.47
C SER C 347 -13.50 -12.58 -1.46
N PHE C 348 -13.15 -13.08 -0.29
CA PHE C 348 -11.92 -13.86 -0.14
C PHE C 348 -11.74 -14.99 -1.16
N SER C 349 -12.82 -15.68 -1.48
CA SER C 349 -12.81 -16.80 -2.43
C SER C 349 -13.51 -16.56 -3.82
N ASP C 350 -14.30 -15.49 -3.97
CA ASP C 350 -15.27 -15.32 -5.09
C ASP C 350 -15.24 -14.00 -5.82
N GLY C 351 -14.62 -13.01 -5.20
CA GLY C 351 -14.65 -11.66 -5.73
C GLY C 351 -14.54 -11.62 -7.22
N GLY C 352 -15.49 -10.94 -7.84
CA GLY C 352 -15.37 -10.64 -9.26
C GLY C 352 -16.05 -11.64 -10.16
N LEU C 353 -16.28 -12.86 -9.69
CA LEU C 353 -16.95 -13.89 -10.51
C LEU C 353 -18.37 -13.49 -10.90
N PHE C 354 -19.05 -12.84 -9.96
CA PHE C 354 -20.48 -12.59 -10.11
C PHE C 354 -20.79 -11.12 -9.98
N VAL C 355 -19.93 -10.26 -10.50
CA VAL C 355 -20.21 -8.82 -10.53
C VAL C 355 -21.11 -8.39 -11.69
N ASP C 356 -21.09 -9.16 -12.78
CA ASP C 356 -21.99 -8.94 -13.90
C ASP C 356 -23.40 -9.47 -13.55
N PRO C 357 -24.43 -8.63 -13.74
CA PRO C 357 -25.71 -9.14 -13.22
C PRO C 357 -26.20 -10.41 -13.92
N VAL C 358 -25.86 -10.56 -15.20
CA VAL C 358 -26.35 -11.73 -15.94
C VAL C 358 -25.77 -12.99 -15.35
N LYS C 359 -24.46 -12.99 -15.18
CA LYS C 359 -23.83 -14.12 -14.56
C LYS C 359 -24.31 -14.30 -13.14
N ALA C 360 -24.54 -13.22 -12.40
CA ALA C 360 -25.03 -13.40 -11.03
C ALA C 360 -26.37 -14.10 -11.00
N VAL C 361 -27.25 -13.78 -11.96
CA VAL C 361 -28.62 -14.29 -11.94
C VAL C 361 -28.66 -15.76 -12.40
N GLU C 362 -27.85 -16.09 -13.41
CA GLU C 362 -27.65 -17.50 -13.75
C GLU C 362 -27.12 -18.27 -12.54
N ARG C 363 -26.24 -17.64 -11.78
CA ARG C 363 -25.68 -18.31 -10.63
C ARG C 363 -26.79 -18.63 -9.64
N MET C 364 -27.62 -17.63 -9.36
CA MET C 364 -28.81 -17.83 -8.52
C MET C 364 -29.69 -19.02 -8.96
N PHE C 365 -30.14 -19.03 -10.21
CA PHE C 365 -30.90 -20.18 -10.70
C PHE C 365 -30.16 -21.53 -10.59
N GLU C 366 -28.84 -21.51 -10.73
CA GLU C 366 -28.06 -22.72 -10.53
C GLU C 366 -28.22 -23.22 -9.11
N MET C 367 -28.00 -22.33 -8.17
CA MET C 367 -27.96 -22.71 -6.77
C MET C 367 -29.31 -23.17 -6.26
N ALA C 368 -30.35 -22.47 -6.72
CA ALA C 368 -31.71 -22.89 -6.57
C ALA C 368 -31.84 -24.31 -7.05
N SER C 369 -31.47 -24.54 -8.30
CA SER C 369 -31.61 -25.85 -8.87
C SER C 369 -30.79 -26.91 -8.13
N ASP C 370 -29.66 -26.55 -7.53
CA ASP C 370 -28.77 -27.57 -6.90
C ASP C 370 -29.16 -27.91 -5.48
N GLY C 371 -30.19 -27.25 -4.95
CA GLY C 371 -30.70 -27.55 -3.61
C GLY C 371 -30.60 -26.44 -2.56
N ALA C 372 -30.25 -25.21 -2.95
CA ALA C 372 -30.26 -24.08 -2.02
C ALA C 372 -31.69 -23.63 -1.77
N SER C 373 -32.14 -23.67 -0.51
CA SER C 373 -33.45 -23.14 -0.13
C SER C 373 -33.46 -21.65 -0.12
N VAL C 374 -32.41 -21.04 0.43
CA VAL C 374 -32.26 -19.60 0.51
C VAL C 374 -31.02 -19.21 -0.25
N ILE C 375 -30.98 -17.98 -0.75
CA ILE C 375 -29.81 -17.45 -1.44
C ILE C 375 -29.40 -16.16 -0.74
N ASP C 376 -28.13 -16.06 -0.32
CA ASP C 376 -27.67 -14.89 0.43
C ASP C 376 -26.74 -13.93 -0.33
N ILE C 377 -27.33 -12.92 -0.96
CA ILE C 377 -26.62 -11.89 -1.70
C ILE C 377 -25.77 -10.98 -0.78
N GLY C 378 -24.54 -10.66 -1.20
CA GLY C 378 -23.67 -9.71 -0.49
C GLY C 378 -22.84 -8.84 -1.42
N GLY C 379 -23.00 -7.54 -1.33
CA GLY C 379 -22.32 -6.61 -2.24
C GLY C 379 -21.14 -5.89 -1.62
N GLU C 380 -20.82 -6.27 -0.39
CA GLU C 380 -19.61 -5.85 0.34
C GLU C 380 -18.93 -7.02 1.05
N SER C 381 -17.60 -7.04 1.09
CA SER C 381 -16.91 -8.11 1.83
C SER C 381 -16.64 -7.73 3.30
N SER C 382 -16.56 -8.77 4.15
CA SER C 382 -16.33 -8.61 5.59
C SER C 382 -15.12 -9.42 6.04
N ALA C 383 -14.46 -10.06 5.08
CA ALA C 383 -13.31 -10.90 5.35
C ALA C 383 -12.15 -10.13 6.00
N PRO C 384 -11.22 -10.82 6.70
CA PRO C 384 -10.11 -10.18 7.45
C PRO C 384 -9.27 -9.22 6.64
N TYR C 385 -9.08 -8.03 7.19
CA TYR C 385 -8.21 -6.99 6.64
C TYR C 385 -8.68 -6.48 5.27
N VAL C 386 -9.82 -6.88 4.85
CA VAL C 386 -10.28 -6.42 3.57
C VAL C 386 -10.59 -4.96 3.53
N VAL C 387 -10.30 -4.33 2.42
CA VAL C 387 -10.61 -2.94 2.15
C VAL C 387 -11.48 -3.04 0.93
N PRO C 388 -12.77 -2.71 1.07
CA PRO C 388 -13.66 -2.80 -0.09
C PRO C 388 -13.25 -1.86 -1.24
N ASN C 389 -13.53 -2.30 -2.47
CA ASN C 389 -13.21 -1.50 -3.66
C ASN C 389 -13.97 -0.17 -3.74
N PRO C 390 -13.23 0.94 -3.67
CA PRO C 390 -13.91 2.22 -3.56
C PRO C 390 -14.62 2.68 -4.86
N SER C 391 -14.47 1.93 -5.96
CA SER C 391 -14.92 2.37 -7.27
C SER C 391 -16.43 2.14 -7.54
N VAL C 392 -17.06 1.21 -6.86
CA VAL C 392 -18.52 1.10 -7.00
C VAL C 392 -19.15 0.67 -5.69
N THR C 393 -20.29 1.25 -5.35
CA THR C 393 -20.89 1.05 -4.04
C THR C 393 -21.64 -0.27 -3.90
N GLU C 394 -21.86 -0.64 -2.65
CA GLU C 394 -22.64 -1.82 -2.27
C GLU C 394 -24.05 -1.82 -2.90
N ARG C 395 -24.63 -0.63 -3.01
CA ARG C 395 -25.95 -0.49 -3.57
C ARG C 395 -25.98 -0.64 -5.09
N ASP C 396 -25.02 -0.06 -5.81
CA ASP C 396 -24.96 -0.19 -7.30
C ASP C 396 -24.56 -1.59 -7.79
N LEU C 397 -24.14 -2.42 -6.85
CA LEU C 397 -23.75 -3.78 -7.14
C LEU C 397 -24.96 -4.70 -6.98
N VAL C 398 -25.60 -4.58 -5.84
CA VAL C 398 -26.66 -5.50 -5.43
C VAL C 398 -27.97 -5.26 -6.16
N MET C 399 -28.40 -4.00 -6.22
CA MET C 399 -29.67 -3.65 -6.88
C MET C 399 -29.88 -4.30 -8.24
N PRO C 400 -29.02 -4.02 -9.22
CA PRO C 400 -29.26 -4.55 -10.57
C PRO C 400 -29.46 -6.07 -10.62
N VAL C 401 -28.79 -6.79 -9.72
CA VAL C 401 -28.97 -8.25 -9.55
C VAL C 401 -30.37 -8.58 -9.01
N LEU C 402 -30.74 -8.00 -7.87
CA LEU C 402 -32.05 -8.20 -7.27
C LEU C 402 -33.18 -7.89 -8.26
N LYS C 403 -33.05 -6.76 -8.95
CA LYS C 403 -34.04 -6.34 -9.94
C LYS C 403 -34.12 -7.25 -11.11
N LEU C 404 -32.97 -7.76 -11.53
CA LEU C 404 -32.97 -8.55 -12.74
C LEU C 404 -33.51 -9.95 -12.46
N PHE C 405 -33.32 -10.42 -11.23
CA PHE C 405 -33.84 -11.72 -10.85
C PHE C 405 -35.37 -11.68 -10.71
N LYS C 406 -35.87 -10.60 -10.14
CA LYS C 406 -37.29 -10.32 -10.16
C LYS C 406 -37.89 -10.38 -11.55
N GLU C 407 -37.29 -9.67 -12.48
CA GLU C 407 -37.81 -9.67 -13.84
C GLU C 407 -37.80 -11.05 -14.45
N GLU C 408 -36.73 -11.77 -14.19
CA GLU C 408 -36.60 -13.09 -14.76
C GLU C 408 -37.62 -14.00 -14.12
N TRP C 409 -37.89 -13.84 -12.83
CA TRP C 409 -38.86 -14.71 -12.21
C TRP C 409 -40.27 -14.39 -12.72
N HIS C 410 -40.54 -13.11 -12.95
CA HIS C 410 -41.84 -12.71 -13.51
C HIS C 410 -41.97 -13.20 -14.95
N LYS C 411 -40.96 -12.97 -15.78
CA LYS C 411 -40.95 -13.52 -17.13
C LYS C 411 -41.35 -14.99 -17.12
N LEU C 412 -40.95 -15.72 -16.07
CA LEU C 412 -41.23 -17.15 -15.96
C LEU C 412 -42.68 -17.45 -15.60
N GLU C 413 -43.21 -16.69 -14.64
CA GLU C 413 -44.59 -16.85 -14.16
C GLU C 413 -45.52 -16.67 -15.36
N CYS C 414 -45.25 -15.67 -16.18
CA CYS C 414 -46.11 -15.34 -17.35
C CYS C 414 -46.07 -16.42 -18.38
N GLU C 415 -44.91 -17.07 -18.49
CA GLU C 415 -44.74 -18.15 -19.46
C GLU C 415 -45.47 -19.40 -18.98
N VAL C 416 -45.78 -19.50 -17.72
CA VAL C 416 -46.53 -20.63 -17.25
C VAL C 416 -48.00 -20.38 -17.42
N GLY C 417 -48.37 -19.12 -17.33
CA GLY C 417 -49.73 -18.72 -17.45
C GLY C 417 -50.14 -18.76 -18.88
N GLY C 418 -49.31 -18.23 -19.75
CA GLY C 418 -49.62 -18.24 -21.15
C GLY C 418 -49.74 -19.66 -21.66
N GLY C 419 -48.84 -20.55 -21.26
CA GLY C 419 -48.94 -21.92 -21.70
C GLY C 419 -47.63 -22.55 -22.11
N SER C 435 -53.48 -30.22 -14.86
CA SER C 435 -53.27 -29.21 -13.83
C SER C 435 -53.89 -27.93 -14.29
N SER C 436 -54.43 -27.16 -13.35
CA SER C 436 -55.17 -25.90 -13.61
C SER C 436 -54.41 -24.62 -13.51
N LEU C 437 -54.86 -23.53 -14.09
CA LEU C 437 -54.03 -22.36 -14.09
C LEU C 437 -53.61 -21.86 -12.72
N GLN C 438 -54.52 -21.77 -11.78
CA GLN C 438 -54.15 -21.27 -10.47
C GLN C 438 -53.15 -22.16 -9.81
N GLY C 439 -53.38 -23.46 -9.92
CA GLY C 439 -52.51 -24.46 -9.37
C GLY C 439 -51.17 -24.42 -10.02
N LYS C 440 -51.11 -24.20 -11.32
CA LYS C 440 -49.83 -24.13 -11.98
C LYS C 440 -49.06 -22.99 -11.40
N LEU C 441 -49.66 -21.82 -11.25
CA LEU C 441 -48.96 -20.69 -10.64
C LEU C 441 -48.61 -20.91 -9.19
N GLN C 442 -49.36 -21.71 -8.46
CA GLN C 442 -49.02 -22.04 -7.10
C GLN C 442 -47.71 -22.82 -7.03
N LYS C 443 -47.45 -23.85 -7.85
CA LYS C 443 -46.14 -24.54 -7.90
C LYS C 443 -44.98 -23.55 -8.12
N VAL C 444 -45.03 -22.79 -9.21
CA VAL C 444 -44.06 -21.70 -9.44
C VAL C 444 -43.79 -20.83 -8.19
N ARG C 445 -44.80 -20.22 -7.61
CA ARG C 445 -44.59 -19.41 -6.41
C ARG C 445 -43.89 -20.20 -5.31
N ASP C 446 -44.25 -21.46 -5.17
CA ASP C 446 -43.76 -22.29 -4.08
C ASP C 446 -42.34 -22.68 -4.37
N ALA C 447 -41.97 -22.77 -5.65
CA ALA C 447 -40.60 -23.14 -5.98
C ALA C 447 -39.61 -21.95 -5.89
N LYS C 448 -40.10 -20.71 -5.88
CA LYS C 448 -39.20 -19.55 -5.88
C LYS C 448 -38.31 -19.60 -4.63
N PRO C 449 -36.99 -19.30 -4.78
CA PRO C 449 -36.14 -19.33 -3.60
C PRO C 449 -36.31 -18.12 -2.71
N ILE C 450 -36.05 -18.34 -1.45
CA ILE C 450 -36.04 -17.24 -0.52
C ILE C 450 -34.80 -16.35 -0.74
N ILE C 451 -34.96 -15.05 -0.96
CA ILE C 451 -33.83 -14.15 -1.08
C ILE C 451 -33.49 -13.51 0.26
N SER C 452 -32.19 -13.49 0.60
CA SER C 452 -31.63 -12.89 1.80
C SER C 452 -30.55 -11.94 1.37
N ILE C 453 -30.52 -10.74 1.97
CA ILE C 453 -29.55 -9.66 1.72
C ILE C 453 -28.66 -9.48 2.96
N ASP C 454 -27.36 -9.70 2.76
CA ASP C 454 -26.34 -9.68 3.81
C ASP C 454 -25.80 -8.26 3.83
N THR C 455 -26.25 -7.45 4.81
CA THR C 455 -25.93 -6.02 4.88
C THR C 455 -26.25 -5.43 6.26
N VAL C 456 -25.71 -4.25 6.48
CA VAL C 456 -25.94 -3.48 7.70
C VAL C 456 -26.45 -2.09 7.39
N ASN C 457 -26.51 -1.79 6.09
CA ASN C 457 -26.91 -0.49 5.59
C ASN C 457 -28.45 -0.32 5.60
N TYR C 458 -28.88 0.71 6.32
CA TYR C 458 -30.28 1.02 6.43
C TYR C 458 -30.88 1.45 5.08
N ASP C 459 -30.17 2.31 4.35
CA ASP C 459 -30.74 2.81 3.10
C ASP C 459 -30.94 1.67 2.10
N LEU C 460 -29.97 0.75 2.02
CA LEU C 460 -30.01 -0.36 1.07
C LEU C 460 -31.06 -1.43 1.36
N PHE C 461 -31.25 -1.77 2.63
CA PHE C 461 -32.37 -2.64 3.03
C PHE C 461 -33.74 -1.96 2.85
N LYS C 462 -33.82 -0.66 3.12
CA LYS C 462 -35.06 0.05 2.88
C LYS C 462 -35.45 -0.03 1.39
N GLU C 463 -34.54 0.36 0.50
CA GLU C 463 -34.83 0.31 -0.93
C GLU C 463 -35.25 -1.09 -1.36
N CYS C 464 -34.72 -2.10 -0.67
CA CYS C 464 -34.97 -3.50 -0.96
C CYS C 464 -36.38 -3.96 -0.63
N VAL C 465 -36.77 -3.91 0.64
CA VAL C 465 -38.15 -4.17 1.08
C VAL C 465 -39.14 -3.36 0.28
N GLU C 466 -38.90 -2.04 0.15
CA GLU C 466 -39.76 -1.16 -0.64
C GLU C 466 -39.98 -1.65 -2.06
N GLY C 467 -38.97 -2.19 -2.73
CA GLY C 467 -39.19 -2.81 -4.04
C GLY C 467 -39.71 -4.25 -4.00
N GLU C 468 -39.97 -4.81 -2.82
CA GLU C 468 -40.25 -6.24 -2.68
C GLU C 468 -39.20 -7.09 -3.43
N LEU C 469 -37.94 -6.98 -3.00
CA LEU C 469 -36.78 -7.63 -3.62
C LEU C 469 -36.10 -8.69 -2.78
N VAL C 470 -36.42 -8.71 -1.48
CA VAL C 470 -35.81 -9.70 -0.57
C VAL C 470 -36.76 -10.15 0.51
N ASP C 471 -36.50 -11.33 1.08
CA ASP C 471 -37.29 -11.85 2.19
C ASP C 471 -36.57 -11.74 3.52
N ILE C 472 -35.25 -11.87 3.53
CA ILE C 472 -34.55 -11.93 4.80
C ILE C 472 -33.44 -10.90 4.85
N LEU C 473 -33.17 -10.40 6.06
CA LEU C 473 -32.02 -9.56 6.34
C LEU C 473 -31.05 -10.38 7.10
N ASN C 474 -29.83 -10.50 6.59
CA ASN C 474 -28.80 -11.24 7.29
C ASN C 474 -27.84 -10.25 7.86
N ASP C 475 -28.06 -9.84 9.13
CA ASP C 475 -27.26 -8.77 9.72
C ASP C 475 -26.06 -9.25 10.56
N ILE C 476 -24.87 -9.05 10.01
CA ILE C 476 -23.66 -9.49 10.73
C ILE C 476 -23.32 -8.69 11.99
N SER C 477 -23.98 -7.54 12.22
CA SER C 477 -23.84 -6.79 13.49
C SER C 477 -25.01 -7.00 14.45
N ALA C 478 -25.74 -8.11 14.35
CA ALA C 478 -26.97 -8.29 15.16
C ALA C 478 -27.77 -6.99 15.30
N CYS C 479 -27.84 -6.21 14.23
CA CYS C 479 -28.54 -4.93 14.18
C CYS C 479 -28.04 -3.91 15.20
N THR C 480 -26.72 -3.90 15.41
CA THR C 480 -26.09 -2.94 16.32
C THR C 480 -25.38 -1.79 15.59
N HIS C 481 -25.00 -2.00 14.35
CA HIS C 481 -24.40 -0.94 13.58
C HIS C 481 -25.39 0.18 13.40
N ASN C 482 -26.65 -0.19 13.24
CA ASN C 482 -27.70 0.77 13.04
C ASN C 482 -29.06 0.19 13.40
N PRO C 483 -29.40 0.25 14.71
CA PRO C 483 -30.60 -0.35 15.19
C PRO C 483 -31.86 0.09 14.44
N GLU C 484 -31.86 1.27 13.80
CA GLU C 484 -33.07 1.73 13.05
C GLU C 484 -33.59 0.77 11.97
N ILE C 485 -32.77 -0.21 11.58
CA ILE C 485 -33.10 -1.18 10.54
C ILE C 485 -34.10 -2.23 11.05
N ILE C 486 -34.23 -2.33 12.37
CA ILE C 486 -35.25 -3.21 12.95
C ILE C 486 -36.59 -2.65 12.52
N LYS C 487 -36.67 -1.34 12.38
CA LYS C 487 -37.92 -0.72 12.02
C LYS C 487 -38.42 -1.17 10.67
N LEU C 488 -37.49 -1.67 9.83
CA LEU C 488 -37.82 -2.06 8.46
C LEU C 488 -38.21 -3.52 8.37
N LEU C 489 -38.14 -4.25 9.48
CA LEU C 489 -38.59 -5.66 9.50
C LEU C 489 -40.12 -5.83 9.60
N ARG C 490 -40.84 -4.73 9.79
CA ARG C 490 -42.30 -4.81 9.93
C ARG C 490 -42.90 -3.64 9.15
N ARG C 491 -43.44 -3.90 7.98
CA ARG C 491 -44.03 -2.83 7.19
C ARG C 491 -45.48 -3.19 6.88
N LYS C 492 -46.38 -2.66 7.73
CA LYS C 492 -47.83 -2.92 7.63
C LYS C 492 -48.01 -4.43 7.77
N ASN C 493 -48.65 -5.02 6.78
CA ASN C 493 -48.93 -6.45 6.73
C ASN C 493 -47.66 -7.37 6.79
N LYS C 494 -46.57 -6.85 6.19
CA LYS C 494 -45.41 -7.59 5.72
C LYS C 494 -44.35 -7.72 6.79
N PHE C 495 -44.02 -8.93 7.19
CA PHE C 495 -42.99 -9.18 8.21
C PHE C 495 -41.74 -9.83 7.57
N TYR C 496 -40.54 -9.35 7.89
CA TYR C 496 -39.28 -9.96 7.40
C TYR C 496 -38.52 -10.72 8.48
N SER C 497 -38.03 -11.92 8.22
CA SER C 497 -37.14 -12.58 9.16
C SER C 497 -35.72 -11.98 9.16
N VAL C 498 -34.94 -12.35 10.16
CA VAL C 498 -33.61 -11.78 10.32
C VAL C 498 -32.62 -12.81 10.91
N VAL C 499 -31.36 -12.72 10.45
CA VAL C 499 -30.26 -13.43 11.09
C VAL C 499 -29.42 -12.45 11.89
N LEU C 500 -29.23 -12.75 13.16
CA LEU C 500 -28.39 -11.94 14.04
C LEU C 500 -27.14 -12.76 14.23
N MET C 501 -25.98 -12.18 13.89
CA MET C 501 -24.72 -12.87 14.03
C MET C 501 -23.86 -12.12 15.01
N HIS C 502 -23.16 -12.83 15.89
CA HIS C 502 -22.21 -12.18 16.81
C HIS C 502 -20.84 -11.89 16.19
N LYS C 503 -20.38 -10.64 16.29
CA LYS C 503 -18.97 -10.29 16.02
C LYS C 503 -18.54 -9.07 16.86
N ARG C 504 -17.28 -8.68 16.74
CA ARG C 504 -16.73 -7.65 17.65
C ARG C 504 -16.06 -6.43 17.04
N GLY C 505 -15.27 -6.55 16.01
CA GLY C 505 -14.70 -5.31 15.51
C GLY C 505 -15.27 -4.95 14.16
N ASN C 506 -14.44 -4.23 13.40
CA ASN C 506 -14.43 -4.27 11.93
C ASN C 506 -13.42 -5.38 11.43
N PRO C 507 -13.24 -5.56 10.10
CA PRO C 507 -12.37 -6.66 9.63
C PRO C 507 -10.91 -6.53 10.07
N HIS C 508 -10.50 -5.29 10.28
CA HIS C 508 -9.11 -4.92 10.64
C HIS C 508 -8.79 -5.14 12.15
N THR C 509 -9.82 -5.25 12.97
CA THR C 509 -9.66 -5.31 14.43
C THR C 509 -10.25 -6.59 15.02
N MET C 510 -11.29 -7.13 14.42
CA MET C 510 -11.87 -8.37 14.92
C MET C 510 -10.85 -9.42 15.36
N ASP C 511 -9.87 -9.67 14.50
CA ASP C 511 -8.76 -10.57 14.82
C ASP C 511 -7.99 -10.28 16.16
N LYS C 512 -7.93 -9.02 16.59
CA LYS C 512 -7.30 -8.71 17.86
C LYS C 512 -8.25 -8.86 19.06
N LEU C 513 -9.55 -8.83 18.82
CA LEU C 513 -10.54 -8.74 19.90
C LEU C 513 -11.04 -10.09 20.40
N THR C 514 -10.14 -11.00 20.77
CA THR C 514 -10.52 -12.40 20.97
C THR C 514 -10.61 -12.90 22.43
N ASN C 515 -10.49 -12.00 23.41
CA ASN C 515 -10.55 -12.36 24.84
C ASN C 515 -11.94 -12.39 25.35
N TYR C 516 -12.39 -13.54 25.84
CA TYR C 516 -13.68 -13.69 26.46
C TYR C 516 -13.56 -14.34 27.82
N ASP C 517 -14.19 -13.74 28.83
CA ASP C 517 -14.33 -14.36 30.17
C ASP C 517 -14.87 -15.80 30.12
N ASP C 518 -15.89 -16.03 29.30
CA ASP C 518 -16.52 -17.35 29.14
C ASP C 518 -17.15 -17.42 27.76
N LEU C 519 -16.42 -17.93 26.78
CA LEU C 519 -16.80 -17.84 25.35
C LEU C 519 -18.24 -18.25 24.98
N ILE C 520 -18.54 -19.50 25.26
CA ILE C 520 -19.78 -20.10 24.86
C ILE C 520 -20.92 -19.35 25.52
N SER C 521 -20.89 -19.30 26.84
CA SER C 521 -21.82 -18.50 27.61
C SER C 521 -21.98 -17.05 27.06
N ASP C 522 -20.88 -16.31 26.93
CA ASP C 522 -20.91 -14.87 26.57
C ASP C 522 -21.57 -14.61 25.25
N ILE C 523 -21.21 -15.40 24.24
CA ILE C 523 -21.79 -15.27 22.90
C ILE C 523 -23.30 -15.61 22.90
N LYS C 524 -23.69 -16.70 23.57
CA LYS C 524 -25.12 -17.03 23.70
C LYS C 524 -25.91 -15.89 24.35
N ARG C 525 -25.41 -15.36 25.45
CA ARG C 525 -26.07 -14.25 26.12
C ARG C 525 -26.06 -12.96 25.31
N TYR C 526 -25.11 -12.79 24.42
CA TYR C 526 -25.06 -11.58 23.62
C TYR C 526 -26.25 -11.64 22.67
N LEU C 527 -26.45 -12.82 22.11
CA LEU C 527 -27.50 -13.02 21.18
C LEU C 527 -28.87 -12.93 21.89
N GLU C 528 -28.99 -13.62 23.02
CA GLU C 528 -30.26 -13.62 23.74
C GLU C 528 -30.71 -12.19 24.07
N ASP C 529 -29.78 -11.33 24.50
CA ASP C 529 -29.99 -9.90 24.67
C ASP C 529 -30.47 -9.19 23.42
N ARG C 530 -29.93 -9.55 22.28
CA ARG C 530 -30.32 -8.94 21.03
C ARG C 530 -31.71 -9.39 20.62
N LEU C 531 -31.97 -10.68 20.75
CA LEU C 531 -33.33 -11.19 20.61
C LEU C 531 -34.28 -10.40 21.47
N HIS C 532 -34.00 -10.25 22.76
CA HIS C 532 -34.94 -9.53 23.65
C HIS C 532 -35.25 -8.12 23.15
N PHE C 533 -34.25 -7.52 22.52
CA PHE C 533 -34.42 -6.19 22.00
C PHE C 533 -35.37 -6.16 20.79
N LEU C 534 -35.31 -7.16 19.92
CA LEU C 534 -36.08 -7.12 18.69
C LEU C 534 -37.52 -7.43 18.99
N VAL C 535 -37.69 -8.33 19.93
CA VAL C 535 -38.96 -8.84 20.32
C VAL C 535 -39.72 -7.75 21.12
N LEU C 536 -38.99 -6.93 21.85
CA LEU C 536 -39.58 -5.80 22.49
C LEU C 536 -40.07 -4.78 21.47
N ASN C 537 -39.50 -4.74 20.29
CA ASN C 537 -39.90 -3.78 19.25
C ASN C 537 -40.78 -4.47 18.19
N GLY C 538 -41.26 -5.65 18.55
CA GLY C 538 -42.35 -6.28 17.84
C GLY C 538 -41.92 -7.20 16.75
N VAL C 539 -40.64 -7.51 16.64
CA VAL C 539 -40.23 -8.44 15.58
C VAL C 539 -40.65 -9.83 16.09
N PRO C 540 -41.30 -10.65 15.28
CA PRO C 540 -41.75 -11.86 15.91
C PRO C 540 -40.65 -12.80 16.30
N ARG C 541 -40.71 -13.36 17.47
CA ARG C 541 -39.67 -14.17 17.95
C ARG C 541 -39.45 -15.30 16.97
N TYR C 542 -40.46 -15.75 16.27
CA TYR C 542 -40.29 -16.93 15.41
C TYR C 542 -39.64 -16.56 14.07
N ARG C 543 -39.29 -15.29 13.89
CA ARG C 543 -38.48 -14.86 12.75
C ARG C 543 -37.02 -14.44 13.05
N VAL C 544 -36.56 -14.63 14.27
CA VAL C 544 -35.21 -14.24 14.61
C VAL C 544 -34.37 -15.49 14.55
N LEU C 545 -33.24 -15.42 13.85
CA LEU C 545 -32.26 -16.53 13.80
C LEU C 545 -30.85 -16.15 14.33
N PHE C 546 -30.32 -17.04 15.17
CA PHE C 546 -29.00 -16.93 15.73
C PHE C 546 -27.90 -17.49 14.83
N ASP C 547 -26.79 -16.77 14.80
CA ASP C 547 -25.52 -17.20 14.25
C ASP C 547 -24.36 -16.79 15.17
N VAL C 548 -23.51 -17.72 15.56
CA VAL C 548 -22.39 -17.40 16.44
C VAL C 548 -21.21 -16.64 15.79
N GLY C 549 -21.20 -16.48 14.48
CA GLY C 549 -20.15 -15.74 13.84
C GLY C 549 -18.80 -16.45 13.84
N LEU C 550 -18.76 -17.70 13.34
CA LEU C 550 -17.49 -18.44 13.26
C LEU C 550 -16.58 -17.63 12.45
N GLY C 551 -15.33 -17.54 12.89
CA GLY C 551 -14.33 -16.73 12.22
C GLY C 551 -14.29 -15.27 12.60
N PHE C 552 -15.40 -14.72 13.10
CA PHE C 552 -15.49 -13.29 13.45
C PHE C 552 -15.20 -13.00 14.94
N ALA C 553 -14.04 -12.39 15.20
CA ALA C 553 -13.53 -12.16 16.53
C ALA C 553 -13.42 -13.43 17.36
N LYS C 554 -13.01 -14.52 16.70
CA LYS C 554 -12.62 -15.76 17.39
C LYS C 554 -11.26 -16.23 16.88
N LYS C 555 -10.44 -16.76 17.76
CA LYS C 555 -9.29 -17.44 17.26
C LYS C 555 -9.84 -18.78 16.77
N HIS C 556 -9.14 -19.43 15.87
CA HIS C 556 -9.56 -20.72 15.34
C HIS C 556 -9.99 -21.73 16.45
N ASP C 557 -9.11 -22.08 17.40
CA ASP C 557 -9.50 -22.94 18.56
C ASP C 557 -10.83 -22.53 19.19
N GLN C 558 -11.08 -21.22 19.19
CA GLN C 558 -12.33 -20.69 19.64
C GLN C 558 -13.50 -21.00 18.65
N SER C 559 -13.26 -20.85 17.34
CA SER C 559 -14.31 -21.13 16.37
C SER C 559 -14.67 -22.59 16.48
N ILE C 560 -13.66 -23.44 16.61
CA ILE C 560 -13.88 -24.85 16.81
C ILE C 560 -14.64 -25.07 18.11
N LYS C 561 -14.26 -24.35 19.17
CA LYS C 561 -14.94 -24.57 20.45
C LYS C 561 -16.42 -24.25 20.38
N LEU C 562 -16.80 -23.23 19.63
CA LEU C 562 -18.19 -22.87 19.48
C LEU C 562 -19.02 -23.97 18.81
N LEU C 563 -18.45 -24.60 17.77
CA LEU C 563 -19.01 -25.82 17.21
C LEU C 563 -19.14 -26.99 18.24
N GLN C 564 -18.19 -27.13 19.16
CA GLN C 564 -18.25 -28.25 20.09
C GLN C 564 -19.34 -28.00 21.12
N HIS C 565 -19.65 -26.73 21.35
CA HIS C 565 -20.72 -26.38 22.30
C HIS C 565 -21.86 -25.73 21.57
N ILE C 566 -22.24 -26.35 20.44
CA ILE C 566 -23.33 -25.88 19.58
C ILE C 566 -24.67 -26.33 20.15
N HIS C 567 -24.66 -27.37 20.98
CA HIS C 567 -25.85 -27.85 21.66
C HIS C 567 -26.53 -26.77 22.53
N VAL C 568 -25.79 -25.80 23.04
CA VAL C 568 -26.41 -24.75 23.82
C VAL C 568 -27.36 -23.93 22.99
N TYR C 569 -27.57 -24.26 21.72
CA TYR C 569 -28.62 -23.61 20.87
C TYR C 569 -29.81 -24.55 20.43
N ASP C 570 -29.98 -25.68 21.10
CA ASP C 570 -31.10 -26.62 20.83
C ASP C 570 -32.52 -26.04 20.94
N GLU C 571 -32.71 -24.90 21.60
CA GLU C 571 -34.01 -24.23 21.68
C GLU C 571 -34.25 -23.18 20.56
N TYR C 572 -33.18 -22.77 19.88
CA TYR C 572 -33.21 -21.63 18.95
C TYR C 572 -33.07 -22.00 17.46
N PRO C 573 -33.69 -21.22 16.55
CA PRO C 573 -33.37 -21.42 15.15
C PRO C 573 -31.92 -20.93 14.94
N LEU C 574 -31.10 -21.86 14.43
CA LEU C 574 -29.65 -21.68 14.35
C LEU C 574 -29.16 -21.65 12.93
N PHE C 575 -28.37 -20.64 12.62
CA PHE C 575 -27.80 -20.42 11.28
C PHE C 575 -26.26 -20.34 11.40
N LEU C 576 -25.55 -21.21 10.68
CA LEU C 576 -24.06 -21.20 10.67
C LEU C 576 -23.43 -20.77 9.33
N GLY C 577 -22.32 -20.04 9.43
CA GLY C 577 -21.44 -19.78 8.27
C GLY C 577 -20.04 -20.29 8.53
N TYR C 578 -19.69 -21.45 7.95
CA TYR C 578 -18.31 -22.01 7.98
C TYR C 578 -17.60 -21.95 6.64
N SER C 579 -18.32 -21.87 5.55
CA SER C 579 -17.74 -22.18 4.23
C SER C 579 -16.37 -21.53 3.96
N ARG C 580 -15.39 -22.38 3.73
CA ARG C 580 -14.10 -21.91 3.29
C ARG C 580 -13.31 -21.02 4.27
N LYS C 581 -13.87 -20.78 5.44
CA LYS C 581 -13.15 -20.00 6.47
C LYS C 581 -11.81 -20.60 6.89
N ARG C 582 -10.99 -19.79 7.56
CA ARG C 582 -9.59 -20.13 7.87
C ARG C 582 -9.51 -21.31 8.85
N PHE C 583 -10.41 -21.33 9.83
CA PHE C 583 -10.32 -22.27 10.95
C PHE C 583 -10.42 -23.72 10.47
N ILE C 584 -10.91 -23.95 9.26
CA ILE C 584 -11.15 -25.33 8.79
C ILE C 584 -9.85 -26.05 8.52
N VAL C 585 -9.08 -25.53 7.57
CA VAL C 585 -7.70 -26.00 7.38
C VAL C 585 -6.80 -25.95 8.62
N HIS C 586 -7.05 -25.07 9.59
CA HIS C 586 -6.26 -25.06 10.83
C HIS C 586 -6.21 -26.39 11.55
N CYS C 587 -7.29 -27.16 11.41
CA CYS C 587 -7.43 -28.55 11.90
C CYS C 587 -6.56 -29.60 11.17
N MET C 588 -5.62 -29.17 10.33
CA MET C 588 -4.90 -30.10 9.50
C MET C 588 -3.42 -29.86 9.71
N TRP C 658 -14.54 -38.79 -13.38
CA TRP C 658 -14.34 -39.16 -11.97
C TRP C 658 -13.18 -38.46 -11.25
N ARG C 659 -13.40 -37.22 -10.78
CA ARG C 659 -12.32 -36.42 -10.13
C ARG C 659 -13.00 -35.23 -9.44
N PHE C 660 -12.34 -34.65 -8.46
CA PHE C 660 -12.96 -33.54 -7.78
C PHE C 660 -12.45 -32.27 -8.42
N LYS C 661 -13.41 -31.46 -8.77
CA LYS C 661 -13.14 -30.21 -9.38
C LYS C 661 -13.93 -29.25 -8.56
N MET C 662 -13.30 -28.26 -7.98
CA MET C 662 -14.10 -27.26 -7.24
C MET C 662 -14.65 -26.18 -8.21
N SER C 663 -15.88 -25.73 -7.94
CA SER C 663 -16.72 -25.20 -9.03
C SER C 663 -16.62 -23.68 -9.15
N HIS C 664 -16.72 -22.99 -8.03
CA HIS C 664 -16.80 -21.56 -8.10
C HIS C 664 -15.77 -21.06 -7.09
N MET C 665 -14.51 -21.09 -7.52
CA MET C 665 -13.34 -20.69 -6.74
C MET C 665 -12.35 -19.79 -7.56
N ARG C 666 -12.05 -18.58 -7.05
CA ARG C 666 -11.11 -17.62 -7.72
C ARG C 666 -9.79 -18.23 -8.25
N GLN C 667 -9.29 -17.65 -9.35
CA GLN C 667 -8.02 -18.06 -9.99
C GLN C 667 -6.77 -17.70 -9.17
N ASP C 668 -6.85 -16.65 -8.38
CA ASP C 668 -5.76 -16.17 -7.54
C ASP C 668 -5.25 -17.03 -6.39
N LYS C 669 -6.21 -17.67 -5.75
CA LYS C 669 -6.08 -18.38 -4.44
C LYS C 669 -5.39 -19.74 -4.60
N ASP C 670 -5.02 -20.35 -3.45
CA ASP C 670 -4.21 -21.60 -3.43
C ASP C 670 -5.17 -22.76 -3.68
N GLN C 671 -4.97 -23.44 -4.82
CA GLN C 671 -6.02 -24.31 -5.37
C GLN C 671 -6.11 -25.60 -4.52
N LEU C 672 -5.04 -26.40 -4.51
CA LEU C 672 -4.93 -27.60 -3.66
C LEU C 672 -5.35 -27.35 -2.22
N LEU C 673 -4.99 -26.20 -1.64
CA LEU C 673 -5.38 -25.88 -0.26
C LEU C 673 -6.87 -25.81 -0.15
N TYR C 674 -7.50 -25.23 -1.16
CA TYR C 674 -8.93 -25.05 -1.14
C TYR C 674 -9.73 -26.33 -1.43
N GLN C 675 -9.12 -27.28 -2.11
CA GLN C 675 -9.63 -28.63 -2.16
C GLN C 675 -9.90 -29.10 -0.76
N LYS C 676 -8.86 -29.02 0.06
CA LYS C 676 -8.95 -29.48 1.45
C LYS C 676 -9.93 -28.66 2.27
N ASN C 677 -10.11 -27.38 1.91
CA ASN C 677 -10.98 -26.49 2.66
C ASN C 677 -12.51 -26.76 2.48
N ILE C 678 -12.90 -26.96 1.22
CA ILE C 678 -14.26 -27.30 0.85
C ILE C 678 -14.66 -28.64 1.44
N CYS C 679 -13.87 -29.70 1.20
CA CYS C 679 -14.05 -31.00 1.84
C CYS C 679 -14.15 -30.94 3.34
N GLY C 680 -13.30 -30.14 3.98
CA GLY C 680 -13.44 -29.91 5.42
C GLY C 680 -14.81 -29.35 5.73
N GLY C 681 -15.25 -28.44 4.88
CA GLY C 681 -16.59 -27.90 4.96
C GLY C 681 -17.63 -29.01 5.01
N LEU C 682 -17.52 -29.93 4.06
CA LEU C 682 -18.41 -31.06 4.01
C LEU C 682 -18.42 -31.86 5.30
N ALA C 683 -17.37 -31.81 6.09
CA ALA C 683 -17.37 -32.54 7.34
C ALA C 683 -18.22 -31.76 8.31
N ILE C 684 -18.08 -30.44 8.30
CA ILE C 684 -18.84 -29.57 9.18
C ILE C 684 -20.35 -29.64 8.81
N ALA C 685 -20.66 -29.76 7.51
CA ALA C 685 -22.00 -30.07 7.06
C ALA C 685 -22.45 -31.32 7.74
N SER C 686 -21.66 -32.38 7.73
CA SER C 686 -22.04 -33.63 8.43
C SER C 686 -22.42 -33.44 9.90
N TYR C 687 -21.55 -32.73 10.57
CA TYR C 687 -21.66 -32.57 12.00
C TYR C 687 -22.89 -31.75 12.22
N SER C 688 -23.12 -30.80 11.33
CA SER C 688 -24.27 -29.95 11.40
C SER C 688 -25.63 -30.67 11.17
N PHE C 689 -25.65 -31.62 10.26
CA PHE C 689 -26.76 -32.57 10.12
C PHE C 689 -27.10 -33.31 11.40
N TYR C 690 -26.08 -33.84 12.11
CA TYR C 690 -26.29 -34.55 13.37
C TYR C 690 -26.62 -33.66 14.54
N LYS C 691 -26.12 -32.44 14.53
CA LYS C 691 -26.41 -31.51 15.64
C LYS C 691 -27.72 -30.83 15.43
N LYS C 692 -28.41 -31.19 14.34
CA LYS C 692 -29.70 -30.62 13.94
C LYS C 692 -29.69 -29.10 13.76
N VAL C 693 -28.58 -28.58 13.25
CA VAL C 693 -28.47 -27.19 12.87
C VAL C 693 -29.46 -26.86 11.73
N ASP C 694 -30.11 -25.72 11.83
CA ASP C 694 -31.21 -25.39 10.96
C ASP C 694 -30.80 -24.87 9.60
N LEU C 695 -29.74 -24.09 9.56
CA LEU C 695 -29.26 -23.58 8.28
C LEU C 695 -27.77 -23.52 8.30
N ILE C 696 -27.18 -23.78 7.14
CA ILE C 696 -25.75 -23.69 6.97
C ILE C 696 -25.56 -22.95 5.68
N ARG C 697 -24.70 -21.94 5.74
CA ARG C 697 -24.40 -21.06 4.64
C ARG C 697 -23.07 -21.47 4.07
N VAL C 698 -23.10 -21.74 2.76
CA VAL C 698 -22.01 -22.31 1.99
C VAL C 698 -21.97 -21.81 0.55
N HIS C 699 -20.78 -21.92 -0.07
CA HIS C 699 -20.52 -21.56 -1.49
C HIS C 699 -20.79 -22.73 -2.44
N ASP C 700 -20.46 -23.94 -1.96
CA ASP C 700 -20.54 -25.17 -2.73
C ASP C 700 -21.86 -25.92 -2.43
N VAL C 701 -22.92 -25.41 -3.06
CA VAL C 701 -24.25 -25.87 -2.83
C VAL C 701 -24.35 -27.34 -3.28
N LEU C 702 -23.91 -27.60 -4.50
CA LEU C 702 -24.03 -28.94 -5.09
C LEU C 702 -23.51 -30.04 -4.18
N GLU C 703 -22.43 -29.72 -3.49
CA GLU C 703 -21.63 -30.70 -2.78
C GLU C 703 -22.17 -30.93 -1.42
N THR C 704 -22.60 -29.85 -0.79
CA THR C 704 -23.29 -29.94 0.48
C THR C 704 -24.57 -30.73 0.31
N LYS C 705 -25.31 -30.39 -0.73
CA LYS C 705 -26.53 -31.09 -1.05
C LYS C 705 -26.32 -32.58 -1.12
N ALA C 706 -25.30 -33.01 -1.83
CA ALA C 706 -25.11 -34.44 -2.03
C ALA C 706 -24.78 -35.12 -0.71
N VAL C 707 -23.96 -34.49 0.13
CA VAL C 707 -23.76 -34.99 1.51
C VAL C 707 -25.10 -35.13 2.28
N LEU C 708 -25.91 -34.09 2.35
CA LEU C 708 -27.16 -34.17 3.13
C LEU C 708 -28.15 -35.21 2.58
N ASP C 709 -28.23 -35.32 1.27
CA ASP C 709 -29.07 -36.36 0.66
C ASP C 709 -28.69 -37.71 1.20
N VAL C 710 -27.40 -38.01 1.22
CA VAL C 710 -26.96 -39.33 1.67
C VAL C 710 -27.32 -39.48 3.15
N LEU C 711 -27.10 -38.43 3.91
CA LEU C 711 -27.14 -38.56 5.34
C LEU C 711 -28.58 -38.69 5.75
N THR C 712 -29.46 -37.98 5.05
CA THR C 712 -30.88 -38.11 5.21
C THR C 712 -31.40 -39.50 4.93
N ARG C 713 -31.02 -40.04 3.81
CA ARG C 713 -31.48 -41.35 3.40
C ARG C 713 -31.02 -42.46 4.35
N ILE C 714 -29.93 -42.23 5.06
CA ILE C 714 -29.41 -43.26 5.94
C ILE C 714 -30.20 -43.21 7.19
N HIS C 715 -30.63 -42.00 7.53
CA HIS C 715 -31.43 -41.77 8.74
C HIS C 715 -32.94 -41.69 8.46
N GLN C 716 -33.46 -42.81 7.94
CA GLN C 716 -34.86 -43.02 7.60
C GLN C 716 -35.42 -44.33 8.14
N ARG D 12 -4.90 -87.20 20.83
CA ARG D 12 -4.17 -85.93 21.14
C ARG D 12 -4.76 -85.26 22.37
N ASN D 13 -4.03 -84.29 22.92
CA ASN D 13 -4.50 -83.60 24.09
C ASN D 13 -4.87 -82.17 23.75
N ILE D 14 -5.46 -81.45 24.72
CA ILE D 14 -5.88 -80.08 24.51
C ILE D 14 -5.37 -79.26 25.65
N ALA D 15 -4.82 -78.09 25.33
CA ALA D 15 -4.20 -77.25 26.33
C ALA D 15 -4.47 -75.80 25.96
N VAL D 16 -4.64 -74.94 26.97
CA VAL D 16 -5.02 -73.55 26.74
C VAL D 16 -3.97 -72.73 27.42
N LEU D 17 -3.36 -71.83 26.66
CA LEU D 17 -2.16 -71.18 27.11
C LEU D 17 -2.33 -69.69 27.04
N ASN D 18 -1.61 -69.03 27.90
CA ASN D 18 -1.66 -67.61 28.02
C ASN D 18 -0.32 -67.00 27.73
N PHE D 19 -0.33 -65.95 26.93
CA PHE D 19 0.89 -65.28 26.54
C PHE D 19 0.82 -63.87 27.04
N GLY D 20 1.81 -63.44 27.80
CA GLY D 20 1.87 -62.02 28.18
C GLY D 20 3.18 -61.33 27.87
N THR D 21 3.12 -60.01 27.67
CA THR D 21 4.32 -59.17 27.44
C THR D 21 4.06 -57.72 27.87
N ASN D 22 5.05 -57.05 28.41
CA ASN D 22 4.91 -55.65 28.79
C ASN D 22 5.36 -54.68 27.69
N ASP D 23 5.90 -55.21 26.58
CA ASP D 23 6.51 -54.40 25.54
C ASP D 23 5.49 -53.96 24.50
N LYS D 24 4.96 -52.77 24.64
CA LYS D 24 3.93 -52.35 23.68
C LYS D 24 4.45 -52.34 22.22
N LYS D 25 5.57 -51.66 21.98
CA LYS D 25 6.03 -51.36 20.62
C LYS D 25 6.38 -52.58 19.76
N ASN D 26 7.08 -53.54 20.36
CA ASN D 26 7.48 -54.81 19.74
C ASN D 26 6.56 -55.96 20.10
N CYS D 27 5.41 -55.61 20.64
CA CYS D 27 4.41 -56.54 21.16
C CYS D 27 4.08 -57.72 20.25
N VAL D 28 3.63 -57.43 19.03
CA VAL D 28 3.18 -58.48 18.08
C VAL D 28 4.31 -59.38 17.59
N THR D 29 5.52 -58.81 17.49
CA THR D 29 6.71 -59.56 17.10
C THR D 29 7.00 -60.53 18.22
N ILE D 30 7.05 -60.05 19.44
CA ILE D 30 7.32 -60.94 20.54
C ILE D 30 6.28 -62.04 20.62
N LEU D 31 4.99 -61.73 20.65
CA LEU D 31 4.03 -62.79 20.86
C LEU D 31 3.98 -63.73 19.69
N GLU D 32 4.12 -63.24 18.45
CA GLU D 32 4.00 -64.12 17.27
C GLU D 32 5.23 -65.04 17.04
N THR D 33 6.43 -64.56 17.35
CA THR D 33 7.58 -65.44 17.48
C THR D 33 7.29 -66.54 18.51
N ALA D 34 6.70 -66.14 19.65
CA ALA D 34 6.33 -67.09 20.70
C ALA D 34 5.24 -68.06 20.34
N LEU D 35 4.33 -67.69 19.45
CA LEU D 35 3.31 -68.61 18.90
C LEU D 35 3.90 -69.63 17.91
N TYR D 36 4.78 -69.14 17.03
CA TYR D 36 5.55 -69.95 16.13
C TYR D 36 6.26 -71.04 16.86
N LEU D 37 7.04 -70.67 17.87
CA LEU D 37 7.82 -71.62 18.65
C LEU D 37 6.97 -72.61 19.41
N THR D 38 5.93 -72.10 20.06
CA THR D 38 4.93 -72.91 20.73
C THR D 38 4.23 -73.91 19.80
N GLU D 39 3.85 -73.48 18.60
CA GLU D 39 3.19 -74.40 17.66
C GLU D 39 4.16 -75.43 17.13
N LYS D 40 5.42 -75.04 16.96
CA LYS D 40 6.42 -75.96 16.44
C LYS D 40 6.72 -77.09 17.42
N TYR D 41 6.81 -76.78 18.69
CA TYR D 41 7.23 -77.78 19.68
C TYR D 41 6.11 -78.51 20.42
N LEU D 42 4.85 -78.19 20.14
CA LEU D 42 3.76 -78.65 20.96
C LEU D 42 2.56 -79.10 20.18
N GLY D 43 2.38 -78.60 18.97
CA GLY D 43 1.31 -79.08 18.07
C GLY D 43 0.47 -77.91 17.56
N LYS D 44 -0.68 -78.18 16.95
CA LYS D 44 -1.37 -77.17 16.14
C LYS D 44 -2.16 -76.21 16.98
N ILE D 45 -1.95 -74.91 16.80
CA ILE D 45 -2.87 -73.89 17.28
C ILE D 45 -4.19 -73.89 16.46
N ILE D 46 -5.30 -74.21 17.13
CA ILE D 46 -6.65 -74.25 16.53
C ILE D 46 -7.62 -73.19 17.04
N ASN D 47 -7.20 -72.34 17.99
CA ASN D 47 -7.98 -71.16 18.37
C ASN D 47 -7.14 -70.13 19.08
N SER D 48 -7.55 -68.88 18.94
CA SER D 48 -6.81 -67.77 19.52
C SER D 48 -7.79 -66.69 19.92
N SER D 49 -7.41 -65.86 20.88
CA SER D 49 -8.22 -64.75 21.29
C SER D 49 -7.74 -63.55 20.59
N TYR D 50 -8.27 -62.38 20.93
CA TYR D 50 -7.69 -61.13 20.49
C TYR D 50 -6.48 -60.81 21.41
N ILE D 51 -5.81 -59.70 21.16
CA ILE D 51 -4.81 -59.19 22.07
C ILE D 51 -5.46 -58.06 22.83
N TYR D 52 -5.26 -58.05 24.15
CA TYR D 52 -5.83 -57.02 25.03
C TYR D 52 -4.72 -56.28 25.74
N GLU D 53 -4.86 -54.96 25.78
CA GLU D 53 -4.06 -54.10 26.62
C GLU D 53 -4.74 -53.97 28.00
N THR D 54 -4.11 -54.49 29.03
CA THR D 54 -4.77 -54.75 30.28
C THR D 54 -3.95 -54.25 31.44
N VAL D 55 -4.65 -53.64 32.40
CA VAL D 55 -4.05 -52.98 33.53
C VAL D 55 -3.58 -54.01 34.54
N PRO D 56 -2.33 -53.90 35.04
CA PRO D 56 -1.74 -55.00 35.81
C PRO D 56 -2.58 -55.45 36.99
N GLU D 57 -2.59 -56.77 37.20
CA GLU D 57 -3.24 -57.40 38.34
C GLU D 57 -2.22 -58.01 39.36
N TYR D 58 -2.01 -57.32 40.48
CA TYR D 58 -1.04 -57.75 41.52
C TYR D 58 -1.65 -58.44 42.76
N ILE D 59 -2.63 -57.79 43.40
CA ILE D 59 -3.29 -58.38 44.58
C ILE D 59 -4.79 -58.60 44.32
N GLY D 68 -5.64 -49.26 40.81
CA GLY D 68 -4.37 -49.54 40.10
C GLY D 68 -4.19 -48.82 38.76
N GLU D 69 -3.15 -47.98 38.65
CA GLU D 69 -2.97 -47.05 37.51
C GLU D 69 -1.51 -47.11 36.90
N VAL D 70 -1.43 -46.94 35.60
CA VAL D 70 -0.17 -47.05 34.89
C VAL D 70 0.40 -45.76 34.29
N THR D 71 1.66 -45.49 34.62
CA THR D 71 2.42 -44.34 34.17
C THR D 71 3.81 -44.82 33.70
N PRO D 76 11.54 -47.77 25.79
CA PRO D 76 11.84 -48.36 24.49
C PRO D 76 12.75 -49.54 24.63
N ARG D 77 12.51 -50.60 23.86
CA ARG D 77 13.36 -51.78 23.90
C ARG D 77 13.74 -52.29 22.52
N ASP D 78 14.92 -52.89 22.43
CA ASP D 78 15.38 -53.49 21.18
C ASP D 78 15.17 -55.00 21.08
N ILE D 79 14.79 -55.43 19.89
CA ILE D 79 14.57 -56.88 19.57
C ILE D 79 15.44 -57.38 18.39
N SER D 80 16.57 -56.72 18.18
CA SER D 80 17.28 -56.85 16.91
C SER D 80 17.78 -58.25 16.56
N TRP D 81 17.90 -59.13 17.56
CA TRP D 81 18.31 -60.50 17.31
C TRP D 81 17.16 -61.42 16.84
N ILE D 82 15.91 -61.08 17.12
CA ILE D 82 14.85 -62.08 17.00
C ILE D 82 14.79 -62.83 15.67
N GLY D 83 14.93 -62.13 14.56
CA GLY D 83 14.88 -62.81 13.27
C GLY D 83 15.98 -63.87 13.08
N ASP D 84 17.19 -63.59 13.60
CA ASP D 84 18.32 -64.56 13.64
C ASP D 84 17.89 -65.87 14.38
N LEU D 85 17.01 -65.71 15.35
CA LEU D 85 16.53 -66.84 16.10
C LEU D 85 15.92 -67.95 15.24
N ILE D 86 15.10 -67.58 14.27
CA ILE D 86 14.28 -68.55 13.52
C ILE D 86 15.06 -69.65 12.78
N PRO D 87 15.94 -69.27 11.85
CA PRO D 87 16.57 -70.39 11.16
C PRO D 87 17.52 -71.23 12.01
N THR D 88 17.76 -70.88 13.27
CA THR D 88 18.69 -71.61 14.14
C THR D 88 17.97 -72.32 15.28
N VAL D 89 16.64 -72.35 15.27
CA VAL D 89 15.98 -73.14 16.29
C VAL D 89 16.01 -74.60 15.85
N GLU D 90 16.27 -75.47 16.82
CA GLU D 90 16.19 -76.93 16.64
C GLU D 90 14.81 -77.43 16.17
N ASN D 91 14.77 -78.62 15.58
CA ASN D 91 13.54 -79.17 15.00
C ASN D 91 12.72 -79.91 16.02
N SER D 92 11.44 -80.06 15.74
CA SER D 92 10.60 -80.94 16.56
C SER D 92 10.86 -82.34 16.11
N ARG D 93 10.57 -83.32 16.95
CA ARG D 93 10.61 -84.73 16.54
C ARG D 93 9.25 -85.22 16.04
N TYR D 94 8.25 -84.35 16.05
CA TYR D 94 6.94 -84.70 15.60
C TYR D 94 6.61 -83.65 14.61
N GLU D 95 5.97 -84.00 13.51
CA GLU D 95 5.51 -82.94 12.65
C GLU D 95 4.05 -83.09 12.29
N GLU D 96 3.28 -82.04 12.55
CA GLU D 96 1.88 -82.08 12.20
C GLU D 96 1.83 -81.86 10.69
N SER D 97 0.73 -82.24 10.04
CA SER D 97 0.56 -81.94 8.61
C SER D 97 0.03 -80.51 8.39
N GLU D 98 0.48 -79.81 7.34
CA GLU D 98 -0.05 -78.47 6.98
C GLU D 98 -1.50 -78.44 6.34
N ASP D 99 -2.16 -79.59 6.21
CA ASP D 99 -3.49 -79.63 5.61
C ASP D 99 -4.46 -78.75 6.40
N LEU D 100 -5.44 -78.20 5.69
CA LEU D 100 -6.60 -77.59 6.31
C LEU D 100 -7.35 -78.64 7.11
N ILE D 101 -7.86 -78.25 8.27
CA ILE D 101 -8.78 -79.09 9.03
C ILE D 101 -10.14 -78.37 9.10
N TYR D 102 -11.22 -79.15 9.28
CA TYR D 102 -12.58 -78.61 9.44
C TYR D 102 -13.16 -78.92 10.81
N GLU D 103 -12.52 -79.78 11.59
CA GLU D 103 -12.94 -79.98 12.95
C GLU D 103 -11.80 -80.35 13.93
N CYS D 104 -12.15 -80.73 15.16
CA CYS D 104 -11.21 -81.36 16.07
C CYS D 104 -11.99 -82.03 17.16
N LYS D 105 -12.07 -83.34 17.07
CA LYS D 105 -12.91 -84.11 17.96
C LYS D 105 -12.35 -84.06 19.36
N GLU D 106 -11.04 -83.92 19.52
CA GLU D 106 -10.50 -83.74 20.85
C GLU D 106 -11.04 -82.45 21.48
N LEU D 107 -11.03 -81.37 20.72
CA LEU D 107 -11.48 -80.10 21.23
C LEU D 107 -12.90 -80.22 21.71
N GLU D 108 -13.78 -80.79 20.88
CA GLU D 108 -15.18 -80.97 21.23
C GLU D 108 -15.31 -81.69 22.57
N VAL D 109 -14.44 -82.65 22.78
CA VAL D 109 -14.43 -83.41 24.00
C VAL D 109 -13.89 -82.60 25.19
N PHE D 110 -12.94 -81.71 24.93
CA PHE D 110 -12.44 -80.78 25.97
C PHE D 110 -13.55 -79.88 26.53
N LEU D 111 -14.35 -79.35 25.63
CA LEU D 111 -15.39 -78.38 25.91
C LEU D 111 -16.51 -78.91 26.75
N LYS D 112 -16.71 -80.19 26.70
CA LYS D 112 -17.69 -80.81 27.49
C LYS D 112 -17.18 -81.30 28.81
N ASN D 113 -15.92 -81.04 29.13
CA ASN D 113 -15.26 -81.41 30.39
C ASN D 113 -15.05 -82.87 30.63
N GLU D 114 -15.10 -83.62 29.55
CA GLU D 114 -14.93 -85.06 29.50
C GLU D 114 -13.50 -85.50 29.43
N LYS D 115 -13.28 -86.78 29.72
CA LYS D 115 -11.95 -87.34 29.73
C LYS D 115 -11.47 -87.76 28.42
N ILE D 116 -10.32 -87.20 28.05
CA ILE D 116 -9.58 -87.49 26.85
C ILE D 116 -8.62 -88.64 27.12
N ASN D 117 -7.57 -88.40 27.88
CA ASN D 117 -6.66 -89.46 28.32
C ASN D 117 -6.60 -89.54 29.84
N GLU D 118 -6.18 -90.68 30.36
CA GLU D 118 -5.89 -90.77 31.78
C GLU D 118 -4.75 -89.83 32.02
N SER D 119 -4.73 -89.18 33.16
CA SER D 119 -3.67 -88.25 33.45
C SER D 119 -2.47 -89.03 33.97
N ILE D 120 -1.30 -88.82 33.38
CA ILE D 120 -0.07 -89.45 33.86
C ILE D 120 0.24 -88.99 35.28
N ILE D 121 0.30 -87.68 35.46
CA ILE D 121 0.45 -87.07 36.79
C ILE D 121 -0.83 -87.26 37.64
N ARG D 122 -0.68 -87.78 38.85
CA ARG D 122 -1.82 -88.02 39.70
C ARG D 122 -2.53 -86.73 40.08
N GLU D 123 -3.85 -86.75 39.89
CA GLU D 123 -4.69 -85.59 40.14
C GLU D 123 -4.96 -85.37 41.63
N VAL D 124 -5.55 -84.22 41.95
CA VAL D 124 -6.07 -83.99 43.29
C VAL D 124 -7.56 -83.63 43.29
N SER D 125 -8.18 -83.79 44.44
CA SER D 125 -9.55 -83.41 44.62
C SER D 125 -9.70 -81.92 44.43
N VAL D 126 -10.90 -81.49 44.06
CA VAL D 126 -11.22 -80.08 43.88
C VAL D 126 -11.09 -79.29 45.18
N GLU D 127 -11.21 -79.97 46.32
CA GLU D 127 -11.05 -79.33 47.61
C GLU D 127 -9.58 -79.10 47.87
N ASP D 128 -8.77 -80.13 47.68
CA ASP D 128 -7.36 -80.04 48.04
C ASP D 128 -6.63 -79.05 47.16
N TYR D 129 -7.11 -78.91 45.93
CA TYR D 129 -6.66 -77.85 45.05
C TYR D 129 -6.90 -76.47 45.60
N GLU D 130 -8.15 -76.22 46.01
CA GLU D 130 -8.60 -74.89 46.44
C GLU D 130 -7.81 -74.44 47.61
N ASN D 131 -7.51 -75.38 48.50
CA ASN D 131 -6.69 -75.08 49.66
C ASN D 131 -5.30 -74.60 49.32
N GLU D 132 -4.61 -75.38 48.47
CA GLU D 132 -3.29 -75.02 48.01
C GLU D 132 -3.34 -73.78 47.17
N ALA D 133 -4.25 -73.67 46.23
CA ALA D 133 -4.27 -72.45 45.44
C ALA D 133 -4.24 -71.25 46.35
N ARG D 134 -5.11 -71.27 47.34
CA ARG D 134 -5.28 -70.11 48.19
C ARG D 134 -4.12 -69.87 49.09
N ARG D 135 -3.32 -70.88 49.40
CA ARG D 135 -2.02 -70.63 50.08
C ARG D 135 -1.14 -69.71 49.26
N ILE D 136 -0.92 -70.07 48.01
CA ILE D 136 -0.08 -69.31 47.10
C ILE D 136 -0.57 -67.90 46.88
N ILE D 137 -1.88 -67.75 46.68
CA ILE D 137 -2.43 -66.42 46.44
C ILE D 137 -2.25 -65.54 47.68
N LYS D 138 -2.43 -66.08 48.88
CA LYS D 138 -2.23 -65.26 50.08
C LYS D 138 -0.77 -64.98 50.34
N ARG D 139 0.13 -65.82 49.81
CA ARG D 139 1.55 -65.52 49.92
C ARG D 139 1.87 -64.39 48.97
N ASN D 140 1.57 -64.59 47.69
CA ASN D 140 1.88 -63.59 46.68
C ASN D 140 1.31 -62.24 47.01
N ASP D 141 0.11 -62.22 47.59
CA ASP D 141 -0.54 -60.96 47.98
C ASP D 141 0.39 -60.21 48.92
N GLU D 142 0.83 -60.88 50.00
CA GLU D 142 1.68 -60.26 51.03
C GLU D 142 3.08 -59.86 50.51
N ILE D 143 3.64 -60.61 49.56
CA ILE D 143 4.87 -60.19 48.90
C ILE D 143 4.65 -58.87 48.13
N MET D 144 3.90 -58.92 47.02
CA MET D 144 3.54 -57.70 46.26
C MET D 144 3.11 -56.51 47.12
N LYS D 145 2.43 -56.75 48.23
CA LYS D 145 1.92 -55.66 49.10
C LYS D 145 3.08 -54.95 49.81
N LYS D 146 4.09 -55.72 50.19
CA LYS D 146 5.35 -55.18 50.76
C LYS D 146 6.33 -54.69 49.67
N ASN D 147 6.14 -55.13 48.42
CA ASN D 147 6.85 -54.54 47.29
C ASN D 147 6.33 -53.18 46.95
N LEU D 148 5.01 -53.06 46.81
CA LEU D 148 4.35 -51.78 46.45
C LEU D 148 4.61 -50.69 47.50
N GLU D 149 4.63 -51.09 48.77
CA GLU D 149 5.16 -50.25 49.85
C GLU D 149 6.60 -49.84 49.53
N GLN D 150 7.46 -50.83 49.25
CA GLN D 150 8.90 -50.65 49.02
C GLN D 150 9.25 -50.50 47.52
N TYR D 155 7.18 -52.08 39.15
CA TYR D 155 5.79 -52.30 39.61
C TYR D 155 4.85 -51.13 39.20
N TYR D 156 3.67 -51.52 38.69
CA TYR D 156 2.77 -50.61 37.93
C TYR D 156 3.52 -49.82 36.83
N THR D 157 4.27 -50.60 36.05
CA THR D 157 5.37 -50.09 35.20
C THR D 157 4.79 -49.72 33.85
N SER D 158 3.90 -50.58 33.39
CA SER D 158 3.16 -50.33 32.16
C SER D 158 2.04 -51.36 32.02
N TYR D 159 1.30 -51.28 30.93
CA TYR D 159 0.26 -52.26 30.68
C TYR D 159 0.89 -53.58 30.36
N PHE D 160 0.06 -54.62 30.33
CA PHE D 160 0.41 -55.92 29.74
C PHE D 160 -0.35 -56.12 28.43
N PHE D 161 0.08 -57.09 27.64
CA PHE D 161 -0.55 -57.39 26.37
C PHE D 161 -0.77 -58.89 26.35
N ASN D 162 -2.03 -59.32 26.38
CA ASN D 162 -2.41 -60.71 26.65
C ASN D 162 -3.12 -61.35 25.49
N LEU D 163 -2.95 -62.65 25.45
CA LEU D 163 -3.37 -63.46 24.36
C LEU D 163 -3.45 -64.89 24.85
N THR D 164 -4.53 -65.54 24.50
CA THR D 164 -4.78 -66.91 24.87
C THR D 164 -5.09 -67.70 23.66
N VAL D 165 -4.54 -68.89 23.56
CA VAL D 165 -4.75 -69.79 22.40
C VAL D 165 -5.03 -71.23 22.85
N VAL D 166 -5.65 -71.99 21.96
CA VAL D 166 -5.89 -73.41 22.19
C VAL D 166 -4.94 -74.21 21.31
N VAL D 167 -4.39 -75.28 21.87
CA VAL D 167 -3.34 -76.07 21.25
C VAL D 167 -3.69 -77.56 21.21
N ARG D 168 -3.77 -78.15 20.05
CA ARG D 168 -3.88 -79.62 20.01
C ARG D 168 -2.50 -80.22 20.06
N THR D 169 -2.12 -80.57 21.28
CA THR D 169 -0.77 -80.97 21.56
C THR D 169 -0.53 -82.49 21.44
N PHE D 170 0.70 -82.82 21.03
CA PHE D 170 1.22 -84.18 21.06
C PHE D 170 2.00 -84.44 22.35
N VAL D 171 2.18 -83.43 23.20
CA VAL D 171 2.84 -83.65 24.51
C VAL D 171 1.94 -84.42 25.48
N GLU D 172 2.53 -85.39 26.17
CA GLU D 172 1.78 -86.35 26.97
C GLU D 172 1.41 -85.89 28.40
N ASP D 173 2.07 -84.86 28.91
CA ASP D 173 1.65 -84.32 30.18
C ASP D 173 1.96 -82.83 30.34
N PRO D 174 1.35 -82.21 31.33
CA PRO D 174 1.54 -80.79 31.47
C PRO D 174 2.87 -80.43 32.12
N LEU D 175 3.53 -81.39 32.75
CA LEU D 175 4.87 -81.14 33.25
C LEU D 175 5.85 -80.93 32.08
N ALA D 176 5.80 -81.82 31.09
CA ALA D 176 6.65 -81.72 29.93
C ALA D 176 6.27 -80.47 29.20
N MET D 177 5.02 -80.31 28.89
CA MET D 177 4.62 -79.05 28.31
C MET D 177 5.24 -77.86 29.06
N LEU D 178 5.31 -77.91 30.39
CA LEU D 178 5.72 -76.70 31.13
C LEU D 178 7.21 -76.46 30.88
N VAL D 179 7.97 -77.55 30.89
CA VAL D 179 9.36 -77.45 30.70
C VAL D 179 9.65 -76.91 29.30
N ILE D 180 8.87 -77.29 28.32
CA ILE D 180 9.12 -76.82 26.98
C ILE D 180 8.82 -75.35 26.86
N LEU D 181 7.88 -74.91 27.65
CA LEU D 181 7.47 -73.54 27.59
C LEU D 181 8.49 -72.68 28.28
N LYS D 182 9.04 -73.14 29.38
CA LYS D 182 10.18 -72.48 29.99
C LYS D 182 11.34 -72.31 28.98
N TYR D 183 11.78 -73.44 28.41
CA TYR D 183 12.77 -73.51 27.36
C TYR D 183 12.51 -72.41 26.33
N ILE D 184 11.36 -72.44 25.68
CA ILE D 184 11.00 -71.35 24.76
C ILE D 184 11.26 -69.91 25.34
N GLU D 185 10.91 -69.69 26.61
CA GLU D 185 11.03 -68.34 27.18
C GLU D 185 12.50 -67.98 27.22
N GLN D 186 13.32 -68.84 27.85
CA GLN D 186 14.75 -68.66 27.89
C GLN D 186 15.36 -68.42 26.51
N ILE D 187 14.84 -69.09 25.49
CA ILE D 187 15.30 -68.92 24.11
C ILE D 187 15.18 -67.47 23.64
N MET D 188 14.24 -66.73 24.21
CA MET D 188 14.14 -65.29 23.97
C MET D 188 14.76 -64.71 25.27
N LYS D 189 15.08 -63.44 25.39
CA LYS D 189 16.03 -63.00 26.48
C LYS D 189 17.21 -63.96 26.71
N ARG D 204 8.93 -57.48 32.16
CA ARG D 204 8.90 -58.90 31.75
C ARG D 204 8.62 -59.05 30.23
N MET D 205 9.52 -59.70 29.50
CA MET D 205 9.48 -59.73 28.02
C MET D 205 8.52 -60.76 27.50
N ILE D 206 8.68 -62.01 27.91
CA ILE D 206 7.66 -62.96 27.59
C ILE D 206 7.45 -63.93 28.73
N ASP D 207 6.18 -64.10 29.11
CA ASP D 207 5.74 -65.17 30.02
C ASP D 207 4.62 -65.98 29.36
N ILE D 208 4.67 -67.30 29.57
CA ILE D 208 3.79 -68.24 28.90
C ILE D 208 3.36 -69.25 29.94
N ASP D 209 2.05 -69.30 30.19
CA ASP D 209 1.49 -70.10 31.28
C ASP D 209 0.48 -71.13 30.75
N ILE D 210 0.49 -72.33 31.34
CA ILE D 210 -0.56 -73.30 31.09
C ILE D 210 -1.71 -73.04 32.04
N LEU D 211 -2.85 -72.68 31.41
CA LEU D 211 -4.12 -72.45 32.04
C LEU D 211 -4.89 -73.77 32.25
N PHE D 212 -5.19 -74.48 31.17
CA PHE D 212 -5.88 -75.74 31.26
C PHE D 212 -5.16 -76.80 30.47
N PHE D 213 -5.21 -78.03 30.98
CA PHE D 213 -4.69 -79.21 30.29
C PHE D 213 -5.71 -80.33 30.49
N ASN D 214 -6.35 -80.69 29.37
CA ASN D 214 -7.50 -81.57 29.34
C ASN D 214 -8.49 -81.17 30.41
N ASN D 215 -8.98 -82.11 31.19
CA ASN D 215 -9.85 -81.73 32.28
C ASN D 215 -9.18 -82.05 33.59
N TYR D 216 -7.87 -81.86 33.66
CA TYR D 216 -7.15 -82.33 34.82
C TYR D 216 -7.17 -81.27 35.91
N THR D 217 -7.10 -81.72 37.15
CA THR D 217 -6.96 -80.89 38.31
C THR D 217 -5.70 -81.42 39.00
N ILE D 218 -4.63 -80.64 38.94
CA ILE D 218 -3.31 -81.10 39.36
C ILE D 218 -2.68 -80.10 40.30
N PHE D 219 -2.11 -80.57 41.38
CA PHE D 219 -1.27 -79.67 42.20
C PHE D 219 0.00 -80.28 42.78
N GLU D 220 1.13 -79.96 42.16
CA GLU D 220 2.42 -80.48 42.61
C GLU D 220 3.22 -79.35 43.26
N LYS D 221 3.49 -79.52 44.52
CA LYS D 221 4.29 -78.58 45.24
C LYS D 221 5.73 -79.02 45.18
N SER D 222 6.64 -78.08 45.28
CA SER D 222 8.04 -78.43 45.31
C SER D 222 8.58 -79.33 44.20
N ILE D 223 8.47 -78.89 42.97
CA ILE D 223 8.97 -79.64 41.85
C ILE D 223 10.49 -79.45 41.81
N SER D 224 11.27 -80.53 41.66
CA SER D 224 12.74 -80.45 41.67
C SER D 224 13.43 -81.20 40.50
N LEU D 225 13.63 -80.51 39.38
CA LEU D 225 14.22 -81.10 38.17
C LEU D 225 15.64 -80.60 37.93
N LYS D 226 16.59 -81.51 37.82
CA LYS D 226 17.98 -81.14 37.58
C LYS D 226 18.25 -81.10 36.08
N GLY D 227 19.42 -80.63 35.69
CA GLY D 227 19.83 -80.72 34.32
C GLY D 227 19.47 -82.04 33.66
N GLU D 228 19.80 -83.19 34.26
CA GLU D 228 19.56 -84.48 33.59
C GLU D 228 18.08 -84.76 33.33
N ASP D 229 17.24 -84.37 34.29
CA ASP D 229 15.76 -84.47 34.19
C ASP D 229 15.21 -83.59 33.07
N ILE D 230 15.65 -82.35 33.02
CA ILE D 230 15.27 -81.47 31.95
C ILE D 230 15.69 -82.08 30.63
N TYR D 231 16.95 -82.52 30.56
CA TYR D 231 17.49 -83.12 29.39
C TYR D 231 16.67 -84.31 28.89
N LYS D 232 16.37 -85.27 29.75
CA LYS D 232 15.51 -86.38 29.35
C LYS D 232 14.13 -85.97 28.85
N ILE D 233 13.59 -84.87 29.38
CA ILE D 233 12.27 -84.41 28.97
C ILE D 233 12.37 -83.73 27.60
N ILE D 234 13.26 -82.78 27.45
CA ILE D 234 13.31 -82.01 26.21
C ILE D 234 13.51 -82.88 24.98
N THR D 235 14.41 -83.84 25.09
CA THR D 235 14.86 -84.60 23.94
C THR D 235 13.92 -85.71 23.62
N LYS D 236 12.86 -85.84 24.41
CA LYS D 236 11.70 -86.62 23.96
C LYS D 236 11.02 -85.94 22.79
N TYR D 237 11.03 -84.61 22.79
CA TYR D 237 10.21 -83.83 21.87
C TYR D 237 11.00 -83.00 20.90
N ILE D 238 12.29 -82.75 21.16
CA ILE D 238 13.11 -81.84 20.35
C ILE D 238 14.45 -82.43 19.95
N HIS D 239 14.92 -82.14 18.72
CA HIS D 239 16.27 -82.56 18.27
C HIS D 239 17.32 -81.53 18.63
N ILE D 240 17.74 -81.55 19.87
CA ILE D 240 18.71 -80.56 20.33
C ILE D 240 20.08 -80.74 19.69
N ASN D 241 20.72 -79.62 19.38
CA ASN D 241 22.07 -79.61 18.87
C ASN D 241 23.06 -79.92 20.01
N HIS D 242 24.04 -80.76 19.68
CA HIS D 242 25.00 -81.28 20.63
C HIS D 242 26.44 -80.78 20.37
N THR D 243 26.57 -79.82 19.46
CA THR D 243 27.87 -79.38 19.01
C THR D 243 28.32 -78.17 19.82
N SER D 244 29.58 -78.19 20.26
CA SER D 244 30.22 -77.06 20.94
C SER D 244 29.91 -75.68 20.39
N ASP D 245 29.93 -75.56 19.07
CA ASP D 245 29.84 -74.26 18.42
C ASP D 245 28.42 -73.80 18.23
N GLN D 246 27.49 -74.73 18.43
CA GLN D 246 26.12 -74.38 18.71
C GLN D 246 25.38 -75.43 19.53
N ASN D 247 24.81 -74.95 20.64
CA ASN D 247 23.96 -75.70 21.55
C ASN D 247 23.40 -74.72 22.61
N ARG D 248 22.38 -75.17 23.32
CA ARG D 248 21.81 -74.42 24.44
C ARG D 248 21.81 -75.25 25.68
N LEU D 249 22.84 -76.07 25.85
CA LEU D 249 22.94 -76.93 27.00
C LEU D 249 23.12 -76.11 28.24
N ASP D 250 23.45 -74.84 28.08
CA ASP D 250 23.63 -74.00 29.24
C ASP D 250 22.28 -73.61 29.84
N ILE D 251 21.34 -73.36 28.95
CA ILE D 251 19.97 -73.20 29.33
C ILE D 251 19.42 -74.52 29.86
N ILE D 252 19.55 -75.58 29.09
CA ILE D 252 18.97 -76.85 29.48
C ILE D 252 19.43 -77.27 30.86
N GLN D 253 20.61 -76.84 31.23
CA GLN D 253 21.15 -77.25 32.51
C GLN D 253 20.34 -76.66 33.62
N ASN D 254 20.17 -75.34 33.60
CA ASN D 254 19.50 -74.59 34.70
C ASN D 254 18.00 -74.31 34.60
N LEU D 255 17.33 -74.84 33.58
CA LEU D 255 15.89 -74.61 33.39
C LEU D 255 15.08 -75.01 34.63
N GLY D 256 15.57 -75.99 35.39
CA GLY D 256 14.95 -76.42 36.64
C GLY D 256 14.78 -75.34 37.70
N ASP D 257 15.66 -74.34 37.73
CA ASP D 257 15.51 -73.28 38.72
C ASP D 257 14.33 -72.36 38.39
N LYS D 258 13.71 -72.58 37.24
CA LYS D 258 12.59 -71.76 36.82
C LYS D 258 11.25 -72.47 37.01
N ILE D 259 11.22 -73.50 37.86
CA ILE D 259 9.99 -74.26 38.05
C ILE D 259 9.83 -74.71 39.50
N GLU D 260 9.01 -74.02 40.30
CA GLU D 260 8.87 -74.45 41.71
C GLU D 260 7.64 -75.32 41.92
N PHE D 261 6.58 -75.04 41.17
CA PHE D 261 5.38 -75.82 41.31
C PHE D 261 4.65 -75.90 40.00
N LEU D 262 3.79 -76.92 39.92
CA LEU D 262 2.89 -77.15 38.79
C LEU D 262 1.48 -77.15 39.31
N CYS D 263 0.59 -76.56 38.54
CA CYS D 263 -0.71 -76.20 39.01
C CYS D 263 -1.75 -76.09 37.89
N ILE D 264 -2.66 -77.04 37.82
CA ILE D 264 -3.68 -77.08 36.73
C ILE D 264 -5.08 -77.10 37.32
N PRO D 265 -5.86 -76.05 37.10
CA PRO D 265 -5.59 -74.87 36.31
C PRO D 265 -4.65 -73.87 36.94
N HIS D 266 -4.16 -72.98 36.10
CA HIS D 266 -3.38 -71.89 36.58
C HIS D 266 -4.07 -71.22 37.78
N VAL D 267 -3.32 -71.02 38.81
CA VAL D 267 -3.83 -70.59 40.04
C VAL D 267 -4.70 -69.37 39.95
N TYR D 268 -4.40 -68.51 39.02
CA TYR D 268 -5.08 -67.22 38.86
C TYR D 268 -6.14 -67.23 37.75
N THR D 269 -6.39 -68.39 37.14
CA THR D 269 -7.27 -68.41 35.97
C THR D 269 -8.64 -67.78 36.24
N LYS D 270 -9.34 -68.19 37.29
CA LYS D 270 -10.65 -67.58 37.55
C LYS D 270 -10.59 -66.18 38.15
N TYR D 271 -9.47 -65.79 38.76
CA TYR D 271 -9.34 -64.48 39.43
C TYR D 271 -8.77 -63.31 38.63
N ARG D 272 -8.13 -63.53 37.50
CA ARG D 272 -7.59 -62.40 36.76
C ARG D 272 -8.43 -61.95 35.61
N TYR D 273 -8.81 -60.70 35.59
CA TYR D 273 -9.70 -60.22 34.55
C TYR D 273 -9.10 -60.48 33.22
N SER D 274 -7.82 -60.18 33.06
CA SER D 274 -7.14 -60.26 31.78
C SER D 274 -7.15 -61.67 31.22
N ILE D 275 -7.08 -62.66 32.09
CA ILE D 275 -7.19 -64.05 31.67
C ILE D 275 -8.64 -64.35 31.23
N LEU D 276 -9.61 -64.08 32.09
CA LEU D 276 -11.01 -64.28 31.73
C LEU D 276 -11.40 -63.53 30.44
N LEU D 277 -10.85 -62.35 30.25
CA LEU D 277 -11.22 -61.54 29.10
C LEU D 277 -10.86 -62.25 27.81
N CYS D 278 -9.64 -62.79 27.75
CA CYS D 278 -9.17 -63.57 26.61
C CYS D 278 -9.88 -64.90 26.44
N LEU D 279 -10.10 -65.59 27.55
CA LEU D 279 -10.68 -66.90 27.51
C LEU D 279 -12.07 -66.74 26.94
N ASN D 280 -12.75 -65.67 27.32
CA ASN D 280 -14.12 -65.35 26.87
C ASN D 280 -14.29 -65.42 25.36
N ASP D 281 -13.27 -65.03 24.62
CA ASP D 281 -13.23 -65.15 23.17
C ASP D 281 -13.19 -66.57 22.65
N ILE D 282 -12.68 -67.51 23.41
CA ILE D 282 -12.33 -68.76 22.78
C ILE D 282 -13.02 -69.94 23.36
N ILE D 283 -13.29 -69.93 24.65
CA ILE D 283 -13.86 -71.12 25.26
C ILE D 283 -14.95 -70.77 26.30
N PRO D 284 -15.90 -69.88 25.94
CA PRO D 284 -16.87 -69.27 26.86
C PRO D 284 -17.84 -70.24 27.54
N GLU D 285 -18.18 -71.29 26.83
CA GLU D 285 -19.06 -72.35 27.30
C GLU D 285 -18.36 -73.34 28.23
N TYR D 286 -17.09 -73.13 28.53
CA TYR D 286 -16.30 -74.12 29.27
C TYR D 286 -16.33 -73.90 30.77
N LYS D 287 -16.58 -74.99 31.46
CA LYS D 287 -16.60 -74.99 32.88
C LYS D 287 -15.80 -76.15 33.40
N HIS D 288 -14.72 -75.81 34.07
CA HIS D 288 -13.86 -76.80 34.69
C HIS D 288 -14.40 -77.22 36.07
N SER D 289 -14.07 -78.43 36.54
CA SER D 289 -14.50 -78.90 37.88
C SER D 289 -14.19 -77.93 39.03
N THR D 290 -13.26 -77.02 38.78
CA THR D 290 -12.71 -76.09 39.77
C THR D 290 -13.45 -74.75 39.76
N PHE D 291 -14.33 -74.55 38.78
CA PHE D 291 -15.07 -73.30 38.63
C PHE D 291 -16.50 -73.41 39.20
N GLU D 292 -17.01 -72.36 39.85
CA GLU D 292 -18.44 -72.40 40.23
C GLU D 292 -19.37 -72.24 38.99
N GLU D 293 -18.91 -71.55 37.95
CA GLU D 293 -19.65 -71.40 36.70
C GLU D 293 -18.72 -71.21 35.48
N ALA D 294 -19.30 -71.18 34.28
CA ALA D 294 -18.52 -71.31 33.05
C ALA D 294 -17.75 -70.02 32.73
N ILE D 295 -16.91 -70.06 31.69
CA ILE D 295 -16.02 -68.93 31.41
C ILE D 295 -16.83 -67.66 31.19
N ARG D 296 -17.80 -67.65 30.29
CA ARG D 296 -18.54 -66.40 30.12
C ARG D 296 -19.29 -65.92 31.40
N SER D 297 -19.80 -66.86 32.18
CA SER D 297 -20.55 -66.53 33.38
C SER D 297 -19.63 -65.86 34.36
N THR D 298 -18.51 -66.55 34.66
CA THR D 298 -17.42 -66.10 35.54
C THR D 298 -16.92 -64.72 35.10
N TYR D 299 -16.71 -64.55 33.81
CA TYR D 299 -16.35 -63.27 33.23
C TYR D 299 -17.32 -62.17 33.61
N ASN D 300 -18.60 -62.39 33.36
CA ASN D 300 -19.63 -61.41 33.68
C ASN D 300 -19.71 -61.11 35.18
N SER D 301 -19.62 -62.15 35.98
CA SER D 301 -19.66 -62.02 37.44
C SER D 301 -18.54 -61.12 37.92
N TYR D 302 -17.45 -61.13 37.20
CA TYR D 302 -16.38 -60.24 37.52
C TYR D 302 -16.76 -58.82 37.09
N VAL D 303 -17.15 -58.68 35.83
CA VAL D 303 -17.42 -57.37 35.26
C VAL D 303 -18.34 -56.63 36.20
N GLU D 304 -19.42 -57.34 36.56
CA GLU D 304 -20.53 -56.80 37.31
C GLU D 304 -20.17 -56.51 38.77
N SER D 305 -19.30 -57.35 39.32
CA SER D 305 -18.82 -57.18 40.68
C SER D 305 -17.94 -55.94 40.81
N PHE D 306 -17.01 -55.82 39.86
CA PHE D 306 -16.13 -54.66 39.72
C PHE D 306 -16.88 -53.33 39.59
N GLU D 307 -17.91 -53.29 38.75
CA GLU D 307 -18.65 -52.04 38.48
C GLU D 307 -19.61 -51.72 39.61
N GLU D 308 -19.87 -52.71 40.46
CA GLU D 308 -20.76 -52.57 41.64
C GLU D 308 -20.01 -52.23 42.89
N LYS D 309 -18.69 -52.07 42.77
CA LYS D 309 -17.85 -51.76 43.93
C LYS D 309 -17.10 -50.45 43.69
N TYR D 310 -16.27 -50.48 42.67
CA TYR D 310 -15.41 -49.37 42.34
C TYR D 310 -16.12 -48.38 41.43
N HIS D 311 -17.30 -48.76 40.92
CA HIS D 311 -18.14 -47.85 40.13
C HIS D 311 -17.40 -47.26 38.92
N ILE D 312 -16.42 -48.00 38.38
CA ILE D 312 -15.65 -47.60 37.19
C ILE D 312 -15.78 -48.72 36.16
N ASN D 313 -15.88 -48.33 34.89
CA ASN D 313 -16.14 -49.30 33.85
C ASN D 313 -14.89 -50.10 33.50
N ILE D 314 -14.89 -51.37 33.81
CA ILE D 314 -13.69 -52.14 33.62
C ILE D 314 -13.24 -52.03 32.17
N ARG D 315 -14.15 -51.88 31.26
CA ARG D 315 -13.78 -51.76 29.84
C ARG D 315 -13.05 -50.46 29.40
N LYS D 316 -13.13 -49.37 30.18
CA LYS D 316 -12.41 -48.09 29.82
C LYS D 316 -10.86 -48.19 29.85
N ASN D 317 -10.31 -49.10 30.67
CA ASN D 317 -8.85 -49.34 30.74
C ASN D 317 -8.40 -50.76 30.37
N ASN D 318 -9.29 -51.60 29.85
CA ASN D 318 -8.86 -52.83 29.18
C ASN D 318 -9.47 -52.91 27.81
N LYS D 319 -8.61 -52.89 26.79
CA LYS D 319 -9.01 -52.62 25.42
C LYS D 319 -8.67 -53.74 24.48
N ARG D 320 -9.45 -53.84 23.42
CA ARG D 320 -9.25 -54.88 22.44
C ARG D 320 -8.34 -54.40 21.29
N LEU D 321 -7.40 -55.27 20.91
CA LEU D 321 -6.43 -54.92 19.89
C LEU D 321 -6.59 -55.72 18.59
N TYR D 322 -6.32 -55.08 17.46
CA TYR D 322 -6.19 -55.81 16.22
C TYR D 322 -4.90 -55.40 15.52
N VAL D 323 -4.39 -56.29 14.69
CA VAL D 323 -3.16 -56.04 14.01
C VAL D 323 -3.27 -56.09 12.53
N LEU D 324 -2.78 -55.07 11.90
CA LEU D 324 -2.81 -55.05 10.48
C LEU D 324 -1.43 -55.49 9.96
N LYS D 325 -0.35 -54.94 10.50
CA LYS D 325 1.00 -55.27 10.06
C LYS D 325 2.03 -55.74 11.09
N ASP D 326 2.57 -54.82 11.85
CA ASP D 326 3.54 -55.19 12.83
C ASP D 326 3.17 -54.61 14.14
N LYS D 327 2.19 -53.74 14.11
CA LYS D 327 1.78 -53.02 15.30
C LYS D 327 0.33 -53.29 15.72
N VAL D 328 0.07 -53.07 17.01
CA VAL D 328 -1.26 -53.25 17.61
C VAL D 328 -2.06 -51.98 17.44
N SER D 329 -3.26 -52.11 16.87
CA SER D 329 -4.24 -51.03 16.78
C SER D 329 -5.40 -51.20 17.78
N TYR D 330 -5.85 -50.10 18.38
CA TYR D 330 -6.95 -50.14 19.31
C TYR D 330 -8.25 -50.23 18.54
N LEU D 331 -9.01 -51.28 18.79
CA LEU D 331 -10.27 -51.49 18.08
C LEU D 331 -11.22 -50.33 18.29
N LYS D 332 -11.75 -49.76 17.22
CA LYS D 332 -12.72 -48.63 17.29
C LYS D 332 -12.17 -47.24 17.70
N GLU D 333 -10.89 -47.13 18.05
CA GLU D 333 -10.34 -45.82 18.40
C GLU D 333 -9.77 -44.98 17.22
N ARG D 334 -9.92 -45.45 15.99
CA ARG D 334 -9.52 -44.65 14.85
C ARG D 334 -10.07 -45.27 13.58
N THR D 335 -10.30 -44.45 12.56
CA THR D 335 -10.77 -44.96 11.29
C THR D 335 -9.71 -44.75 10.18
N HIS D 336 -9.10 -45.85 9.72
CA HIS D 336 -7.93 -45.77 8.81
C HIS D 336 -8.34 -45.74 7.36
N ILE D 337 -7.64 -44.93 6.57
CA ILE D 337 -7.93 -44.88 5.14
C ILE D 337 -7.16 -45.93 4.32
N VAL D 338 -7.89 -46.66 3.46
CA VAL D 338 -7.29 -47.59 2.51
C VAL D 338 -7.41 -47.00 1.13
N GLY D 339 -6.33 -46.41 0.61
CA GLY D 339 -6.30 -45.90 -0.76
C GLY D 339 -6.37 -47.00 -1.83
N ILE D 340 -7.09 -46.74 -2.92
CA ILE D 340 -7.29 -47.74 -3.94
C ILE D 340 -6.35 -47.61 -5.16
N LEU D 341 -5.64 -48.68 -5.50
CA LEU D 341 -4.85 -48.71 -6.73
C LEU D 341 -5.24 -49.82 -7.69
N ASN D 342 -5.99 -49.46 -8.73
CA ASN D 342 -6.41 -50.41 -9.73
C ASN D 342 -5.40 -50.39 -10.91
N VAL D 343 -4.58 -51.43 -10.91
CA VAL D 343 -3.57 -51.62 -11.90
C VAL D 343 -4.21 -52.53 -12.91
N ASN D 344 -5.16 -52.00 -13.69
CA ASN D 344 -5.68 -52.71 -14.88
C ASN D 344 -6.52 -51.84 -15.82
N TYR D 345 -6.82 -52.39 -17.00
CA TYR D 345 -7.55 -51.65 -18.04
C TYR D 345 -9.08 -51.45 -17.81
N ASP D 346 -9.68 -52.33 -17.03
CA ASP D 346 -11.09 -52.27 -16.77
C ASP D 346 -11.42 -52.15 -15.34
N SER D 347 -11.89 -51.00 -14.94
CA SER D 347 -12.18 -50.77 -13.54
C SER D 347 -13.06 -49.55 -13.56
N PHE D 348 -14.26 -49.70 -12.99
CA PHE D 348 -15.36 -48.81 -13.32
C PHE D 348 -14.96 -47.35 -13.23
N SER D 349 -14.10 -46.98 -12.29
CA SER D 349 -13.77 -45.57 -12.14
C SER D 349 -12.37 -45.13 -12.64
N ASP D 350 -11.36 -46.03 -12.63
CA ASP D 350 -10.01 -45.63 -13.08
C ASP D 350 -9.26 -46.65 -13.99
N GLY D 351 -10.03 -47.48 -14.67
CA GLY D 351 -9.47 -48.40 -15.63
C GLY D 351 -8.55 -47.62 -16.53
N GLY D 352 -7.26 -48.02 -16.54
CA GLY D 352 -6.31 -47.50 -17.49
C GLY D 352 -5.41 -46.35 -17.01
N LEU D 353 -5.68 -45.76 -15.84
CA LEU D 353 -4.85 -44.63 -15.37
C LEU D 353 -3.52 -45.12 -14.81
N PHE D 354 -3.56 -46.26 -14.12
CA PHE D 354 -2.39 -46.77 -13.39
C PHE D 354 -1.89 -48.13 -13.88
N VAL D 355 -2.04 -48.38 -15.16
CA VAL D 355 -1.51 -49.60 -15.78
C VAL D 355 0.03 -49.64 -15.95
N ASP D 356 0.60 -48.46 -16.23
CA ASP D 356 2.05 -48.27 -16.33
C ASP D 356 2.71 -48.33 -14.93
N PRO D 357 3.73 -49.17 -14.75
CA PRO D 357 4.30 -49.25 -13.42
C PRO D 357 4.90 -47.97 -12.85
N VAL D 358 5.34 -47.05 -13.69
CA VAL D 358 5.91 -45.79 -13.20
C VAL D 358 4.80 -44.85 -12.70
N LYS D 359 3.67 -44.80 -13.40
CA LYS D 359 2.53 -44.04 -12.91
C LYS D 359 1.83 -44.73 -11.69
N ALA D 360 1.77 -46.05 -11.66
CA ALA D 360 1.16 -46.72 -10.52
C ALA D 360 1.90 -46.41 -9.24
N VAL D 361 3.23 -46.44 -9.31
CA VAL D 361 4.07 -46.24 -8.12
C VAL D 361 4.10 -44.76 -7.69
N GLU D 362 4.09 -43.82 -8.62
CA GLU D 362 3.97 -42.40 -8.27
C GLU D 362 2.64 -42.11 -7.56
N ARG D 363 1.66 -42.95 -7.83
CA ARG D 363 0.36 -42.84 -7.18
C ARG D 363 0.36 -43.49 -5.79
N MET D 364 0.98 -44.66 -5.69
CA MET D 364 1.25 -45.23 -4.37
C MET D 364 1.90 -44.22 -3.40
N PHE D 365 2.93 -43.48 -3.85
CA PHE D 365 3.64 -42.54 -2.96
C PHE D 365 2.78 -41.34 -2.63
N GLU D 366 1.98 -40.92 -3.60
CA GLU D 366 1.07 -39.81 -3.46
C GLU D 366 0.00 -40.12 -2.41
N MET D 367 -0.69 -41.25 -2.60
CA MET D 367 -1.76 -41.66 -1.69
C MET D 367 -1.26 -41.69 -0.27
N ALA D 368 -0.10 -42.35 -0.05
CA ALA D 368 0.40 -42.51 1.31
C ALA D 368 0.68 -41.13 1.85
N SER D 369 1.26 -40.30 1.02
CA SER D 369 1.54 -38.91 1.39
C SER D 369 0.28 -38.13 1.76
N ASP D 370 -0.82 -38.42 1.09
CA ASP D 370 -2.12 -37.77 1.37
C ASP D 370 -2.98 -38.39 2.47
N GLY D 371 -2.43 -39.30 3.27
CA GLY D 371 -3.14 -39.79 4.43
C GLY D 371 -3.57 -41.24 4.42
N ALA D 372 -3.30 -41.95 3.33
CA ALA D 372 -3.57 -43.36 3.30
C ALA D 372 -2.67 -44.06 4.27
N SER D 373 -3.19 -44.96 5.10
CA SER D 373 -2.35 -45.84 5.92
C SER D 373 -2.07 -47.14 5.21
N VAL D 374 -2.98 -47.51 4.31
CA VAL D 374 -2.92 -48.77 3.62
C VAL D 374 -3.21 -48.48 2.17
N ILE D 375 -2.68 -49.35 1.30
CA ILE D 375 -2.83 -49.26 -0.15
C ILE D 375 -3.20 -50.63 -0.69
N ASP D 376 -4.33 -50.67 -1.43
CA ASP D 376 -4.95 -51.91 -1.91
C ASP D 376 -4.79 -52.09 -3.43
N ILE D 377 -3.82 -52.91 -3.85
CA ILE D 377 -3.61 -53.16 -5.28
C ILE D 377 -4.61 -54.19 -5.82
N GLY D 378 -5.02 -54.03 -7.07
CA GLY D 378 -5.98 -54.94 -7.66
C GLY D 378 -5.84 -55.07 -9.15
N GLY D 379 -5.40 -56.25 -9.58
CA GLY D 379 -5.14 -56.52 -10.95
C GLY D 379 -6.37 -56.95 -11.71
N GLU D 380 -7.49 -57.20 -11.06
CA GLU D 380 -8.74 -57.59 -11.77
C GLU D 380 -9.93 -56.81 -11.25
N SER D 381 -10.92 -56.57 -12.09
CA SER D 381 -12.12 -55.86 -11.68
C SER D 381 -13.20 -56.85 -11.30
N SER D 382 -13.96 -56.50 -10.24
CA SER D 382 -15.21 -57.19 -9.84
C SER D 382 -16.51 -56.40 -10.13
N ALA D 383 -16.37 -55.25 -10.75
CA ALA D 383 -17.48 -54.37 -11.05
C ALA D 383 -18.60 -55.03 -11.86
N PRO D 384 -19.83 -54.53 -11.72
CA PRO D 384 -20.93 -55.33 -12.29
C PRO D 384 -20.92 -55.46 -13.81
N TYR D 385 -20.95 -56.70 -14.30
CA TYR D 385 -20.96 -57.01 -15.72
C TYR D 385 -19.64 -56.73 -16.47
N VAL D 386 -18.53 -56.62 -15.70
CA VAL D 386 -17.19 -56.46 -16.29
C VAL D 386 -16.68 -57.77 -16.85
N VAL D 387 -15.97 -57.67 -17.98
CA VAL D 387 -15.27 -58.79 -18.59
C VAL D 387 -13.79 -58.45 -18.59
N PRO D 388 -13.01 -59.05 -17.67
CA PRO D 388 -11.63 -58.57 -17.58
C PRO D 388 -10.88 -58.82 -18.87
N ASN D 389 -10.08 -57.83 -19.26
CA ASN D 389 -9.31 -57.88 -20.51
C ASN D 389 -8.48 -59.14 -20.56
N PRO D 390 -8.62 -59.97 -21.62
CA PRO D 390 -7.88 -61.22 -21.61
C PRO D 390 -6.52 -61.14 -22.29
N SER D 391 -6.03 -59.93 -22.61
CA SER D 391 -4.71 -59.81 -23.24
C SER D 391 -3.57 -59.79 -22.20
N VAL D 392 -3.87 -59.53 -20.93
CA VAL D 392 -2.86 -59.43 -19.90
C VAL D 392 -3.36 -59.91 -18.53
N THR D 393 -2.66 -60.89 -17.96
CA THR D 393 -3.13 -61.51 -16.71
C THR D 393 -3.05 -60.59 -15.50
N GLU D 394 -3.69 -61.05 -14.45
CA GLU D 394 -3.79 -60.33 -13.19
C GLU D 394 -2.39 -60.25 -12.59
N ARG D 395 -1.69 -61.38 -12.63
CA ARG D 395 -0.32 -61.44 -12.12
C ARG D 395 0.66 -60.52 -12.85
N ASP D 396 0.49 -60.36 -14.15
CA ASP D 396 1.45 -59.58 -14.95
C ASP D 396 1.21 -58.10 -14.94
N LEU D 397 0.13 -57.70 -14.29
CA LEU D 397 -0.16 -56.29 -14.04
C LEU D 397 0.35 -55.91 -12.69
N VAL D 398 0.26 -56.84 -11.75
CA VAL D 398 0.41 -56.52 -10.33
C VAL D 398 1.88 -56.53 -9.90
N MET D 399 2.55 -57.65 -10.10
CA MET D 399 4.00 -57.81 -9.83
C MET D 399 4.96 -56.69 -10.30
N PRO D 400 4.82 -56.17 -11.52
CA PRO D 400 5.77 -55.13 -11.85
C PRO D 400 5.73 -53.96 -10.87
N VAL D 401 4.51 -53.56 -10.51
CA VAL D 401 4.27 -52.45 -9.60
C VAL D 401 4.75 -52.79 -8.21
N LEU D 402 4.37 -53.96 -7.70
CA LEU D 402 4.79 -54.39 -6.38
C LEU D 402 6.31 -54.29 -6.23
N LYS D 403 7.01 -54.78 -7.24
CA LYS D 403 8.46 -54.87 -7.25
C LYS D 403 9.13 -53.52 -7.37
N LEU D 404 8.60 -52.65 -8.21
CA LEU D 404 9.08 -51.28 -8.33
C LEU D 404 8.87 -50.49 -7.05
N PHE D 405 7.80 -50.77 -6.32
CA PHE D 405 7.55 -49.97 -5.13
C PHE D 405 8.55 -50.36 -4.06
N LYS D 406 8.69 -51.66 -3.84
CA LYS D 406 9.64 -52.14 -2.87
C LYS D 406 11.00 -51.56 -3.18
N GLU D 407 11.36 -51.61 -4.46
CA GLU D 407 12.58 -51.03 -4.93
C GLU D 407 12.69 -49.60 -4.52
N GLU D 408 11.83 -48.75 -5.01
CA GLU D 408 11.98 -47.33 -4.66
C GLU D 408 11.97 -47.11 -3.16
N TRP D 409 11.24 -47.92 -2.40
CA TRP D 409 11.26 -47.73 -0.97
C TRP D 409 12.67 -47.97 -0.43
N HIS D 410 13.26 -49.10 -0.79
CA HIS D 410 14.61 -49.43 -0.34
C HIS D 410 15.59 -48.34 -0.78
N LYS D 411 15.36 -47.73 -1.94
CA LYS D 411 16.16 -46.59 -2.37
C LYS D 411 16.12 -45.51 -1.32
N LEU D 412 14.91 -45.09 -1.02
CA LEU D 412 14.69 -44.12 0.05
C LEU D 412 15.40 -44.55 1.33
N GLU D 413 15.18 -45.77 1.82
CA GLU D 413 15.91 -46.25 3.00
C GLU D 413 17.39 -45.97 2.84
N CYS D 414 17.97 -46.43 1.75
CA CYS D 414 19.38 -46.25 1.54
C CYS D 414 19.85 -44.80 1.58
N GLU D 415 19.00 -43.86 1.16
CA GLU D 415 19.42 -42.46 1.13
C GLU D 415 19.24 -41.78 2.46
N VAL D 416 18.21 -42.17 3.17
CA VAL D 416 18.05 -41.69 4.53
C VAL D 416 19.19 -42.27 5.35
N GLY D 417 19.45 -43.56 5.12
CA GLY D 417 20.55 -44.29 5.76
C GLY D 417 21.92 -43.68 5.64
N GLY D 418 22.18 -42.89 4.59
CA GLY D 418 23.51 -42.32 4.36
C GLY D 418 23.57 -40.82 4.13
N GLY D 419 22.59 -40.08 4.65
CA GLY D 419 22.60 -38.62 4.62
C GLY D 419 21.67 -37.98 3.59
N SER D 436 20.27 -40.70 15.60
CA SER D 436 20.91 -41.96 15.30
C SER D 436 20.49 -42.52 13.93
N LEU D 437 21.32 -43.42 13.45
CA LEU D 437 21.07 -44.17 12.24
C LEU D 437 19.96 -45.13 12.53
N GLN D 438 19.85 -45.64 13.75
CA GLN D 438 18.65 -46.43 14.12
C GLN D 438 17.40 -45.59 14.12
N GLY D 439 17.48 -44.47 14.84
CA GLY D 439 16.43 -43.50 14.94
C GLY D 439 15.95 -43.27 13.53
N LYS D 440 16.82 -42.71 12.72
CA LYS D 440 16.51 -42.37 11.35
C LYS D 440 15.79 -43.50 10.55
N LEU D 441 16.27 -44.75 10.60
CA LEU D 441 15.68 -45.81 9.75
C LEU D 441 14.42 -46.38 10.33
N GLN D 442 14.24 -46.18 11.63
CA GLN D 442 13.05 -46.57 12.33
C GLN D 442 11.84 -45.75 11.81
N LYS D 443 12.04 -44.42 11.75
CA LYS D 443 11.03 -43.47 11.23
C LYS D 443 10.58 -43.93 9.85
N VAL D 444 11.52 -44.12 8.93
CA VAL D 444 11.18 -44.42 7.55
C VAL D 444 10.52 -45.77 7.46
N ARG D 445 10.99 -46.73 8.24
CA ARG D 445 10.29 -48.00 8.32
C ARG D 445 8.87 -47.79 8.80
N ASP D 446 8.71 -46.84 9.72
CA ASP D 446 7.42 -46.54 10.33
C ASP D 446 6.54 -45.69 9.48
N ALA D 447 7.03 -45.10 8.40
CA ALA D 447 6.14 -44.33 7.53
C ALA D 447 5.76 -45.14 6.30
N LYS D 448 6.10 -46.41 6.30
CA LYS D 448 5.83 -47.19 5.13
C LYS D 448 4.37 -47.61 5.09
N PRO D 449 3.67 -47.17 4.07
CA PRO D 449 2.33 -47.63 3.95
C PRO D 449 2.27 -49.11 3.93
N ILE D 450 1.18 -49.65 4.49
CA ILE D 450 0.90 -51.07 4.54
C ILE D 450 0.39 -51.43 3.16
N ILE D 451 0.69 -52.62 2.67
CA ILE D 451 0.25 -53.00 1.32
C ILE D 451 -0.65 -54.21 1.35
N SER D 452 -1.80 -54.06 0.70
CA SER D 452 -2.82 -55.11 0.63
C SER D 452 -3.05 -55.49 -0.82
N ILE D 453 -3.18 -56.78 -1.08
CA ILE D 453 -3.39 -57.26 -2.41
C ILE D 453 -4.80 -57.83 -2.49
N ASP D 454 -5.57 -57.25 -3.40
CA ASP D 454 -6.97 -57.62 -3.70
C ASP D 454 -7.02 -58.75 -4.74
N THR D 455 -7.01 -59.98 -4.27
CA THR D 455 -7.06 -61.12 -5.15
C THR D 455 -7.73 -62.31 -4.45
N VAL D 456 -8.19 -63.28 -5.23
CA VAL D 456 -8.47 -64.61 -4.72
C VAL D 456 -7.54 -65.68 -5.30
N ASN D 457 -6.48 -65.25 -6.00
CA ASN D 457 -5.46 -66.11 -6.68
C ASN D 457 -4.35 -66.69 -5.78
N TYR D 458 -4.32 -67.99 -5.60
CA TYR D 458 -3.32 -68.63 -4.77
C TYR D 458 -1.92 -68.44 -5.34
N ASP D 459 -1.73 -68.72 -6.62
CA ASP D 459 -0.43 -68.53 -7.23
C ASP D 459 0.08 -67.07 -7.10
N LEU D 460 -0.83 -66.10 -7.23
CA LEU D 460 -0.42 -64.70 -7.13
C LEU D 460 -0.06 -64.32 -5.69
N PHE D 461 -0.89 -64.72 -4.74
CA PHE D 461 -0.54 -64.49 -3.36
C PHE D 461 0.73 -65.27 -2.93
N LYS D 462 0.92 -66.47 -3.45
CA LYS D 462 2.15 -67.17 -3.15
C LYS D 462 3.40 -66.36 -3.54
N GLU D 463 3.40 -65.80 -4.72
CA GLU D 463 4.51 -65.00 -5.17
C GLU D 463 4.74 -63.81 -4.26
N CYS D 464 3.67 -63.08 -3.97
CA CYS D 464 3.74 -61.94 -3.08
C CYS D 464 4.38 -62.23 -1.74
N VAL D 465 3.88 -63.24 -1.06
CA VAL D 465 4.34 -63.54 0.25
C VAL D 465 5.79 -63.90 0.15
N GLU D 466 6.16 -64.62 -0.90
CA GLU D 466 7.56 -65.03 -1.08
C GLU D 466 8.56 -63.88 -1.37
N GLY D 467 8.20 -62.95 -2.25
CA GLY D 467 9.02 -61.77 -2.46
C GLY D 467 8.87 -60.69 -1.40
N GLU D 468 8.29 -61.03 -0.26
CA GLU D 468 7.91 -60.07 0.76
C GLU D 468 7.47 -58.76 0.17
N LEU D 469 6.34 -58.79 -0.53
CA LEU D 469 5.90 -57.68 -1.37
C LEU D 469 4.63 -57.10 -0.87
N VAL D 470 3.89 -57.84 -0.02
CA VAL D 470 2.62 -57.39 0.54
C VAL D 470 2.56 -57.76 2.02
N ASP D 471 1.58 -57.19 2.74
CA ASP D 471 1.31 -57.34 4.20
C ASP D 471 -0.08 -57.96 4.56
N ILE D 472 -1.03 -57.85 3.62
CA ILE D 472 -2.46 -58.20 3.84
C ILE D 472 -3.16 -58.80 2.61
N LEU D 473 -3.96 -59.85 2.84
CA LEU D 473 -4.77 -60.46 1.76
C LEU D 473 -6.16 -59.92 1.79
N ASN D 474 -6.55 -59.17 0.77
CA ASN D 474 -7.92 -58.65 0.71
C ASN D 474 -8.71 -59.55 -0.22
N ASP D 475 -9.38 -60.53 0.40
CA ASP D 475 -9.99 -61.62 -0.35
C ASP D 475 -11.48 -61.36 -0.44
N ILE D 476 -11.99 -61.05 -1.62
CA ILE D 476 -13.39 -60.73 -1.74
C ILE D 476 -14.27 -61.99 -1.76
N SER D 477 -13.69 -63.19 -1.77
CA SER D 477 -14.48 -64.40 -1.69
C SER D 477 -14.44 -64.98 -0.30
N ALA D 478 -13.99 -64.20 0.66
CA ALA D 478 -13.81 -64.72 2.02
C ALA D 478 -13.14 -66.11 2.02
N CYS D 479 -12.18 -66.29 1.13
CA CYS D 479 -11.41 -67.52 1.06
C CYS D 479 -12.23 -68.76 0.75
N THR D 480 -13.29 -68.59 -0.01
CA THR D 480 -14.11 -69.72 -0.41
C THR D 480 -13.71 -70.16 -1.82
N HIS D 481 -13.22 -69.21 -2.59
CA HIS D 481 -12.81 -69.51 -3.92
C HIS D 481 -11.72 -70.53 -3.81
N ASN D 482 -10.64 -70.21 -3.10
CA ASN D 482 -9.56 -71.17 -2.96
C ASN D 482 -9.08 -71.26 -1.55
N PRO D 483 -9.72 -72.06 -0.71
CA PRO D 483 -9.43 -72.21 0.74
C PRO D 483 -7.97 -72.53 1.04
N GLU D 484 -7.27 -73.07 0.04
CA GLU D 484 -5.85 -73.37 0.21
C GLU D 484 -5.06 -72.08 0.54
N ILE D 485 -5.55 -70.93 0.05
CA ILE D 485 -4.85 -69.69 0.26
C ILE D 485 -4.63 -69.40 1.72
N ILE D 486 -5.45 -69.99 2.58
CA ILE D 486 -5.35 -69.73 4.03
C ILE D 486 -3.98 -70.13 4.57
N LYS D 487 -3.44 -71.22 4.07
CA LYS D 487 -2.15 -71.70 4.49
C LYS D 487 -1.05 -70.65 4.34
N LEU D 488 -1.15 -69.80 3.32
CA LEU D 488 -0.21 -68.71 3.04
C LEU D 488 -0.39 -67.47 3.94
N LEU D 489 -1.36 -67.49 4.82
CA LEU D 489 -1.45 -66.42 5.80
C LEU D 489 -0.50 -66.66 6.95
N ARG D 490 -0.11 -67.91 7.13
CA ARG D 490 0.85 -68.26 8.15
C ARG D 490 2.10 -68.95 7.52
N ARG D 491 3.21 -68.25 7.49
CA ARG D 491 4.45 -68.77 6.94
C ARG D 491 5.58 -68.69 7.94
N LYS D 492 5.69 -69.72 8.73
CA LYS D 492 6.61 -69.79 9.86
C LYS D 492 6.55 -68.54 10.71
N ASN D 493 7.64 -67.81 10.84
CA ASN D 493 7.66 -66.70 11.80
C ASN D 493 6.68 -65.57 11.41
N LYS D 494 6.49 -65.34 10.13
CA LYS D 494 5.65 -64.25 9.69
C LYS D 494 4.23 -64.61 9.47
N PHE D 495 3.34 -63.78 10.00
CA PHE D 495 1.91 -63.96 9.82
C PHE D 495 1.31 -62.78 9.05
N TYR D 496 0.19 -63.00 8.36
CA TYR D 496 -0.41 -61.93 7.51
C TYR D 496 -1.84 -61.73 7.87
N SER D 497 -2.31 -60.49 7.89
CA SER D 497 -3.71 -60.24 8.15
C SER D 497 -4.52 -60.50 6.88
N VAL D 498 -5.85 -60.55 7.02
CA VAL D 498 -6.75 -60.92 5.93
C VAL D 498 -8.06 -60.15 6.09
N VAL D 499 -8.53 -59.56 4.99
CA VAL D 499 -9.89 -59.03 4.90
C VAL D 499 -10.85 -60.05 4.29
N LEU D 500 -11.80 -60.55 5.07
CA LEU D 500 -12.92 -61.42 4.59
C LEU D 500 -14.15 -60.63 4.18
N MET D 501 -14.57 -60.69 2.90
CA MET D 501 -15.76 -59.94 2.36
C MET D 501 -16.92 -60.82 1.87
N HIS D 502 -18.14 -60.38 2.11
CA HIS D 502 -19.30 -61.09 1.62
C HIS D 502 -19.80 -60.66 0.23
N LYS D 503 -19.92 -61.67 -0.63
CA LYS D 503 -20.66 -61.57 -1.89
C LYS D 503 -21.26 -62.93 -2.25
N ARG D 504 -22.02 -62.95 -3.35
CA ARG D 504 -22.52 -64.16 -3.98
C ARG D 504 -22.35 -64.03 -5.47
N GLY D 505 -22.16 -65.14 -6.14
CA GLY D 505 -22.02 -65.15 -7.59
C GLY D 505 -20.74 -64.50 -8.11
N ASN D 506 -20.81 -63.97 -9.32
CA ASN D 506 -19.67 -63.35 -9.95
C ASN D 506 -20.19 -62.06 -10.55
N PRO D 507 -19.38 -61.32 -11.30
CA PRO D 507 -19.91 -59.99 -11.64
C PRO D 507 -21.12 -59.97 -12.59
N HIS D 508 -21.44 -61.10 -13.21
CA HIS D 508 -22.57 -61.13 -14.11
C HIS D 508 -23.84 -61.64 -13.40
N THR D 509 -23.70 -62.44 -12.34
CA THR D 509 -24.85 -63.01 -11.66
C THR D 509 -25.26 -62.34 -10.31
N MET D 510 -24.34 -61.71 -9.61
CA MET D 510 -24.64 -61.09 -8.29
C MET D 510 -25.88 -60.18 -8.26
N ASP D 511 -26.14 -59.37 -9.28
CA ASP D 511 -27.28 -58.46 -9.20
C ASP D 511 -28.60 -59.22 -9.05
N LYS D 512 -28.66 -60.48 -9.41
CA LYS D 512 -29.89 -61.23 -9.29
C LYS D 512 -29.89 -62.24 -8.19
N LEU D 513 -28.94 -62.15 -7.30
CA LEU D 513 -28.84 -63.14 -6.21
C LEU D 513 -28.98 -62.41 -4.90
N THR D 514 -29.99 -61.55 -4.81
CA THR D 514 -30.13 -60.63 -3.70
C THR D 514 -31.28 -61.00 -2.78
N ASN D 515 -31.61 -62.27 -2.69
CA ASN D 515 -32.73 -62.69 -1.89
C ASN D 515 -32.22 -63.28 -0.58
N TYR D 516 -32.45 -62.57 0.53
CA TYR D 516 -32.04 -63.00 1.86
C TYR D 516 -33.25 -63.14 2.79
N ASP D 517 -33.30 -64.22 3.56
CA ASP D 517 -34.23 -64.36 4.70
C ASP D 517 -34.12 -63.19 5.63
N ASP D 518 -32.90 -62.96 6.09
CA ASP D 518 -32.62 -61.90 7.05
C ASP D 518 -31.27 -61.31 6.72
N LEU D 519 -31.27 -60.30 5.88
CA LEU D 519 -30.07 -59.67 5.38
C LEU D 519 -28.98 -59.47 6.44
N ILE D 520 -29.25 -58.59 7.40
CA ILE D 520 -28.27 -58.13 8.38
C ILE D 520 -27.74 -59.31 9.16
N SER D 521 -28.63 -60.23 9.46
CA SER D 521 -28.28 -61.29 10.37
C SER D 521 -27.52 -62.42 9.64
N ASP D 522 -27.88 -62.68 8.38
CA ASP D 522 -27.28 -63.76 7.59
C ASP D 522 -25.86 -63.46 7.22
N ILE D 523 -25.63 -62.21 6.75
CA ILE D 523 -24.30 -61.75 6.35
C ILE D 523 -23.37 -61.83 7.54
N LYS D 524 -23.74 -61.28 8.68
CA LYS D 524 -22.88 -61.38 9.86
C LYS D 524 -22.66 -62.84 10.27
N ARG D 525 -23.64 -63.70 10.04
CA ARG D 525 -23.46 -65.14 10.38
C ARG D 525 -22.44 -65.81 9.48
N TYR D 526 -22.41 -65.37 8.22
CA TYR D 526 -21.52 -65.90 7.20
C TYR D 526 -20.09 -65.52 7.54
N LEU D 527 -19.87 -64.24 7.77
CA LEU D 527 -18.58 -63.75 8.13
C LEU D 527 -18.03 -64.49 9.34
N GLU D 528 -18.87 -64.74 10.32
CA GLU D 528 -18.45 -65.40 11.56
C GLU D 528 -18.06 -66.85 11.36
N ASP D 529 -18.67 -67.49 10.37
CA ASP D 529 -18.38 -68.90 10.05
C ASP D 529 -17.02 -68.98 9.39
N ARG D 530 -16.75 -68.01 8.54
CA ARG D 530 -15.48 -67.89 7.90
C ARG D 530 -14.41 -67.68 8.96
N LEU D 531 -14.63 -66.74 9.88
CA LEU D 531 -13.70 -66.49 10.98
C LEU D 531 -13.42 -67.74 11.79
N HIS D 532 -14.41 -68.58 11.97
CA HIS D 532 -14.20 -69.72 12.84
C HIS D 532 -13.36 -70.74 12.16
N PHE D 533 -13.50 -70.83 10.85
CA PHE D 533 -12.69 -71.75 10.06
C PHE D 533 -11.23 -71.32 10.08
N LEU D 534 -11.01 -70.05 9.73
CA LEU D 534 -9.67 -69.48 9.66
C LEU D 534 -8.93 -69.54 10.99
N VAL D 535 -9.65 -69.32 12.08
CA VAL D 535 -9.03 -69.38 13.39
C VAL D 535 -8.65 -70.82 13.74
N LEU D 536 -9.48 -71.77 13.31
CA LEU D 536 -9.22 -73.19 13.49
C LEU D 536 -8.00 -73.60 12.72
N ASN D 537 -7.61 -72.80 11.75
CA ASN D 537 -6.53 -73.18 10.89
C ASN D 537 -5.26 -72.36 11.16
N GLY D 538 -5.04 -71.99 12.40
CA GLY D 538 -3.86 -71.25 12.79
C GLY D 538 -3.81 -69.77 12.47
N VAL D 539 -4.82 -69.22 11.80
CA VAL D 539 -4.88 -67.76 11.59
C VAL D 539 -5.35 -67.07 12.88
N PRO D 540 -4.55 -66.12 13.40
CA PRO D 540 -4.88 -65.40 14.62
C PRO D 540 -6.11 -64.55 14.43
N ARG D 541 -6.99 -64.63 15.43
CA ARG D 541 -8.24 -63.89 15.50
C ARG D 541 -8.03 -62.41 15.29
N TYR D 542 -6.98 -61.85 15.88
CA TYR D 542 -6.71 -60.40 15.85
C TYR D 542 -6.23 -59.85 14.51
N ARG D 543 -6.02 -60.73 13.54
CA ARG D 543 -5.57 -60.29 12.23
C ARG D 543 -6.64 -60.45 11.18
N VAL D 544 -7.86 -60.88 11.58
CA VAL D 544 -8.99 -61.15 10.65
C VAL D 544 -9.98 -60.01 10.72
N LEU D 545 -10.15 -59.30 9.60
CA LEU D 545 -11.12 -58.21 9.46
C LEU D 545 -12.38 -58.61 8.65
N PHE D 546 -13.48 -57.91 8.93
CA PHE D 546 -14.78 -58.16 8.30
C PHE D 546 -15.19 -57.05 7.33
N ASP D 547 -15.77 -57.43 6.22
CA ASP D 547 -16.39 -56.45 5.30
C ASP D 547 -17.76 -56.95 4.84
N VAL D 548 -18.77 -56.10 4.91
CA VAL D 548 -20.14 -56.51 4.52
C VAL D 548 -20.37 -56.59 3.00
N GLY D 549 -19.48 -56.02 2.21
CA GLY D 549 -19.57 -56.17 0.77
C GLY D 549 -20.60 -55.30 0.09
N LEU D 550 -20.66 -54.04 0.50
CA LEU D 550 -21.64 -53.12 -0.08
C LEU D 550 -21.60 -53.26 -1.58
N GLY D 551 -22.76 -53.27 -2.22
CA GLY D 551 -22.86 -53.33 -3.68
C GLY D 551 -22.73 -54.71 -4.29
N PHE D 552 -22.32 -55.71 -3.49
CA PHE D 552 -21.97 -57.03 -4.04
C PHE D 552 -23.06 -58.03 -3.75
N ALA D 553 -23.94 -58.28 -4.72
CA ALA D 553 -25.14 -59.10 -4.50
C ALA D 553 -26.00 -58.46 -3.43
N LYS D 554 -26.18 -57.16 -3.56
CA LYS D 554 -27.06 -56.38 -2.72
C LYS D 554 -27.73 -55.32 -3.58
N LYS D 555 -29.05 -55.23 -3.50
CA LYS D 555 -29.76 -54.11 -4.12
C LYS D 555 -29.46 -52.84 -3.31
N HIS D 556 -29.74 -51.65 -3.84
CA HIS D 556 -29.19 -50.45 -3.18
C HIS D 556 -29.84 -50.20 -1.81
N ASP D 557 -31.12 -50.53 -1.72
CA ASP D 557 -31.80 -50.58 -0.44
C ASP D 557 -31.14 -51.48 0.57
N GLN D 558 -30.61 -52.62 0.15
CA GLN D 558 -29.90 -53.52 1.08
C GLN D 558 -28.51 -53.01 1.48
N SER D 559 -27.80 -52.36 0.57
CA SER D 559 -26.50 -51.79 0.90
C SER D 559 -26.72 -50.76 1.95
N ILE D 560 -27.77 -49.96 1.78
CA ILE D 560 -28.04 -48.87 2.69
C ILE D 560 -28.43 -49.45 4.02
N LYS D 561 -29.15 -50.55 3.98
CA LYS D 561 -29.60 -51.18 5.19
C LYS D 561 -28.44 -51.77 5.97
N LEU D 562 -27.43 -52.21 5.26
CA LEU D 562 -26.28 -52.82 5.94
C LEU D 562 -25.51 -51.81 6.78
N LEU D 563 -25.40 -50.61 6.19
CA LEU D 563 -24.87 -49.43 6.83
C LEU D 563 -25.69 -49.00 8.02
N GLN D 564 -27.01 -48.98 7.87
CA GLN D 564 -27.88 -48.60 8.97
C GLN D 564 -27.62 -49.47 10.17
N HIS D 565 -27.61 -50.77 10.01
CA HIS D 565 -27.30 -51.65 11.12
C HIS D 565 -25.83 -52.02 11.25
N ILE D 566 -24.92 -51.10 10.92
CA ILE D 566 -23.47 -51.36 11.05
C ILE D 566 -23.01 -51.52 12.49
N HIS D 567 -23.91 -51.32 13.43
CA HIS D 567 -23.57 -51.44 14.82
C HIS D 567 -23.47 -52.90 15.23
N VAL D 568 -23.86 -53.84 14.37
CA VAL D 568 -23.84 -55.24 14.80
C VAL D 568 -22.46 -55.81 14.74
N TYR D 569 -21.55 -55.06 14.12
CA TYR D 569 -20.13 -55.37 14.05
C TYR D 569 -19.30 -54.61 15.09
N ASP D 570 -19.89 -54.07 16.13
CA ASP D 570 -19.12 -53.31 17.13
C ASP D 570 -18.06 -54.15 17.87
N GLU D 571 -18.21 -55.46 17.93
CA GLU D 571 -17.23 -56.29 18.60
C GLU D 571 -16.14 -56.71 17.63
N TYR D 572 -16.27 -56.44 16.35
CA TYR D 572 -15.28 -56.90 15.37
C TYR D 572 -14.45 -55.77 14.71
N PRO D 573 -13.26 -56.12 14.13
CA PRO D 573 -12.61 -55.22 13.19
C PRO D 573 -13.40 -55.14 11.91
N LEU D 574 -13.60 -53.92 11.43
CA LEU D 574 -14.50 -53.62 10.34
C LEU D 574 -13.85 -52.77 9.22
N PHE D 575 -14.04 -53.28 8.00
CA PHE D 575 -13.43 -52.75 6.80
C PHE D 575 -14.59 -52.58 5.85
N LEU D 576 -14.73 -51.41 5.23
CA LEU D 576 -15.89 -51.08 4.39
C LEU D 576 -15.50 -50.41 3.10
N GLY D 577 -16.11 -50.83 2.01
CA GLY D 577 -15.72 -50.32 0.73
C GLY D 577 -16.95 -49.77 0.08
N TYR D 578 -17.19 -48.50 0.33
CA TYR D 578 -18.35 -47.84 -0.24
C TYR D 578 -17.98 -47.12 -1.55
N SER D 579 -16.72 -46.74 -1.70
CA SER D 579 -16.34 -45.59 -2.53
C SER D 579 -16.81 -45.69 -3.98
N ARG D 580 -17.47 -44.63 -4.46
CA ARG D 580 -17.89 -44.48 -5.86
C ARG D 580 -18.92 -45.49 -6.41
N LYS D 581 -19.41 -46.36 -5.54
CA LYS D 581 -20.39 -47.34 -5.93
C LYS D 581 -21.78 -46.76 -6.27
N ARG D 582 -22.57 -47.61 -6.92
CA ARG D 582 -23.91 -47.28 -7.47
C ARG D 582 -24.95 -46.82 -6.48
N PHE D 583 -24.88 -47.36 -5.25
CA PHE D 583 -25.86 -47.09 -4.22
C PHE D 583 -25.83 -45.66 -3.67
N ILE D 584 -24.70 -45.00 -3.80
CA ILE D 584 -24.53 -43.65 -3.26
C ILE D 584 -25.42 -42.69 -4.01
N VAL D 585 -25.38 -42.72 -5.30
CA VAL D 585 -26.18 -41.86 -6.08
C VAL D 585 -27.62 -42.27 -6.14
N HIS D 586 -27.95 -43.40 -5.58
CA HIS D 586 -29.33 -43.86 -5.59
C HIS D 586 -30.10 -43.24 -4.46
N CYS D 587 -29.40 -42.60 -3.51
CA CYS D 587 -30.03 -41.85 -2.42
C CYS D 587 -30.49 -40.46 -2.86
N MET D 588 -30.39 -40.16 -4.16
CA MET D 588 -30.48 -38.78 -4.64
C MET D 588 -31.54 -38.61 -5.73
N GLN D 671 -19.94 -34.33 -15.91
CA GLN D 671 -19.22 -34.83 -14.76
C GLN D 671 -19.85 -34.38 -13.51
N LEU D 672 -21.00 -33.76 -13.60
CA LEU D 672 -21.76 -33.40 -12.36
C LEU D 672 -22.13 -34.61 -11.52
N LEU D 673 -22.52 -35.71 -12.19
CA LEU D 673 -23.04 -36.87 -11.45
C LEU D 673 -21.93 -37.66 -10.74
N TYR D 674 -20.74 -37.57 -11.31
CA TYR D 674 -19.51 -38.03 -10.68
C TYR D 674 -19.13 -37.26 -9.39
N GLN D 675 -19.18 -35.93 -9.46
CA GLN D 675 -19.01 -35.05 -8.30
C GLN D 675 -19.89 -35.47 -7.15
N LYS D 676 -21.17 -35.66 -7.49
CA LYS D 676 -22.17 -35.98 -6.50
C LYS D 676 -21.82 -37.29 -5.83
N ASN D 677 -21.30 -38.21 -6.62
CA ASN D 677 -20.88 -39.49 -6.06
C ASN D 677 -19.74 -39.46 -5.03
N ILE D 678 -18.69 -38.72 -5.34
CA ILE D 678 -17.53 -38.57 -4.47
C ILE D 678 -17.95 -37.88 -3.19
N CYS D 679 -18.71 -36.79 -3.34
CA CYS D 679 -19.26 -36.08 -2.16
C CYS D 679 -20.21 -36.96 -1.34
N GLY D 680 -21.01 -37.78 -1.98
CA GLY D 680 -21.82 -38.77 -1.26
C GLY D 680 -20.97 -39.72 -0.45
N GLY D 681 -19.82 -40.10 -0.95
CA GLY D 681 -18.91 -40.89 -0.14
C GLY D 681 -18.42 -40.13 1.09
N LEU D 682 -18.16 -38.84 0.94
CA LEU D 682 -17.64 -38.07 2.02
C LEU D 682 -18.65 -38.06 3.17
N ALA D 683 -19.91 -38.15 2.81
CA ALA D 683 -20.96 -38.40 3.77
C ALA D 683 -20.76 -39.73 4.47
N ILE D 684 -20.55 -40.79 3.70
CA ILE D 684 -20.45 -42.11 4.29
C ILE D 684 -19.18 -42.26 5.12
N ALA D 685 -18.21 -41.39 4.87
CA ALA D 685 -16.98 -41.39 5.61
C ALA D 685 -17.20 -40.80 6.98
N SER D 686 -17.91 -39.69 7.03
CA SER D 686 -18.31 -39.13 8.33
C SER D 686 -19.18 -40.11 9.08
N TYR D 687 -20.15 -40.69 8.39
CA TYR D 687 -21.01 -41.66 9.02
C TYR D 687 -20.16 -42.78 9.59
N SER D 688 -19.09 -43.16 8.89
CA SER D 688 -18.23 -44.25 9.36
C SER D 688 -17.43 -43.81 10.55
N PHE D 689 -17.09 -42.53 10.57
CA PHE D 689 -16.27 -42.00 11.64
C PHE D 689 -17.03 -42.13 12.93
N TYR D 690 -18.30 -41.78 12.89
CA TYR D 690 -19.11 -41.77 14.10
C TYR D 690 -19.45 -43.14 14.60
N LYS D 691 -19.53 -44.07 13.67
CA LYS D 691 -19.91 -45.45 13.91
C LYS D 691 -18.72 -46.26 14.27
N LYS D 692 -17.57 -45.59 14.20
CA LYS D 692 -16.29 -46.15 14.60
C LYS D 692 -15.82 -47.26 13.71
N VAL D 693 -16.13 -47.13 12.42
CA VAL D 693 -15.57 -48.06 11.43
C VAL D 693 -14.01 -48.08 11.54
N ASP D 694 -13.42 -49.27 11.44
CA ASP D 694 -11.95 -49.42 11.60
C ASP D 694 -11.14 -49.01 10.36
N LEU D 695 -11.62 -49.37 9.16
CA LEU D 695 -11.02 -48.96 7.90
C LEU D 695 -12.02 -48.69 6.80
N ILE D 696 -11.86 -47.58 6.11
CA ILE D 696 -12.62 -47.36 4.91
C ILE D 696 -11.71 -47.36 3.65
N ARG D 697 -12.18 -48.07 2.62
CA ARG D 697 -11.51 -48.32 1.35
C ARG D 697 -11.97 -47.35 0.28
N VAL D 698 -11.10 -46.44 -0.12
CA VAL D 698 -11.51 -45.28 -0.92
C VAL D 698 -10.57 -44.96 -2.08
N HIS D 699 -11.09 -44.27 -3.10
CA HIS D 699 -10.33 -43.69 -4.19
C HIS D 699 -9.77 -42.30 -3.88
N ASP D 700 -10.59 -41.43 -3.30
CA ASP D 700 -10.26 -40.01 -3.16
C ASP D 700 -9.69 -39.75 -1.78
N VAL D 701 -8.40 -40.00 -1.67
CA VAL D 701 -7.75 -40.10 -0.38
C VAL D 701 -7.53 -38.73 0.21
N LEU D 702 -7.29 -37.75 -0.63
CA LEU D 702 -7.03 -36.39 -0.18
C LEU D 702 -8.24 -35.78 0.53
N GLU D 703 -9.37 -36.01 -0.12
CA GLU D 703 -10.66 -35.50 0.25
C GLU D 703 -11.15 -36.18 1.55
N THR D 704 -11.08 -37.51 1.61
CA THR D 704 -11.53 -38.27 2.78
C THR D 704 -10.75 -37.91 3.99
N LYS D 705 -9.48 -37.64 3.77
CA LYS D 705 -8.57 -37.31 4.84
C LYS D 705 -8.96 -35.96 5.39
N ALA D 706 -9.29 -35.03 4.51
CA ALA D 706 -9.78 -33.71 4.94
C ALA D 706 -10.94 -33.80 5.92
N VAL D 707 -11.90 -34.67 5.58
CA VAL D 707 -13.11 -34.87 6.34
C VAL D 707 -12.76 -35.45 7.68
N LEU D 708 -12.02 -36.55 7.72
CA LEU D 708 -11.70 -37.19 8.99
C LEU D 708 -10.80 -36.34 9.91
N ASP D 709 -9.92 -35.56 9.32
CA ASP D 709 -9.12 -34.62 10.08
C ASP D 709 -9.95 -33.68 10.91
N VAL D 710 -10.82 -32.96 10.22
CA VAL D 710 -11.68 -31.97 10.81
C VAL D 710 -12.60 -32.57 11.90
N LEU D 711 -13.16 -33.75 11.65
CA LEU D 711 -14.02 -34.41 12.62
C LEU D 711 -13.25 -34.73 13.85
N THR D 712 -12.06 -35.29 13.66
CA THR D 712 -11.18 -35.63 14.80
C THR D 712 -10.84 -34.44 15.70
N ARG D 713 -10.71 -33.29 15.06
CA ARG D 713 -10.38 -32.10 15.77
C ARG D 713 -11.51 -31.67 16.73
N ILE D 714 -12.70 -31.57 16.15
CA ILE D 714 -13.94 -31.28 16.84
C ILE D 714 -14.22 -32.23 18.00
N HIS D 715 -13.85 -33.49 17.85
CA HIS D 715 -14.11 -34.46 18.92
C HIS D 715 -12.96 -34.77 19.84
N GLN D 716 -12.18 -33.75 20.23
CA GLN D 716 -11.00 -33.96 21.09
C GLN D 716 -11.28 -33.75 22.60
N THR E 10 -4.56 62.61 -70.34
CA THR E 10 -5.05 61.20 -70.57
C THR E 10 -4.24 60.08 -69.80
N PRO E 11 -2.90 60.22 -69.60
CA PRO E 11 -2.21 59.23 -68.73
C PRO E 11 -2.49 59.37 -67.21
N ARG E 12 -2.47 58.25 -66.49
CA ARG E 12 -2.63 58.25 -65.03
C ARG E 12 -1.37 58.77 -64.31
N ASN E 13 -1.50 59.23 -63.07
CA ASN E 13 -0.33 59.63 -62.27
C ASN E 13 0.18 58.44 -61.50
N ILE E 14 1.29 58.63 -60.79
CA ILE E 14 1.81 57.61 -59.86
C ILE E 14 2.01 58.22 -58.48
N ALA E 15 1.63 57.46 -57.45
CA ALA E 15 1.81 57.91 -56.11
C ALA E 15 2.37 56.76 -55.33
N VAL E 16 3.11 57.09 -54.28
CA VAL E 16 3.69 56.08 -53.39
C VAL E 16 3.21 56.39 -51.97
N LEU E 17 2.63 55.40 -51.30
CA LEU E 17 1.95 55.65 -50.06
C LEU E 17 2.50 54.76 -49.01
N ASN E 18 2.65 55.35 -47.83
CA ASN E 18 3.07 54.64 -46.61
C ASN E 18 1.87 54.43 -45.64
N PHE E 19 1.68 53.18 -45.24
CA PHE E 19 0.68 52.76 -44.29
C PHE E 19 1.33 52.42 -42.96
N GLY E 20 0.77 52.87 -41.85
CA GLY E 20 1.29 52.58 -40.50
C GLY E 20 0.22 52.32 -39.44
N THR E 21 0.46 51.37 -38.54
CA THR E 21 -0.46 51.02 -37.44
C THR E 21 0.33 50.51 -36.23
N ASN E 22 -0.24 50.65 -35.05
CA ASN E 22 0.41 50.19 -33.83
C ASN E 22 -0.12 48.86 -33.32
N ASP E 23 -1.23 48.38 -33.89
CA ASP E 23 -1.95 47.19 -33.42
C ASP E 23 -1.36 45.94 -34.02
N LYS E 24 -0.69 45.11 -33.22
CA LYS E 24 -0.07 43.87 -33.72
C LYS E 24 -1.10 42.75 -33.97
N LYS E 25 -1.91 42.50 -32.95
CA LYS E 25 -3.03 41.59 -33.02
C LYS E 25 -3.85 41.85 -34.29
N ASN E 26 -4.26 43.10 -34.53
CA ASN E 26 -5.15 43.47 -35.64
C ASN E 26 -4.47 44.08 -36.87
N CYS E 27 -3.18 43.92 -36.88
CA CYS E 27 -2.36 44.54 -37.88
C CYS E 27 -2.84 44.34 -39.34
N VAL E 28 -3.11 43.09 -39.72
CA VAL E 28 -3.49 42.71 -41.09
C VAL E 28 -4.84 43.24 -41.59
N THR E 29 -5.87 43.12 -40.75
CA THR E 29 -7.21 43.56 -41.11
C THR E 29 -7.25 45.07 -41.26
N ILE E 30 -6.55 45.76 -40.38
CA ILE E 30 -6.45 47.19 -40.48
C ILE E 30 -5.74 47.62 -41.74
N LEU E 31 -4.65 46.94 -42.12
CA LEU E 31 -3.90 47.43 -43.27
C LEU E 31 -4.65 47.16 -44.52
N GLU E 32 -5.08 45.92 -44.68
CA GLU E 32 -5.76 45.48 -45.88
C GLU E 32 -7.15 46.13 -46.08
N THR E 33 -7.88 46.37 -45.00
CA THR E 33 -9.08 47.16 -45.12
C THR E 33 -8.74 48.55 -45.70
N ALA E 34 -7.60 49.11 -45.30
CA ALA E 34 -7.08 50.40 -45.81
C ALA E 34 -6.57 50.32 -47.23
N LEU E 35 -5.93 49.22 -47.62
CA LEU E 35 -5.48 49.08 -49.02
C LEU E 35 -6.67 48.99 -49.96
N TYR E 36 -7.64 48.18 -49.58
CA TYR E 36 -8.87 48.01 -50.33
C TYR E 36 -9.57 49.36 -50.53
N LEU E 37 -9.65 50.16 -49.46
CA LEU E 37 -10.30 51.48 -49.54
C LEU E 37 -9.52 52.42 -50.42
N THR E 38 -8.20 52.34 -50.27
CA THR E 38 -7.23 53.16 -51.00
C THR E 38 -7.31 52.89 -52.50
N GLU E 39 -7.32 51.62 -52.87
CA GLU E 39 -7.53 51.20 -54.26
C GLU E 39 -8.88 51.65 -54.81
N LYS E 40 -9.96 51.30 -54.10
CA LYS E 40 -11.30 51.69 -54.52
C LYS E 40 -11.43 53.16 -54.93
N TYR E 41 -10.82 54.04 -54.15
CA TYR E 41 -11.03 55.48 -54.31
C TYR E 41 -9.87 56.22 -55.01
N LEU E 42 -8.72 55.58 -55.18
CA LEU E 42 -7.60 56.28 -55.79
C LEU E 42 -7.13 55.71 -57.14
N GLY E 43 -7.06 54.38 -57.23
CA GLY E 43 -6.69 53.67 -58.46
C GLY E 43 -6.04 52.34 -58.12
N LYS E 44 -5.47 51.66 -59.11
CA LYS E 44 -4.90 50.31 -58.94
C LYS E 44 -3.58 50.26 -58.17
N ILE E 45 -3.49 49.29 -57.28
CA ILE E 45 -2.23 48.98 -56.60
C ILE E 45 -1.41 48.12 -57.52
N ILE E 46 -0.28 48.64 -57.98
CA ILE E 46 0.60 47.88 -58.89
C ILE E 46 1.92 47.35 -58.25
N ASN E 47 2.22 47.74 -57.01
CA ASN E 47 3.31 47.14 -56.26
C ASN E 47 3.16 47.37 -54.76
N SER E 48 3.54 46.35 -54.01
CA SER E 48 3.53 46.40 -52.56
C SER E 48 4.90 45.98 -51.97
N SER E 49 5.19 46.38 -50.73
CA SER E 49 6.41 46.00 -50.03
C SER E 49 6.11 44.82 -49.18
N TYR E 50 6.99 44.44 -48.27
CA TYR E 50 6.56 43.51 -47.24
C TYR E 50 5.93 44.32 -46.10
N ILE E 51 5.49 43.63 -45.06
CA ILE E 51 5.13 44.30 -43.84
C ILE E 51 6.26 44.09 -42.89
N TYR E 52 6.68 45.19 -42.27
CA TYR E 52 7.78 45.16 -41.30
C TYR E 52 7.31 45.62 -39.91
N GLU E 53 7.83 44.96 -38.86
CA GLU E 53 7.75 45.43 -37.46
C GLU E 53 8.96 46.34 -37.17
N THR E 54 8.73 47.64 -36.93
CA THR E 54 9.80 48.65 -36.80
C THR E 54 9.82 49.38 -35.47
N VAL E 55 11.03 49.68 -34.97
CA VAL E 55 11.17 50.42 -33.73
C VAL E 55 11.01 51.92 -33.97
N PRO E 56 10.07 52.56 -33.24
CA PRO E 56 9.75 53.97 -33.33
C PRO E 56 10.92 54.89 -33.60
N GLU E 57 10.65 55.89 -34.42
CA GLU E 57 11.63 56.91 -34.77
C GLU E 57 10.99 58.28 -34.57
N TYR E 58 11.32 58.90 -33.45
CA TYR E 58 10.80 60.24 -33.13
C TYR E 58 11.89 61.35 -33.42
N ILE E 59 13.11 61.15 -32.93
CA ILE E 59 14.19 62.13 -33.16
C ILE E 59 15.04 61.71 -34.40
N VAL E 60 14.94 62.50 -35.48
CA VAL E 60 15.34 62.04 -36.83
C VAL E 60 16.31 63.01 -37.50
N ARG E 77 -7.16 46.15 -28.68
CA ARG E 77 -8.22 46.95 -29.32
C ARG E 77 -9.29 46.10 -30.04
N ASP E 78 -10.54 46.58 -30.01
CA ASP E 78 -11.73 45.91 -30.59
C ASP E 78 -11.84 46.22 -32.07
N ILE E 79 -11.95 45.18 -32.89
CA ILE E 79 -12.04 45.40 -34.32
C ILE E 79 -13.35 44.87 -34.90
N SER E 80 -14.25 44.44 -34.07
CA SER E 80 -15.47 43.76 -34.54
C SER E 80 -16.36 44.50 -35.50
N TRP E 81 -16.16 45.79 -35.64
CA TRP E 81 -17.06 46.63 -36.46
C TRP E 81 -16.61 46.67 -37.94
N ILE E 82 -15.33 46.46 -38.19
CA ILE E 82 -14.80 46.67 -39.53
C ILE E 82 -15.64 45.99 -40.61
N GLY E 83 -15.76 44.66 -40.55
CA GLY E 83 -16.54 43.93 -41.56
C GLY E 83 -17.72 44.74 -42.08
N ASP E 84 -18.56 45.22 -41.14
CA ASP E 84 -19.77 46.06 -41.41
C ASP E 84 -19.47 47.32 -42.28
N LEU E 85 -18.21 47.69 -42.34
CA LEU E 85 -17.80 48.86 -43.08
C LEU E 85 -17.89 48.66 -44.60
N ILE E 86 -17.49 47.49 -45.07
CA ILE E 86 -17.31 47.22 -46.51
C ILE E 86 -18.59 47.41 -47.35
N PRO E 87 -19.71 46.73 -46.99
CA PRO E 87 -20.93 46.86 -47.81
C PRO E 87 -21.59 48.24 -47.78
N THR E 88 -21.07 49.12 -46.94
CA THR E 88 -21.68 50.42 -46.68
C THR E 88 -20.87 51.57 -47.23
N VAL E 89 -19.70 51.30 -47.77
CA VAL E 89 -18.90 52.38 -48.34
C VAL E 89 -19.40 52.82 -49.73
N GLU E 90 -19.32 54.13 -49.93
CA GLU E 90 -19.75 54.77 -51.15
C GLU E 90 -18.91 54.27 -52.34
N ASN E 91 -19.49 54.34 -53.54
CA ASN E 91 -18.80 53.95 -54.77
C ASN E 91 -17.97 55.09 -55.33
N SER E 92 -16.90 54.70 -56.04
CA SER E 92 -16.01 55.61 -56.76
C SER E 92 -16.68 56.03 -58.05
N ARG E 93 -16.44 57.26 -58.46
CA ARG E 93 -16.95 57.72 -59.73
C ARG E 93 -15.99 57.33 -60.84
N TYR E 94 -14.95 56.58 -60.51
CA TYR E 94 -14.08 55.99 -61.50
C TYR E 94 -14.05 54.51 -61.25
N GLU E 95 -13.85 53.76 -62.34
CA GLU E 95 -13.69 52.31 -62.28
C GLU E 95 -12.54 51.77 -63.15
N GLU E 96 -11.54 51.22 -62.48
CA GLU E 96 -10.46 50.47 -63.12
C GLU E 96 -10.97 49.04 -63.45
N SER E 97 -10.62 48.51 -64.62
CA SER E 97 -11.10 47.16 -64.98
C SER E 97 -10.20 46.20 -64.22
N GLU E 98 -10.67 44.99 -63.99
CA GLU E 98 -9.85 44.04 -63.21
C GLU E 98 -9.10 43.04 -64.12
N ASP E 99 -9.02 43.35 -65.42
CA ASP E 99 -8.16 42.63 -66.36
C ASP E 99 -6.68 42.61 -65.97
N LEU E 100 -6.02 41.48 -66.21
CA LEU E 100 -4.64 41.34 -65.80
C LEU E 100 -3.84 42.27 -66.67
N ILE E 101 -2.78 42.83 -66.10
CA ILE E 101 -1.82 43.73 -66.79
C ILE E 101 -0.39 43.14 -66.84
N TYR E 102 0.34 43.46 -67.89
CA TYR E 102 1.72 42.98 -68.05
C TYR E 102 2.72 44.10 -67.91
N GLU E 103 2.22 45.33 -67.94
CA GLU E 103 3.05 46.52 -67.96
C GLU E 103 2.36 47.72 -67.29
N CYS E 104 3.12 48.78 -67.07
CA CYS E 104 2.55 50.05 -66.68
C CYS E 104 3.52 51.13 -67.10
N LYS E 105 3.12 51.88 -68.13
CA LYS E 105 4.03 52.78 -68.83
C LYS E 105 4.37 53.97 -67.95
N GLU E 106 3.37 54.48 -67.22
CA GLU E 106 3.54 55.64 -66.34
C GLU E 106 4.42 55.29 -65.14
N LEU E 107 4.41 54.02 -64.72
CA LEU E 107 5.33 53.54 -63.71
C LEU E 107 6.71 53.68 -64.30
N GLU E 108 6.93 53.13 -65.47
CA GLU E 108 8.29 53.12 -66.05
C GLU E 108 8.86 54.54 -66.26
N VAL E 109 7.97 55.49 -66.54
CA VAL E 109 8.30 56.91 -66.59
C VAL E 109 8.62 57.48 -65.21
N PHE E 110 7.82 57.14 -64.20
CA PHE E 110 8.00 57.64 -62.81
C PHE E 110 9.39 57.33 -62.28
N LEU E 111 9.80 56.08 -62.48
CA LEU E 111 11.06 55.57 -61.98
C LEU E 111 12.28 56.27 -62.58
N LYS E 112 12.11 56.85 -63.76
CA LYS E 112 13.13 57.65 -64.40
C LYS E 112 13.16 59.10 -63.89
N ASN E 113 12.36 59.41 -62.89
CA ASN E 113 12.16 60.78 -62.44
C ASN E 113 11.74 61.74 -63.56
N GLU E 114 11.10 61.20 -64.61
CA GLU E 114 10.60 61.99 -65.76
C GLU E 114 9.12 62.46 -65.59
N LYS E 115 8.77 63.52 -66.33
CA LYS E 115 7.45 64.15 -66.27
C LYS E 115 6.33 63.25 -66.84
N ILE E 116 5.16 63.29 -66.19
CA ILE E 116 3.96 62.56 -66.61
C ILE E 116 2.87 63.58 -67.02
N ASN E 117 2.49 64.41 -66.06
CA ASN E 117 1.60 65.55 -66.28
C ASN E 117 2.23 66.78 -65.57
N GLU E 118 2.02 67.96 -66.12
CA GLU E 118 2.35 69.22 -65.42
C GLU E 118 1.82 69.16 -63.98
N SER E 119 2.49 69.81 -63.02
CA SER E 119 1.90 69.91 -61.66
C SER E 119 0.78 70.96 -61.53
N ILE E 120 -0.40 70.52 -61.08
CA ILE E 120 -1.50 71.44 -60.87
C ILE E 120 -1.14 72.35 -59.71
N ILE E 121 -0.59 71.77 -58.65
CA ILE E 121 -0.16 72.56 -57.50
C ILE E 121 1.22 73.14 -57.84
N ARG E 122 1.45 74.43 -57.52
CA ARG E 122 2.77 75.07 -57.73
C ARG E 122 3.86 74.23 -57.09
N GLU E 123 5.00 74.16 -57.78
CA GLU E 123 6.15 73.39 -57.33
C GLU E 123 7.15 74.34 -56.71
N VAL E 124 7.99 73.82 -55.82
CA VAL E 124 9.11 74.61 -55.27
C VAL E 124 10.46 74.06 -55.68
N SER E 125 11.48 74.89 -55.46
CA SER E 125 12.84 74.55 -55.83
C SER E 125 13.43 73.66 -54.75
N VAL E 126 14.28 72.72 -55.18
CA VAL E 126 14.92 71.77 -54.26
C VAL E 126 15.59 72.45 -53.06
N GLU E 127 15.86 73.76 -53.17
CA GLU E 127 16.56 74.48 -52.11
C GLU E 127 15.51 74.89 -51.09
N ASP E 128 14.53 75.65 -51.55
CA ASP E 128 13.40 76.00 -50.70
C ASP E 128 12.88 74.78 -49.93
N TYR E 129 12.71 73.67 -50.64
CA TYR E 129 12.18 72.44 -50.06
C TYR E 129 12.97 71.90 -48.85
N GLU E 130 14.29 71.81 -49.00
CA GLU E 130 15.16 71.23 -47.99
C GLU E 130 15.12 72.06 -46.71
N ASN E 131 15.16 73.37 -46.91
CA ASN E 131 15.14 74.35 -45.83
C ASN E 131 13.82 74.28 -45.03
N GLU E 132 12.72 74.02 -45.74
CA GLU E 132 11.37 73.94 -45.14
C GLU E 132 11.11 72.58 -44.53
N ALA E 133 11.72 71.55 -45.10
CA ALA E 133 11.70 70.22 -44.52
C ALA E 133 12.56 70.21 -43.25
N ARG E 134 13.80 70.66 -43.38
CA ARG E 134 14.73 70.64 -42.26
C ARG E 134 14.14 71.39 -41.07
N ARG E 135 13.57 72.58 -41.29
CA ARG E 135 12.93 73.36 -40.22
C ARG E 135 11.93 72.49 -39.44
N ILE E 136 11.03 71.83 -40.18
CA ILE E 136 10.01 70.96 -39.57
C ILE E 136 10.56 69.81 -38.71
N ILE E 137 11.59 69.14 -39.20
CA ILE E 137 12.21 68.01 -38.49
C ILE E 137 12.84 68.50 -37.18
N LYS E 138 13.69 69.53 -37.28
CA LYS E 138 14.32 70.13 -36.11
C LYS E 138 13.29 70.60 -35.06
N ARG E 139 12.14 71.13 -35.52
CA ARG E 139 11.04 71.50 -34.59
C ARG E 139 10.55 70.25 -33.84
N ASN E 140 10.03 69.26 -34.59
CA ASN E 140 9.45 68.03 -34.01
C ASN E 140 10.45 67.24 -33.16
N ASP E 141 11.74 67.38 -33.48
CA ASP E 141 12.83 66.81 -32.67
C ASP E 141 12.84 67.36 -31.23
N GLU E 142 12.67 68.68 -31.10
CA GLU E 142 12.46 69.31 -29.79
C GLU E 142 11.17 68.77 -29.11
N ILE E 143 10.08 68.72 -29.88
CA ILE E 143 8.76 68.36 -29.32
C ILE E 143 8.78 66.96 -28.70
N MET E 144 9.21 65.97 -29.48
CA MET E 144 9.32 64.58 -28.98
C MET E 144 10.41 64.47 -27.91
N LYS E 145 11.40 65.36 -27.96
CA LYS E 145 12.39 65.42 -26.87
C LYS E 145 11.69 65.65 -25.54
N LYS E 146 11.07 66.83 -25.35
CA LYS E 146 10.47 67.14 -24.03
C LYS E 146 9.44 66.05 -23.56
N ASN E 147 8.68 65.44 -24.50
CA ASN E 147 7.87 64.25 -24.18
C ASN E 147 8.65 63.06 -23.57
N TYR E 159 6.09 49.39 -30.97
CA TYR E 159 6.30 48.91 -32.36
C TYR E 159 5.32 49.50 -33.35
N PHE E 160 5.82 49.80 -34.52
CA PHE E 160 5.03 50.27 -35.61
C PHE E 160 5.04 49.17 -36.65
N PHE E 161 3.95 49.05 -37.41
CA PHE E 161 3.91 48.08 -38.47
C PHE E 161 3.81 48.89 -39.73
N ASN E 162 4.72 48.67 -40.68
CA ASN E 162 4.75 49.49 -41.89
C ASN E 162 4.69 48.73 -43.20
N LEU E 163 4.25 49.43 -44.23
CA LEU E 163 3.97 48.87 -45.54
C LEU E 163 3.93 50.00 -46.56
N THR E 164 4.38 49.72 -47.78
CA THR E 164 4.41 50.73 -48.86
C THR E 164 3.80 50.20 -50.15
N VAL E 165 3.17 51.09 -50.87
CA VAL E 165 2.38 50.70 -51.97
C VAL E 165 2.61 51.69 -53.08
N VAL E 166 2.59 51.19 -54.30
CA VAL E 166 2.64 52.05 -55.48
C VAL E 166 1.26 52.01 -56.09
N VAL E 167 0.69 53.18 -56.37
CA VAL E 167 -0.67 53.32 -56.93
C VAL E 167 -0.67 54.02 -58.30
N ARG E 168 -1.34 53.43 -59.29
CA ARG E 168 -1.61 54.10 -60.57
C ARG E 168 -2.96 54.80 -60.47
N THR E 169 -2.89 56.09 -60.15
CA THR E 169 -4.05 56.83 -59.68
C THR E 169 -4.66 57.75 -60.71
N PHE E 170 -5.99 57.91 -60.62
CA PHE E 170 -6.78 58.81 -61.47
C PHE E 170 -6.96 60.19 -60.83
N VAL E 171 -6.46 60.35 -59.61
CA VAL E 171 -6.51 61.63 -58.93
C VAL E 171 -5.52 62.53 -59.59
N GLU E 172 -5.88 63.81 -59.76
CA GLU E 172 -5.07 64.74 -60.54
C GLU E 172 -3.92 65.42 -59.81
N ASP E 173 -4.02 65.49 -58.48
CA ASP E 173 -3.01 66.20 -57.67
C ASP E 173 -2.83 65.66 -56.26
N PRO E 174 -1.64 65.90 -55.66
CA PRO E 174 -1.35 65.44 -54.31
C PRO E 174 -2.31 65.93 -53.21
N LEU E 175 -2.87 67.13 -53.33
CA LEU E 175 -3.79 67.68 -52.30
C LEU E 175 -5.09 66.88 -52.20
N ALA E 176 -5.78 66.76 -53.32
CA ALA E 176 -6.98 65.95 -53.41
C ALA E 176 -6.70 64.57 -52.85
N MET E 177 -5.71 63.89 -53.40
CA MET E 177 -5.32 62.62 -52.82
C MET E 177 -5.19 62.68 -51.30
N LEU E 178 -4.71 63.80 -50.79
CA LEU E 178 -4.54 63.90 -49.35
C LEU E 178 -5.86 63.95 -48.64
N VAL E 179 -6.75 64.77 -49.18
CA VAL E 179 -8.11 64.85 -48.63
C VAL E 179 -8.83 63.50 -48.68
N ILE E 180 -8.79 62.82 -49.82
CA ILE E 180 -9.35 61.49 -49.91
C ILE E 180 -8.72 60.55 -48.90
N LEU E 181 -7.48 60.80 -48.54
CA LEU E 181 -6.76 59.90 -47.66
C LEU E 181 -7.11 60.14 -46.22
N LYS E 182 -7.28 61.41 -45.88
CA LYS E 182 -7.69 61.77 -44.54
C LYS E 182 -9.06 61.21 -44.27
N TYR E 183 -9.95 61.32 -45.26
CA TYR E 183 -11.27 60.68 -45.24
C TYR E 183 -11.16 59.20 -44.93
N ILE E 184 -10.44 58.45 -45.72
CA ILE E 184 -10.30 57.01 -45.48
C ILE E 184 -9.97 56.72 -44.02
N GLU E 185 -9.05 57.52 -43.48
CA GLU E 185 -8.64 57.44 -42.08
C GLU E 185 -9.74 57.66 -41.02
N GLN E 186 -10.53 58.73 -41.19
CA GLN E 186 -11.61 59.06 -40.25
C GLN E 186 -12.71 58.05 -40.29
N ILE E 187 -13.04 57.65 -41.51
CA ILE E 187 -13.89 56.52 -41.72
C ILE E 187 -13.53 55.30 -40.87
N MET E 188 -12.26 55.09 -40.55
CA MET E 188 -11.87 53.96 -39.67
C MET E 188 -11.87 54.33 -38.16
N LYS E 189 -11.29 55.47 -37.82
CA LYS E 189 -11.14 55.87 -36.41
C LYS E 189 -12.40 56.53 -35.89
N ARG E 204 -2.41 55.09 -32.33
CA ARG E 204 -2.60 55.37 -33.76
C ARG E 204 -3.00 54.10 -34.52
N MET E 205 -4.28 54.07 -34.92
CA MET E 205 -4.89 52.87 -35.52
C MET E 205 -4.42 52.65 -36.93
N ILE E 206 -4.46 53.72 -37.72
CA ILE E 206 -3.99 53.73 -39.11
C ILE E 206 -3.55 55.15 -39.47
N ASP E 207 -2.39 55.27 -40.10
CA ASP E 207 -1.88 56.51 -40.64
C ASP E 207 -1.71 56.26 -42.14
N ILE E 208 -2.04 57.23 -42.99
CA ILE E 208 -1.66 57.15 -44.40
C ILE E 208 -1.05 58.46 -44.86
N ASP E 209 0.17 58.32 -45.39
CA ASP E 209 0.99 59.42 -45.87
C ASP E 209 1.41 59.20 -47.33
N ILE E 210 1.45 60.28 -48.08
CA ILE E 210 1.92 60.27 -49.46
C ILE E 210 3.40 60.65 -49.50
N LEU E 211 4.24 59.73 -49.97
CA LEU E 211 5.71 59.93 -50.02
C LEU E 211 6.10 60.58 -51.33
N PHE E 212 5.64 60.02 -52.42
CA PHE E 212 5.87 60.58 -53.74
C PHE E 212 4.55 60.65 -54.50
N PHE E 213 4.30 61.82 -55.07
CA PHE E 213 3.33 62.00 -56.15
C PHE E 213 4.10 62.44 -57.39
N ASN E 214 4.15 61.57 -58.39
CA ASN E 214 4.95 61.78 -59.64
C ASN E 214 6.44 62.14 -59.43
N ASN E 215 6.92 63.13 -60.16
CA ASN E 215 8.23 63.69 -59.91
C ASN E 215 8.15 65.05 -59.22
N TYR E 216 7.01 65.36 -58.57
CA TYR E 216 6.76 66.73 -58.11
C TYR E 216 7.50 67.00 -56.84
N THR E 217 7.89 68.26 -56.72
CA THR E 217 8.48 68.83 -55.52
C THR E 217 7.48 69.89 -55.10
N ILE E 218 6.84 69.70 -53.94
CA ILE E 218 5.79 70.62 -53.47
C ILE E 218 5.97 70.96 -52.00
N PHE E 219 5.76 72.23 -51.69
CA PHE E 219 5.61 72.64 -50.32
C PHE E 219 4.61 73.78 -50.24
N GLU E 220 3.54 73.53 -49.49
CA GLU E 220 2.49 74.53 -49.23
C GLU E 220 2.32 74.67 -47.73
N LYS E 221 2.52 75.89 -47.25
CA LYS E 221 2.80 76.11 -45.83
C LYS E 221 1.54 76.04 -45.00
N SER E 222 0.58 76.90 -45.27
CA SER E 222 -0.69 76.81 -44.54
C SER E 222 -1.84 76.50 -45.50
N ILE E 223 -2.39 75.30 -45.36
CA ILE E 223 -3.56 74.89 -46.14
C ILE E 223 -4.81 74.99 -45.24
N SER E 224 -5.75 75.85 -45.62
CA SER E 224 -6.95 76.15 -44.83
C SER E 224 -8.24 75.75 -45.58
N LEU E 225 -8.71 74.53 -45.35
CA LEU E 225 -9.84 73.98 -46.08
C LEU E 225 -11.07 73.87 -45.19
N LYS E 226 -12.20 74.40 -45.64
CA LYS E 226 -13.45 74.29 -44.91
C LYS E 226 -14.31 73.14 -45.49
N GLY E 227 -15.35 72.76 -44.74
CA GLY E 227 -16.38 71.83 -45.19
C GLY E 227 -16.72 71.94 -46.67
N GLU E 228 -17.14 73.13 -47.11
CA GLU E 228 -17.47 73.31 -48.53
C GLU E 228 -16.28 72.95 -49.46
N ASP E 229 -15.06 73.31 -49.07
CA ASP E 229 -13.86 73.00 -49.87
C ASP E 229 -13.60 71.49 -49.92
N ILE E 230 -13.77 70.85 -48.77
CA ILE E 230 -13.57 69.43 -48.65
C ILE E 230 -14.58 68.72 -49.50
N TYR E 231 -15.77 69.28 -49.54
CA TYR E 231 -16.91 68.66 -50.20
C TYR E 231 -16.70 68.65 -51.71
N LYS E 232 -16.32 69.81 -52.25
CA LYS E 232 -16.14 69.95 -53.69
C LYS E 232 -15.18 68.92 -54.17
N ILE E 233 -14.10 68.74 -53.45
CA ILE E 233 -13.09 67.77 -53.84
C ILE E 233 -13.63 66.32 -53.79
N ILE E 234 -14.03 65.86 -52.61
CA ILE E 234 -14.51 64.49 -52.42
C ILE E 234 -15.60 64.07 -53.43
N THR E 235 -16.47 64.98 -53.78
CA THR E 235 -17.60 64.68 -54.67
C THR E 235 -17.17 64.49 -56.11
N LYS E 236 -16.04 65.07 -56.47
CA LYS E 236 -15.46 64.86 -57.79
C LYS E 236 -15.03 63.41 -58.04
N TYR E 237 -14.80 62.65 -56.98
CA TYR E 237 -14.21 61.31 -57.09
C TYR E 237 -15.00 60.20 -56.43
N ILE E 238 -15.93 60.55 -55.54
CA ILE E 238 -16.74 59.57 -54.81
C ILE E 238 -18.18 59.98 -54.83
N HIS E 239 -19.08 59.00 -55.01
CA HIS E 239 -20.56 59.18 -54.90
C HIS E 239 -20.99 59.18 -53.45
N ILE E 240 -21.05 60.34 -52.80
CA ILE E 240 -21.35 60.39 -51.35
C ILE E 240 -22.85 60.38 -51.05
N ASN E 241 -23.21 59.65 -50.00
CA ASN E 241 -24.62 59.50 -49.61
C ASN E 241 -25.07 60.78 -48.94
N HIS E 242 -26.27 61.23 -49.30
CA HIS E 242 -26.81 62.52 -48.87
C HIS E 242 -27.99 62.33 -47.92
N THR E 243 -28.31 61.09 -47.60
CA THR E 243 -29.53 60.79 -46.88
C THR E 243 -29.34 60.90 -45.37
N SER E 244 -30.38 61.33 -44.65
CA SER E 244 -30.27 61.65 -43.21
C SER E 244 -29.79 60.45 -42.43
N ASP E 245 -30.33 59.30 -42.82
CA ASP E 245 -30.07 58.05 -42.10
C ASP E 245 -28.84 57.34 -42.62
N GLN E 246 -28.12 58.00 -43.53
CA GLN E 246 -26.86 57.45 -44.07
C GLN E 246 -26.02 58.51 -44.79
N ASN E 247 -25.03 59.02 -44.07
CA ASN E 247 -24.11 60.00 -44.61
C ASN E 247 -22.93 60.13 -43.65
N ARG E 248 -21.89 60.84 -44.08
CA ARG E 248 -20.76 61.10 -43.22
C ARG E 248 -20.43 62.57 -43.20
N LEU E 249 -21.43 63.40 -43.47
CA LEU E 249 -21.20 64.82 -43.60
C LEU E 249 -20.52 65.45 -42.40
N ASP E 250 -20.66 64.87 -41.21
CA ASP E 250 -19.89 65.28 -40.00
C ASP E 250 -18.34 65.20 -40.19
N ILE E 251 -17.88 64.07 -40.69
CA ILE E 251 -16.49 63.86 -41.03
C ILE E 251 -16.03 64.91 -42.04
N ILE E 252 -16.81 65.02 -43.11
CA ILE E 252 -16.49 65.86 -44.27
C ILE E 252 -16.42 67.33 -43.90
N GLN E 253 -17.24 67.74 -42.97
CA GLN E 253 -17.30 69.12 -42.56
C GLN E 253 -16.08 69.54 -41.72
N ASN E 254 -15.35 68.59 -41.12
CA ASN E 254 -14.22 68.86 -40.18
C ASN E 254 -12.81 68.36 -40.57
N LEU E 255 -12.68 67.91 -41.82
CA LEU E 255 -11.46 67.34 -42.36
C LEU E 255 -10.38 68.42 -42.57
N GLY E 256 -10.80 69.66 -42.78
CA GLY E 256 -9.86 70.81 -42.80
C GLY E 256 -8.92 70.94 -41.60
N ASP E 257 -9.45 70.69 -40.40
CA ASP E 257 -8.64 70.68 -39.16
C ASP E 257 -7.41 69.80 -39.29
N LYS E 258 -7.58 68.65 -39.94
CA LYS E 258 -6.57 67.61 -39.96
C LYS E 258 -5.48 67.88 -41.00
N ILE E 259 -5.60 68.97 -41.76
CA ILE E 259 -4.66 69.28 -42.85
C ILE E 259 -4.06 70.64 -42.57
N GLU E 260 -2.77 70.69 -42.22
CA GLU E 260 -2.09 71.97 -42.06
C GLU E 260 -1.17 72.28 -43.25
N PHE E 261 -0.52 71.25 -43.81
CA PHE E 261 0.48 71.48 -44.87
C PHE E 261 0.78 70.27 -45.78
N LEU E 262 0.84 70.54 -47.08
CA LEU E 262 1.10 69.50 -48.08
C LEU E 262 2.55 69.61 -48.51
N CYS E 263 3.23 68.47 -48.48
CA CYS E 263 4.68 68.46 -48.59
C CYS E 263 5.21 67.16 -49.27
N ILE E 264 5.48 67.25 -50.57
CA ILE E 264 5.94 66.11 -51.37
C ILE E 264 7.36 66.39 -51.86
N PRO E 265 8.30 65.47 -51.58
CA PRO E 265 8.11 64.23 -50.84
C PRO E 265 7.80 64.44 -49.37
N HIS E 266 7.39 63.37 -48.72
CA HIS E 266 7.06 63.47 -47.33
C HIS E 266 8.34 63.72 -46.53
N VAL E 267 8.24 64.70 -45.63
CA VAL E 267 9.38 65.22 -44.88
C VAL E 267 10.44 64.20 -44.54
N TYR E 268 10.01 63.10 -43.92
CA TYR E 268 10.91 62.06 -43.39
C TYR E 268 11.18 60.90 -44.37
N THR E 269 10.85 61.03 -45.64
CA THR E 269 11.06 59.90 -46.56
C THR E 269 12.51 59.33 -46.59
N LYS E 270 13.52 60.19 -46.66
CA LYS E 270 14.90 59.73 -46.65
C LYS E 270 15.49 59.58 -45.24
N TYR E 271 14.91 60.24 -44.25
CA TYR E 271 15.47 60.22 -42.91
C TYR E 271 14.81 59.16 -41.99
N ARG E 272 13.81 58.39 -42.43
CA ARG E 272 13.27 57.36 -41.56
C ARG E 272 13.58 56.00 -42.09
N TYR E 273 14.08 55.12 -41.23
CA TYR E 273 14.49 53.78 -41.67
C TYR E 273 13.28 53.00 -42.15
N SER E 274 12.27 52.95 -41.28
CA SER E 274 10.96 52.35 -41.55
C SER E 274 10.46 52.58 -42.98
N ILE E 275 10.52 53.81 -43.45
CA ILE E 275 10.11 54.13 -44.81
C ILE E 275 11.10 53.58 -45.82
N LEU E 276 12.39 53.89 -45.63
CA LEU E 276 13.46 53.43 -46.53
C LEU E 276 13.41 51.93 -46.71
N LEU E 277 13.34 51.23 -45.58
CA LEU E 277 13.24 49.77 -45.55
C LEU E 277 12.09 49.21 -46.38
N CYS E 278 10.96 49.90 -46.44
CA CYS E 278 9.88 49.41 -47.25
C CYS E 278 10.16 49.77 -48.68
N LEU E 279 10.52 51.01 -48.94
CA LEU E 279 10.76 51.47 -50.31
C LEU E 279 11.82 50.64 -51.05
N ASN E 280 12.78 50.12 -50.28
CA ASN E 280 13.79 49.27 -50.83
C ASN E 280 13.23 48.09 -51.62
N ASP E 281 12.03 47.64 -51.28
CA ASP E 281 11.39 46.49 -51.92
C ASP E 281 10.71 46.85 -53.21
N ILE E 282 10.39 48.11 -53.43
CA ILE E 282 9.48 48.45 -54.50
C ILE E 282 10.09 49.39 -55.50
N ILE E 283 10.86 50.38 -55.04
CA ILE E 283 11.38 51.40 -55.95
C ILE E 283 12.86 51.73 -55.65
N PRO E 284 13.69 50.68 -55.58
CA PRO E 284 15.07 50.83 -55.17
C PRO E 284 15.83 51.80 -56.04
N GLU E 285 15.66 51.67 -57.37
CA GLU E 285 16.40 52.48 -58.34
C GLU E 285 15.81 53.88 -58.57
N TYR E 286 14.74 54.24 -57.87
CA TYR E 286 14.23 55.60 -57.98
C TYR E 286 15.14 56.60 -57.24
N LYS E 287 15.28 57.77 -57.85
CA LYS E 287 16.07 58.84 -57.25
C LYS E 287 15.39 60.19 -57.53
N HIS E 288 14.57 60.66 -56.58
CA HIS E 288 13.92 61.97 -56.70
C HIS E 288 14.96 63.13 -56.77
N SER E 289 14.53 64.27 -57.32
CA SER E 289 15.33 65.52 -57.31
C SER E 289 15.82 65.89 -55.89
N THR E 290 15.09 65.55 -54.84
CA THR E 290 15.42 66.03 -53.50
C THR E 290 16.33 65.04 -52.78
N PHE E 291 16.67 63.95 -53.48
CA PHE E 291 17.55 62.88 -52.97
C PHE E 291 18.93 62.91 -53.63
N GLU E 292 20.00 63.00 -52.85
CA GLU E 292 21.35 62.98 -53.45
C GLU E 292 21.67 61.66 -54.16
N GLU E 293 20.99 60.57 -53.80
CA GLU E 293 21.21 59.27 -54.42
C GLU E 293 19.95 58.37 -54.36
N ALA E 294 20.03 57.16 -54.92
CA ALA E 294 18.86 56.32 -55.12
C ALA E 294 18.28 55.78 -53.80
N ILE E 295 17.05 55.25 -53.84
CA ILE E 295 16.44 54.68 -52.64
C ILE E 295 17.40 53.64 -52.09
N ARG E 296 17.81 52.68 -52.90
CA ARG E 296 18.67 51.61 -52.38
C ARG E 296 20.06 52.07 -51.91
N SER E 297 20.60 53.13 -52.49
CA SER E 297 21.90 53.62 -52.02
C SER E 297 21.67 54.18 -50.64
N THR E 298 20.82 55.21 -50.59
CA THR E 298 20.35 55.81 -49.33
C THR E 298 20.03 54.79 -48.23
N TYR E 299 19.33 53.74 -48.59
CA TYR E 299 19.05 52.69 -47.63
C TYR E 299 20.31 52.17 -46.99
N ASN E 300 21.26 51.77 -47.83
CA ASN E 300 22.56 51.18 -47.42
C ASN E 300 23.45 52.16 -46.66
N SER E 301 23.39 53.42 -47.08
CA SER E 301 23.99 54.53 -46.36
C SER E 301 23.39 54.65 -44.97
N TYR E 302 22.08 54.62 -44.87
CA TYR E 302 21.49 54.68 -43.56
C TYR E 302 22.02 53.53 -42.73
N VAL E 303 21.93 52.31 -43.26
CA VAL E 303 22.29 51.12 -42.49
C VAL E 303 23.72 51.24 -42.01
N GLU E 304 24.64 51.62 -42.90
CA GLU E 304 26.04 51.81 -42.50
C GLU E 304 26.22 52.89 -41.42
N SER E 305 25.68 54.09 -41.63
CA SER E 305 25.83 55.16 -40.64
C SER E 305 25.41 54.68 -39.26
N PHE E 306 24.21 54.11 -39.17
CA PHE E 306 23.76 53.49 -37.94
C PHE E 306 24.82 52.56 -37.37
N GLU E 307 25.14 51.51 -38.12
CA GLU E 307 25.97 50.42 -37.60
C GLU E 307 27.41 50.84 -37.31
N GLU E 308 27.85 51.89 -37.98
CA GLU E 308 29.16 52.50 -37.68
C GLU E 308 29.10 53.33 -36.42
N LYS E 309 28.02 54.10 -36.25
CA LYS E 309 27.92 54.99 -35.08
C LYS E 309 27.58 54.24 -33.81
N TYR E 310 26.58 53.39 -33.87
CA TYR E 310 26.07 52.77 -32.66
C TYR E 310 26.56 51.34 -32.51
N HIS E 311 27.05 50.75 -33.60
CA HIS E 311 27.50 49.37 -33.58
C HIS E 311 26.40 48.40 -33.11
N ILE E 312 25.20 48.61 -33.65
CA ILE E 312 24.05 47.71 -33.38
C ILE E 312 23.44 47.22 -34.70
N ASN E 313 23.16 45.94 -34.81
CA ASN E 313 22.60 45.42 -36.05
C ASN E 313 21.13 45.90 -36.29
N ILE E 314 20.99 46.85 -37.22
CA ILE E 314 19.69 47.51 -37.46
C ILE E 314 18.57 46.49 -37.74
N ARG E 315 18.93 45.33 -38.35
CA ARG E 315 17.96 44.30 -38.79
C ARG E 315 17.46 43.42 -37.61
N LYS E 316 18.27 43.30 -36.56
CA LYS E 316 17.81 42.66 -35.31
C LYS E 316 16.46 43.18 -34.76
N ASN E 317 16.23 44.49 -34.87
CA ASN E 317 15.03 45.15 -34.28
C ASN E 317 14.01 45.68 -35.27
N ASN E 318 14.28 45.47 -36.56
CA ASN E 318 13.29 45.66 -37.63
C ASN E 318 13.22 44.43 -38.54
N LYS E 319 12.04 43.81 -38.59
CA LYS E 319 11.89 42.45 -39.11
C LYS E 319 10.85 42.37 -40.20
N ARG E 320 11.02 41.40 -41.06
CA ARG E 320 10.15 41.21 -42.21
C ARG E 320 9.07 40.19 -41.86
N LEU E 321 7.83 40.53 -42.21
CA LEU E 321 6.65 39.72 -41.88
C LEU E 321 5.92 39.29 -43.12
N TYR E 322 5.36 38.09 -43.08
CA TYR E 322 4.52 37.58 -44.13
C TYR E 322 3.19 37.19 -43.50
N VAL E 323 2.21 36.91 -44.37
CA VAL E 323 0.85 36.60 -43.91
C VAL E 323 0.26 35.40 -44.63
N LEU E 324 -0.06 34.39 -43.85
CA LEU E 324 -0.79 33.23 -44.34
C LEU E 324 -2.32 33.43 -44.38
N LYS E 325 -2.88 33.83 -43.26
CA LYS E 325 -4.32 34.02 -43.19
C LYS E 325 -4.63 35.45 -42.72
N ASP E 326 -4.72 35.66 -41.40
CA ASP E 326 -5.14 36.94 -40.81
C ASP E 326 -4.11 37.48 -39.84
N LYS E 327 -3.04 36.73 -39.59
CA LYS E 327 -1.99 37.17 -38.71
C LYS E 327 -0.67 37.44 -39.43
N VAL E 328 0.23 38.15 -38.74
CA VAL E 328 1.59 38.37 -39.19
C VAL E 328 2.47 37.30 -38.57
N SER E 329 3.38 36.78 -39.40
CA SER E 329 4.41 35.85 -38.98
C SER E 329 5.78 36.46 -39.20
N TYR E 330 6.71 36.20 -38.28
CA TYR E 330 8.06 36.77 -38.38
C TYR E 330 8.93 35.93 -39.30
N LEU E 331 9.40 36.50 -40.42
CA LEU E 331 10.06 35.70 -41.44
C LEU E 331 11.26 35.00 -40.81
N LYS E 332 11.33 33.69 -41.05
CA LYS E 332 12.43 32.85 -40.61
C LYS E 332 12.44 32.48 -39.13
N GLU E 333 11.60 33.10 -38.32
CA GLU E 333 11.58 32.76 -36.89
C GLU E 333 11.01 31.40 -36.56
N ARG E 334 10.38 30.73 -37.53
CA ARG E 334 9.71 29.48 -37.20
C ARG E 334 9.38 28.58 -38.39
N THR E 335 9.54 27.28 -38.18
CA THR E 335 9.17 26.29 -39.17
C THR E 335 7.75 25.73 -38.87
N HIS E 336 6.78 26.08 -39.72
CA HIS E 336 5.42 25.62 -39.62
C HIS E 336 5.26 24.30 -40.36
N ILE E 337 4.51 23.37 -39.77
CA ILE E 337 4.12 22.13 -40.45
C ILE E 337 2.83 22.32 -41.29
N VAL E 338 2.85 21.93 -42.58
CA VAL E 338 1.63 21.78 -43.37
C VAL E 338 1.27 20.32 -43.43
N GLY E 339 0.04 19.96 -43.03
CA GLY E 339 -0.46 18.58 -43.18
C GLY E 339 -1.07 18.29 -44.55
N ILE E 340 -0.78 17.13 -45.15
CA ILE E 340 -1.29 16.84 -46.48
C ILE E 340 -2.52 15.99 -46.44
N LEU E 341 -3.57 16.49 -47.08
CA LEU E 341 -4.82 15.77 -47.18
C LEU E 341 -5.14 15.56 -48.63
N ASN E 342 -4.83 14.38 -49.13
CA ASN E 342 -5.15 14.00 -50.49
C ASN E 342 -6.51 13.36 -50.53
N VAL E 343 -7.45 14.10 -51.10
CA VAL E 343 -8.80 13.60 -51.34
C VAL E 343 -8.97 13.12 -52.80
N ASN E 344 -8.47 11.93 -53.08
CA ASN E 344 -8.58 11.32 -54.42
C ASN E 344 -8.19 9.84 -54.36
N TYR E 345 -8.43 9.11 -55.44
CA TYR E 345 -8.19 7.65 -55.44
C TYR E 345 -6.74 7.24 -55.69
N ASP E 346 -6.05 8.11 -56.38
CA ASP E 346 -4.74 7.87 -56.87
C ASP E 346 -3.63 8.85 -56.57
N SER E 347 -3.14 8.74 -55.37
CA SER E 347 -1.95 9.50 -54.87
C SER E 347 -0.95 8.41 -54.55
N PHE E 348 0.33 8.67 -54.79
CA PHE E 348 1.32 7.60 -54.73
C PHE E 348 1.42 6.93 -53.34
N SER E 349 1.32 7.71 -52.26
CA SER E 349 1.39 7.16 -50.92
C SER E 349 0.05 7.15 -50.18
N ASP E 350 -0.93 7.92 -50.68
CA ASP E 350 -2.14 8.24 -49.96
C ASP E 350 -3.46 7.89 -50.68
N GLY E 351 -3.34 7.41 -51.91
CA GLY E 351 -4.51 7.13 -52.76
C GLY E 351 -5.61 6.34 -52.11
N GLY E 352 -6.76 7.00 -51.91
CA GLY E 352 -7.97 6.33 -51.54
C GLY E 352 -8.25 6.18 -50.06
N LEU E 353 -7.37 6.66 -49.19
CA LEU E 353 -7.63 6.51 -47.77
C LEU E 353 -8.60 7.59 -47.26
N PHE E 354 -8.56 8.78 -47.88
CA PHE E 354 -9.41 9.91 -47.44
C PHE E 354 -10.36 10.43 -48.53
N VAL E 355 -11.11 9.52 -49.12
CA VAL E 355 -12.02 9.93 -50.19
C VAL E 355 -13.42 10.14 -49.65
N ASP E 356 -13.86 9.23 -48.79
CA ASP E 356 -15.07 9.42 -48.00
C ASP E 356 -14.91 10.64 -47.08
N PRO E 357 -15.81 11.63 -47.20
CA PRO E 357 -15.55 12.89 -46.51
C PRO E 357 -15.41 12.80 -44.97
N VAL E 358 -16.15 11.87 -44.36
CA VAL E 358 -16.11 11.60 -42.89
C VAL E 358 -14.73 11.16 -42.36
N LYS E 359 -13.95 10.45 -43.16
CA LYS E 359 -12.60 10.05 -42.75
C LYS E 359 -11.64 11.18 -43.01
N ALA E 360 -11.80 11.83 -44.16
CA ALA E 360 -10.96 12.96 -44.52
C ALA E 360 -11.01 14.02 -43.45
N VAL E 361 -12.20 14.25 -42.90
CA VAL E 361 -12.33 15.31 -41.93
C VAL E 361 -11.92 14.83 -40.54
N GLU E 362 -12.11 13.57 -40.20
CA GLU E 362 -11.53 13.11 -38.94
C GLU E 362 -10.03 13.37 -38.99
N ARG E 363 -9.43 13.04 -40.13
CA ARG E 363 -8.01 13.27 -40.40
C ARG E 363 -7.61 14.76 -40.34
N MET E 364 -8.39 15.63 -40.97
CA MET E 364 -8.18 17.07 -40.78
C MET E 364 -8.10 17.44 -39.29
N PHE E 365 -8.97 16.85 -38.49
CA PHE E 365 -8.96 17.11 -37.04
C PHE E 365 -7.81 16.44 -36.28
N GLU E 366 -7.37 15.29 -36.79
CA GLU E 366 -6.26 14.58 -36.23
C GLU E 366 -4.94 15.34 -36.44
N MET E 367 -4.75 15.88 -37.65
CA MET E 367 -3.52 16.57 -38.04
C MET E 367 -3.45 17.96 -37.41
N ALA E 368 -4.58 18.63 -37.21
CA ALA E 368 -4.48 19.88 -36.47
C ALA E 368 -3.98 19.52 -35.09
N SER E 369 -4.51 18.43 -34.53
CA SER E 369 -4.19 18.00 -33.17
C SER E 369 -2.74 17.60 -32.98
N ASP E 370 -2.11 17.16 -34.05
CA ASP E 370 -0.73 16.69 -33.98
C ASP E 370 0.30 17.80 -34.25
N GLY E 371 -0.19 19.01 -34.56
CA GLY E 371 0.69 20.18 -34.62
C GLY E 371 0.76 20.89 -35.97
N ALA E 372 -0.17 20.59 -36.87
CA ALA E 372 -0.19 21.21 -38.20
C ALA E 372 -0.79 22.61 -38.08
N SER E 373 -0.08 23.63 -38.54
CA SER E 373 -0.63 24.98 -38.58
C SER E 373 -1.58 25.08 -39.75
N VAL E 374 -1.23 24.35 -40.84
CA VAL E 374 -1.97 24.41 -42.11
C VAL E 374 -2.38 22.99 -42.59
N ILE E 375 -3.50 22.91 -43.33
CA ILE E 375 -3.90 21.68 -44.01
C ILE E 375 -4.05 21.95 -45.52
N ASP E 376 -3.49 21.06 -46.34
CA ASP E 376 -3.46 21.22 -47.79
C ASP E 376 -4.26 20.11 -48.40
N ILE E 377 -5.38 20.48 -49.03
CA ILE E 377 -6.32 19.51 -49.58
C ILE E 377 -6.01 19.40 -51.04
N GLY E 378 -5.93 18.17 -51.53
CA GLY E 378 -5.56 17.88 -52.93
C GLY E 378 -6.54 16.95 -53.64
N GLY E 379 -7.39 17.52 -54.49
CA GLY E 379 -8.27 16.74 -55.35
C GLY E 379 -7.64 15.94 -56.50
N GLU E 380 -6.41 16.25 -56.90
CA GLU E 380 -5.75 15.54 -58.00
C GLU E 380 -4.32 15.18 -57.62
N SER E 381 -3.75 14.19 -58.34
CA SER E 381 -2.35 13.79 -58.19
C SER E 381 -1.51 14.34 -59.34
N SER E 382 -0.31 14.81 -58.99
CA SER E 382 0.64 15.38 -59.95
C SER E 382 1.89 14.55 -60.05
N ALA E 383 1.81 13.32 -59.55
CA ALA E 383 2.96 12.48 -59.30
C ALA E 383 3.37 11.79 -60.61
N PRO E 384 4.66 11.40 -60.73
CA PRO E 384 5.14 10.97 -62.00
C PRO E 384 4.23 9.93 -62.65
N TYR E 385 3.80 10.24 -63.86
CA TYR E 385 3.09 9.32 -64.78
C TYR E 385 1.80 8.78 -64.21
N VAL E 386 1.15 9.55 -63.37
CA VAL E 386 -0.16 9.16 -62.85
C VAL E 386 -1.26 9.64 -63.80
N VAL E 387 -2.24 8.78 -64.00
CA VAL E 387 -3.46 9.10 -64.73
C VAL E 387 -4.56 9.35 -63.70
N PRO E 388 -5.11 10.60 -63.64
CA PRO E 388 -6.29 10.84 -62.75
C PRO E 388 -7.51 9.96 -63.07
N ASN E 389 -8.03 9.28 -62.04
CA ASN E 389 -9.23 8.46 -62.20
C ASN E 389 -10.27 9.30 -62.91
N PRO E 390 -10.77 8.83 -64.07
CA PRO E 390 -11.70 9.67 -64.84
C PRO E 390 -13.14 9.73 -64.32
N SER E 391 -13.45 8.96 -63.28
CA SER E 391 -14.82 8.68 -62.85
C SER E 391 -15.30 9.53 -61.66
N VAL E 392 -14.50 10.48 -61.18
CA VAL E 392 -14.98 11.53 -60.27
C VAL E 392 -14.09 12.78 -60.40
N THR E 393 -14.66 13.91 -60.76
CA THR E 393 -13.87 15.14 -60.94
C THR E 393 -13.13 15.59 -59.68
N GLU E 394 -12.08 16.37 -59.89
CA GLU E 394 -11.41 17.08 -58.82
C GLU E 394 -12.49 17.67 -57.88
N ARG E 395 -13.40 18.44 -58.44
CA ARG E 395 -14.35 19.20 -57.64
C ARG E 395 -15.31 18.34 -56.78
N ASP E 396 -15.81 17.26 -57.34
CA ASP E 396 -16.77 16.42 -56.64
C ASP E 396 -16.16 15.57 -55.54
N LEU E 397 -14.83 15.55 -55.47
CA LEU E 397 -14.08 14.84 -54.43
C LEU E 397 -13.81 15.72 -53.24
N VAL E 398 -13.42 16.96 -53.54
CA VAL E 398 -12.95 17.95 -52.60
C VAL E 398 -14.05 18.74 -51.90
N MET E 399 -14.96 19.29 -52.70
CA MET E 399 -16.06 20.14 -52.18
C MET E 399 -16.85 19.58 -51.00
N PRO E 400 -17.21 18.29 -51.04
CA PRO E 400 -17.81 17.69 -49.86
C PRO E 400 -16.94 17.77 -48.59
N VAL E 401 -15.62 17.68 -48.75
CA VAL E 401 -14.69 17.72 -47.59
C VAL E 401 -14.54 19.16 -47.03
N LEU E 402 -14.32 20.13 -47.90
CA LEU E 402 -14.33 21.52 -47.47
C LEU E 402 -15.63 21.99 -46.79
N LYS E 403 -16.77 21.54 -47.31
CA LYS E 403 -18.06 21.92 -46.76
C LYS E 403 -18.29 21.27 -45.42
N LEU E 404 -18.03 19.97 -45.35
CA LEU E 404 -18.24 19.25 -44.12
C LEU E 404 -17.40 19.85 -43.01
N PHE E 405 -16.11 20.07 -43.29
CA PHE E 405 -15.19 20.67 -42.32
C PHE E 405 -15.75 21.98 -41.72
N LYS E 406 -16.13 22.89 -42.61
CA LYS E 406 -16.77 24.15 -42.23
C LYS E 406 -17.97 23.95 -41.34
N GLU E 407 -18.88 23.07 -41.74
CA GLU E 407 -19.96 22.67 -40.84
C GLU E 407 -19.41 22.22 -39.50
N GLU E 408 -18.61 21.15 -39.44
CA GLU E 408 -18.12 20.68 -38.14
C GLU E 408 -17.42 21.73 -37.29
N TRP E 409 -16.68 22.64 -37.92
CA TRP E 409 -15.95 23.62 -37.14
C TRP E 409 -16.92 24.57 -36.47
N HIS E 410 -18.03 24.82 -37.16
CA HIS E 410 -19.08 25.71 -36.72
C HIS E 410 -19.90 25.09 -35.57
N LYS E 411 -20.13 23.77 -35.66
CA LYS E 411 -20.74 23.01 -34.58
C LYS E 411 -19.92 23.18 -33.35
N LEU E 412 -18.61 23.25 -33.52
CA LEU E 412 -17.70 23.43 -32.43
C LEU E 412 -17.76 24.83 -31.86
N GLU E 413 -17.65 25.84 -32.70
CA GLU E 413 -17.73 27.21 -32.18
C GLU E 413 -18.99 27.26 -31.36
N CYS E 414 -20.07 26.68 -31.88
CA CYS E 414 -21.37 26.74 -31.23
C CYS E 414 -21.44 26.03 -29.89
N GLU E 415 -20.84 24.86 -29.77
CA GLU E 415 -20.80 24.19 -28.48
C GLU E 415 -19.98 24.95 -27.43
N VAL E 416 -18.87 25.56 -27.87
CA VAL E 416 -18.12 26.46 -26.99
C VAL E 416 -19.00 27.61 -26.47
N GLY E 417 -19.72 28.27 -27.38
CA GLY E 417 -20.56 29.41 -27.02
C GLY E 417 -21.68 29.09 -26.03
N GLY E 418 -22.17 27.85 -26.06
CA GLY E 418 -23.20 27.41 -25.14
C GLY E 418 -22.73 26.55 -23.97
N GLY E 419 -21.43 26.47 -23.71
CA GLY E 419 -20.92 25.71 -22.55
C GLY E 419 -20.29 24.36 -22.89
N ALA E 420 -19.00 24.39 -23.22
CA ALA E 420 -18.19 23.18 -23.47
C ALA E 420 -16.97 23.52 -24.28
N SER E 435 -12.50 32.97 -20.61
CA SER E 435 -13.41 33.23 -19.50
C SER E 435 -14.79 33.89 -19.87
N SER E 436 -14.75 34.95 -20.69
CA SER E 436 -15.96 35.62 -21.26
C SER E 436 -16.31 35.01 -22.62
N LEU E 437 -17.49 35.34 -23.10
CA LEU E 437 -17.97 34.77 -24.33
C LEU E 437 -17.11 35.13 -25.46
N GLN E 438 -16.72 36.39 -25.53
CA GLN E 438 -15.86 36.80 -26.62
C GLN E 438 -14.55 36.10 -26.52
N GLY E 439 -13.99 36.01 -25.34
CA GLY E 439 -12.71 35.41 -25.20
C GLY E 439 -12.69 33.99 -25.64
N LYS E 440 -13.67 33.23 -25.26
CA LYS E 440 -13.72 31.84 -25.62
C LYS E 440 -13.77 31.63 -27.11
N LEU E 441 -14.50 32.46 -27.81
CA LEU E 441 -14.64 32.29 -29.27
C LEU E 441 -13.40 32.78 -29.95
N GLN E 442 -12.75 33.77 -29.37
CA GLN E 442 -11.48 34.22 -29.91
C GLN E 442 -10.42 33.10 -29.92
N LYS E 443 -10.30 32.34 -28.83
CA LYS E 443 -9.44 31.14 -28.77
C LYS E 443 -9.83 30.06 -29.75
N VAL E 444 -11.13 29.78 -29.91
CA VAL E 444 -11.56 28.81 -30.91
C VAL E 444 -11.11 29.30 -32.28
N ARG E 445 -11.34 30.56 -32.57
CA ARG E 445 -10.97 31.06 -33.88
C ARG E 445 -9.46 30.90 -34.15
N ASP E 446 -8.65 31.35 -33.19
CA ASP E 446 -7.21 31.28 -33.28
C ASP E 446 -6.67 29.87 -33.34
N ALA E 447 -7.42 28.89 -32.90
CA ALA E 447 -6.92 27.54 -32.94
C ALA E 447 -7.34 26.83 -34.21
N LYS E 448 -8.09 27.52 -35.09
CA LYS E 448 -8.56 26.88 -36.33
C LYS E 448 -7.37 26.74 -37.29
N PRO E 449 -7.14 25.52 -37.83
CA PRO E 449 -6.20 25.35 -38.91
C PRO E 449 -6.49 26.15 -40.15
N ILE E 450 -5.43 26.68 -40.74
CA ILE E 450 -5.50 27.33 -42.06
C ILE E 450 -5.76 26.27 -43.14
N ILE E 451 -6.56 26.59 -44.14
CA ILE E 451 -6.86 25.59 -45.15
C ILE E 451 -6.24 26.12 -46.38
N SER E 452 -5.68 25.22 -47.19
CA SER E 452 -4.96 25.55 -48.41
C SER E 452 -5.44 24.57 -49.47
N ILE E 453 -5.61 25.03 -50.72
CA ILE E 453 -6.05 24.13 -51.77
C ILE E 453 -5.01 23.89 -52.89
N ASP E 454 -4.69 22.62 -53.12
CA ASP E 454 -3.65 22.24 -54.06
C ASP E 454 -4.32 21.99 -55.42
N THR E 455 -4.50 23.08 -56.15
CA THR E 455 -5.19 23.03 -57.44
C THR E 455 -4.73 24.17 -58.33
N VAL E 456 -5.02 24.02 -59.63
CA VAL E 456 -4.75 25.02 -60.65
C VAL E 456 -6.00 25.38 -61.48
N ASN E 457 -7.17 24.85 -61.07
CA ASN E 457 -8.48 25.03 -61.77
C ASN E 457 -9.16 26.32 -61.25
N TYR E 458 -9.33 27.28 -62.15
CA TYR E 458 -9.98 28.55 -61.82
C TYR E 458 -11.39 28.35 -61.21
N ASP E 459 -12.27 27.62 -61.90
CA ASP E 459 -13.67 27.40 -61.42
C ASP E 459 -13.75 26.84 -60.00
N LEU E 460 -13.03 25.74 -59.76
CA LEU E 460 -12.93 25.17 -58.41
C LEU E 460 -12.45 26.20 -57.41
N PHE E 461 -11.43 26.97 -57.75
CA PHE E 461 -10.92 27.94 -56.79
C PHE E 461 -11.95 29.05 -56.49
N LYS E 462 -12.65 29.52 -57.53
CA LYS E 462 -13.66 30.57 -57.37
C LYS E 462 -14.81 30.08 -56.45
N GLU E 463 -15.28 28.85 -56.70
CA GLU E 463 -16.28 28.21 -55.85
C GLU E 463 -15.85 28.09 -54.40
N CYS E 464 -14.57 27.81 -54.16
CA CYS E 464 -14.02 27.74 -52.80
C CYS E 464 -13.99 29.08 -52.10
N VAL E 465 -13.54 30.12 -52.79
CA VAL E 465 -13.44 31.45 -52.16
C VAL E 465 -14.84 32.03 -52.00
N GLU E 466 -15.69 31.76 -52.99
CA GLU E 466 -17.09 32.18 -52.95
C GLU E 466 -17.87 31.60 -51.77
N GLY E 467 -17.53 30.36 -51.41
CA GLY E 467 -18.02 29.75 -50.18
C GLY E 467 -17.18 30.05 -48.96
N GLU E 468 -16.17 30.92 -49.06
CA GLU E 468 -15.24 31.17 -47.93
C GLU E 468 -14.90 29.84 -47.25
N LEU E 469 -14.26 28.96 -48.00
CA LEU E 469 -13.99 27.58 -47.61
C LEU E 469 -12.50 27.27 -47.51
N VAL E 470 -11.65 28.19 -47.99
CA VAL E 470 -10.20 28.07 -47.98
C VAL E 470 -9.56 29.41 -47.67
N ASP E 471 -8.27 29.39 -47.28
CA ASP E 471 -7.46 30.59 -47.05
C ASP E 471 -6.27 30.80 -48.00
N ILE E 472 -5.84 29.74 -48.68
CA ILE E 472 -4.58 29.73 -49.36
C ILE E 472 -4.66 28.89 -50.62
N LEU E 473 -4.08 29.45 -51.67
CA LEU E 473 -3.98 28.81 -52.95
C LEU E 473 -2.57 28.36 -53.03
N ASN E 474 -2.44 27.09 -53.35
CA ASN E 474 -1.18 26.47 -53.55
C ASN E 474 -1.18 25.95 -54.98
N ASP E 475 -0.73 26.81 -55.89
CA ASP E 475 -0.86 26.56 -57.33
C ASP E 475 0.46 25.99 -57.78
N ILE E 476 0.51 24.72 -58.15
CA ILE E 476 1.79 24.13 -58.49
C ILE E 476 2.42 24.64 -59.81
N SER E 477 1.63 25.32 -60.63
CA SER E 477 2.12 25.88 -61.88
C SER E 477 2.72 27.28 -61.72
N ALA E 478 2.73 27.81 -60.50
CA ALA E 478 2.96 29.25 -60.27
C ALA E 478 1.99 30.17 -61.07
N CYS E 479 0.73 29.73 -61.20
CA CYS E 479 -0.33 30.50 -61.82
C CYS E 479 -0.06 30.87 -63.27
N THR E 480 0.54 29.92 -63.97
CA THR E 480 0.79 30.05 -65.41
C THR E 480 -0.22 29.24 -66.17
N HIS E 481 -0.69 28.14 -65.57
CA HIS E 481 -1.72 27.30 -66.17
C HIS E 481 -2.93 28.15 -66.50
N ASN E 482 -3.48 28.78 -65.45
CA ASN E 482 -4.60 29.72 -65.62
C ASN E 482 -4.36 31.07 -64.92
N PRO E 483 -3.64 31.99 -65.59
CA PRO E 483 -3.34 33.31 -65.05
C PRO E 483 -4.54 34.04 -64.48
N GLU E 484 -5.73 33.80 -65.03
CA GLU E 484 -6.97 34.42 -64.50
C GLU E 484 -7.26 34.09 -63.05
N ILE E 485 -6.55 33.12 -62.49
CA ILE E 485 -6.80 32.69 -61.12
C ILE E 485 -6.30 33.74 -60.10
N ILE E 486 -5.33 34.54 -60.52
CA ILE E 486 -4.71 35.61 -59.72
C ILE E 486 -5.74 36.65 -59.29
N LYS E 487 -6.75 36.82 -60.13
CA LYS E 487 -7.82 37.77 -59.86
C LYS E 487 -8.64 37.32 -58.65
N LEU E 488 -8.77 36.01 -58.48
CA LEU E 488 -9.53 35.47 -57.37
C LEU E 488 -8.82 35.68 -56.03
N LEU E 489 -7.54 36.07 -56.06
CA LEU E 489 -6.75 36.19 -54.84
C LEU E 489 -7.04 37.46 -54.08
N ARG E 490 -7.57 38.48 -54.73
CA ARG E 490 -7.99 39.70 -54.00
C ARG E 490 -9.48 39.90 -54.30
N ARG E 491 -10.31 39.80 -53.25
CA ARG E 491 -11.77 39.97 -53.39
C ARG E 491 -12.29 41.08 -52.49
N LYS E 492 -12.31 42.29 -53.05
CA LYS E 492 -12.79 43.48 -52.36
C LYS E 492 -11.96 43.57 -51.08
N ASN E 493 -12.61 43.42 -49.94
CA ASN E 493 -11.91 43.45 -48.67
C ASN E 493 -10.97 42.26 -48.36
N LYS E 494 -11.32 41.09 -48.93
CA LYS E 494 -10.73 39.74 -48.68
C LYS E 494 -9.52 39.48 -49.54
N PHE E 495 -8.37 39.39 -48.90
CA PHE E 495 -7.20 38.98 -49.62
C PHE E 495 -6.85 37.53 -49.25
N TYR E 496 -6.21 36.84 -50.20
CA TYR E 496 -5.75 35.46 -50.03
C TYR E 496 -4.28 35.33 -50.45
N SER E 497 -3.57 34.51 -49.66
CA SER E 497 -2.17 34.18 -49.85
C SER E 497 -2.02 32.96 -50.78
N VAL E 498 -0.83 32.79 -51.38
CA VAL E 498 -0.63 31.85 -52.47
C VAL E 498 0.78 31.27 -52.52
N VAL E 499 0.90 29.97 -52.83
CA VAL E 499 2.16 29.26 -52.92
C VAL E 499 2.46 28.99 -54.37
N LEU E 500 3.58 29.55 -54.82
CA LEU E 500 4.01 29.55 -56.20
C LEU E 500 5.13 28.55 -56.38
N MET E 501 4.84 27.37 -56.91
CA MET E 501 5.87 26.31 -57.00
C MET E 501 6.43 26.23 -58.41
N HIS E 502 7.67 25.77 -58.53
CA HIS E 502 8.32 25.60 -59.85
C HIS E 502 8.12 24.19 -60.36
N LYS E 503 7.64 24.08 -61.60
CA LYS E 503 7.76 22.84 -62.35
C LYS E 503 7.93 23.08 -63.85
N ARG E 504 8.14 22.03 -64.59
CA ARG E 504 8.04 22.13 -66.03
C ARG E 504 7.22 20.96 -66.47
N GLY E 505 6.39 21.19 -67.47
CA GLY E 505 5.58 20.13 -68.01
C GLY E 505 4.46 19.62 -67.13
N ASN E 506 4.10 18.35 -67.38
CA ASN E 506 2.97 17.68 -66.74
C ASN E 506 3.52 16.39 -66.14
N PRO E 507 2.65 15.49 -65.63
CA PRO E 507 3.20 14.34 -64.92
C PRO E 507 3.87 13.28 -65.81
N HIS E 508 3.63 13.34 -67.09
CA HIS E 508 4.27 12.41 -68.01
C HIS E 508 5.55 13.00 -68.60
N THR E 509 5.56 14.30 -68.83
CA THR E 509 6.72 14.95 -69.45
C THR E 509 7.84 15.34 -68.46
N MET E 510 7.49 15.74 -67.22
CA MET E 510 8.44 16.44 -66.31
C MET E 510 9.80 15.77 -66.10
N ASP E 511 9.81 14.46 -65.93
CA ASP E 511 11.03 13.73 -65.68
C ASP E 511 12.10 13.91 -66.78
N LYS E 512 11.68 14.12 -68.02
CA LYS E 512 12.60 14.29 -69.16
C LYS E 512 13.10 15.75 -69.31
N LEU E 513 12.49 16.70 -68.60
CA LEU E 513 12.74 18.13 -68.87
C LEU E 513 13.69 18.68 -67.83
N THR E 514 14.87 18.09 -67.75
CA THR E 514 15.76 18.36 -66.63
C THR E 514 17.03 19.17 -67.00
N ASN E 515 17.01 19.85 -68.14
CA ASN E 515 18.18 20.61 -68.55
C ASN E 515 18.05 22.02 -68.07
N TYR E 516 18.86 22.39 -67.08
CA TYR E 516 18.99 23.79 -66.70
C TYR E 516 20.41 24.23 -67.04
N ASP E 517 20.56 25.41 -67.66
CA ASP E 517 21.87 26.01 -67.83
C ASP E 517 22.47 26.26 -66.44
N ASP E 518 21.64 26.73 -65.50
CA ASP E 518 22.10 27.13 -64.14
C ASP E 518 21.06 26.93 -62.99
N LEU E 519 20.90 25.69 -62.56
CA LEU E 519 19.77 25.22 -61.75
C LEU E 519 19.38 26.19 -60.68
N ILE E 520 20.19 26.32 -59.64
CA ILE E 520 19.85 27.16 -58.48
C ILE E 520 19.47 28.58 -58.90
N SER E 521 20.20 29.17 -59.83
CA SER E 521 19.93 30.55 -60.26
C SER E 521 18.63 30.72 -61.10
N ASP E 522 18.39 29.77 -62.01
CA ASP E 522 17.27 29.75 -62.98
C ASP E 522 15.90 29.63 -62.29
N ILE E 523 15.81 28.66 -61.38
CA ILE E 523 14.63 28.41 -60.55
C ILE E 523 14.26 29.68 -59.78
N LYS E 524 15.23 30.26 -59.10
CA LYS E 524 15.03 31.48 -58.36
C LYS E 524 14.58 32.64 -59.25
N ARG E 525 15.09 32.78 -60.47
CA ARG E 525 14.65 33.88 -61.33
C ARG E 525 13.23 33.69 -61.88
N TYR E 526 12.82 32.44 -62.02
CA TYR E 526 11.49 32.12 -62.45
C TYR E 526 10.47 32.56 -61.39
N LEU E 527 10.78 32.27 -60.14
CA LEU E 527 9.87 32.51 -59.02
C LEU E 527 9.81 34.00 -58.71
N GLU E 528 10.90 34.72 -59.01
CA GLU E 528 10.90 36.17 -58.83
C GLU E 528 10.09 36.83 -59.93
N ASP E 529 10.23 36.31 -61.15
CA ASP E 529 9.43 36.83 -62.25
C ASP E 529 7.93 36.59 -62.03
N ARG E 530 7.57 35.53 -61.31
CA ARG E 530 6.16 35.25 -61.03
C ARG E 530 5.69 36.19 -59.95
N LEU E 531 6.52 36.46 -58.96
CA LEU E 531 6.17 37.44 -57.94
C LEU E 531 5.93 38.81 -58.53
N HIS E 532 6.86 39.28 -59.34
CA HIS E 532 6.71 40.54 -60.01
C HIS E 532 5.40 40.60 -60.77
N PHE E 533 4.98 39.49 -61.38
CA PHE E 533 3.74 39.48 -62.12
C PHE E 533 2.48 39.62 -61.22
N LEU E 534 2.39 38.80 -60.19
CA LEU E 534 1.30 38.88 -59.27
C LEU E 534 1.24 40.26 -58.58
N VAL E 535 2.38 40.71 -58.09
CA VAL E 535 2.49 42.01 -57.44
C VAL E 535 2.15 43.15 -58.42
N LEU E 536 2.43 42.97 -59.71
CA LEU E 536 2.05 43.98 -60.70
C LEU E 536 0.55 43.98 -60.84
N ASN E 537 -0.07 42.84 -60.48
CA ASN E 537 -1.52 42.66 -60.49
C ASN E 537 -2.13 42.66 -59.11
N GLY E 538 -1.57 43.50 -58.25
CA GLY E 538 -2.20 43.80 -56.97
C GLY E 538 -2.27 42.70 -55.92
N VAL E 539 -1.54 41.60 -56.06
CA VAL E 539 -1.42 40.66 -54.95
C VAL E 539 -0.35 41.18 -53.99
N PRO E 540 -0.62 41.20 -52.67
CA PRO E 540 0.36 41.81 -51.78
C PRO E 540 1.59 40.95 -51.59
N ARG E 541 2.76 41.55 -51.60
CA ARG E 541 4.00 40.83 -51.59
C ARG E 541 4.19 39.90 -50.46
N TYR E 542 3.66 40.29 -49.34
CA TYR E 542 3.82 39.54 -48.09
C TYR E 542 2.84 38.37 -48.02
N ARG E 543 2.04 38.19 -49.07
CA ARG E 543 1.15 37.02 -49.14
C ARG E 543 1.60 36.01 -50.17
N VAL E 544 2.80 36.20 -50.75
CA VAL E 544 3.36 35.27 -51.73
C VAL E 544 4.49 34.42 -51.13
N LEU E 545 4.35 33.10 -51.26
CA LEU E 545 5.37 32.14 -50.81
C LEU E 545 6.01 31.44 -52.00
N PHE E 546 7.25 30.98 -51.78
CA PHE E 546 8.10 30.40 -52.82
C PHE E 546 8.39 28.93 -52.54
N ASP E 547 8.26 28.13 -53.58
CA ASP E 547 8.57 26.73 -53.47
C ASP E 547 9.38 26.25 -54.68
N VAL E 548 10.46 25.54 -54.39
CA VAL E 548 11.38 25.09 -55.43
C VAL E 548 10.86 23.85 -56.17
N GLY E 549 9.87 23.18 -55.58
CA GLY E 549 9.20 22.08 -56.26
C GLY E 549 10.15 20.91 -56.48
N LEU E 550 10.64 20.35 -55.39
CA LEU E 550 11.53 19.23 -55.45
C LEU E 550 10.83 18.03 -56.09
N GLY E 551 11.56 17.36 -57.00
CA GLY E 551 11.07 16.16 -57.68
C GLY E 551 10.27 16.48 -58.92
N PHE E 552 9.96 17.78 -59.12
CA PHE E 552 9.13 18.26 -60.23
C PHE E 552 9.98 18.79 -61.36
N ALA E 553 10.36 17.89 -62.27
CA ALA E 553 11.32 18.16 -63.33
C ALA E 553 12.71 18.46 -62.80
N LYS E 554 13.18 17.57 -61.93
CA LYS E 554 14.52 17.63 -61.39
C LYS E 554 15.00 16.24 -61.05
N LYS E 555 16.06 15.80 -61.71
CA LYS E 555 16.72 14.55 -61.32
C LYS E 555 17.05 14.63 -59.84
N HIS E 556 17.16 13.47 -59.20
CA HIS E 556 17.22 13.39 -57.76
C HIS E 556 18.42 14.14 -57.20
N ASP E 557 19.46 14.26 -58.00
CA ASP E 557 20.64 15.02 -57.60
C ASP E 557 20.46 16.50 -57.77
N GLN E 558 19.53 16.90 -58.62
CA GLN E 558 19.17 18.31 -58.72
C GLN E 558 18.31 18.70 -57.52
N SER E 559 17.50 17.77 -57.05
CA SER E 559 16.62 18.00 -55.90
C SER E 559 17.47 18.26 -54.66
N ILE E 560 18.37 17.34 -54.38
CA ILE E 560 19.38 17.51 -53.32
C ILE E 560 20.16 18.82 -53.44
N LYS E 561 20.57 19.16 -54.66
CA LYS E 561 21.33 20.39 -54.87
C LYS E 561 20.51 21.65 -54.56
N LEU E 562 19.23 21.63 -54.86
CA LEU E 562 18.34 22.74 -54.46
C LEU E 562 18.22 22.89 -52.93
N LEU E 563 18.18 21.77 -52.22
CA LEU E 563 18.25 21.78 -50.76
C LEU E 563 19.55 22.33 -50.24
N GLN E 564 20.65 22.06 -50.96
CA GLN E 564 21.98 22.50 -50.55
C GLN E 564 22.08 24.01 -50.65
N HIS E 565 21.64 24.59 -51.76
CA HIS E 565 21.67 26.04 -51.91
C HIS E 565 20.32 26.65 -51.58
N ILE E 566 19.69 26.12 -50.56
CA ILE E 566 18.43 26.69 -50.12
C ILE E 566 18.62 28.05 -49.51
N HIS E 567 19.77 28.33 -48.94
CA HIS E 567 20.04 29.67 -48.40
C HIS E 567 19.80 30.86 -49.39
N VAL E 568 19.62 30.64 -50.70
CA VAL E 568 19.46 31.79 -51.63
C VAL E 568 18.06 32.43 -51.52
N TYR E 569 17.22 31.84 -50.68
CA TYR E 569 15.89 32.30 -50.42
C TYR E 569 15.76 32.85 -48.99
N ASP E 570 16.91 33.09 -48.33
CA ASP E 570 16.94 33.66 -46.96
C ASP E 570 16.13 34.96 -46.74
N GLU E 571 15.85 35.68 -47.83
CA GLU E 571 15.09 36.92 -47.77
C GLU E 571 13.62 36.75 -48.14
N TYR E 572 13.22 35.53 -48.52
CA TYR E 572 11.83 35.24 -48.97
C TYR E 572 11.14 34.16 -48.08
N PRO E 573 9.80 34.22 -47.95
CA PRO E 573 9.08 33.14 -47.26
C PRO E 573 9.12 31.89 -48.10
N LEU E 574 9.52 30.78 -47.52
CA LEU E 574 9.90 29.62 -48.29
C LEU E 574 9.17 28.39 -47.87
N PHE E 575 8.63 27.70 -48.85
CA PHE E 575 7.70 26.59 -48.64
C PHE E 575 8.28 25.37 -49.36
N LEU E 576 8.36 24.24 -48.66
CA LEU E 576 8.99 23.03 -49.21
C LEU E 576 8.10 21.82 -49.12
N GLY E 577 8.10 21.02 -50.16
CA GLY E 577 7.57 19.68 -50.08
C GLY E 577 8.69 18.71 -50.45
N TYR E 578 9.18 17.99 -49.43
CA TYR E 578 10.04 16.84 -49.60
C TYR E 578 9.25 15.50 -49.47
N SER E 579 8.06 15.51 -48.88
CA SER E 579 7.60 14.31 -48.18
C SER E 579 7.36 13.11 -49.06
N ARG E 580 8.04 12.03 -48.67
CA ARG E 580 7.90 10.72 -49.29
C ARG E 580 8.29 10.64 -50.79
N LYS E 581 8.97 11.68 -51.26
CA LYS E 581 9.30 11.76 -52.67
C LYS E 581 10.45 10.75 -52.99
N ARG E 582 10.71 10.54 -54.28
CA ARG E 582 11.67 9.56 -54.73
C ARG E 582 13.09 9.84 -54.23
N PHE E 583 13.50 11.10 -54.25
CA PHE E 583 14.93 11.45 -54.06
C PHE E 583 15.47 11.15 -52.68
N ILE E 584 14.61 11.15 -51.68
CA ILE E 584 15.00 10.84 -50.30
C ILE E 584 15.69 9.51 -50.30
N VAL E 585 15.00 8.53 -50.83
CA VAL E 585 15.52 7.18 -50.82
C VAL E 585 16.72 7.00 -51.75
N HIS E 586 16.95 7.95 -52.66
CA HIS E 586 18.12 7.94 -53.58
C HIS E 586 19.48 8.15 -52.87
N CYS E 587 19.45 8.98 -51.83
CA CYS E 587 20.62 9.21 -50.96
C CYS E 587 21.16 7.93 -50.28
N MET E 588 20.43 6.82 -50.41
CA MET E 588 20.72 5.59 -49.69
C MET E 588 21.16 4.46 -50.62
N LEU E 657 4.62 -2.66 -29.06
CA LEU E 657 5.66 -2.88 -28.07
C LEU E 657 6.97 -2.12 -28.46
N TRP E 658 6.98 -0.78 -28.31
CA TRP E 658 8.20 0.03 -28.58
C TRP E 658 8.81 -0.19 -30.00
N ARG E 659 8.12 0.33 -31.03
CA ARG E 659 8.48 0.15 -32.46
C ARG E 659 8.01 1.37 -33.24
N PHE E 660 8.51 1.54 -34.46
CA PHE E 660 8.02 2.53 -35.37
C PHE E 660 6.96 1.89 -36.28
N LYS E 661 5.81 2.55 -36.31
CA LYS E 661 4.70 2.18 -37.15
C LYS E 661 4.36 3.43 -37.98
N MET E 662 4.30 3.27 -39.30
CA MET E 662 4.01 4.41 -40.17
C MET E 662 2.54 4.41 -40.46
N SER E 663 1.89 5.54 -40.25
CA SER E 663 0.44 5.59 -40.38
C SER E 663 -0.01 6.48 -41.55
N HIS E 664 -1.09 6.05 -42.21
CA HIS E 664 -1.67 6.74 -43.37
C HIS E 664 -0.78 6.59 -44.58
N MET E 665 -0.45 5.31 -44.84
CA MET E 665 0.51 4.90 -45.85
C MET E 665 -0.10 3.74 -46.64
N ARG E 666 -0.29 3.90 -47.95
CA ARG E 666 -1.02 2.89 -48.71
C ARG E 666 -0.52 1.47 -48.44
N GLN E 667 -1.44 0.52 -48.51
CA GLN E 667 -1.11 -0.90 -48.39
C GLN E 667 -0.16 -1.37 -49.51
N ASP E 668 -0.41 -0.93 -50.76
CA ASP E 668 0.37 -1.36 -51.97
C ASP E 668 1.90 -1.23 -51.86
N LYS E 669 2.33 0.00 -51.60
CA LYS E 669 3.71 0.35 -51.85
C LYS E 669 4.68 -0.34 -50.88
N ASP E 670 5.96 -0.25 -51.18
CA ASP E 670 6.96 -0.97 -50.41
C ASP E 670 7.10 -0.41 -48.97
N GLN E 671 6.62 -1.20 -48.00
CA GLN E 671 6.54 -0.77 -46.60
C GLN E 671 7.94 -0.56 -46.01
N LEU E 672 8.83 -1.53 -46.18
CA LEU E 672 10.15 -1.38 -45.57
C LEU E 672 10.86 -0.19 -46.19
N LEU E 673 10.67 0.00 -47.49
CA LEU E 673 11.26 1.12 -48.17
C LEU E 673 10.63 2.46 -47.71
N TYR E 674 9.33 2.49 -47.42
CA TYR E 674 8.75 3.75 -46.91
C TYR E 674 9.07 4.03 -45.44
N GLN E 675 9.32 3.00 -44.65
CA GLN E 675 9.91 3.18 -43.31
C GLN E 675 11.11 4.13 -43.40
N LYS E 676 12.03 3.81 -44.32
CA LYS E 676 13.22 4.59 -44.58
C LYS E 676 12.87 5.96 -45.14
N ASN E 677 11.98 5.99 -46.13
CA ASN E 677 11.64 7.24 -46.77
C ASN E 677 11.11 8.29 -45.78
N ILE E 678 10.13 7.88 -44.96
CA ILE E 678 9.53 8.74 -43.96
C ILE E 678 10.58 9.27 -43.00
N CYS E 679 11.49 8.41 -42.55
CA CYS E 679 12.58 8.82 -41.66
C CYS E 679 13.61 9.71 -42.36
N GLY E 680 13.78 9.52 -43.67
CA GLY E 680 14.61 10.40 -44.49
C GLY E 680 14.09 11.82 -44.47
N GLY E 681 12.77 11.94 -44.45
CA GLY E 681 12.11 13.23 -44.32
C GLY E 681 12.40 13.96 -43.01
N LEU E 682 12.36 13.20 -41.92
CA LEU E 682 12.58 13.77 -40.62
C LEU E 682 13.95 14.38 -40.54
N ALA E 683 14.86 13.80 -41.33
CA ALA E 683 16.19 14.35 -41.52
C ALA E 683 16.06 15.65 -42.26
N ILE E 684 15.37 15.64 -43.38
CA ILE E 684 15.20 16.87 -44.11
C ILE E 684 14.49 17.91 -43.24
N ALA E 685 13.49 17.47 -42.45
CA ALA E 685 12.79 18.35 -41.50
C ALA E 685 13.74 19.04 -40.56
N SER E 686 14.69 18.29 -40.03
CA SER E 686 15.73 18.84 -39.16
C SER E 686 16.56 19.84 -39.90
N TYR E 687 16.91 19.50 -41.12
CA TYR E 687 17.77 20.34 -41.91
C TYR E 687 17.05 21.65 -42.02
N SER E 688 15.88 21.56 -42.64
CA SER E 688 14.95 22.66 -42.75
C SER E 688 14.82 23.55 -41.47
N PHE E 689 14.68 22.94 -40.30
CA PHE E 689 14.69 23.72 -39.06
C PHE E 689 15.88 24.63 -39.07
N TYR E 690 17.05 24.06 -39.28
CA TYR E 690 18.26 24.82 -39.14
C TYR E 690 18.39 25.85 -40.22
N LYS E 691 17.96 25.53 -41.44
CA LYS E 691 17.99 26.53 -42.50
C LYS E 691 16.89 27.57 -42.41
N LYS E 692 16.00 27.47 -41.43
CA LYS E 692 14.89 28.45 -41.22
C LYS E 692 13.81 28.52 -42.29
N VAL E 693 13.48 27.37 -42.87
CA VAL E 693 12.41 27.26 -43.84
C VAL E 693 11.08 27.55 -43.17
N ASP E 694 10.25 28.32 -43.87
CA ASP E 694 9.05 28.88 -43.28
C ASP E 694 7.97 27.88 -43.08
N LEU E 695 7.72 27.01 -44.05
CA LEU E 695 6.73 25.94 -43.94
C LEU E 695 7.15 24.69 -44.70
N ILE E 696 7.01 23.51 -44.14
CA ILE E 696 7.37 22.26 -44.79
C ILE E 696 6.13 21.40 -44.85
N ARG E 697 5.88 20.79 -46.00
CA ARG E 697 4.61 20.13 -46.35
C ARG E 697 4.76 18.61 -46.29
N VAL E 698 4.13 18.00 -45.27
CA VAL E 698 4.36 16.59 -44.90
C VAL E 698 3.08 15.79 -44.61
N HIS E 699 3.20 14.47 -44.78
CA HIS E 699 2.15 13.47 -44.51
C HIS E 699 2.21 13.08 -43.04
N ASP E 700 3.39 13.11 -42.45
CA ASP E 700 3.64 12.55 -41.11
C ASP E 700 3.82 13.69 -40.11
N VAL E 701 2.69 14.26 -39.70
CA VAL E 701 2.70 15.46 -38.89
C VAL E 701 3.14 15.15 -37.45
N LEU E 702 2.66 14.05 -36.92
CA LEU E 702 3.02 13.62 -35.58
C LEU E 702 4.53 13.48 -35.40
N GLU E 703 5.16 12.86 -36.40
CA GLU E 703 6.57 12.50 -36.33
C GLU E 703 7.43 13.71 -36.63
N THR E 704 7.04 14.48 -37.64
CA THR E 704 7.68 15.75 -37.89
C THR E 704 7.57 16.70 -36.76
N LYS E 705 6.51 16.59 -35.96
CA LYS E 705 6.31 17.44 -34.81
C LYS E 705 7.23 17.05 -33.64
N ALA E 706 7.34 15.76 -33.39
CA ALA E 706 8.27 15.30 -32.37
C ALA E 706 9.70 15.71 -32.70
N VAL E 707 10.03 15.75 -33.99
CA VAL E 707 11.36 16.19 -34.38
C VAL E 707 11.48 17.68 -34.07
N LEU E 708 10.60 18.50 -34.59
CA LEU E 708 10.75 19.93 -34.36
C LEU E 708 10.67 20.35 -32.88
N ASP E 709 9.76 19.77 -32.09
CA ASP E 709 9.71 20.12 -30.68
C ASP E 709 11.08 20.02 -30.05
N VAL E 710 11.62 18.81 -30.11
CA VAL E 710 12.94 18.50 -29.56
C VAL E 710 14.10 19.44 -30.00
N LEU E 711 14.11 19.87 -31.26
CA LEU E 711 15.11 20.82 -31.74
C LEU E 711 14.88 22.19 -31.12
N THR E 712 13.64 22.65 -31.18
CA THR E 712 13.28 23.93 -30.55
C THR E 712 13.56 23.93 -29.07
N ARG E 713 13.47 22.78 -28.42
CA ARG E 713 13.86 22.69 -27.02
C ARG E 713 15.34 22.94 -26.86
N ILE E 714 16.13 22.22 -27.65
CA ILE E 714 17.59 22.24 -27.51
C ILE E 714 18.14 23.64 -27.79
N HIS E 715 17.48 24.40 -28.66
CA HIS E 715 17.97 25.73 -29.01
C HIS E 715 17.29 26.89 -28.28
N GLN E 716 17.06 26.72 -26.98
CA GLN E 716 16.60 27.80 -26.09
C GLN E 716 17.66 28.24 -25.04
N PRO F 11 65.90 3.59 -7.65
CA PRO F 11 64.70 4.13 -8.29
C PRO F 11 64.80 4.01 -9.81
N ARG F 12 63.65 4.11 -10.48
CA ARG F 12 63.56 3.96 -11.93
C ARG F 12 63.78 5.26 -12.69
N ASN F 13 63.93 5.14 -14.00
CA ASN F 13 64.15 6.28 -14.91
C ASN F 13 62.92 6.48 -15.77
N ILE F 14 62.76 7.70 -16.26
CA ILE F 14 61.60 8.07 -17.04
C ILE F 14 62.08 8.43 -18.44
N ALA F 15 61.55 7.73 -19.44
CA ALA F 15 61.88 8.00 -20.84
C ALA F 15 60.62 8.35 -21.64
N VAL F 16 60.75 9.23 -22.62
CA VAL F 16 59.66 9.64 -23.50
C VAL F 16 60.08 9.23 -24.92
N LEU F 17 59.15 8.61 -25.65
CA LEU F 17 59.44 7.88 -26.91
C LEU F 17 58.47 8.27 -28.03
N ASN F 18 58.95 8.21 -29.27
CA ASN F 18 58.16 8.55 -30.42
C ASN F 18 58.08 7.38 -31.42
N PHE F 19 56.84 6.96 -31.72
CA PHE F 19 56.53 5.81 -32.57
C PHE F 19 56.01 6.30 -33.90
N GLY F 20 56.58 5.80 -35.01
CA GLY F 20 56.19 6.28 -36.32
C GLY F 20 55.96 5.19 -37.35
N THR F 21 54.92 5.33 -38.17
CA THR F 21 54.73 4.45 -39.32
C THR F 21 53.91 5.09 -40.43
N ASN F 22 54.10 4.57 -41.64
CA ASN F 22 53.51 5.06 -42.88
C ASN F 22 52.39 4.17 -43.42
N ASP F 23 52.23 3.01 -42.79
CA ASP F 23 51.21 2.06 -43.21
C ASP F 23 49.86 2.35 -42.55
N LYS F 24 48.92 2.85 -43.32
CA LYS F 24 47.64 3.25 -42.75
C LYS F 24 46.79 2.03 -42.37
N LYS F 25 46.55 1.14 -43.32
CA LYS F 25 45.80 -0.11 -43.08
C LYS F 25 46.26 -0.92 -41.83
N ASN F 26 47.55 -1.23 -41.69
CA ASN F 26 48.01 -2.04 -40.57
C ASN F 26 48.59 -1.24 -39.42
N CYS F 27 48.37 0.06 -39.47
CA CYS F 27 48.83 1.01 -38.47
C CYS F 27 48.64 0.60 -37.02
N VAL F 28 47.43 0.20 -36.64
CA VAL F 28 47.14 -0.10 -35.25
C VAL F 28 47.93 -1.32 -34.75
N THR F 29 47.94 -2.38 -35.53
CA THR F 29 48.67 -3.61 -35.21
C THR F 29 50.20 -3.37 -35.13
N ILE F 30 50.69 -2.58 -36.06
CA ILE F 30 52.07 -2.11 -36.05
C ILE F 30 52.49 -1.34 -34.76
N LEU F 31 51.77 -0.28 -34.39
CA LEU F 31 52.17 0.49 -33.21
C LEU F 31 51.88 -0.31 -31.94
N GLU F 32 50.77 -1.02 -31.88
CA GLU F 32 50.46 -1.75 -30.66
C GLU F 32 51.29 -2.99 -30.45
N THR F 33 51.94 -3.47 -31.50
CA THR F 33 52.96 -4.52 -31.37
C THR F 33 54.26 -3.90 -30.87
N ALA F 34 54.57 -2.67 -31.29
CA ALA F 34 55.77 -1.97 -30.82
C ALA F 34 55.62 -1.54 -29.39
N LEU F 35 54.37 -1.31 -28.99
CA LEU F 35 54.07 -1.01 -27.62
C LEU F 35 54.16 -2.17 -26.70
N TYR F 36 53.68 -3.30 -27.15
CA TYR F 36 53.78 -4.50 -26.36
C TYR F 36 55.24 -4.75 -26.13
N LEU F 37 56.02 -4.76 -27.20
CA LEU F 37 57.46 -5.09 -27.11
C LEU F 37 58.25 -4.09 -26.33
N THR F 38 57.95 -2.81 -26.54
CA THR F 38 58.61 -1.73 -25.79
C THR F 38 58.40 -1.88 -24.28
N GLU F 39 57.17 -2.21 -23.84
CA GLU F 39 56.87 -2.40 -22.39
C GLU F 39 57.53 -3.69 -21.87
N LYS F 40 57.47 -4.74 -22.66
CA LYS F 40 57.96 -6.03 -22.21
C LYS F 40 59.44 -5.95 -21.77
N TYR F 41 60.21 -5.14 -22.51
CA TYR F 41 61.67 -5.11 -22.47
C TYR F 41 62.29 -3.85 -21.81
N LEU F 42 61.45 -2.82 -21.58
CA LEU F 42 61.89 -1.52 -21.07
C LEU F 42 61.24 -1.10 -19.77
N GLY F 43 59.93 -1.29 -19.66
CA GLY F 43 59.20 -0.94 -18.42
C GLY F 43 57.70 -0.73 -18.56
N LYS F 44 57.06 -0.26 -17.50
CA LYS F 44 55.63 0.14 -17.57
C LYS F 44 55.34 1.45 -18.32
N ILE F 45 54.45 1.35 -19.30
CA ILE F 45 53.86 2.51 -19.95
C ILE F 45 52.85 3.16 -19.01
N ILE F 46 53.04 4.47 -18.76
CA ILE F 46 52.28 5.26 -17.77
C ILE F 46 51.63 6.55 -18.31
N ASN F 47 51.83 6.85 -19.58
CA ASN F 47 51.03 7.85 -20.31
C ASN F 47 51.18 7.64 -21.83
N SER F 48 50.21 8.10 -22.59
CA SER F 48 50.15 7.88 -24.03
C SER F 48 49.43 9.04 -24.70
N SER F 49 49.75 9.30 -25.93
CA SER F 49 49.10 10.37 -26.63
C SER F 49 47.98 9.77 -27.45
N TYR F 50 47.26 10.64 -28.15
CA TYR F 50 46.40 10.19 -29.22
C TYR F 50 47.30 9.81 -30.34
N ILE F 51 46.81 9.02 -31.27
CA ILE F 51 47.58 8.73 -32.48
C ILE F 51 47.30 9.86 -33.42
N TYR F 52 48.23 10.29 -34.28
CA TYR F 52 47.91 11.36 -35.23
C TYR F 52 48.29 11.06 -36.68
N GLU F 53 47.37 11.35 -37.59
CA GLU F 53 47.67 11.34 -39.01
C GLU F 53 48.26 12.71 -39.32
N THR F 54 49.58 12.76 -39.49
CA THR F 54 50.31 14.01 -39.70
C THR F 54 50.86 14.12 -41.15
N VAL F 55 51.05 15.35 -41.63
CA VAL F 55 51.77 15.57 -42.90
C VAL F 55 53.27 15.54 -42.64
N PRO F 56 54.05 14.83 -43.51
CA PRO F 56 55.50 14.77 -43.34
C PRO F 56 56.14 16.14 -43.14
N GLU F 57 57.21 16.11 -42.35
CA GLU F 57 58.00 17.29 -42.06
C GLU F 57 59.50 16.97 -42.31
N TYR F 58 60.07 17.63 -43.32
CA TYR F 58 61.47 17.49 -43.73
C TYR F 58 62.17 18.86 -43.71
N PRO F 76 51.35 -1.13 -50.16
CA PRO F 76 50.51 -2.19 -49.57
C PRO F 76 51.36 -3.29 -48.85
N ARG F 77 51.39 -3.25 -47.51
CA ARG F 77 52.13 -4.23 -46.69
C ARG F 77 51.21 -5.36 -46.20
N ASP F 78 51.81 -6.52 -45.97
CA ASP F 78 51.12 -7.76 -45.48
C ASP F 78 51.67 -8.25 -44.12
N ILE F 79 50.78 -8.31 -43.13
CA ILE F 79 51.21 -8.49 -41.73
C ILE F 79 50.75 -9.83 -41.12
N SER F 80 50.48 -10.79 -42.00
CA SER F 80 49.92 -12.09 -41.60
C SER F 80 50.94 -13.03 -40.90
N TRP F 81 52.12 -12.49 -40.58
CA TRP F 81 53.11 -13.20 -39.76
C TRP F 81 53.12 -12.63 -38.31
N ILE F 82 52.95 -11.31 -38.14
CA ILE F 82 53.11 -10.60 -36.84
C ILE F 82 52.68 -11.41 -35.60
N GLY F 83 51.46 -11.95 -35.60
CA GLY F 83 50.94 -12.76 -34.47
C GLY F 83 51.72 -14.04 -34.14
N ASP F 84 52.47 -14.58 -35.11
CA ASP F 84 53.37 -15.72 -34.85
C ASP F 84 54.70 -15.34 -34.10
N LEU F 85 55.13 -14.10 -34.33
CA LEU F 85 56.19 -13.44 -33.58
C LEU F 85 55.97 -13.47 -32.06
N ILE F 86 54.75 -13.10 -31.63
CA ILE F 86 54.41 -12.85 -30.21
C ILE F 86 54.80 -13.95 -29.24
N PRO F 87 54.29 -15.17 -29.46
CA PRO F 87 54.70 -16.28 -28.56
C PRO F 87 56.17 -16.57 -28.62
N THR F 88 56.77 -16.29 -29.77
CA THR F 88 58.20 -16.56 -29.99
C THR F 88 59.16 -15.49 -29.42
N VAL F 89 58.66 -14.37 -28.92
CA VAL F 89 59.60 -13.35 -28.45
C VAL F 89 60.21 -13.78 -27.12
N GLU F 90 61.54 -13.66 -27.06
CA GLU F 90 62.29 -13.98 -25.86
C GLU F 90 61.79 -13.23 -24.63
N ASN F 91 62.15 -13.70 -23.45
CA ASN F 91 61.68 -13.07 -22.22
C ASN F 91 62.57 -11.96 -21.75
N SER F 92 61.94 -10.91 -21.23
CA SER F 92 62.64 -9.85 -20.49
C SER F 92 63.17 -10.36 -19.15
N ARG F 93 64.35 -9.92 -18.76
CA ARG F 93 65.02 -10.39 -17.53
C ARG F 93 64.60 -9.60 -16.28
N TYR F 94 63.75 -8.59 -16.48
CA TYR F 94 63.08 -7.84 -15.43
C TYR F 94 61.58 -7.96 -15.69
N GLU F 95 60.81 -8.14 -14.62
CA GLU F 95 59.35 -8.23 -14.77
C GLU F 95 58.64 -7.31 -13.78
N GLU F 96 57.78 -6.44 -14.29
CA GLU F 96 57.16 -5.45 -13.44
C GLU F 96 56.00 -6.16 -12.75
N SER F 97 55.53 -5.68 -11.60
CA SER F 97 54.25 -6.18 -11.08
C SER F 97 53.10 -5.67 -11.98
N GLU F 98 51.99 -6.36 -12.02
CA GLU F 98 50.89 -5.88 -12.85
C GLU F 98 49.83 -5.15 -12.02
N ASP F 99 50.12 -4.86 -10.77
CA ASP F 99 49.14 -4.25 -9.87
C ASP F 99 48.70 -2.90 -10.45
N LEU F 100 47.50 -2.45 -10.12
CA LEU F 100 47.13 -1.06 -10.41
C LEU F 100 48.10 -0.12 -9.71
N ILE F 101 48.17 1.13 -10.16
CA ILE F 101 48.88 2.20 -9.41
C ILE F 101 48.11 3.51 -9.55
N TYR F 102 48.38 4.41 -8.60
CA TYR F 102 47.68 5.69 -8.49
C TYR F 102 48.68 6.87 -8.40
N GLU F 103 49.96 6.60 -8.62
CA GLU F 103 51.00 7.68 -8.73
C GLU F 103 52.30 7.14 -9.31
N CYS F 104 53.16 8.06 -9.76
CA CYS F 104 54.52 7.70 -10.17
C CYS F 104 55.49 8.79 -9.70
N LYS F 105 56.19 8.54 -8.59
CA LYS F 105 57.06 9.56 -7.99
C LYS F 105 58.18 9.91 -8.94
N GLU F 106 58.65 8.93 -9.70
CA GLU F 106 59.67 9.22 -10.69
C GLU F 106 59.16 10.24 -11.73
N LEU F 107 57.92 10.05 -12.17
CA LEU F 107 57.30 10.96 -13.15
C LEU F 107 57.12 12.36 -12.58
N GLU F 108 56.66 12.43 -11.35
CA GLU F 108 56.42 13.72 -10.75
C GLU F 108 57.68 14.56 -10.80
N VAL F 109 58.80 13.90 -10.50
CA VAL F 109 60.12 14.53 -10.52
C VAL F 109 60.51 14.90 -11.94
N PHE F 110 60.39 13.96 -12.86
CA PHE F 110 60.75 14.23 -14.24
C PHE F 110 60.15 15.56 -14.67
N LEU F 111 58.88 15.77 -14.34
CA LEU F 111 58.16 16.95 -14.83
C LEU F 111 58.80 18.22 -14.36
N LYS F 112 59.39 18.21 -13.18
CA LYS F 112 60.09 19.37 -12.66
C LYS F 112 61.57 19.45 -13.11
N ASN F 113 61.98 18.59 -14.05
CA ASN F 113 63.31 18.63 -14.64
C ASN F 113 64.41 18.47 -13.56
N GLU F 114 64.04 17.78 -12.49
CA GLU F 114 64.98 17.49 -11.39
C GLU F 114 65.65 16.10 -11.57
N LYS F 115 66.75 15.92 -10.85
CA LYS F 115 67.62 14.78 -11.02
C LYS F 115 66.95 13.57 -10.42
N ILE F 116 66.81 12.49 -11.20
CA ILE F 116 66.33 11.19 -10.67
C ILE F 116 67.56 10.30 -10.39
N ASN F 117 68.41 10.15 -11.40
CA ASN F 117 69.69 9.47 -11.24
C ASN F 117 70.71 10.23 -12.04
N GLU F 118 71.97 10.05 -11.64
CA GLU F 118 73.07 10.64 -12.37
C GLU F 118 73.21 9.96 -13.72
N SER F 119 73.48 10.74 -14.76
CA SER F 119 73.72 10.18 -16.08
C SER F 119 75.02 9.40 -16.15
N ILE F 120 74.91 8.13 -16.51
CA ILE F 120 76.10 7.26 -16.73
C ILE F 120 76.95 7.79 -17.92
N ILE F 121 76.26 8.29 -18.93
CA ILE F 121 76.86 8.75 -20.19
C ILE F 121 77.22 10.24 -20.10
N ARG F 122 78.19 10.63 -20.86
CA ARG F 122 78.64 12.00 -20.86
C ARG F 122 77.61 13.00 -21.27
N GLU F 123 77.41 13.98 -20.41
CA GLU F 123 76.45 15.04 -20.71
C GLU F 123 77.19 16.23 -21.24
N VAL F 124 76.55 17.03 -22.10
CA VAL F 124 77.15 18.27 -22.60
C VAL F 124 76.31 19.47 -22.18
N SER F 125 76.91 20.66 -22.16
CA SER F 125 76.18 21.87 -21.77
C SER F 125 75.02 22.17 -22.75
N VAL F 126 74.13 23.06 -22.34
CA VAL F 126 72.98 23.40 -23.18
C VAL F 126 73.48 24.03 -24.47
N GLU F 127 74.57 24.78 -24.36
CA GLU F 127 75.06 25.65 -25.42
C GLU F 127 75.77 24.84 -26.47
N ASP F 128 76.58 23.89 -26.02
CA ASP F 128 77.24 22.97 -26.94
C ASP F 128 76.19 22.12 -27.61
N TYR F 129 75.21 21.68 -26.82
CA TYR F 129 74.07 20.94 -27.37
C TYR F 129 73.41 21.74 -28.49
N GLU F 130 72.90 22.94 -28.22
CA GLU F 130 72.15 23.67 -29.28
C GLU F 130 73.00 23.79 -30.56
N ASN F 131 74.30 24.12 -30.41
CA ASN F 131 75.21 24.25 -31.55
C ASN F 131 75.16 23.01 -32.42
N GLU F 132 75.46 21.89 -31.79
CA GLU F 132 75.53 20.63 -32.50
C GLU F 132 74.17 20.31 -33.17
N ALA F 133 73.08 20.56 -32.46
CA ALA F 133 71.73 20.26 -32.97
C ALA F 133 71.40 21.10 -34.20
N ARG F 134 71.72 22.39 -34.13
CA ARG F 134 71.49 23.30 -35.24
C ARG F 134 72.30 22.93 -36.49
N ARG F 135 73.50 22.36 -36.31
CA ARG F 135 74.33 21.83 -37.43
C ARG F 135 73.67 20.62 -38.12
N ILE F 136 73.34 19.61 -37.32
CA ILE F 136 72.59 18.44 -37.77
C ILE F 136 71.35 18.81 -38.57
N ILE F 137 70.64 19.86 -38.17
CA ILE F 137 69.37 20.17 -38.84
C ILE F 137 69.63 20.85 -40.17
N LYS F 138 70.45 21.91 -40.16
CA LYS F 138 70.82 22.61 -41.39
C LYS F 138 71.39 21.68 -42.46
N ARG F 139 72.12 20.64 -42.03
CA ARG F 139 72.56 19.57 -42.91
C ARG F 139 71.39 18.84 -43.58
N ASN F 140 70.45 18.34 -42.76
CA ASN F 140 69.36 17.52 -43.27
C ASN F 140 68.40 18.34 -44.15
N ASP F 141 68.19 19.60 -43.78
CA ASP F 141 67.40 20.52 -44.60
C ASP F 141 68.00 20.63 -45.98
N GLU F 142 69.32 20.86 -46.04
CA GLU F 142 69.98 20.97 -47.35
C GLU F 142 69.86 19.66 -48.12
N ILE F 143 69.98 18.52 -47.45
CA ILE F 143 69.81 17.22 -48.12
C ILE F 143 68.40 17.07 -48.69
N MET F 144 67.40 17.12 -47.81
CA MET F 144 66.02 16.96 -48.25
C MET F 144 65.60 18.10 -49.22
N LYS F 145 66.20 19.28 -49.10
CA LYS F 145 65.97 20.33 -50.10
C LYS F 145 66.33 19.81 -51.49
N LYS F 146 67.54 19.26 -51.62
CA LYS F 146 68.02 18.80 -52.91
C LYS F 146 67.14 17.67 -53.46
N ASN F 147 66.83 16.67 -52.63
CA ASN F 147 65.88 15.64 -53.06
C ASN F 147 64.50 16.29 -53.33
N LEU F 148 63.75 15.77 -54.28
CA LEU F 148 62.51 16.40 -54.56
C LEU F 148 62.84 17.86 -54.77
N TYR F 156 56.89 13.80 -50.31
CA TYR F 156 55.70 13.69 -49.46
C TYR F 156 54.78 12.56 -50.04
N THR F 157 54.90 11.38 -49.48
CA THR F 157 54.06 10.28 -49.89
C THR F 157 53.60 9.52 -48.66
N SER F 158 52.40 8.96 -48.76
CA SER F 158 51.85 8.01 -47.78
C SER F 158 51.45 8.41 -46.36
N TYR F 159 51.63 9.66 -45.94
CA TYR F 159 51.26 10.20 -44.59
C TYR F 159 52.08 9.65 -43.42
N PHE F 160 51.83 10.15 -42.25
CA PHE F 160 52.54 9.66 -41.08
C PHE F 160 51.67 9.44 -39.88
N PHE F 161 51.96 8.40 -39.16
CA PHE F 161 51.19 8.08 -38.00
C PHE F 161 52.09 8.09 -36.77
N ASN F 162 51.77 8.98 -35.83
CA ASN F 162 52.62 9.22 -34.68
C ASN F 162 51.90 9.04 -33.37
N LEU F 163 52.69 8.70 -32.36
CA LEU F 163 52.20 8.41 -31.04
C LEU F 163 53.37 8.55 -30.06
N THR F 164 53.14 9.23 -28.95
CA THR F 164 54.18 9.34 -27.93
C THR F 164 53.74 8.69 -26.64
N VAL F 165 54.70 8.08 -25.99
CA VAL F 165 54.52 7.27 -24.84
C VAL F 165 55.49 7.72 -23.75
N VAL F 166 55.11 7.55 -22.50
CA VAL F 166 56.02 7.77 -21.40
C VAL F 166 56.29 6.45 -20.70
N VAL F 167 57.56 6.09 -20.53
CA VAL F 167 57.97 4.79 -19.96
C VAL F 167 58.66 4.91 -18.63
N ARG F 168 58.20 4.13 -17.67
CA ARG F 168 58.93 3.98 -16.44
C ARG F 168 59.83 2.75 -16.56
N THR F 169 61.09 3.04 -16.87
CA THR F 169 62.01 2.01 -17.31
C THR F 169 63.07 1.59 -16.29
N PHE F 170 63.47 0.33 -16.41
CA PHE F 170 64.51 -0.26 -15.61
C PHE F 170 65.89 -0.28 -16.33
N VAL F 171 65.96 0.18 -17.60
CA VAL F 171 67.28 0.42 -18.20
C VAL F 171 67.89 1.64 -17.55
N GLU F 172 69.21 1.56 -17.34
CA GLU F 172 69.95 2.49 -16.51
C GLU F 172 70.55 3.65 -17.31
N ASP F 173 70.43 3.59 -18.65
CA ASP F 173 70.97 4.62 -19.54
C ASP F 173 70.33 4.55 -20.93
N PRO F 174 70.39 5.64 -21.63
CA PRO F 174 69.80 5.83 -22.94
C PRO F 174 70.38 5.04 -24.08
N LEU F 175 71.68 4.84 -24.10
CA LEU F 175 72.29 4.16 -25.19
C LEU F 175 71.84 2.74 -25.18
N ALA F 176 71.86 2.12 -24.02
CA ALA F 176 71.26 0.80 -23.92
C ALA F 176 69.82 0.86 -24.46
N MET F 177 68.99 1.71 -23.88
CA MET F 177 67.63 1.81 -24.35
C MET F 177 67.66 1.75 -25.87
N LEU F 178 68.46 2.61 -26.49
CA LEU F 178 68.38 2.80 -27.93
C LEU F 178 68.74 1.52 -28.65
N VAL F 179 69.71 0.78 -28.13
CA VAL F 179 70.04 -0.51 -28.73
C VAL F 179 68.85 -1.44 -28.74
N ILE F 180 68.14 -1.50 -27.62
CA ILE F 180 66.98 -2.36 -27.48
C ILE F 180 65.90 -1.93 -28.41
N LEU F 181 65.70 -0.62 -28.51
CA LEU F 181 64.71 -0.07 -29.41
C LEU F 181 64.93 -0.48 -30.84
N LYS F 182 66.17 -0.59 -31.27
CA LYS F 182 66.46 -0.88 -32.65
C LYS F 182 66.37 -2.34 -32.83
N TYR F 183 66.72 -3.08 -31.80
CA TYR F 183 66.51 -4.51 -31.78
C TYR F 183 65.04 -4.77 -32.13
N ILE F 184 64.15 -4.26 -31.29
CA ILE F 184 62.70 -4.30 -31.55
C ILE F 184 62.35 -3.99 -32.99
N GLU F 185 62.76 -2.82 -33.51
CA GLU F 185 62.48 -2.45 -34.90
C GLU F 185 62.85 -3.56 -35.91
N GLN F 186 63.97 -4.28 -35.72
CA GLN F 186 64.39 -5.32 -36.72
C GLN F 186 63.56 -6.58 -36.56
N ILE F 187 63.20 -6.85 -35.31
CA ILE F 187 62.32 -7.95 -34.93
C ILE F 187 61.05 -7.91 -35.79
N MET F 188 60.62 -6.71 -36.19
CA MET F 188 59.63 -6.46 -37.26
C MET F 188 60.38 -6.23 -38.59
N LYS F 189 59.85 -6.70 -39.73
CA LYS F 189 60.69 -6.80 -41.00
C LYS F 189 61.96 -7.62 -40.85
N ARG F 204 58.02 3.40 -44.93
CA ARG F 204 58.69 3.03 -43.67
C ARG F 204 57.78 2.49 -42.51
N MET F 205 57.97 1.21 -42.20
CA MET F 205 57.19 0.39 -41.27
C MET F 205 57.13 0.66 -39.80
N ILE F 206 58.25 0.91 -39.18
CA ILE F 206 58.21 1.37 -37.78
C ILE F 206 59.53 2.08 -37.40
N ASP F 207 59.39 3.23 -36.75
CA ASP F 207 60.48 4.13 -36.39
C ASP F 207 60.31 4.55 -34.91
N ILE F 208 61.09 3.96 -34.01
CA ILE F 208 61.10 4.34 -32.60
C ILE F 208 62.34 5.17 -32.19
N ASP F 209 62.07 6.27 -31.51
CA ASP F 209 63.03 7.20 -31.08
C ASP F 209 62.90 7.52 -29.64
N ILE F 210 63.95 7.91 -28.99
CA ILE F 210 63.94 8.37 -27.59
C ILE F 210 63.98 9.90 -27.53
N LEU F 211 62.95 10.56 -27.04
CA LEU F 211 62.91 12.03 -27.07
C LEU F 211 63.47 12.59 -25.80
N PHE F 212 62.99 12.11 -24.66
CA PHE F 212 63.58 12.50 -23.40
C PHE F 212 64.02 11.27 -22.63
N PHE F 213 65.02 11.46 -21.79
CA PHE F 213 65.39 10.43 -20.84
C PHE F 213 65.90 11.22 -19.64
N ASN F 214 65.17 11.12 -18.51
CA ASN F 214 65.41 11.95 -17.36
C ASN F 214 65.56 13.39 -17.80
N ASN F 215 66.50 14.11 -17.19
CA ASN F 215 66.65 15.52 -17.41
C ASN F 215 67.92 15.77 -18.17
N TYR F 216 68.39 14.74 -18.86
CA TYR F 216 69.70 14.71 -19.46
C TYR F 216 69.78 15.59 -20.69
N THR F 217 71.00 15.96 -21.04
CA THR F 217 71.33 16.71 -22.25
C THR F 217 72.61 16.15 -22.85
N ILE F 218 72.45 15.27 -23.83
CA ILE F 218 73.52 14.42 -24.33
C ILE F 218 73.74 14.66 -25.81
N PHE F 219 75.00 14.71 -26.22
CA PHE F 219 75.33 14.65 -27.63
C PHE F 219 76.59 13.81 -27.82
N GLU F 220 76.36 12.61 -28.28
CA GLU F 220 77.44 11.74 -28.56
C GLU F 220 77.54 11.46 -30.02
N LYS F 221 78.45 12.15 -30.69
CA LYS F 221 78.70 11.85 -32.09
C LYS F 221 79.57 10.60 -32.18
N SER F 222 79.57 9.95 -33.32
CA SER F 222 80.43 8.80 -33.51
C SER F 222 80.47 7.68 -32.47
N ILE F 223 79.37 6.98 -32.32
CA ILE F 223 79.31 5.86 -31.43
C ILE F 223 79.51 4.67 -32.32
N SER F 224 80.49 3.83 -31.99
CA SER F 224 80.74 2.67 -32.81
C SER F 224 80.65 1.40 -32.02
N LEU F 225 79.51 0.77 -32.13
CA LEU F 225 79.23 -0.51 -31.47
C LEU F 225 79.34 -1.69 -32.46
N LYS F 226 80.11 -2.72 -32.10
CA LYS F 226 80.13 -3.95 -32.91
C LYS F 226 79.23 -5.02 -32.31
N GLY F 227 79.11 -6.15 -33.02
CA GLY F 227 78.28 -7.26 -32.57
C GLY F 227 78.54 -7.58 -31.12
N GLU F 228 79.78 -7.89 -30.81
CA GLU F 228 80.19 -8.22 -29.45
C GLU F 228 79.64 -7.23 -28.44
N ASP F 229 79.69 -5.93 -28.78
CA ASP F 229 79.17 -4.88 -27.90
C ASP F 229 77.69 -5.02 -27.66
N ILE F 230 76.91 -4.94 -28.75
CA ILE F 230 75.43 -5.07 -28.75
C ILE F 230 75.00 -6.22 -27.86
N TYR F 231 75.65 -7.36 -28.10
CA TYR F 231 75.32 -8.60 -27.42
C TYR F 231 75.44 -8.48 -25.92
N LYS F 232 76.51 -7.87 -25.42
CA LYS F 232 76.66 -7.66 -23.99
C LYS F 232 75.45 -6.91 -23.43
N ILE F 233 75.06 -5.88 -24.16
CA ILE F 233 73.98 -4.98 -23.79
C ILE F 233 72.65 -5.72 -23.74
N ILE F 234 72.28 -6.32 -24.87
CA ILE F 234 70.96 -6.95 -25.00
C ILE F 234 70.82 -8.01 -23.91
N THR F 235 71.83 -8.87 -23.81
CA THR F 235 71.83 -10.01 -22.86
C THR F 235 71.89 -9.63 -21.36
N LYS F 236 72.09 -8.34 -21.06
CA LYS F 236 71.90 -7.81 -19.70
C LYS F 236 70.41 -7.68 -19.39
N TYR F 237 69.61 -7.52 -20.45
CA TYR F 237 68.22 -7.08 -20.35
C TYR F 237 67.17 -8.08 -20.93
N ILE F 238 67.63 -9.00 -21.79
CA ILE F 238 66.78 -9.96 -22.51
C ILE F 238 67.33 -11.41 -22.50
N HIS F 239 66.47 -12.41 -22.31
CA HIS F 239 66.88 -13.84 -22.26
C HIS F 239 67.08 -14.38 -23.68
N ILE F 240 68.10 -13.88 -24.36
CA ILE F 240 68.25 -14.19 -25.80
C ILE F 240 68.42 -15.72 -26.13
N ASN F 241 67.58 -16.18 -27.07
CA ASN F 241 67.69 -17.53 -27.65
C ASN F 241 68.95 -17.86 -28.46
N HIS F 242 69.67 -18.83 -27.95
CA HIS F 242 70.92 -19.21 -28.51
C HIS F 242 70.84 -20.42 -29.40
N THR F 243 69.71 -21.11 -29.46
CA THR F 243 69.62 -22.31 -30.28
C THR F 243 69.72 -22.02 -31.75
N ASN F 247 67.29 -18.36 -33.69
CA ASN F 247 68.12 -17.28 -33.18
C ASN F 247 68.07 -16.04 -34.07
N ARG F 248 68.40 -14.89 -33.53
CA ARG F 248 68.42 -13.65 -34.29
C ARG F 248 69.81 -13.02 -34.11
N LEU F 249 70.81 -13.86 -33.89
CA LEU F 249 72.18 -13.41 -33.77
C LEU F 249 72.64 -12.65 -35.04
N ASP F 250 72.02 -12.97 -36.17
CA ASP F 250 72.26 -12.22 -37.40
C ASP F 250 71.92 -10.74 -37.22
N ILE F 251 70.79 -10.50 -36.56
CA ILE F 251 70.31 -9.17 -36.20
C ILE F 251 71.25 -8.54 -35.19
N ILE F 252 71.51 -9.28 -34.11
CA ILE F 252 72.35 -8.81 -32.98
C ILE F 252 73.79 -8.50 -33.40
N GLN F 253 74.22 -9.13 -34.48
CA GLN F 253 75.55 -8.95 -35.04
C GLN F 253 75.67 -7.61 -35.77
N ASN F 254 74.70 -7.30 -36.63
CA ASN F 254 74.75 -6.11 -37.48
C ASN F 254 73.94 -4.93 -36.99
N LEU F 255 73.45 -4.97 -35.77
CA LEU F 255 72.65 -3.88 -35.21
C LEU F 255 73.44 -2.57 -35.05
N GLY F 256 74.75 -2.69 -34.89
CA GLY F 256 75.65 -1.55 -34.68
C GLY F 256 75.76 -0.59 -35.84
N ASP F 257 75.68 -1.09 -37.05
CA ASP F 257 75.65 -0.20 -38.20
C ASP F 257 74.43 0.74 -38.12
N LYS F 258 73.41 0.31 -37.43
CA LYS F 258 72.20 1.09 -37.25
C LYS F 258 72.33 2.24 -36.24
N ILE F 259 73.45 2.35 -35.55
CA ILE F 259 73.69 3.40 -34.55
C ILE F 259 75.01 4.20 -34.75
N GLU F 260 74.87 5.43 -35.26
CA GLU F 260 76.00 6.37 -35.52
C GLU F 260 76.17 7.49 -34.46
N PHE F 261 75.08 7.87 -33.79
CA PHE F 261 75.10 8.92 -32.77
C PHE F 261 73.93 8.82 -31.79
N LEU F 262 74.03 9.53 -30.68
CA LEU F 262 72.99 9.53 -29.63
C LEU F 262 72.80 10.92 -29.13
N CYS F 263 71.55 11.29 -28.90
CA CYS F 263 71.23 12.70 -28.79
C CYS F 263 69.91 13.03 -28.05
N ILE F 264 70.00 13.43 -26.78
CA ILE F 264 68.85 13.71 -25.91
C ILE F 264 68.91 15.11 -25.41
N PRO F 265 67.82 15.88 -25.59
CA PRO F 265 66.61 15.59 -26.32
C PRO F 265 66.92 15.15 -27.73
N HIS F 266 65.95 14.48 -28.36
CA HIS F 266 65.99 14.21 -29.80
C HIS F 266 66.13 15.54 -30.51
N VAL F 267 66.78 15.52 -31.66
CA VAL F 267 67.21 16.76 -32.29
C VAL F 267 66.02 17.52 -32.82
N TYR F 268 65.04 16.75 -33.26
CA TYR F 268 63.87 17.31 -33.86
C TYR F 268 62.74 17.60 -32.85
N THR F 269 62.96 17.26 -31.57
CA THR F 269 61.93 17.39 -30.54
C THR F 269 61.13 18.69 -30.60
N LYS F 270 61.76 19.86 -30.54
CA LYS F 270 60.98 21.13 -30.49
C LYS F 270 60.68 21.76 -31.84
N TYR F 271 61.15 21.14 -32.93
CA TYR F 271 61.05 21.75 -34.28
C TYR F 271 59.98 21.13 -35.16
N ARG F 272 59.65 19.87 -34.89
CA ARG F 272 58.58 19.15 -35.61
C ARG F 272 57.24 19.32 -34.93
N TYR F 273 56.30 19.88 -35.68
CA TYR F 273 54.91 19.95 -35.25
C TYR F 273 54.40 18.61 -34.77
N SER F 274 54.65 17.56 -35.55
CA SER F 274 54.13 16.21 -35.25
C SER F 274 54.55 15.66 -33.88
N ILE F 275 55.77 15.95 -33.42
CA ILE F 275 56.23 15.54 -32.06
C ILE F 275 55.61 16.46 -30.99
N LEU F 276 55.78 17.78 -31.18
CA LEU F 276 55.10 18.74 -30.33
C LEU F 276 53.64 18.36 -30.16
N LEU F 277 53.00 17.97 -31.26
CA LEU F 277 51.56 17.68 -31.22
C LEU F 277 51.26 16.57 -30.24
N CYS F 278 52.10 15.55 -30.27
CA CYS F 278 51.88 14.41 -29.38
C CYS F 278 52.14 14.80 -27.95
N LEU F 279 53.31 15.36 -27.66
CA LEU F 279 53.72 15.67 -26.28
C LEU F 279 52.79 16.64 -25.57
N ASN F 280 52.05 17.43 -26.33
CA ASN F 280 51.10 18.34 -25.76
C ASN F 280 49.91 17.58 -25.14
N ASP F 281 49.75 16.31 -25.52
CA ASP F 281 48.84 15.41 -24.84
C ASP F 281 49.37 14.99 -23.49
N ILE F 282 50.69 14.77 -23.39
CA ILE F 282 51.23 13.97 -22.27
C ILE F 282 52.17 14.68 -21.30
N ILE F 283 52.87 15.71 -21.73
CA ILE F 283 53.86 16.41 -20.87
C ILE F 283 53.84 17.90 -21.18
N PRO F 284 52.61 18.46 -21.28
CA PRO F 284 52.40 19.84 -21.73
C PRO F 284 53.16 20.86 -20.89
N GLU F 285 53.29 20.58 -19.60
CA GLU F 285 53.86 21.52 -18.64
C GLU F 285 55.39 21.40 -18.55
N TYR F 286 55.93 20.32 -19.11
CA TYR F 286 57.37 20.05 -19.02
C TYR F 286 58.19 21.08 -19.79
N LYS F 287 59.35 21.40 -19.21
CA LYS F 287 60.32 22.31 -19.82
C LYS F 287 61.73 21.82 -19.53
N HIS F 288 62.34 21.25 -20.57
CA HIS F 288 63.73 20.80 -20.53
C HIS F 288 64.68 22.01 -20.54
N SER F 289 65.88 21.84 -20.00
CA SER F 289 66.86 22.92 -20.01
C SER F 289 67.26 23.45 -21.38
N THR F 290 67.18 22.62 -22.41
CA THR F 290 67.36 23.09 -23.79
C THR F 290 66.26 24.03 -24.29
N PHE F 291 65.02 23.76 -23.88
CA PHE F 291 63.82 24.51 -24.30
C PHE F 291 63.73 25.94 -23.75
N GLU F 292 63.34 26.89 -24.60
CA GLU F 292 63.18 28.27 -24.16
C GLU F 292 61.90 28.45 -23.29
N GLU F 293 60.80 27.77 -23.66
CA GLU F 293 59.62 27.73 -22.81
C GLU F 293 59.05 26.31 -22.87
N ALA F 294 58.04 26.02 -22.02
CA ALA F 294 57.52 24.65 -21.85
C ALA F 294 56.74 24.13 -23.05
N ILE F 295 56.47 22.83 -23.03
CA ILE F 295 55.92 22.12 -24.19
C ILE F 295 54.68 22.80 -24.78
N ARG F 296 53.64 22.92 -23.97
CA ARG F 296 52.40 23.59 -24.38
C ARG F 296 52.69 24.95 -25.02
N SER F 297 53.45 25.77 -24.32
CA SER F 297 53.93 27.09 -24.81
C SER F 297 54.71 27.02 -26.13
N THR F 298 55.49 25.95 -26.31
CA THR F 298 56.24 25.74 -27.55
C THR F 298 55.27 25.40 -28.69
N TYR F 299 54.30 24.53 -28.39
CA TYR F 299 53.22 24.12 -29.31
C TYR F 299 52.40 25.30 -29.81
N ASN F 300 51.90 26.08 -28.85
CA ASN F 300 51.13 27.27 -29.15
C ASN F 300 51.88 28.29 -29.99
N SER F 301 53.18 28.45 -29.77
CA SER F 301 53.99 29.33 -30.59
C SER F 301 54.11 28.78 -31.98
N TYR F 302 54.37 27.47 -32.09
CA TYR F 302 54.51 26.83 -33.40
C TYR F 302 53.29 27.11 -34.24
N VAL F 303 52.12 26.75 -33.72
CA VAL F 303 50.86 26.85 -34.45
C VAL F 303 50.70 28.29 -34.93
N GLU F 304 50.75 29.21 -33.97
CA GLU F 304 50.72 30.66 -34.21
C GLU F 304 51.65 31.13 -35.35
N SER F 305 52.88 30.63 -35.40
CA SER F 305 53.80 31.14 -36.43
C SER F 305 53.37 30.64 -37.80
N PHE F 306 52.92 29.39 -37.85
CA PHE F 306 52.57 28.73 -39.10
C PHE F 306 51.32 29.35 -39.70
N GLU F 307 50.27 29.46 -38.91
CA GLU F 307 49.08 30.13 -39.38
C GLU F 307 49.34 31.64 -39.69
N GLU F 308 50.35 32.28 -39.11
CA GLU F 308 50.60 33.73 -39.35
C GLU F 308 51.51 33.89 -40.58
N LYS F 309 52.37 32.89 -40.80
CA LYS F 309 53.32 32.90 -41.90
C LYS F 309 52.71 32.44 -43.25
N TYR F 310 51.91 31.36 -43.22
CA TYR F 310 51.37 30.78 -44.46
C TYR F 310 49.84 30.87 -44.58
N HIS F 311 49.20 31.56 -43.66
CA HIS F 311 47.72 31.71 -43.68
C HIS F 311 46.86 30.43 -43.83
N ILE F 312 47.46 29.26 -43.61
CA ILE F 312 46.70 28.00 -43.63
C ILE F 312 46.60 27.38 -42.23
N ASN F 313 45.42 26.82 -41.93
CA ASN F 313 45.14 26.20 -40.64
C ASN F 313 45.89 24.85 -40.41
N ILE F 314 46.85 24.83 -39.47
CA ILE F 314 47.73 23.64 -39.25
C ILE F 314 46.96 22.42 -38.70
N ARG F 315 45.80 22.63 -38.11
CA ARG F 315 45.02 21.49 -37.64
C ARG F 315 44.21 20.80 -38.73
N LYS F 316 44.22 21.35 -39.94
CA LYS F 316 43.45 20.79 -41.08
C LYS F 316 44.09 19.56 -41.75
N ASN F 317 45.41 19.53 -41.89
CA ASN F 317 46.07 18.34 -42.41
C ASN F 317 46.70 17.46 -41.33
N ASN F 318 46.43 17.76 -40.06
CA ASN F 318 46.97 16.96 -38.98
C ASN F 318 45.83 16.51 -38.13
N LYS F 319 45.49 15.23 -38.23
CA LYS F 319 44.21 14.69 -37.71
C LYS F 319 44.35 13.77 -36.50
N ARG F 320 43.60 14.05 -35.44
CA ARG F 320 43.55 13.19 -34.27
C ARG F 320 42.73 11.95 -34.54
N LEU F 321 43.14 10.85 -33.94
CA LEU F 321 42.66 9.53 -34.32
C LEU F 321 42.30 8.74 -33.09
N TYR F 322 41.37 7.81 -33.24
CA TYR F 322 41.00 6.92 -32.16
C TYR F 322 40.81 5.52 -32.73
N VAL F 323 40.74 4.57 -31.81
CA VAL F 323 40.56 3.18 -32.18
C VAL F 323 39.42 2.53 -31.42
N LEU F 324 38.54 1.87 -32.17
CA LEU F 324 37.49 1.05 -31.63
C LEU F 324 37.86 -0.39 -31.59
N LYS F 325 38.34 -0.93 -32.72
CA LYS F 325 38.82 -2.34 -32.81
C LYS F 325 40.29 -2.48 -33.21
N ASP F 326 40.56 -2.34 -34.51
CA ASP F 326 41.90 -2.59 -35.06
C ASP F 326 42.31 -1.57 -36.13
N LYS F 327 41.53 -0.50 -36.28
CA LYS F 327 41.79 0.52 -37.29
C LYS F 327 41.57 1.95 -36.73
N VAL F 328 42.26 2.90 -37.37
CA VAL F 328 42.19 4.29 -36.98
C VAL F 328 40.93 4.92 -37.47
N SER F 329 40.20 5.60 -36.58
CA SER F 329 39.04 6.38 -37.00
C SER F 329 39.40 7.82 -36.85
N TYR F 330 39.02 8.64 -37.82
CA TYR F 330 39.31 10.07 -37.74
C TYR F 330 38.34 10.78 -36.83
N LEU F 331 38.80 11.28 -35.69
CA LEU F 331 37.92 11.99 -34.74
C LEU F 331 37.06 13.03 -35.44
N LYS F 332 35.76 13.03 -35.14
CA LYS F 332 34.80 14.06 -35.58
C LYS F 332 34.52 14.08 -37.08
N GLU F 333 34.94 13.05 -37.81
CA GLU F 333 34.71 13.01 -39.26
C GLU F 333 33.55 12.12 -39.66
N ARG F 334 33.00 11.39 -38.71
CA ARG F 334 31.87 10.52 -38.94
C ARG F 334 31.10 10.23 -37.66
N THR F 335 29.82 9.92 -37.79
CA THR F 335 29.02 9.51 -36.65
C THR F 335 28.57 8.05 -36.78
N HIS F 336 29.06 7.20 -35.89
CA HIS F 336 28.81 5.80 -35.97
C HIS F 336 27.61 5.39 -35.13
N ILE F 337 26.93 4.35 -35.61
CA ILE F 337 25.79 3.79 -34.94
C ILE F 337 26.20 2.58 -34.15
N VAL F 338 26.07 2.69 -32.84
CA VAL F 338 26.15 1.53 -31.97
C VAL F 338 24.74 1.06 -31.71
N GLY F 339 24.39 -0.11 -32.22
CA GLY F 339 23.11 -0.71 -31.90
C GLY F 339 23.08 -1.35 -30.51
N ILE F 340 21.99 -1.14 -29.79
CA ILE F 340 21.77 -1.73 -28.48
C ILE F 340 21.17 -3.10 -28.63
N LEU F 341 21.73 -4.11 -27.97
CA LEU F 341 21.08 -5.43 -27.88
C LEU F 341 20.96 -5.84 -26.41
N ASN F 342 19.76 -5.71 -25.85
CA ASN F 342 19.52 -6.15 -24.48
C ASN F 342 19.19 -7.66 -24.50
N VAL F 343 19.88 -8.40 -23.63
CA VAL F 343 19.72 -9.86 -23.48
C VAL F 343 19.33 -10.16 -22.04
N ASN F 344 18.13 -9.74 -21.68
CA ASN F 344 17.66 -9.95 -20.33
C ASN F 344 16.19 -9.87 -20.31
N TYR F 345 15.61 -10.15 -19.16
CA TYR F 345 14.16 -10.10 -18.98
C TYR F 345 13.57 -8.74 -18.66
N ASP F 346 14.37 -7.84 -18.10
CA ASP F 346 13.89 -6.62 -17.47
C ASP F 346 14.61 -5.39 -18.01
N SER F 347 14.27 -4.95 -19.20
CA SER F 347 14.87 -3.77 -19.78
C SER F 347 13.68 -2.93 -20.25
N PHE F 348 13.71 -1.63 -20.06
CA PHE F 348 12.59 -0.81 -20.46
C PHE F 348 12.63 -0.80 -21.94
N SER F 349 11.58 -1.29 -22.58
CA SER F 349 11.51 -1.27 -24.04
C SER F 349 12.25 -2.36 -24.82
N ASP F 350 12.84 -3.35 -24.13
CA ASP F 350 13.54 -4.39 -24.85
C ASP F 350 13.31 -5.69 -24.14
N GLY F 351 13.11 -5.58 -22.86
CA GLY F 351 13.06 -6.75 -21.99
C GLY F 351 12.32 -7.90 -22.60
N GLY F 352 12.79 -9.11 -22.30
CA GLY F 352 12.14 -10.33 -22.78
C GLY F 352 12.23 -10.68 -24.25
N LEU F 353 12.61 -9.73 -25.12
CA LEU F 353 12.61 -9.93 -26.60
C LEU F 353 13.71 -10.86 -27.10
N PHE F 354 14.92 -10.60 -26.61
CA PHE F 354 16.14 -11.27 -27.09
C PHE F 354 16.83 -12.01 -25.96
N VAL F 355 16.07 -12.84 -25.25
CA VAL F 355 16.62 -13.63 -24.16
C VAL F 355 17.08 -14.93 -24.80
N ASP F 356 16.24 -15.47 -25.69
CA ASP F 356 16.64 -16.61 -26.52
C ASP F 356 17.92 -16.30 -27.36
N PRO F 357 18.94 -17.15 -27.25
CA PRO F 357 20.16 -16.91 -28.02
C PRO F 357 19.99 -16.86 -29.55
N VAL F 358 19.01 -17.58 -30.10
CA VAL F 358 18.89 -17.67 -31.56
C VAL F 358 18.23 -16.41 -32.12
N LYS F 359 17.18 -15.96 -31.43
CA LYS F 359 16.55 -14.67 -31.72
C LYS F 359 17.52 -13.55 -31.43
N ALA F 360 18.23 -13.65 -30.31
CA ALA F 360 19.29 -12.69 -30.00
C ALA F 360 20.23 -12.56 -31.17
N VAL F 361 20.78 -13.66 -31.67
CA VAL F 361 21.86 -13.56 -32.66
C VAL F 361 21.35 -13.04 -33.99
N GLU F 362 20.20 -13.57 -34.42
CA GLU F 362 19.59 -13.09 -35.66
C GLU F 362 19.27 -11.60 -35.56
N ARG F 363 19.05 -11.13 -34.34
CA ARG F 363 18.93 -9.69 -34.10
C ARG F 363 20.27 -9.04 -34.45
N MET F 364 21.37 -9.61 -33.96
CA MET F 364 22.66 -8.99 -34.18
C MET F 364 22.86 -8.88 -35.66
N PHE F 365 22.69 -10.00 -36.38
CA PHE F 365 22.93 -10.00 -37.82
C PHE F 365 22.09 -8.96 -38.53
N GLU F 366 20.87 -8.76 -38.01
CA GLU F 366 19.94 -7.76 -38.50
C GLU F 366 20.43 -6.33 -38.34
N MET F 367 20.87 -5.98 -37.12
CA MET F 367 21.34 -4.63 -36.82
C MET F 367 22.56 -4.28 -37.65
N ALA F 368 23.55 -5.17 -37.60
CA ALA F 368 24.67 -5.19 -38.51
C ALA F 368 24.23 -4.85 -39.93
N SER F 369 23.31 -5.65 -40.48
CA SER F 369 22.81 -5.39 -41.83
C SER F 369 22.10 -4.03 -42.00
N ASP F 370 21.69 -3.39 -40.92
CA ASP F 370 20.93 -2.12 -41.01
C ASP F 370 21.78 -0.87 -40.76
N GLY F 371 23.07 -1.04 -40.50
CA GLY F 371 23.99 0.09 -40.29
C GLY F 371 24.72 0.11 -38.96
N ALA F 372 24.55 -0.93 -38.15
CA ALA F 372 25.27 -1.02 -36.88
C ALA F 372 26.76 -1.28 -37.11
N SER F 373 27.60 -0.33 -36.67
CA SER F 373 29.08 -0.51 -36.70
C SER F 373 29.51 -1.17 -35.43
N VAL F 374 28.78 -0.95 -34.35
CA VAL F 374 29.01 -1.63 -33.09
C VAL F 374 27.69 -2.16 -32.54
N ILE F 375 27.77 -3.28 -31.82
CA ILE F 375 26.59 -3.92 -31.25
C ILE F 375 26.86 -4.10 -29.76
N ASP F 376 26.01 -3.47 -28.93
CA ASP F 376 26.22 -3.33 -27.49
C ASP F 376 25.32 -4.29 -26.65
N ILE F 377 25.86 -5.46 -26.30
CA ILE F 377 25.18 -6.45 -25.47
C ILE F 377 25.02 -5.97 -24.04
N GLY F 378 23.94 -6.40 -23.39
CA GLY F 378 23.69 -6.05 -21.99
C GLY F 378 22.99 -7.19 -21.26
N GLY F 379 23.62 -7.68 -20.19
CA GLY F 379 23.08 -8.80 -19.41
C GLY F 379 22.13 -8.30 -18.34
N GLU F 380 22.27 -7.04 -17.96
CA GLU F 380 21.55 -6.50 -16.81
C GLU F 380 21.09 -5.10 -17.18
N SER F 381 20.00 -4.64 -16.54
CA SER F 381 19.46 -3.31 -16.79
C SER F 381 20.00 -2.28 -15.81
N SER F 382 20.10 -1.04 -16.24
CA SER F 382 20.50 0.03 -15.34
C SER F 382 19.38 1.01 -15.17
N ALA F 383 18.20 0.64 -15.67
CA ALA F 383 17.10 1.56 -15.80
C ALA F 383 16.40 1.89 -14.47
N PRO F 384 15.88 3.13 -14.34
CA PRO F 384 15.34 3.66 -13.08
C PRO F 384 14.51 2.64 -12.32
N TYR F 385 14.89 2.43 -11.08
CA TYR F 385 14.12 1.62 -10.14
C TYR F 385 14.10 0.13 -10.48
N VAL F 386 14.92 -0.30 -11.45
CA VAL F 386 14.94 -1.72 -11.92
C VAL F 386 15.58 -2.69 -10.93
N VAL F 387 14.85 -3.77 -10.66
CA VAL F 387 15.30 -4.86 -9.80
C VAL F 387 15.59 -6.01 -10.73
N PRO F 388 16.90 -6.32 -10.96
CA PRO F 388 17.16 -7.36 -11.95
C PRO F 388 16.65 -8.72 -11.50
N ASN F 389 16.07 -9.43 -12.46
CA ASN F 389 15.45 -10.70 -12.20
C ASN F 389 16.43 -11.65 -11.58
N PRO F 390 16.11 -12.21 -10.42
CA PRO F 390 17.11 -12.96 -9.69
C PRO F 390 17.20 -14.43 -10.11
N SER F 391 16.44 -14.87 -11.11
CA SER F 391 16.45 -16.28 -11.49
C SER F 391 17.71 -16.67 -12.30
N VAL F 392 18.13 -15.83 -13.26
CA VAL F 392 19.29 -16.14 -14.14
C VAL F 392 20.33 -14.98 -14.22
N THR F 393 21.61 -15.31 -14.02
CA THR F 393 22.75 -14.35 -13.92
C THR F 393 22.94 -13.39 -15.11
N GLU F 394 23.81 -12.40 -14.92
CA GLU F 394 24.29 -11.58 -16.04
C GLU F 394 24.95 -12.52 -17.08
N ARG F 395 25.94 -13.27 -16.58
CA ARG F 395 26.82 -14.16 -17.34
C ARG F 395 26.14 -15.28 -18.14
N ASP F 396 25.24 -16.05 -17.51
CA ASP F 396 24.58 -17.19 -18.19
C ASP F 396 23.61 -16.72 -19.27
N LEU F 397 23.22 -15.46 -19.20
CA LEU F 397 22.41 -14.83 -20.23
C LEU F 397 23.24 -14.36 -21.41
N VAL F 398 24.44 -13.84 -21.14
CA VAL F 398 25.23 -13.21 -22.18
C VAL F 398 25.98 -14.24 -22.98
N MET F 399 26.63 -15.17 -22.29
CA MET F 399 27.59 -16.08 -22.90
C MET F 399 27.06 -16.95 -24.04
N PRO F 400 25.88 -17.57 -23.90
CA PRO F 400 25.43 -18.39 -25.03
C PRO F 400 25.40 -17.63 -26.36
N VAL F 401 25.02 -16.34 -26.28
CA VAL F 401 24.88 -15.44 -27.43
C VAL F 401 26.25 -15.17 -28.02
N LEU F 402 27.12 -14.56 -27.22
CA LEU F 402 28.44 -14.23 -27.68
C LEU F 402 29.14 -15.44 -28.29
N LYS F 403 28.96 -16.61 -27.66
CA LYS F 403 29.51 -17.89 -28.15
C LYS F 403 28.84 -18.32 -29.44
N LEU F 404 27.52 -18.13 -29.54
CA LEU F 404 26.79 -18.58 -30.71
C LEU F 404 27.10 -17.69 -31.89
N PHE F 405 27.26 -16.40 -31.63
CA PHE F 405 27.56 -15.45 -32.70
C PHE F 405 28.95 -15.64 -33.23
N LYS F 406 29.85 -15.97 -32.34
CA LYS F 406 31.15 -16.40 -32.76
C LYS F 406 31.01 -17.52 -33.78
N GLU F 407 30.44 -18.64 -33.35
CA GLU F 407 30.29 -19.82 -34.19
C GLU F 407 29.68 -19.51 -35.52
N GLU F 408 28.66 -18.66 -35.53
CA GLU F 408 27.90 -18.42 -36.75
C GLU F 408 28.68 -17.56 -37.70
N TRP F 409 29.37 -16.56 -37.18
CA TRP F 409 30.24 -15.76 -38.03
C TRP F 409 31.38 -16.59 -38.63
N HIS F 410 31.85 -17.61 -37.91
CA HIS F 410 32.86 -18.51 -38.45
C HIS F 410 32.22 -19.32 -39.54
N LYS F 411 31.07 -19.91 -39.26
CA LYS F 411 30.31 -20.65 -40.28
C LYS F 411 30.13 -19.87 -41.56
N LEU F 412 29.97 -18.56 -41.42
CA LEU F 412 29.86 -17.69 -42.58
C LEU F 412 31.15 -17.76 -43.39
N GLU F 413 32.25 -17.45 -42.73
CA GLU F 413 33.54 -17.36 -43.39
C GLU F 413 33.84 -18.64 -44.11
N CYS F 414 33.53 -19.77 -43.47
CA CYS F 414 33.87 -21.08 -44.03
C CYS F 414 33.03 -21.37 -45.28
N GLU F 415 31.79 -20.87 -45.29
CA GLU F 415 30.96 -21.01 -46.47
C GLU F 415 31.47 -20.11 -47.59
N VAL F 416 31.99 -18.92 -47.23
CA VAL F 416 32.57 -17.97 -48.21
C VAL F 416 33.83 -18.54 -48.87
N GLY F 417 34.79 -18.94 -48.05
CA GLY F 417 35.97 -19.62 -48.53
C GLY F 417 35.58 -20.73 -49.47
N GLY F 418 34.48 -21.41 -49.16
CA GLY F 418 34.02 -22.55 -49.96
C GLY F 418 33.20 -22.29 -51.22
N GLY F 419 32.86 -21.02 -51.48
CA GLY F 419 32.15 -20.65 -52.70
C GLY F 419 30.67 -20.55 -52.46
N LEU F 437 40.68 -15.24 -53.18
CA LEU F 437 40.22 -15.83 -51.92
C LEU F 437 40.55 -14.95 -50.74
N GLN F 438 41.82 -14.54 -50.61
CA GLN F 438 42.18 -13.60 -49.56
C GLN F 438 41.34 -12.32 -49.54
N GLY F 439 41.07 -11.81 -50.74
CA GLY F 439 40.25 -10.62 -50.91
C GLY F 439 38.88 -10.83 -50.30
N LYS F 440 38.33 -12.02 -50.52
CA LYS F 440 37.01 -12.41 -49.95
C LYS F 440 36.98 -12.44 -48.41
N LEU F 441 37.80 -13.32 -47.83
CA LEU F 441 37.87 -13.46 -46.38
C LEU F 441 38.38 -12.18 -45.75
N GLN F 442 38.93 -11.27 -46.56
CA GLN F 442 39.29 -9.94 -46.07
C GLN F 442 38.08 -9.03 -46.03
N LYS F 443 37.25 -9.10 -47.06
CA LYS F 443 35.95 -8.41 -47.09
C LYS F 443 35.08 -8.81 -45.90
N VAL F 444 35.03 -10.12 -45.64
CA VAL F 444 34.17 -10.63 -44.59
C VAL F 444 34.53 -10.09 -43.21
N ARG F 445 35.82 -10.17 -42.86
CA ARG F 445 36.35 -9.61 -41.60
C ARG F 445 36.14 -8.09 -41.50
N ASP F 446 36.18 -7.41 -42.66
CA ASP F 446 36.03 -5.96 -42.75
C ASP F 446 34.54 -5.58 -42.66
N ALA F 447 33.64 -6.56 -42.66
CA ALA F 447 32.21 -6.31 -42.45
C ALA F 447 31.70 -6.78 -41.09
N LYS F 448 32.59 -7.27 -40.23
CA LYS F 448 32.15 -7.88 -38.96
C LYS F 448 31.74 -6.76 -38.05
N PRO F 449 30.70 -6.96 -37.24
CA PRO F 449 30.44 -5.84 -36.35
C PRO F 449 31.32 -5.90 -35.11
N ILE F 450 31.74 -4.75 -34.65
CA ILE F 450 32.49 -4.68 -33.42
C ILE F 450 31.57 -5.00 -32.23
N ILE F 451 32.07 -5.79 -31.31
CA ILE F 451 31.26 -6.29 -30.20
C ILE F 451 31.65 -5.64 -28.87
N SER F 452 30.73 -4.84 -28.33
CA SER F 452 30.91 -4.19 -27.04
C SER F 452 30.14 -4.97 -25.96
N ILE F 453 30.70 -5.12 -24.79
CA ILE F 453 29.92 -5.69 -23.69
C ILE F 453 29.69 -4.58 -22.67
N ASP F 454 28.43 -4.37 -22.30
CA ASP F 454 28.03 -3.34 -21.34
C ASP F 454 27.94 -4.03 -19.99
N THR F 455 28.96 -3.82 -19.16
CA THR F 455 29.04 -4.50 -17.87
C THR F 455 30.05 -3.85 -16.93
N VAL F 456 30.02 -4.27 -15.67
CA VAL F 456 30.99 -3.85 -14.68
C VAL F 456 31.52 -5.08 -13.92
N ASN F 457 31.28 -6.26 -14.50
CA ASN F 457 31.57 -7.56 -13.87
C ASN F 457 32.96 -8.13 -14.29
N TYR F 458 33.93 -8.14 -13.36
CA TYR F 458 35.31 -8.57 -13.67
C TYR F 458 35.36 -9.99 -14.26
N ASP F 459 34.66 -10.92 -13.62
CA ASP F 459 34.72 -12.32 -14.03
C ASP F 459 34.07 -12.57 -15.38
N LEU F 460 32.95 -11.93 -15.63
CA LEU F 460 32.36 -12.01 -16.96
C LEU F 460 33.34 -11.48 -18.01
N PHE F 461 33.86 -10.26 -17.82
CA PHE F 461 34.73 -9.67 -18.84
C PHE F 461 36.03 -10.46 -19.06
N LYS F 462 36.56 -11.03 -17.98
CA LYS F 462 37.75 -11.86 -18.10
C LYS F 462 37.43 -13.02 -19.04
N GLU F 463 36.33 -13.72 -18.77
CA GLU F 463 35.94 -14.88 -19.57
C GLU F 463 35.67 -14.49 -21.03
N CYS F 464 35.37 -13.21 -21.26
CA CYS F 464 34.99 -12.76 -22.59
C CYS F 464 36.23 -12.57 -23.45
N VAL F 465 37.19 -11.78 -22.95
CA VAL F 465 38.42 -11.52 -23.69
C VAL F 465 39.25 -12.79 -23.84
N GLU F 466 39.13 -13.70 -22.87
CA GLU F 466 39.74 -15.03 -22.95
C GLU F 466 39.23 -15.80 -24.15
N GLY F 467 37.92 -15.97 -24.25
CA GLY F 467 37.31 -16.56 -25.45
C GLY F 467 37.35 -15.70 -26.73
N GLU F 468 37.98 -14.52 -26.68
CA GLU F 468 38.05 -13.58 -27.83
C GLU F 468 36.65 -13.30 -28.38
N LEU F 469 35.73 -12.95 -27.48
CA LEU F 469 34.32 -12.83 -27.83
C LEU F 469 33.90 -11.40 -27.93
N VAL F 470 34.74 -10.45 -27.56
CA VAL F 470 34.36 -9.04 -27.54
C VAL F 470 35.50 -8.08 -27.88
N ASP F 471 35.13 -6.85 -28.21
CA ASP F 471 36.08 -5.89 -28.70
C ASP F 471 36.10 -4.63 -27.82
N ILE F 472 34.98 -4.27 -27.22
CA ILE F 472 34.92 -3.07 -26.38
C ILE F 472 34.26 -3.30 -25.03
N LEU F 473 34.89 -2.87 -23.94
CA LEU F 473 34.19 -2.78 -22.65
C LEU F 473 33.45 -1.46 -22.55
N ASN F 474 32.21 -1.54 -22.09
CA ASN F 474 31.40 -0.36 -21.92
C ASN F 474 31.01 -0.25 -20.45
N ASP F 475 31.85 0.44 -19.67
CA ASP F 475 31.71 0.47 -18.18
C ASP F 475 31.00 1.74 -17.69
N ILE F 476 29.71 1.55 -17.37
CA ILE F 476 28.86 2.68 -16.98
C ILE F 476 29.24 3.30 -15.61
N SER F 477 30.16 2.65 -14.88
CA SER F 477 30.74 3.24 -13.67
C SER F 477 32.12 3.84 -13.95
N ALA F 478 32.46 4.05 -15.21
CA ALA F 478 33.82 4.48 -15.57
C ALA F 478 34.94 3.67 -14.84
N CYS F 479 34.71 2.37 -14.71
CA CYS F 479 35.62 1.42 -14.06
C CYS F 479 35.90 1.75 -12.59
N THR F 480 34.89 2.31 -11.90
CA THR F 480 34.99 2.62 -10.44
C THR F 480 34.32 1.59 -9.58
N HIS F 481 33.53 0.74 -10.20
CA HIS F 481 32.92 -0.36 -9.47
C HIS F 481 34.00 -1.33 -9.07
N ASN F 482 34.76 -1.75 -10.07
CA ASN F 482 35.90 -2.62 -9.86
C ASN F 482 37.02 -2.11 -10.71
N PRO F 483 37.99 -1.37 -10.14
CA PRO F 483 39.14 -0.86 -10.89
C PRO F 483 39.90 -1.98 -11.56
N GLU F 484 40.10 -3.08 -10.85
CA GLU F 484 40.83 -4.25 -11.40
C GLU F 484 40.49 -4.54 -12.90
N ILE F 485 39.27 -4.26 -13.33
CA ILE F 485 38.89 -4.48 -14.73
C ILE F 485 39.78 -3.75 -15.77
N ILE F 486 40.42 -2.65 -15.36
CA ILE F 486 41.36 -1.94 -16.26
C ILE F 486 42.47 -2.85 -16.74
N LYS F 487 42.92 -3.75 -15.86
CA LYS F 487 44.00 -4.70 -16.14
C LYS F 487 43.72 -5.67 -17.30
N LEU F 488 42.46 -6.12 -17.41
CA LEU F 488 42.03 -6.94 -18.54
C LEU F 488 41.87 -6.12 -19.81
N LEU F 489 42.23 -4.84 -19.84
CA LEU F 489 42.09 -4.04 -21.08
C LEU F 489 43.37 -4.05 -21.93
N ARG F 490 44.39 -4.72 -21.36
CA ARG F 490 45.66 -5.07 -22.02
C ARG F 490 46.02 -6.47 -21.63
N ARG F 491 46.36 -7.26 -22.64
CA ARG F 491 46.53 -8.69 -22.47
C ARG F 491 47.46 -9.17 -23.51
N LYS F 492 48.74 -9.02 -23.14
CA LYS F 492 49.94 -9.21 -23.98
C LYS F 492 49.84 -8.34 -25.21
N ASN F 493 49.74 -8.99 -26.33
CA ASN F 493 49.70 -8.31 -27.57
C ASN F 493 48.51 -7.42 -27.64
N LYS F 494 47.38 -7.93 -27.16
CA LYS F 494 46.05 -7.31 -27.22
C LYS F 494 45.65 -6.12 -26.38
N PHE F 495 44.98 -5.19 -27.04
CA PHE F 495 44.47 -3.97 -26.48
C PHE F 495 42.98 -3.90 -26.82
N TYR F 496 42.18 -3.41 -25.87
CA TYR F 496 40.71 -3.31 -25.92
C TYR F 496 40.24 -1.91 -25.59
N SER F 497 39.30 -1.35 -26.36
CA SER F 497 38.85 0.03 -26.13
C SER F 497 37.76 0.06 -25.06
N VAL F 498 37.58 1.22 -24.42
CA VAL F 498 36.68 1.35 -23.27
C VAL F 498 35.77 2.60 -23.32
N VAL F 499 34.55 2.46 -22.80
CA VAL F 499 33.68 3.60 -22.65
C VAL F 499 33.51 3.95 -21.19
N LEU F 500 33.90 5.15 -20.84
CA LEU F 500 33.69 5.65 -19.50
C LEU F 500 32.48 6.52 -19.55
N MET F 501 31.46 6.19 -18.74
CA MET F 501 30.23 6.97 -18.66
C MET F 501 30.15 7.58 -17.29
N HIS F 502 29.49 8.73 -17.18
CA HIS F 502 29.27 9.33 -15.87
C HIS F 502 27.94 8.93 -15.24
N LYS F 503 28.01 8.45 -14.02
CA LYS F 503 26.81 8.28 -13.22
C LYS F 503 27.10 8.50 -11.74
N ARG F 504 26.02 8.59 -10.97
CA ARG F 504 26.06 8.47 -9.53
C ARG F 504 25.04 7.40 -9.14
N GLY F 505 25.28 6.75 -8.00
CA GLY F 505 24.36 5.80 -7.38
C GLY F 505 24.07 4.50 -8.12
N ASN F 506 22.92 3.91 -7.81
CA ASN F 506 22.34 2.79 -8.56
C ASN F 506 20.89 3.17 -9.03
N PRO F 507 20.23 2.30 -9.83
CA PRO F 507 18.97 2.73 -10.44
C PRO F 507 17.89 3.27 -9.47
N HIS F 508 18.05 2.95 -8.18
CA HIS F 508 17.07 3.34 -7.18
C HIS F 508 17.42 4.66 -6.48
N THR F 509 18.72 4.95 -6.37
CA THR F 509 19.18 6.20 -5.72
C THR F 509 19.63 7.29 -6.70
N MET F 510 19.86 6.93 -7.98
CA MET F 510 20.41 7.87 -8.98
C MET F 510 19.47 9.08 -9.18
N ASP F 511 18.16 8.85 -9.19
CA ASP F 511 17.21 9.97 -9.37
C ASP F 511 17.31 11.12 -8.34
N LYS F 512 17.72 10.82 -7.09
CA LYS F 512 17.80 11.81 -5.97
C LYS F 512 19.15 12.55 -5.83
N LEU F 513 20.16 12.11 -6.59
CA LEU F 513 21.55 12.60 -6.48
C LEU F 513 21.87 13.55 -7.60
N THR F 514 21.16 14.66 -7.71
CA THR F 514 21.23 15.49 -8.90
C THR F 514 21.75 16.89 -8.59
N ASN F 515 22.34 17.06 -7.42
CA ASN F 515 22.83 18.37 -7.09
C ASN F 515 24.29 18.50 -7.50
N TYR F 516 24.55 19.38 -8.47
CA TYR F 516 25.93 19.66 -8.90
C TYR F 516 26.26 21.15 -8.77
N ASP F 517 27.54 21.44 -8.49
CA ASP F 517 28.06 22.83 -8.36
C ASP F 517 28.06 23.53 -9.72
N ASP F 518 28.53 22.80 -10.73
CA ASP F 518 28.59 23.30 -12.09
C ASP F 518 28.51 22.10 -13.01
N LEU F 519 27.34 21.85 -13.60
CA LEU F 519 27.05 20.55 -14.19
C LEU F 519 28.04 20.21 -15.29
N ILE F 520 28.14 21.08 -16.29
CA ILE F 520 28.89 20.76 -17.51
C ILE F 520 30.37 20.51 -17.21
N SER F 521 30.96 21.38 -16.39
CA SER F 521 32.38 21.31 -16.10
C SER F 521 32.74 20.21 -15.11
N ASP F 522 31.77 19.79 -14.30
CA ASP F 522 31.95 18.78 -13.24
C ASP F 522 31.97 17.41 -13.89
N ILE F 523 31.07 17.22 -14.85
CA ILE F 523 31.00 15.93 -15.50
C ILE F 523 32.30 15.73 -16.28
N LYS F 524 32.62 16.67 -17.18
CA LYS F 524 33.88 16.62 -17.91
C LYS F 524 35.14 16.45 -16.99
N ARG F 525 35.17 17.13 -15.86
CA ARG F 525 36.29 16.99 -14.95
C ARG F 525 36.41 15.55 -14.45
N TYR F 526 35.29 14.92 -14.12
CA TYR F 526 35.30 13.53 -13.64
C TYR F 526 35.85 12.58 -14.69
N LEU F 527 35.34 12.74 -15.91
CA LEU F 527 35.70 11.88 -17.05
C LEU F 527 37.17 12.06 -17.41
N GLU F 528 37.65 13.28 -17.29
CA GLU F 528 39.04 13.56 -17.53
C GLU F 528 39.89 12.88 -16.42
N ASP F 529 39.45 12.96 -15.15
CA ASP F 529 40.19 12.33 -14.05
C ASP F 529 40.25 10.83 -14.21
N ARG F 530 39.20 10.25 -14.79
CA ARG F 530 39.19 8.82 -15.07
C ARG F 530 40.18 8.50 -16.21
N LEU F 531 40.22 9.36 -17.23
CA LEU F 531 41.16 9.16 -18.35
C LEU F 531 42.55 9.10 -17.80
N HIS F 532 42.91 10.11 -17.02
CA HIS F 532 44.23 10.22 -16.38
C HIS F 532 44.56 8.99 -15.56
N PHE F 533 43.57 8.36 -14.95
CA PHE F 533 43.82 7.14 -14.21
C PHE F 533 44.10 5.95 -15.16
N LEU F 534 43.30 5.80 -16.21
CA LEU F 534 43.46 4.66 -17.08
C LEU F 534 44.76 4.70 -17.88
N VAL F 535 45.12 5.88 -18.38
CA VAL F 535 46.37 6.07 -19.16
C VAL F 535 47.64 5.81 -18.36
N LEU F 536 47.61 6.25 -17.10
CA LEU F 536 48.57 5.96 -16.05
C LEU F 536 48.72 4.47 -15.75
N ASN F 537 47.73 3.65 -16.08
CA ASN F 537 47.87 2.19 -15.89
C ASN F 537 48.03 1.44 -17.21
N GLY F 538 48.62 2.13 -18.19
CA GLY F 538 48.99 1.49 -19.42
C GLY F 538 47.92 1.34 -20.48
N VAL F 539 46.78 2.01 -20.38
CA VAL F 539 45.74 1.95 -21.42
C VAL F 539 45.95 3.07 -22.46
N PRO F 540 45.90 2.74 -23.76
CA PRO F 540 46.07 3.80 -24.73
C PRO F 540 44.99 4.90 -24.67
N ARG F 541 45.44 6.14 -24.55
CA ARG F 541 44.55 7.28 -24.63
C ARG F 541 43.58 7.19 -25.81
N TYR F 542 44.07 6.81 -26.98
CA TYR F 542 43.25 6.76 -28.21
C TYR F 542 42.16 5.65 -28.17
N ARG F 543 42.20 4.83 -27.13
CA ARG F 543 41.21 3.77 -26.93
C ARG F 543 40.12 4.12 -25.87
N VAL F 544 40.07 5.38 -25.40
CA VAL F 544 39.23 5.77 -24.26
C VAL F 544 38.16 6.76 -24.70
N LEU F 545 36.91 6.29 -24.70
CA LEU F 545 35.76 7.07 -25.15
C LEU F 545 34.89 7.61 -23.96
N PHE F 546 34.45 8.87 -24.08
CA PHE F 546 33.64 9.56 -23.05
C PHE F 546 32.15 9.54 -23.36
N ASP F 547 31.39 9.52 -22.27
CA ASP F 547 29.95 9.52 -22.29
C ASP F 547 29.51 10.30 -21.07
N VAL F 548 28.66 11.29 -21.28
CA VAL F 548 28.13 12.11 -20.19
C VAL F 548 27.09 11.34 -19.37
N GLY F 549 26.56 10.26 -19.95
CA GLY F 549 25.65 9.41 -19.24
C GLY F 549 24.35 10.13 -19.07
N LEU F 550 23.75 10.53 -20.21
CA LEU F 550 22.42 11.14 -20.23
C LEU F 550 21.44 10.26 -19.50
N GLY F 551 20.58 10.89 -18.74
CA GLY F 551 19.61 10.16 -17.94
C GLY F 551 20.10 9.66 -16.59
N PHE F 552 21.38 9.40 -16.41
CA PHE F 552 21.83 8.76 -15.17
C PHE F 552 22.18 9.86 -14.19
N ALA F 553 21.48 9.90 -13.06
CA ALA F 553 21.62 10.97 -12.08
C ALA F 553 21.49 12.37 -12.71
N LYS F 554 20.50 12.55 -13.56
CA LYS F 554 20.29 13.82 -14.21
C LYS F 554 18.81 14.02 -14.34
N LYS F 555 18.35 15.22 -14.02
CA LYS F 555 16.96 15.56 -14.30
C LYS F 555 16.82 15.74 -15.79
N HIS F 556 15.61 15.92 -16.27
CA HIS F 556 15.45 16.06 -17.68
C HIS F 556 16.03 17.40 -18.20
N ASP F 557 15.89 18.50 -17.46
CA ASP F 557 16.62 19.77 -17.82
C ASP F 557 18.12 19.61 -17.83
N GLN F 558 18.64 18.88 -16.85
CA GLN F 558 20.07 18.66 -16.78
C GLN F 558 20.61 17.79 -17.93
N SER F 559 19.81 16.83 -18.40
CA SER F 559 20.14 16.07 -19.59
C SER F 559 20.15 16.96 -20.80
N ILE F 560 19.10 17.73 -21.01
CA ILE F 560 19.11 18.65 -22.12
C ILE F 560 20.34 19.57 -22.03
N LYS F 561 20.64 20.07 -20.84
CA LYS F 561 21.77 21.00 -20.71
C LYS F 561 23.08 20.36 -21.12
N LEU F 562 23.26 19.09 -20.77
CA LEU F 562 24.39 18.32 -21.28
C LEU F 562 24.51 18.25 -22.82
N LEU F 563 23.40 18.12 -23.54
CA LEU F 563 23.42 18.15 -25.01
C LEU F 563 23.78 19.51 -25.59
N GLN F 564 23.13 20.55 -25.08
CA GLN F 564 23.44 21.92 -25.44
C GLN F 564 24.94 22.19 -25.40
N HIS F 565 25.62 21.79 -24.31
CA HIS F 565 27.10 22.02 -24.12
C HIS F 565 27.88 20.73 -24.26
N ILE F 566 27.66 20.13 -25.43
CA ILE F 566 28.38 18.95 -25.87
C ILE F 566 29.65 19.45 -26.59
N HIS F 567 29.66 20.72 -27.01
CA HIS F 567 30.80 21.27 -27.71
C HIS F 567 32.03 21.18 -26.82
N VAL F 568 31.82 21.20 -25.51
CA VAL F 568 32.97 21.06 -24.59
C VAL F 568 33.75 19.75 -24.76
N TYR F 569 33.20 18.77 -25.49
CA TYR F 569 33.91 17.50 -25.75
C TYR F 569 34.51 17.42 -27.14
N ASP F 570 34.52 18.56 -27.85
CA ASP F 570 35.14 18.66 -29.16
C ASP F 570 36.54 18.00 -29.30
N GLU F 571 37.33 17.91 -28.24
CA GLU F 571 38.66 17.33 -28.39
C GLU F 571 38.75 15.90 -27.91
N TYR F 572 37.64 15.30 -27.51
CA TYR F 572 37.64 13.92 -27.00
C TYR F 572 36.77 13.05 -27.87
N PRO F 573 36.92 11.72 -27.76
CA PRO F 573 36.01 10.82 -28.45
C PRO F 573 34.72 10.66 -27.65
N LEU F 574 33.59 10.87 -28.33
CA LEU F 574 32.31 11.04 -27.65
C LEU F 574 31.35 9.93 -28.05
N PHE F 575 30.69 9.40 -27.01
CA PHE F 575 29.75 8.29 -27.11
C PHE F 575 28.49 8.68 -26.30
N LEU F 576 27.37 8.88 -27.00
CA LEU F 576 26.11 9.27 -26.36
C LEU F 576 25.11 8.13 -26.33
N GLY F 577 24.21 8.19 -25.35
CA GLY F 577 23.05 7.32 -25.32
C GLY F 577 21.85 8.13 -24.92
N TYR F 578 20.97 8.41 -25.88
CA TYR F 578 19.71 9.10 -25.61
C TYR F 578 18.54 8.16 -25.89
N SER F 579 18.78 7.15 -26.72
CA SER F 579 17.71 6.35 -27.30
C SER F 579 16.65 6.01 -26.26
N ARG F 580 15.42 6.45 -26.54
CA ARG F 580 14.22 6.03 -25.81
C ARG F 580 14.03 6.51 -24.36
N LYS F 581 15.02 7.18 -23.81
CA LYS F 581 14.99 7.64 -22.45
C LYS F 581 13.96 8.72 -22.24
N ARG F 582 13.47 8.78 -20.99
CA ARG F 582 12.35 9.65 -20.57
C ARG F 582 12.49 11.09 -21.08
N PHE F 583 13.68 11.65 -20.96
CA PHE F 583 13.88 13.10 -21.06
C PHE F 583 13.46 13.63 -22.41
N ILE F 584 13.58 12.79 -23.45
CA ILE F 584 13.10 13.09 -24.80
C ILE F 584 11.67 13.63 -24.81
N VAL F 585 10.73 12.85 -24.25
CA VAL F 585 9.28 13.17 -24.31
C VAL F 585 8.93 14.42 -23.48
N HIS F 586 9.75 14.71 -22.49
CA HIS F 586 9.63 15.87 -21.64
C HIS F 586 9.74 17.17 -22.45
N CYS F 587 10.51 17.14 -23.55
CA CYS F 587 10.63 18.29 -24.46
C CYS F 587 9.29 18.71 -25.17
N MET F 588 8.20 17.94 -25.04
CA MET F 588 6.97 18.18 -25.85
C MET F 588 5.76 18.39 -24.97
N GLN F 671 -1.97 4.41 -27.92
CA GLN F 671 -0.69 4.54 -27.20
C GLN F 671 0.60 4.66 -28.12
N LEU F 672 0.76 5.86 -28.69
CA LEU F 672 1.92 6.19 -29.56
C LEU F 672 2.80 7.26 -28.87
N LEU F 673 3.02 7.08 -27.57
CA LEU F 673 3.97 7.89 -26.84
C LEU F 673 5.34 7.37 -27.22
N TYR F 674 5.39 6.11 -27.59
CA TYR F 674 6.60 5.49 -28.12
C TYR F 674 6.94 6.09 -29.48
N GLN F 675 5.92 6.27 -30.34
CA GLN F 675 6.13 6.89 -31.63
C GLN F 675 6.82 8.21 -31.45
N LYS F 676 6.24 9.05 -30.61
CA LYS F 676 6.80 10.36 -30.32
C LYS F 676 8.19 10.25 -29.74
N ASN F 677 8.46 9.25 -28.92
CA ASN F 677 9.79 9.13 -28.30
C ASN F 677 10.91 8.80 -29.31
N ILE F 678 10.67 7.79 -30.15
CA ILE F 678 11.64 7.37 -31.15
C ILE F 678 11.90 8.46 -32.17
N CYS F 679 10.89 9.30 -32.44
CA CYS F 679 11.04 10.33 -33.46
C CYS F 679 11.88 11.51 -32.98
N GLY F 680 11.80 11.79 -31.68
CA GLY F 680 12.66 12.77 -31.04
C GLY F 680 14.04 12.20 -30.88
N GLY F 681 14.11 10.89 -30.63
CA GLY F 681 15.32 10.08 -30.82
C GLY F 681 16.03 10.46 -32.12
N LEU F 682 15.29 10.45 -33.23
CA LEU F 682 15.84 10.82 -34.53
C LEU F 682 16.31 12.26 -34.65
N ALA F 683 15.71 13.17 -33.88
CA ALA F 683 16.11 14.59 -33.90
C ALA F 683 17.44 14.82 -33.16
N ILE F 684 17.65 14.07 -32.10
CA ILE F 684 18.90 14.11 -31.35
C ILE F 684 20.00 13.42 -32.15
N ALA F 685 19.62 12.53 -33.04
CA ALA F 685 20.55 11.96 -34.02
C ALA F 685 20.99 13.02 -35.04
N SER F 686 20.06 13.84 -35.49
CA SER F 686 20.42 14.89 -36.45
C SER F 686 21.26 15.96 -35.80
N TYR F 687 21.02 16.16 -34.50
CA TYR F 687 21.73 17.13 -33.70
C TYR F 687 23.08 16.52 -33.48
N SER F 688 23.12 15.24 -33.12
CA SER F 688 24.39 14.58 -32.87
C SER F 688 25.32 14.61 -34.10
N PHE F 689 24.77 14.41 -35.29
CA PHE F 689 25.48 14.66 -36.54
C PHE F 689 26.14 16.02 -36.56
N TYR F 690 25.35 17.08 -36.44
CA TYR F 690 25.88 18.42 -36.61
C TYR F 690 26.89 18.80 -35.54
N LYS F 691 26.91 18.08 -34.44
CA LYS F 691 27.85 18.34 -33.33
C LYS F 691 29.01 17.40 -33.38
N LYS F 692 29.01 16.57 -34.41
CA LYS F 692 30.07 15.64 -34.73
C LYS F 692 30.26 14.61 -33.67
N VAL F 693 29.21 14.21 -33.00
CA VAL F 693 29.29 13.15 -32.02
C VAL F 693 29.84 11.89 -32.70
N ASP F 694 30.82 11.27 -32.06
CA ASP F 694 31.49 10.14 -32.68
C ASP F 694 30.63 8.88 -32.69
N LEU F 695 30.09 8.53 -31.54
CA LEU F 695 29.16 7.42 -31.50
C LEU F 695 27.84 7.76 -30.78
N ILE F 696 26.75 7.18 -31.30
CA ILE F 696 25.42 7.21 -30.65
C ILE F 696 24.89 5.80 -30.38
N ARG F 697 24.43 5.60 -29.16
CA ARG F 697 23.88 4.33 -28.74
C ARG F 697 22.34 4.30 -28.94
N VAL F 698 21.85 3.48 -29.88
CA VAL F 698 20.41 3.46 -30.24
C VAL F 698 19.74 2.09 -30.35
N HIS F 699 18.42 2.04 -30.20
CA HIS F 699 17.65 0.79 -30.38
C HIS F 699 17.14 0.65 -31.82
N ASP F 700 16.92 1.79 -32.46
CA ASP F 700 16.32 1.85 -33.78
C ASP F 700 17.44 2.13 -34.80
N VAL F 701 18.15 1.06 -35.12
CA VAL F 701 19.25 1.14 -36.04
C VAL F 701 18.64 1.57 -37.40
N LEU F 702 17.74 0.76 -37.95
CA LEU F 702 17.27 1.00 -39.31
C LEU F 702 16.90 2.48 -39.60
N GLU F 703 16.17 3.06 -38.69
CA GLU F 703 15.65 4.40 -38.86
C GLU F 703 16.73 5.42 -38.66
N THR F 704 17.52 5.27 -37.59
CA THR F 704 18.66 6.16 -37.32
C THR F 704 19.60 6.25 -38.54
N LYS F 705 19.83 5.11 -39.17
CA LYS F 705 20.62 5.02 -40.40
C LYS F 705 20.12 5.89 -41.53
N ALA F 706 18.85 5.74 -41.85
CA ALA F 706 18.19 6.61 -42.84
C ALA F 706 18.47 8.11 -42.62
N VAL F 707 18.48 8.54 -41.37
CA VAL F 707 18.64 9.93 -41.08
C VAL F 707 20.07 10.36 -41.43
N LEU F 708 21.03 9.66 -40.88
CA LEU F 708 22.39 10.07 -41.10
C LEU F 708 22.69 9.96 -42.62
N ASP F 709 22.15 8.93 -43.25
CA ASP F 709 22.32 8.74 -44.68
C ASP F 709 21.95 9.98 -45.48
N VAL F 710 20.80 10.55 -45.20
CA VAL F 710 20.30 11.72 -45.91
C VAL F 710 21.06 12.97 -45.53
N LEU F 711 21.53 13.02 -44.30
CA LEU F 711 22.25 14.17 -43.80
C LEU F 711 23.67 14.27 -44.37
N THR F 712 24.30 13.10 -44.51
CA THR F 712 25.62 12.95 -45.12
C THR F 712 25.59 13.39 -46.56
N ARG F 713 24.54 12.97 -47.24
CA ARG F 713 24.38 13.26 -48.67
C ARG F 713 24.22 14.73 -48.89
N ILE F 714 23.50 15.37 -47.99
CA ILE F 714 23.22 16.75 -48.16
C ILE F 714 24.50 17.55 -48.09
N HIS F 715 25.47 17.05 -47.32
CA HIS F 715 26.70 17.78 -46.95
C HIS F 715 28.00 17.24 -47.58
N GLN F 716 27.95 17.05 -48.92
CA GLN F 716 29.09 16.61 -49.77
C GLN F 716 29.55 17.70 -50.73
N1 HH2 G . -11.66 25.06 42.51
C2 HH2 G . -11.61 25.96 43.51
C3 HH2 G . -12.41 27.11 43.49
N4 HH2 G . -13.24 27.35 42.47
N5 HH2 G . -14.16 26.72 40.40
C6 HH2 G . -14.22 25.84 39.39
N6 HH2 G . -15.08 26.08 38.36
N7 HH2 G . -13.48 24.71 39.34
C8 HH2 G . -12.61 24.37 40.30
O8 HH2 G . -11.93 23.31 40.21
C9 HH2 G . -12.48 25.28 41.46
C10 HH2 G . -13.33 26.50 41.45
C11 HH2 G . -10.65 25.78 44.68
O4 HH2 G . -9.44 26.56 44.45
P1 HH2 G . -9.00 27.90 45.26
O1P HH2 G . -7.52 28.13 45.19
O2P HH2 G . -9.93 29.08 44.97
O3P HH2 G . -9.27 27.39 46.77
P2 HH2 G . -10.45 27.92 47.73
O4P HH2 G . -10.60 29.43 47.49
O5P HH2 G . -9.92 27.46 49.06
O6P HH2 G . -11.69 27.18 47.27
PG APC H . -32.79 32.96 3.84
O1G APC H . -31.74 33.21 4.89
O2G APC H . -34.19 33.22 4.34
O3G APC H . -32.64 31.62 3.16
PB APC H . -32.73 35.65 2.65
O1B APC H . -31.79 36.26 1.65
O2B APC H . -32.58 36.14 4.07
O3B APC H . -32.54 34.07 2.68
PA APC H . -35.47 36.87 3.24
O1A APC H . -34.81 38.20 3.45
O2A APC H . -35.75 36.08 4.49
C3A APC H . -34.46 35.88 2.10
O5' APC H . -36.86 37.14 2.50
C5' APC H . -37.18 36.76 1.14
C4' APC H . -38.55 36.11 1.11
O4' APC H . -38.55 34.98 2.01
C3' APC H . -39.73 37.00 1.54
O3' APC H . -40.67 37.09 0.50
C2' APC H . -40.30 36.32 2.79
O2' APC H . -41.71 36.29 2.84
C1' APC H . -39.79 34.89 2.66
N9 APC H . -39.60 34.22 3.94
C8 APC H . -38.82 34.61 5.00
N7 APC H . -38.85 33.78 6.02
C5 APC H . -39.69 32.75 5.59
C6 APC H . -40.13 31.56 6.20
N6 APC H . -39.76 31.17 7.42
N1 APC H . -40.96 30.77 5.49
C2 APC H . -41.32 31.17 4.27
N3 APC H . -40.98 32.26 3.59
C4 APC H . -40.16 33.02 4.31
C1' PAB I . -7.70 19.61 46.76
O1' PAB I . -6.50 19.95 46.87
O2' PAB I . -8.03 18.41 46.73
C1 PAB I . -8.75 20.67 46.74
C2 PAB I . -8.40 21.98 47.06
C3 PAB I . -9.38 22.97 47.04
C4 PAB I . -10.68 22.65 46.71
C5 PAB I . -11.04 21.36 46.39
C6 PAB I . -10.07 20.37 46.40
N4 PAB I . -11.60 23.63 46.71
MG MG J . -11.56 30.34 45.74
C1 PE0 K . -27.28 32.20 4.90
C4 PE0 K . -26.70 32.03 6.22
O4 PE0 K . -26.99 32.77 7.16
N2 PE0 K . -25.79 31.07 6.36
C3 PE0 K . -25.43 30.27 5.37
N6 PE0 K . -24.52 29.33 5.63
N1 PE0 K . -25.95 30.37 4.14
C2 PE0 K . -26.84 31.30 3.87
N3 PE0 K . -27.35 31.43 2.66
C6 PE0 K . -28.26 32.36 2.40
C5 PE0 K . -28.68 33.23 3.37
N4 PE0 K . -28.17 33.13 4.59
N1 HH2 L . 24.87 24.23 26.07
C2 HH2 L . 25.72 24.77 26.98
C3 HH2 L . 26.75 24.00 27.52
N4 HH2 L . 26.97 22.72 27.18
N5 HH2 L . 26.32 20.84 25.90
C6 HH2 L . 25.47 20.30 24.98
N6 HH2 L . 25.65 19.02 24.61
N7 HH2 L . 24.46 20.98 24.42
C8 HH2 L . 24.19 22.25 24.73
O8 HH2 L . 23.24 22.85 24.19
C9 HH2 L . 25.06 22.94 25.71
C10 HH2 L . 26.16 22.14 26.29
C11 HH2 L . 25.53 26.19 27.47
O4 HH2 L . 24.86 26.17 28.77
P1 HH2 L . 25.50 26.61 30.19
O1P HH2 L . 26.38 25.50 30.71
O2P HH2 L . 24.48 27.13 31.16
O3P HH2 L . 26.33 27.94 29.76
P2 HH2 L . 27.94 28.09 29.67
O4P HH2 L . 28.34 27.60 28.29
O5P HH2 L . 28.49 27.23 30.79
O6P HH2 L . 28.10 29.58 29.81
N1 5AD M . 29.76 -21.03 10.98
C2 5AD M . 29.51 -22.33 11.25
N3 5AD M . 29.40 -22.80 12.50
C4 5AD M . 29.55 -21.98 13.57
N9 5AD M . 29.52 -22.19 14.88
C8 5AD M . 29.72 -21.01 15.51
N7 5AD M . 29.92 -20.02 14.60
C5 5AD M . 29.83 -20.55 13.36
C6 5AD M . 29.92 -20.10 11.95
N6 5AD M . 30.17 -18.83 11.60
C1' 5AD M . 29.23 -23.53 15.45
C2' 5AD M . 30.45 -24.31 15.93
C3' 5AD M . 29.84 -25.23 16.97
C4' 5AD M . 28.49 -24.64 17.36
C5' 5AD M . 28.38 -24.30 18.84
O4' 5AD M . 28.33 -23.45 16.57
O2' 5AD M . 31.06 -25.04 14.85
O3' 5AD M . 29.71 -26.56 16.45
C1' PAB N . 21.99 31.30 24.27
O1' PAB N . 21.51 31.29 23.10
O2' PAB N . 21.49 31.95 25.21
C1 PAB N . 23.23 30.50 24.52
C2 PAB N . 23.86 29.80 23.50
C3 PAB N . 25.00 29.07 23.78
C4 PAB N . 25.51 29.06 25.08
C5 PAB N . 24.89 29.77 26.10
C6 PAB N . 23.75 30.50 25.82
N4 PAB N . 26.63 28.38 25.38
N1 HH2 O . -19.78 -15.13 6.74
C2 HH2 O . -19.51 -14.29 5.75
C3 HH2 O . -20.45 -13.33 5.44
N4 HH2 O . -21.60 -13.24 6.10
N5 HH2 O . -23.01 -14.01 7.75
C6 HH2 O . -23.33 -14.84 8.74
N6 HH2 O . -24.51 -14.67 9.40
N7 HH2 O . -22.48 -15.78 9.09
C8 HH2 O . -21.29 -15.98 8.55
O8 HH2 O . -20.55 -16.91 8.97
C9 HH2 O . -20.92 -15.09 7.44
C10 HH2 O . -21.88 -14.07 7.09
C11 HH2 O . -18.19 -14.39 4.94
O4 HH2 O . -18.40 -15.20 3.75
P1 HH2 O . -18.22 -14.65 2.21
O1P HH2 O . -17.88 -15.82 1.35
O2P HH2 O . -19.41 -13.79 1.77
O3P HH2 O . -16.96 -13.64 2.39
P2 HH2 O . -17.03 -12.04 2.18
O4P HH2 O . -15.69 -11.70 1.61
O5P HH2 O . -18.16 -11.80 1.19
O6P HH2 O . -17.28 -11.47 3.56
PG APC P . -61.95 -21.04 23.19
O1G APC P . -60.83 -21.70 22.43
O2G APC P . -61.72 -19.56 23.40
O3G APC P . -62.30 -21.77 24.46
PB APC P . -63.48 -20.60 20.75
O1B APC P . -62.59 -19.39 20.60
O2B APC P . -63.26 -21.73 19.79
O3B APC P . -63.25 -21.13 22.24
PA APC P . -65.49 -18.33 21.12
O1A APC P . -64.41 -17.86 22.06
O2A APC P . -65.67 -17.52 19.88
C3A APC P . -65.22 -20.07 20.70
O5' APC P . -66.89 -18.35 21.89
C5' APC P . -67.05 -18.91 23.22
C4' APC P . -67.29 -17.80 24.21
O4' APC P . -66.02 -17.38 24.76
C3' APC P . -67.95 -16.51 23.67
O3' APC P . -69.24 -16.34 24.21
C2' APC P . -67.02 -15.37 24.10
O2' APC P . -67.72 -14.30 24.69
C1' APC P . -66.09 -16.04 25.12
N9 APC P . -64.74 -15.48 25.14
C8 APC P . -64.00 -15.04 24.07
N7 APC P . -62.81 -14.59 24.41
C5 APC P . -62.76 -14.77 25.78
C6 APC P . -61.76 -14.48 26.73
N6 APC P . -60.59 -13.94 26.44
N1 APC P . -62.04 -14.77 28.03
C2 APC P . -63.23 -15.30 28.32
N3 APC P . -64.24 -15.61 27.52
C4 APC P . -63.94 -15.31 26.24
C1' PAB Q . -12.25 -16.60 8.38
O1' PAB Q . -11.88 -17.40 7.52
O2' PAB Q . -11.83 -16.69 9.56
C1 PAB Q . -13.18 -15.52 7.95
C2 PAB Q . -13.54 -15.41 6.60
C3 PAB Q . -14.41 -14.42 6.18
C4 PAB Q . -14.94 -13.53 7.12
C5 PAB Q . -14.60 -13.64 8.47
C6 PAB Q . -13.73 -14.64 8.88
N4 PAB Q . -15.79 -12.56 6.71
MG MG R . -20.34 -11.84 1.35
C1 PE0 S . -57.57 -25.17 20.91
C4 PE0 S . -56.24 -24.64 20.74
O4 PE0 S . -56.09 -23.45 20.51
N2 PE0 S . -55.22 -25.46 20.83
C3 PE0 S . -55.37 -26.75 21.06
N6 PE0 S . -54.32 -27.55 21.13
N1 PE0 S . -56.56 -27.30 21.24
C2 PE0 S . -57.70 -26.58 21.18
N3 PE0 S . -58.91 -27.10 21.33
C6 PE0 S . -59.97 -26.33 21.23
C5 PE0 S . -59.85 -24.98 20.98
N4 PE0 S . -58.67 -24.43 20.83
N1 HH2 T . -14.67 -53.07 -3.51
C2 HH2 T . -14.00 -53.24 -4.68
C3 HH2 T . -12.96 -54.16 -4.78
N4 HH2 T . -12.59 -54.92 -3.75
N5 HH2 T . -12.91 -55.54 -1.48
C6 HH2 T . -13.57 -55.40 -0.32
N6 HH2 T . -13.20 -56.16 0.74
N7 HH2 T . -14.57 -54.52 -0.15
C8 HH2 T . -15.00 -53.72 -1.14
O8 HH2 T . -15.94 -52.93 -0.96
C9 HH2 T . -14.33 -53.82 -2.45
C10 HH2 T . -13.23 -54.80 -2.56
C11 HH2 T . -14.36 -52.40 -5.87
O4 HH2 T . -13.26 -51.48 -5.97
P1 HH2 T . -12.82 -50.61 -7.26
O1P HH2 T . -11.33 -50.67 -7.38
O2P HH2 T . -13.39 -49.23 -7.07
O3P HH2 T . -13.54 -51.34 -8.53
P2 HH2 T . -12.98 -52.61 -9.37
O4P HH2 T . -11.49 -52.66 -9.15
O5P HH2 T . -13.42 -52.24 -10.77
O6P HH2 T . -13.64 -53.87 -8.86
N1 5AD U . 1.54 -73.82 35.93
C2 5AD U . 2.00 -74.03 37.15
N3 5AD U . 2.99 -73.35 37.69
C4 5AD U . 3.62 -72.37 37.02
N9 5AD U . 4.63 -71.54 37.27
C8 5AD U . 4.77 -70.80 36.15
N7 5AD U . 3.90 -71.11 35.18
C5 5AD U . 3.16 -72.10 35.67
C6 5AD U . 2.06 -72.88 35.16
N6 5AD U . 1.60 -72.64 33.94
C1' 5AD U . 5.47 -71.42 38.51
C2' 5AD U . 6.87 -71.98 38.27
C3' 5AD U . 7.80 -70.94 38.86
C4' 5AD U . 6.98 -69.66 38.97
C5' 5AD U . 7.27 -68.68 37.82
O4' 5AD U . 5.60 -70.07 38.93
O2' 5AD U . 7.03 -73.26 38.88
O3' 5AD U . 8.26 -71.33 40.17
C1' PAB V . -21.30 -51.14 -7.34
O1' PAB V . -21.16 -49.96 -7.74
O2' PAB V . -22.39 -51.61 -6.94
C1 PAB V . -20.10 -52.02 -7.36
C2 PAB V . -18.87 -51.48 -7.74
C3 PAB V . -17.75 -52.30 -7.78
C4 PAB V . -17.86 -53.63 -7.44
C5 PAB V . -19.09 -54.18 -7.08
C6 PAB V . -20.21 -53.37 -7.03
N4 PAB V . -16.76 -54.41 -7.49
MG MG W . -9.87 -53.41 -7.91
C1 PE0 X . 0.16 -60.56 34.64
C4 PE0 X . -0.39 -60.42 33.29
O4 PE0 X . 0.08 -61.08 32.35
N2 PE0 X . -1.37 -59.56 33.09
C3 PE0 X . -1.87 -58.84 34.07
N6 PE0 X . -2.86 -57.98 33.82
N1 PE0 X . -1.43 -58.94 35.32
C2 PE0 X . -0.45 -59.75 35.67
N3 PE0 X . 0.00 -59.83 36.91
C6 PE0 X . 0.99 -60.66 37.20
C5 PE0 X . 1.58 -61.43 36.24
N4 PE0 X . 1.17 -61.38 34.97
N1 HH2 Y . 4.01 17.79 -53.62
C2 HH2 Y . 3.00 17.10 -54.15
C3 HH2 Y . 1.94 17.82 -54.65
N4 HH2 Y . 1.91 19.15 -54.61
N5 HH2 Y . 2.88 21.17 -54.07
C6 HH2 Y . 3.88 21.89 -53.53
N6 HH2 Y . 3.77 23.25 -53.56
N7 HH2 Y . 4.94 21.27 -53.04
C8 HH2 Y . 5.10 19.94 -53.05
O8 HH2 Y . 6.12 19.39 -52.58
C9 HH2 Y . 4.01 19.13 -53.58
C10 HH2 Y . 2.90 19.84 -54.11
C11 HH2 Y . 3.02 15.58 -54.18
O4 HH2 Y . 2.67 15.04 -52.90
P1 HH2 Y . 1.23 14.43 -52.53
O1P HH2 Y . 1.34 12.95 -52.17
O2P HH2 Y . 0.72 15.34 -51.44
O3P HH2 Y . 0.28 14.71 -53.82
P2 HH2 Y . 0.07 13.70 -55.09
O4P HH2 Y . 0.45 14.51 -56.30
O5P HH2 Y . -1.39 13.35 -55.03
O6P HH2 Y . 0.97 12.52 -54.83
C1' PAB Z . 8.73 12.39 -56.71
O1' PAB Z . 9.74 12.79 -57.32
O2' PAB Z . 8.75 11.38 -55.98
C1 PAB Z . 7.45 13.13 -56.90
C2 PAB Z . 7.41 14.27 -57.68
C3 PAB Z . 6.21 14.97 -57.87
C4 PAB Z . 5.07 14.49 -57.24
C5 PAB Z . 5.10 13.35 -56.45
C6 PAB Z . 6.29 12.66 -56.28
N4 PAB Z . 3.89 15.14 -57.40
MG MG AA . -1.63 15.78 -53.68
C1 PE0 BA . 6.17 56.43 -37.43
C4 PE0 BA . 6.10 55.29 -38.37
O4 PE0 BA . 5.27 55.21 -39.28
N2 PE0 BA . 6.98 54.32 -38.21
C3 PE0 BA . 7.90 54.31 -37.27
N6 PE0 BA . 8.75 53.28 -37.18
N1 PE0 BA . 8.02 55.31 -36.40
C2 PE0 BA . 7.21 56.36 -36.41
N3 PE0 BA . 7.32 57.37 -35.53
C6 PE0 BA . 6.49 58.39 -35.61
C5 PE0 BA . 5.50 58.46 -36.56
N4 PE0 BA . 5.34 57.49 -37.45
N1 HH2 CA . 22.09 3.64 -21.49
C2 HH2 CA . 21.63 2.40 -21.14
C3 HH2 CA . 22.54 1.36 -20.93
N4 HH2 CA . 23.87 1.53 -21.08
N5 HH2 CA . 25.69 2.95 -21.58
C6 HH2 CA . 26.18 4.16 -21.94
N6 HH2 CA . 27.51 4.33 -22.08
N7 HH2 CA . 25.38 5.22 -22.15
C8 HH2 CA . 24.05 5.15 -22.03
O8 HH2 CA . 23.39 6.17 -22.26
C9 HH2 CA . 23.43 3.86 -21.65
C10 HH2 CA . 24.37 2.73 -21.43
C11 HH2 CA . 20.15 2.11 -20.96
O4 HH2 CA . 19.46 1.74 -22.18
P1 HH2 CA . 18.91 0.25 -22.57
O1P HH2 CA . 19.58 -0.14 -23.85
O2P HH2 CA . 17.41 0.23 -22.60
O3P HH2 CA . 19.45 -0.78 -21.44
P2 HH2 CA . 18.82 -0.97 -19.95
O4P HH2 CA . 19.96 -0.89 -18.97
O5P HH2 CA . 18.18 -2.33 -20.03
O6P HH2 CA . 17.86 0.19 -19.78
C1' PAB DA . 15.93 7.51 -18.61
O1' PAB DA . 16.14 8.65 -18.12
O2' PAB DA . 14.93 7.30 -19.33
C1 PAB DA . 16.86 6.37 -18.34
C2 PAB DA . 16.66 5.14 -19.00
C3 PAB DA . 17.53 4.08 -18.76
C4 PAB DA . 18.60 4.24 -17.88
C5 PAB DA . 18.80 5.45 -17.22
C6 PAB DA . 17.94 6.51 -17.47
N4 PAB DA . 19.43 3.20 -17.66
#